data_9MKO
#
_entry.id   9MKO
#
_cell.length_a   1.00
_cell.length_b   1.00
_cell.length_c   1.00
_cell.angle_alpha   90.00
_cell.angle_beta   90.00
_cell.angle_gamma   90.00
#
_symmetry.space_group_name_H-M   'P 1'
#
loop_
_entity.id
_entity.type
_entity.pdbx_description
1 polymer 'R-phycoerythrin class I alpha subunit'
2 polymer 'R-phycoerythrin class I beta subunit'
3 polymer '4D4 TCR alpha chain'
4 polymer '4D4 TCR beta chain'
5 non-polymer PHYCOERYTHROBILIN
6 non-polymer PHYCOUROBILIN
#
loop_
_entity_poly.entity_id
_entity_poly.type
_entity_poly.pdbx_seq_one_letter_code
_entity_poly.pdbx_strand_id
1 'polypeptide(L)'
;MKSVITTTISAADAAGRFPSSSDLESVQGNIQRAASRLEAAEKLAGNHEAVVKEAGDACFAKYPYLKNPGEAGDSQEKIN
KCYRDIDHYMRLINYSLVVGGTGPLDEWCIAGAREVYRALNLPGSSYIAAFVFTRDRLCVPRDMSAQAAVEFSGALDYVI
NSLC
;
A,C,F,I,L,O
2 'polypeptide(L)'
;MLDAFSRVVVNSDSKAAYVSGSDLQALKTFIADGNKRLDAVNSIVSNASCIVSDAVSGMICENPGLIAPGGNCYTNRRMA
ACLRDGEIILRYTSYALLAGDSSVLEDRCLNGLKETYIALGVPTNSTVRAVSIMKSSAVAFISNTASQRKMATADGDCSA
LSSEVASYCDKVSAAI
;
B,D,G,J,M,Q
3 'polypeptide(L)'
;QVEQSPSALSLHEGTSSALRCNFTTTTRSVQWFRQNSRGSLINLFYLASGTKENGRLKSAFDSKELYSTLHIRDAQLEDS
GTYFCAAEAGSFNKLTFGAGTRLAVSPYIQNPDPAVYQLRDSKSSDKSVCLFTDFDSQTNVSQSKDSDVYITDKCVLDMR
SMDFKSNSAVAWSNKSDFACANAFNNSIIPEDTFFP
;
a
4 'polypeptide(L)'
;TAVFQTPNYHVTQVGNEVSFNCKQTLGHDTMYWYKQDSKKLLKIMFSYNNKQLIVNETVPRRFSPQSSDKAHLNLRIKSV
EPEDSAVYLCASSFRWVGEQYFGPGTRLTVLEDLKNVFPPEVAVFEPSAAAASHTQKATLVCLATGFYPDHVELSWWVNG
KEVHSGVCTDPQPLKEQPALNDSRYALSSRLRVSATFWQNPRNHFRCQVQFYGLSENDEWTQDRAKPVTQIVSAEAW
;
b
#
loop_
_chem_comp.id
_chem_comp.type
_chem_comp.name
_chem_comp.formula
PEB non-polymer PHYCOERYTHROBILIN 'C33 H40 N4 O6'
PUB non-polymer PHYCOUROBILIN 'C33 H42 N4 O6'
#
# COMPACT_ATOMS: atom_id res chain seq x y z
N MET A 1 -20.44 12.40 29.07
CA MET A 1 -21.13 13.11 30.14
C MET A 1 -21.56 14.49 29.69
N LYS A 2 -22.63 14.56 28.91
CA LYS A 2 -23.16 15.84 28.48
C LYS A 2 -23.65 16.64 29.67
N SER A 3 -23.28 17.90 29.73
CA SER A 3 -23.66 18.79 30.81
C SER A 3 -23.47 20.22 30.32
N VAL A 4 -23.91 21.16 31.14
CA VAL A 4 -23.73 22.58 30.79
C VAL A 4 -22.25 22.93 30.79
N ILE A 5 -21.51 22.44 31.78
CA ILE A 5 -20.09 22.80 31.90
C ILE A 5 -19.25 22.07 30.87
N THR A 6 -19.46 20.75 30.74
CA THR A 6 -18.60 19.96 29.85
C THR A 6 -18.77 20.37 28.40
N THR A 7 -20.00 20.65 27.96
CA THR A 7 -20.22 21.11 26.60
C THR A 7 -19.55 22.46 26.36
N THR A 8 -19.62 23.35 27.34
CA THR A 8 -19.00 24.66 27.19
C THR A 8 -17.49 24.55 27.10
N ILE A 9 -16.88 23.69 27.93
CA ILE A 9 -15.44 23.50 27.87
C ILE A 9 -15.04 22.80 26.58
N SER A 10 -15.80 21.80 26.16
CA SER A 10 -15.46 21.07 24.94
C SER A 10 -15.51 21.98 23.72
N ALA A 11 -16.51 22.86 23.65
CA ALA A 11 -16.58 23.81 22.54
C ALA A 11 -15.42 24.79 22.58
N ALA A 12 -15.04 25.26 23.77
CA ALA A 12 -13.94 26.20 23.88
C ALA A 12 -12.60 25.53 23.64
N ASP A 13 -12.43 24.30 24.14
CA ASP A 13 -11.17 23.59 23.97
C ASP A 13 -10.91 23.29 22.50
N ALA A 14 -11.95 22.86 21.78
CA ALA A 14 -11.78 22.50 20.37
C ALA A 14 -11.25 23.67 19.55
N ALA A 15 -11.68 24.89 19.88
CA ALA A 15 -11.18 26.07 19.20
C ALA A 15 -9.90 26.62 19.83
N GLY A 16 -9.41 26.00 20.89
CA GLY A 16 -8.19 26.48 21.53
C GLY A 16 -8.31 27.85 22.15
N ARG A 17 -9.41 28.12 22.85
CA ARG A 17 -9.66 29.42 23.44
C ARG A 17 -9.70 29.32 24.96
N PHE A 18 -9.36 30.44 25.60
CA PHE A 18 -9.56 30.56 27.03
C PHE A 18 -11.04 30.70 27.33
N PRO A 19 -11.47 30.35 28.54
CA PRO A 19 -12.87 30.59 28.92
C PRO A 19 -13.20 32.07 28.83
N SER A 20 -14.11 32.40 27.92
CA SER A 20 -14.46 33.78 27.63
C SER A 20 -15.72 34.16 28.39
N SER A 21 -16.23 35.37 28.10
CA SER A 21 -17.41 35.86 28.80
C SER A 21 -18.63 35.00 28.51
N SER A 22 -18.76 34.54 27.26
CA SER A 22 -19.89 33.69 26.91
C SER A 22 -19.84 32.35 27.66
N ASP A 23 -18.64 31.87 27.95
CA ASP A 23 -18.50 30.59 28.64
C ASP A 23 -18.93 30.67 30.09
N LEU A 24 -18.64 31.80 30.75
CA LEU A 24 -19.07 31.96 32.14
C LEU A 24 -20.57 32.16 32.23
N GLU A 25 -21.20 32.73 31.20
CA GLU A 25 -22.65 32.88 31.20
C GLU A 25 -23.34 31.52 31.19
N SER A 26 -22.74 30.54 30.51
CA SER A 26 -23.32 29.20 30.52
C SER A 26 -23.33 28.62 31.93
N VAL A 27 -22.23 28.77 32.68
CA VAL A 27 -22.17 28.26 34.04
C VAL A 27 -23.16 29.01 34.92
N GLN A 28 -23.42 30.29 34.63
CA GLN A 28 -24.36 31.06 35.42
C GLN A 28 -25.76 30.49 35.32
N GLY A 29 -26.10 29.90 34.18
CA GLY A 29 -27.39 29.25 34.05
C GLY A 29 -27.52 28.02 34.94
N ASN A 30 -26.43 27.29 35.14
CA ASN A 30 -26.46 26.12 35.99
C ASN A 30 -26.75 26.49 37.45
N ILE A 31 -26.20 27.62 37.90
CA ILE A 31 -26.38 28.03 39.29
C ILE A 31 -27.85 28.35 39.56
N GLN A 32 -28.49 29.07 38.64
CA GLN A 32 -29.88 29.45 38.84
C GLN A 32 -30.80 28.24 38.88
N ARG A 33 -30.57 27.26 38.01
CA ARG A 33 -31.43 26.09 37.90
C ARG A 33 -31.02 24.94 38.80
N ALA A 34 -29.90 25.05 39.52
CA ALA A 34 -29.43 23.93 40.33
C ALA A 34 -30.38 23.64 41.48
N ALA A 35 -30.97 24.68 42.07
CA ALA A 35 -31.89 24.46 43.18
C ALA A 35 -33.14 23.71 42.73
N SER A 36 -33.59 23.97 41.51
CA SER A 36 -34.82 23.36 41.03
C SER A 36 -34.65 21.86 40.80
N ARG A 37 -33.59 21.45 40.10
CA ARG A 37 -33.41 20.04 39.81
C ARG A 37 -32.88 19.27 41.01
N LEU A 38 -32.08 19.90 41.86
CA LEU A 38 -31.61 19.19 43.05
C LEU A 38 -32.73 18.96 44.06
N GLU A 39 -33.83 19.71 43.95
CA GLU A 39 -34.98 19.44 44.79
C GLU A 39 -35.66 18.13 44.38
N ALA A 40 -35.77 17.89 43.07
CA ALA A 40 -36.36 16.64 42.60
C ALA A 40 -35.44 15.45 42.85
N ALA A 41 -34.14 15.68 42.82
CA ALA A 41 -33.19 14.60 43.06
C ALA A 41 -33.24 14.11 44.50
N GLU A 42 -33.52 15.03 45.44
CA GLU A 42 -33.63 14.63 46.83
C GLU A 42 -34.97 13.94 47.10
N LYS A 43 -36.00 14.26 46.32
CA LYS A 43 -37.29 13.60 46.48
C LYS A 43 -37.26 12.19 45.91
N LEU A 44 -36.69 12.02 44.72
CA LEU A 44 -36.66 10.70 44.10
C LEU A 44 -35.74 9.75 44.85
N ALA A 45 -34.71 10.28 45.50
CA ALA A 45 -33.77 9.43 46.23
C ALA A 45 -34.45 8.72 47.39
N GLY A 46 -35.40 9.38 48.05
CA GLY A 46 -36.10 8.78 49.16
C GLY A 46 -37.28 7.92 48.80
N ASN A 47 -37.72 7.93 47.55
CA ASN A 47 -38.87 7.11 47.16
C ASN A 47 -38.57 6.21 45.97
N HIS A 48 -37.33 5.73 45.83
CA HIS A 48 -37.05 4.82 44.73
C HIS A 48 -37.74 3.48 44.95
N GLU A 49 -37.95 3.09 46.21
CA GLU A 49 -38.60 1.81 46.49
C GLU A 49 -40.07 1.86 46.12
N ALA A 50 -40.77 2.95 46.47
CA ALA A 50 -42.20 3.02 46.25
C ALA A 50 -42.54 3.28 44.79
N VAL A 51 -41.73 4.11 44.12
CA VAL A 51 -42.02 4.46 42.73
C VAL A 51 -41.83 3.24 41.82
N VAL A 52 -40.71 2.53 41.99
CA VAL A 52 -40.39 1.41 41.12
C VAL A 52 -41.40 0.30 41.28
N LYS A 53 -41.81 0.01 42.52
CA LYS A 53 -42.74 -1.10 42.76
C LYS A 53 -44.07 -0.85 42.07
N GLU A 54 -44.61 0.37 42.17
CA GLU A 54 -45.90 0.66 41.55
C GLU A 54 -45.80 0.59 40.03
N ALA A 55 -44.69 1.09 39.46
CA ALA A 55 -44.54 1.08 38.01
C ALA A 55 -44.41 -0.34 37.47
N GLY A 56 -43.89 -1.25 38.28
CA GLY A 56 -43.70 -2.62 37.81
C GLY A 56 -45.01 -3.32 37.51
N ASP A 57 -45.99 -3.22 38.42
CA ASP A 57 -47.29 -3.84 38.15
C ASP A 57 -48.02 -3.15 37.01
N ALA A 58 -47.79 -1.84 36.84
CA ALA A 58 -48.43 -1.12 35.75
C ALA A 58 -48.00 -1.66 34.40
N CYS A 59 -46.72 -2.02 34.26
CA CYS A 59 -46.24 -2.59 33.00
C CYS A 59 -46.89 -3.93 32.71
N PHE A 60 -46.96 -4.81 33.72
CA PHE A 60 -47.54 -6.14 33.51
C PHE A 60 -49.05 -6.11 33.43
N ALA A 61 -49.69 -5.14 34.07
CA ALA A 61 -51.15 -5.06 34.02
C ALA A 61 -51.64 -4.78 32.61
N LYS A 62 -50.96 -3.89 31.88
CA LYS A 62 -51.39 -3.56 30.53
C LYS A 62 -51.06 -4.67 29.55
N TYR A 63 -50.02 -5.46 29.81
CA TYR A 63 -49.60 -6.55 28.94
C TYR A 63 -49.56 -7.85 29.74
N PRO A 64 -50.72 -8.44 30.02
CA PRO A 64 -50.73 -9.71 30.78
C PRO A 64 -50.11 -10.86 30.02
N TYR A 65 -49.93 -10.74 28.70
CA TYR A 65 -49.43 -11.85 27.90
C TYR A 65 -47.99 -12.22 28.22
N LEU A 66 -47.28 -11.39 29.00
CA LEU A 66 -45.92 -11.72 29.38
C LEU A 66 -45.88 -12.86 30.39
N LYS A 67 -47.02 -13.16 31.03
CA LYS A 67 -47.03 -14.21 32.05
C LYS A 67 -47.09 -15.61 31.45
N ASN A 68 -47.45 -15.74 30.18
CA ASN A 68 -47.59 -17.06 29.56
C ASN A 68 -46.22 -17.71 29.39
N PRO A 69 -46.17 -19.04 29.30
CA PRO A 69 -44.91 -19.70 28.95
C PRO A 69 -44.45 -19.29 27.56
N GLY A 70 -43.12 -19.17 27.41
CA GLY A 70 -42.51 -18.94 26.13
C GLY A 70 -42.17 -17.51 25.78
N GLU A 71 -42.68 -16.53 26.52
CA GLU A 71 -42.28 -15.15 26.33
C GLU A 71 -41.66 -14.57 27.60
N ALA A 72 -41.24 -13.31 27.50
CA ALA A 72 -40.49 -12.67 28.56
C ALA A 72 -41.32 -12.59 29.84
N GLY A 73 -40.67 -12.90 30.97
CA GLY A 73 -41.36 -12.90 32.24
C GLY A 73 -42.21 -14.14 32.49
N ASP A 74 -41.82 -15.29 31.94
CA ASP A 74 -42.60 -16.50 32.11
C ASP A 74 -42.27 -17.27 33.37
N SER A 75 -41.24 -16.87 34.11
CA SER A 75 -40.83 -17.55 35.33
C SER A 75 -40.69 -16.53 36.45
N GLN A 76 -40.45 -17.03 37.66
CA GLN A 76 -40.32 -16.14 38.80
C GLN A 76 -39.03 -15.34 38.76
N GLU A 77 -37.93 -15.97 38.31
CA GLU A 77 -36.66 -15.25 38.21
C GLU A 77 -36.75 -14.14 37.18
N LYS A 78 -37.42 -14.38 36.06
CA LYS A 78 -37.50 -13.37 35.02
C LYS A 78 -38.35 -12.17 35.45
N ILE A 79 -39.42 -12.41 36.20
CA ILE A 79 -40.24 -11.30 36.69
C ILE A 79 -39.44 -10.47 37.70
N ASN A 80 -38.62 -11.13 38.51
CA ASN A 80 -37.77 -10.40 39.44
C ASN A 80 -36.78 -9.50 38.71
N LYS A 81 -36.27 -9.98 37.58
CA LYS A 81 -35.34 -9.17 36.79
C LYS A 81 -36.05 -8.00 36.13
N CYS A 82 -37.36 -8.13 35.90
CA CYS A 82 -38.13 -7.03 35.33
C CYS A 82 -38.14 -5.82 36.25
N TYR A 83 -38.34 -6.05 37.55
CA TYR A 83 -38.41 -4.93 38.48
C TYR A 83 -37.04 -4.34 38.73
N ARG A 84 -36.00 -5.16 38.65
CA ARG A 84 -34.64 -4.66 38.80
C ARG A 84 -34.27 -3.73 37.65
N ASP A 85 -34.78 -4.01 36.45
CA ASP A 85 -34.49 -3.16 35.30
C ASP A 85 -35.12 -1.79 35.46
N ILE A 86 -36.33 -1.71 36.01
CA ILE A 86 -36.98 -0.43 36.22
C ILE A 86 -36.22 0.39 37.27
N ASP A 87 -35.71 -0.29 38.30
CA ASP A 87 -34.90 0.41 39.30
C ASP A 87 -33.63 0.98 38.67
N HIS A 88 -33.00 0.22 37.77
CA HIS A 88 -31.80 0.71 37.11
C HIS A 88 -32.07 1.98 36.33
N TYR A 89 -33.18 2.02 35.60
CA TYR A 89 -33.54 3.23 34.87
C TYR A 89 -33.86 4.38 35.81
N MET A 90 -34.62 4.09 36.87
CA MET A 90 -34.98 5.15 37.81
C MET A 90 -33.79 5.61 38.64
N ARG A 91 -32.72 4.81 38.69
CA ARG A 91 -31.51 5.27 39.34
C ARG A 91 -30.76 6.29 38.50
N LEU A 92 -30.76 6.11 37.17
CA LEU A 92 -30.05 7.03 36.30
C LEU A 92 -30.85 8.28 36.01
N ILE A 93 -32.18 8.23 36.10
CA ILE A 93 -32.95 9.46 36.08
C ILE A 93 -32.62 10.30 37.30
N ASN A 94 -32.36 9.66 38.43
CA ASN A 94 -31.88 10.38 39.61
C ASN A 94 -30.49 10.96 39.38
N TYR A 95 -29.64 10.23 38.63
CA TYR A 95 -28.31 10.75 38.33
C TYR A 95 -28.38 11.89 37.32
N SER A 96 -29.32 11.82 36.38
CA SER A 96 -29.43 12.85 35.36
C SER A 96 -29.81 14.20 35.97
N LEU A 97 -30.69 14.20 36.96
CA LEU A 97 -31.09 15.46 37.59
C LEU A 97 -29.92 16.12 38.30
N VAL A 98 -29.10 15.33 38.99
CA VAL A 98 -27.96 15.88 39.72
C VAL A 98 -26.92 16.44 38.75
N VAL A 99 -26.60 15.67 37.71
CA VAL A 99 -25.57 16.09 36.75
C VAL A 99 -26.02 17.35 36.01
N GLY A 100 -27.29 17.43 35.65
CA GLY A 100 -27.78 18.55 34.88
C GLY A 100 -27.82 18.33 33.39
N GLY A 101 -27.69 17.10 32.93
CA GLY A 101 -27.71 16.79 31.52
C GLY A 101 -27.93 15.31 31.33
N THR A 102 -28.14 14.93 30.07
CA THR A 102 -28.46 13.55 29.73
C THR A 102 -27.24 12.66 29.64
N GLY A 103 -26.12 13.06 30.22
CA GLY A 103 -24.90 12.28 30.16
C GLY A 103 -25.03 10.88 30.73
N PRO A 104 -25.46 10.76 31.99
CA PRO A 104 -25.63 9.41 32.55
C PRO A 104 -26.62 8.55 31.79
N LEU A 105 -27.69 9.15 31.26
CA LEU A 105 -28.66 8.36 30.51
C LEU A 105 -28.09 7.87 29.19
N ASP A 106 -27.40 8.73 28.47
CA ASP A 106 -26.99 8.39 27.10
C ASP A 106 -25.88 7.34 27.10
N GLU A 107 -24.99 7.40 28.08
CA GLU A 107 -23.84 6.50 28.06
C GLU A 107 -24.09 5.16 28.73
N TRP A 108 -25.00 5.12 29.70
CA TRP A 108 -25.15 3.86 30.47
C TRP A 108 -26.37 3.06 30.01
N CYS A 109 -27.56 3.67 30.04
CA CYS A 109 -28.79 2.90 29.71
C CYS A 109 -29.10 3.00 28.22
N ILE A 110 -29.34 4.22 27.72
CA ILE A 110 -29.57 4.39 26.24
C ILE A 110 -28.45 3.64 25.51
N ALA A 111 -27.19 3.97 25.79
CA ALA A 111 -26.03 3.26 25.20
C ALA A 111 -26.43 2.50 23.93
N GLY A 112 -26.55 1.17 24.02
CA GLY A 112 -26.92 0.34 22.86
C GLY A 112 -28.09 -0.56 23.19
N ALA A 113 -29.08 -0.03 23.92
CA ALA A 113 -30.23 -0.82 24.33
C ALA A 113 -30.99 -1.37 23.13
N ARG A 114 -30.83 -0.74 21.97
CA ARG A 114 -31.54 -1.19 20.78
C ARG A 114 -31.12 -2.61 20.39
N GLU A 115 -29.82 -2.88 20.42
CA GLU A 115 -29.31 -4.18 20.01
C GLU A 115 -29.54 -5.23 21.09
N VAL A 116 -29.49 -4.83 22.36
CA VAL A 116 -29.60 -5.79 23.45
C VAL A 116 -31.01 -6.36 23.52
N TYR A 117 -32.01 -5.48 23.46
CA TYR A 117 -33.39 -5.94 23.61
C TYR A 117 -33.83 -6.81 22.45
N ARG A 118 -33.28 -6.58 21.26
CA ARG A 118 -33.60 -7.45 20.13
C ARG A 118 -33.10 -8.87 20.36
N ALA A 119 -31.90 -9.02 20.94
CA ALA A 119 -31.33 -10.34 21.14
C ALA A 119 -32.06 -11.10 22.23
N LEU A 120 -32.41 -10.44 23.33
CA LEU A 120 -33.02 -11.10 24.47
C LEU A 120 -34.54 -11.15 24.38
N ASN A 121 -35.12 -10.61 23.30
CA ASN A 121 -36.56 -10.59 23.09
C ASN A 121 -37.27 -9.89 24.25
N LEU A 122 -36.97 -8.61 24.41
CA LEU A 122 -37.64 -7.77 25.40
C LEU A 122 -38.39 -6.68 24.66
N PRO A 123 -39.71 -6.65 24.68
CA PRO A 123 -40.43 -5.62 23.93
C PRO A 123 -40.19 -4.23 24.52
N GLY A 124 -39.96 -3.25 23.64
CA GLY A 124 -39.73 -1.90 24.09
C GLY A 124 -40.99 -1.21 24.59
N SER A 125 -42.16 -1.73 24.22
CA SER A 125 -43.40 -1.14 24.71
C SER A 125 -43.67 -1.49 26.16
N SER A 126 -43.06 -2.58 26.66
CA SER A 126 -43.23 -2.93 28.07
C SER A 126 -42.57 -1.90 28.97
N TYR A 127 -41.37 -1.43 28.59
CA TYR A 127 -40.71 -0.40 29.38
C TYR A 127 -41.46 0.92 29.32
N ILE A 128 -41.97 1.28 28.14
CA ILE A 128 -42.64 2.57 27.99
C ILE A 128 -43.86 2.66 28.90
N ALA A 129 -44.59 1.55 29.05
CA ALA A 129 -45.76 1.55 29.92
C ALA A 129 -45.37 1.86 31.37
N ALA A 130 -44.14 1.53 31.76
CA ALA A 130 -43.67 1.84 33.10
C ALA A 130 -43.37 3.32 33.25
N PHE A 131 -42.70 3.91 32.25
CA PHE A 131 -42.31 5.32 32.34
C PHE A 131 -43.50 6.23 32.05
N VAL A 132 -44.40 5.81 31.15
CA VAL A 132 -45.59 6.60 30.89
C VAL A 132 -46.46 6.68 32.14
N PHE A 133 -46.61 5.56 32.86
CA PHE A 133 -47.41 5.56 34.07
C PHE A 133 -46.81 6.48 35.12
N THR A 134 -45.49 6.46 35.29
CA THR A 134 -44.86 7.30 36.28
C THR A 134 -44.93 8.78 35.91
N ARG A 135 -44.79 9.08 34.60
CA ARG A 135 -44.81 10.48 34.18
C ARG A 135 -46.18 11.10 34.38
N ASP A 136 -47.25 10.37 34.06
CA ASP A 136 -48.59 10.90 34.22
C ASP A 136 -49.05 10.92 35.68
N ARG A 137 -48.59 9.97 36.49
CA ARG A 137 -49.00 9.90 37.89
C ARG A 137 -48.50 11.09 38.70
N LEU A 138 -47.32 11.62 38.34
CA LEU A 138 -46.75 12.74 39.06
C LEU A 138 -47.71 13.94 39.06
N CYS A 139 -47.89 14.57 40.22
CA CYS A 139 -48.79 15.69 40.35
C CYS A 139 -48.17 16.73 41.28
N VAL A 140 -48.66 17.95 41.15
CA VAL A 140 -48.13 19.11 41.88
C VAL A 140 -49.24 19.65 42.79
N PRO A 141 -48.93 20.10 44.01
CA PRO A 141 -47.61 20.15 44.66
C PRO A 141 -47.43 19.15 45.79
N ARG A 142 -48.24 18.10 45.90
CA ARG A 142 -48.04 17.15 46.99
C ARG A 142 -46.81 16.29 46.77
N ASP A 143 -46.30 16.24 45.54
CA ASP A 143 -45.08 15.51 45.23
C ASP A 143 -43.85 16.40 45.28
N MET A 144 -43.84 17.47 44.49
CA MET A 144 -42.72 18.40 44.46
C MET A 144 -43.25 19.74 43.98
N SER A 145 -42.41 20.78 44.08
CA SER A 145 -42.80 22.10 43.64
C SER A 145 -43.01 22.10 42.12
N ALA A 146 -43.56 23.21 41.62
CA ALA A 146 -43.89 23.29 40.21
C ALA A 146 -42.64 23.18 39.33
N GLN A 147 -41.56 23.85 39.74
CA GLN A 147 -40.34 23.84 38.93
C GLN A 147 -39.62 22.50 38.96
N ALA A 148 -39.68 21.78 40.08
CA ALA A 148 -39.04 20.48 40.14
C ALA A 148 -39.70 19.50 39.18
N ALA A 149 -41.03 19.54 39.08
CA ALA A 149 -41.75 18.62 38.20
C ALA A 149 -41.42 18.90 36.74
N VAL A 150 -41.04 20.13 36.41
CA VAL A 150 -40.63 20.44 35.05
C VAL A 150 -39.36 19.68 34.69
N GLU A 151 -38.40 19.65 35.61
CA GLU A 151 -37.16 18.92 35.34
C GLU A 151 -37.38 17.42 35.39
N PHE A 152 -38.25 16.95 36.30
CA PHE A 152 -38.48 15.51 36.41
C PHE A 152 -39.18 14.96 35.18
N SER A 153 -40.23 15.65 34.72
CA SER A 153 -40.91 15.21 33.50
C SER A 153 -40.02 15.41 32.27
N GLY A 154 -39.02 16.28 32.37
CA GLY A 154 -38.08 16.44 31.28
C GLY A 154 -37.21 15.22 31.07
N ALA A 155 -36.76 14.61 32.17
CA ALA A 155 -35.92 13.43 32.06
C ALA A 155 -36.72 12.20 31.66
N LEU A 156 -37.95 12.10 32.15
CA LEU A 156 -38.79 10.96 31.81
C LEU A 156 -39.16 10.97 30.33
N ASP A 157 -39.43 12.14 29.77
CA ASP A 157 -39.80 12.23 28.36
C ASP A 157 -38.62 11.86 27.46
N TYR A 158 -37.40 12.17 27.89
CA TYR A 158 -36.23 11.83 27.08
C TYR A 158 -36.03 10.33 27.00
N VAL A 159 -36.15 9.64 28.13
CA VAL A 159 -35.92 8.20 28.11
C VAL A 159 -37.04 7.48 27.37
N ILE A 160 -38.23 8.08 27.31
CA ILE A 160 -39.31 7.49 26.54
C ILE A 160 -39.03 7.63 25.05
N ASN A 161 -38.50 8.79 24.65
CA ASN A 161 -38.20 9.04 23.24
C ASN A 161 -37.15 8.09 22.70
N SER A 162 -36.30 7.52 23.55
CA SER A 162 -35.29 6.58 23.08
C SER A 162 -35.90 5.20 22.81
N LEU A 163 -37.01 4.88 23.46
CA LEU A 163 -37.65 3.59 23.30
C LEU A 163 -38.73 3.57 22.24
N CYS A 164 -39.02 4.70 21.60
CA CYS A 164 -40.02 4.75 20.54
C CYS A 164 -39.74 5.89 19.57
N MET B 1 -25.83 31.37 10.96
CA MET B 1 -26.01 31.06 12.37
C MET B 1 -26.07 32.34 13.19
N LEU B 2 -27.26 32.94 13.26
CA LEU B 2 -27.48 34.16 14.02
C LEU B 2 -28.68 33.98 14.95
N ASP B 3 -28.54 34.47 16.17
CA ASP B 3 -29.62 34.50 17.14
C ASP B 3 -30.32 35.85 17.04
N ALA B 4 -31.20 36.13 18.01
CA ALA B 4 -31.93 37.39 17.99
C ALA B 4 -31.02 38.58 18.21
N PHE B 5 -30.03 38.43 19.11
CA PHE B 5 -29.12 39.54 19.39
C PHE B 5 -28.20 39.83 18.23
N SER B 6 -27.71 38.78 17.55
CA SER B 6 -26.80 38.99 16.43
C SER B 6 -27.50 39.68 15.27
N ARG B 7 -28.79 39.42 15.08
CA ARG B 7 -29.52 40.07 14.00
C ARG B 7 -29.55 41.57 14.19
N VAL B 8 -29.66 42.03 15.44
CA VAL B 8 -29.70 43.47 15.71
C VAL B 8 -28.39 44.13 15.33
N VAL B 9 -27.26 43.50 15.67
CA VAL B 9 -25.97 44.13 15.40
C VAL B 9 -25.58 44.00 13.94
N VAL B 10 -26.11 43.01 13.24
CA VAL B 10 -25.79 42.86 11.82
C VAL B 10 -26.47 43.97 11.02
N ASN B 11 -27.73 44.27 11.32
CA ASN B 11 -28.42 45.37 10.64
C ASN B 11 -27.77 46.71 10.96
N SER B 12 -27.40 46.93 12.23
CA SER B 12 -26.86 48.22 12.63
C SER B 12 -25.44 48.42 12.11
N ASP B 13 -24.73 47.34 11.83
CA ASP B 13 -23.38 47.46 11.28
C ASP B 13 -23.42 48.03 9.87
N SER B 14 -24.44 47.69 9.09
CA SER B 14 -24.53 48.14 7.70
C SER B 14 -24.61 49.66 7.58
N LYS B 15 -24.96 50.36 8.65
CA LYS B 15 -24.93 51.82 8.68
C LYS B 15 -23.81 52.35 9.59
N ALA B 16 -23.00 51.45 10.14
CA ALA B 16 -21.84 51.82 10.96
C ALA B 16 -22.24 52.72 12.12
N ALA B 17 -23.25 52.31 12.86
CA ALA B 17 -23.73 53.06 14.01
C ALA B 17 -23.83 52.16 15.23
N TYR B 18 -23.68 52.76 16.40
CA TYR B 18 -23.87 52.01 17.64
C TYR B 18 -25.33 51.62 17.80
N VAL B 19 -25.57 50.55 18.55
CA VAL B 19 -26.92 50.07 18.80
C VAL B 19 -27.63 51.03 19.75
N SER B 20 -28.67 51.69 19.26
CA SER B 20 -29.31 52.77 20.01
C SER B 20 -30.23 52.21 21.08
N GLY B 21 -30.70 53.11 21.96
CA GLY B 21 -31.62 52.71 23.01
C GLY B 21 -32.95 52.24 22.46
N SER B 22 -33.41 52.86 21.37
CA SER B 22 -34.65 52.43 20.74
C SER B 22 -34.54 51.02 20.20
N ASP B 23 -33.42 50.69 19.54
CA ASP B 23 -33.21 49.33 19.06
C ASP B 23 -33.03 48.36 20.21
N LEU B 24 -32.54 48.85 21.36
CA LEU B 24 -32.38 47.99 22.52
C LEU B 24 -33.72 47.67 23.17
N GLN B 25 -34.75 48.47 22.87
CA GLN B 25 -36.06 48.20 23.44
C GLN B 25 -36.63 46.89 22.91
N ALA B 26 -36.29 46.54 21.66
CA ALA B 26 -36.70 45.24 21.13
C ALA B 26 -36.03 44.10 21.87
N LEU B 27 -34.75 44.27 22.23
CA LEU B 27 -34.02 43.21 22.91
C LEU B 27 -34.46 43.07 24.36
N LYS B 28 -34.77 44.17 25.03
CA LYS B 28 -35.23 44.08 26.41
C LYS B 28 -36.57 43.36 26.50
N THR B 29 -37.44 43.57 25.51
CA THR B 29 -38.68 42.81 25.43
C THR B 29 -38.41 41.34 25.16
N PHE B 30 -37.44 41.06 24.29
CA PHE B 30 -37.09 39.68 23.96
C PHE B 30 -36.61 38.93 25.21
N ILE B 31 -35.81 39.59 26.04
CA ILE B 31 -35.32 38.96 27.26
C ILE B 31 -36.44 38.80 28.28
N ALA B 32 -37.31 39.80 28.41
CA ALA B 32 -38.38 39.73 29.39
C ALA B 32 -39.29 38.55 29.12
N ASP B 33 -39.64 38.32 27.85
CA ASP B 33 -40.45 37.18 27.45
C ASP B 33 -39.60 35.98 27.04
N GLY B 34 -38.39 35.86 27.58
CA GLY B 34 -37.55 34.73 27.24
C GLY B 34 -38.03 33.43 27.86
N ASN B 35 -38.59 33.50 29.06
CA ASN B 35 -39.03 32.28 29.75
C ASN B 35 -40.25 31.67 29.07
N LYS B 36 -41.10 32.49 28.47
CA LYS B 36 -42.18 31.95 27.65
C LYS B 36 -41.62 31.21 26.44
N ARG B 37 -40.55 31.74 25.85
CA ARG B 37 -39.91 31.06 24.73
C ARG B 37 -39.32 29.73 25.17
N LEU B 38 -39.07 29.57 26.46
CA LEU B 38 -38.59 28.29 26.96
C LEU B 38 -39.73 27.40 27.44
N ASP B 39 -40.94 27.95 27.58
CA ASP B 39 -42.08 27.05 27.75
C ASP B 39 -42.19 26.14 26.54
N ALA B 40 -41.97 26.71 25.35
CA ALA B 40 -42.49 26.15 24.10
C ALA B 40 -41.50 25.21 23.45
N VAL B 41 -40.23 25.61 23.39
CA VAL B 41 -39.20 24.75 22.80
C VAL B 41 -39.14 23.42 23.53
N ASN B 42 -39.32 23.46 24.85
CA ASN B 42 -39.36 22.23 25.63
C ASN B 42 -40.57 21.39 25.25
N SER B 43 -41.68 22.05 24.86
CA SER B 43 -42.89 21.31 24.52
C SER B 43 -42.76 20.57 23.20
N ILE B 44 -42.13 21.18 22.21
CA ILE B 44 -42.01 20.54 20.90
C ILE B 44 -41.07 19.35 20.98
N VAL B 45 -39.89 19.53 21.60
CA VAL B 45 -38.90 18.46 21.60
C VAL B 45 -39.34 17.31 22.48
N SER B 46 -40.22 17.55 23.45
CA SER B 46 -40.74 16.46 24.26
C SER B 46 -41.69 15.56 23.50
N ASN B 47 -42.34 16.08 22.45
CA ASN B 47 -43.29 15.31 21.67
C ASN B 47 -42.87 15.18 20.21
N ALA B 48 -41.57 15.20 19.93
CA ALA B 48 -41.10 15.16 18.55
C ALA B 48 -41.44 13.82 17.89
N SER B 49 -41.40 12.74 18.66
CA SER B 49 -41.68 11.42 18.11
C SER B 49 -43.11 11.33 17.60
N CYS B 50 -44.06 11.90 18.34
CA CYS B 50 -45.46 11.82 17.95
C CYS B 50 -45.77 12.75 16.78
N ILE B 51 -45.12 13.91 16.72
CA ILE B 51 -45.46 14.90 15.70
C ILE B 51 -45.12 14.38 14.30
N VAL B 52 -43.93 13.81 14.15
CA VAL B 52 -43.51 13.32 12.83
C VAL B 52 -44.37 12.13 12.42
N SER B 53 -44.77 11.29 13.38
CA SER B 53 -45.63 10.16 13.06
C SER B 53 -46.99 10.62 12.54
N ASP B 54 -47.57 11.65 13.17
CA ASP B 54 -48.82 12.21 12.66
C ASP B 54 -48.64 12.79 11.26
N ALA B 55 -47.54 13.49 11.02
CA ALA B 55 -47.36 14.16 9.74
C ALA B 55 -47.26 13.17 8.60
N VAL B 56 -46.36 12.19 8.72
CA VAL B 56 -46.11 11.28 7.62
C VAL B 56 -47.28 10.32 7.42
N SER B 57 -47.83 9.78 8.50
CA SER B 57 -48.97 8.88 8.36
C SER B 57 -50.19 9.62 7.82
N GLY B 58 -50.43 10.84 8.28
CA GLY B 58 -51.54 11.61 7.74
C GLY B 58 -51.34 12.00 6.29
N MET B 59 -50.09 12.27 5.91
CA MET B 59 -49.79 12.62 4.53
C MET B 59 -50.10 11.47 3.58
N ILE B 60 -49.77 10.25 3.97
CA ILE B 60 -50.05 9.09 3.14
C ILE B 60 -51.54 8.78 3.12
N CYS B 61 -52.22 8.96 4.26
CA CYS B 61 -53.65 8.70 4.32
C CYS B 61 -54.43 9.52 3.31
N GLU B 62 -54.01 10.77 3.06
CA GLU B 62 -54.67 11.62 2.11
C GLU B 62 -54.23 11.40 0.67
N ASN B 63 -53.08 10.75 0.46
CA ASN B 63 -52.54 10.50 -0.87
C ASN B 63 -52.13 9.03 -0.97
N PRO B 64 -53.10 8.12 -1.12
CA PRO B 64 -52.78 6.69 -1.10
C PRO B 64 -51.85 6.23 -2.21
N GLY B 65 -51.54 7.07 -3.19
CA GLY B 65 -50.67 6.65 -4.28
C GLY B 65 -49.21 6.57 -3.92
N LEU B 66 -48.83 7.01 -2.72
CA LEU B 66 -47.43 7.00 -2.34
C LEU B 66 -46.95 5.61 -1.99
N ILE B 67 -47.85 4.76 -1.47
CA ILE B 67 -47.47 3.40 -1.09
C ILE B 67 -47.70 2.39 -2.19
N ALA B 68 -48.25 2.81 -3.33
CA ALA B 68 -48.36 1.92 -4.48
C ALA B 68 -47.01 1.81 -5.18
N PRO B 69 -46.76 0.71 -5.89
CA PRO B 69 -45.48 0.56 -6.60
C PRO B 69 -45.24 1.70 -7.56
N GLY B 70 -44.01 2.22 -7.56
CA GLY B 70 -43.69 3.44 -8.25
C GLY B 70 -43.82 4.69 -7.41
N GLY B 71 -44.54 4.60 -6.27
CA GLY B 71 -44.62 5.72 -5.37
C GLY B 71 -43.33 5.93 -4.61
N ASN B 72 -43.19 7.12 -4.03
CA ASN B 72 -41.92 7.48 -3.41
C ASN B 72 -41.83 7.11 -1.94
N CYS B 73 -42.82 6.39 -1.40
CA CYS B 73 -42.73 5.84 -0.06
C CYS B 73 -43.16 4.36 -0.07
N TYR B 74 -42.72 3.62 -1.08
CA TYR B 74 -43.22 2.26 -1.27
C TYR B 74 -42.50 1.26 -0.37
N THR B 75 -41.20 1.09 -0.56
CA THR B 75 -40.47 0.06 0.16
C THR B 75 -40.20 0.51 1.60
N ASN B 76 -39.56 -0.38 2.36
CA ASN B 76 -39.18 -0.02 3.73
C ASN B 76 -38.07 1.01 3.76
N ARG B 77 -37.12 0.95 2.83
CA ARG B 77 -36.03 1.90 2.81
C ARG B 77 -36.54 3.32 2.54
N ARG B 78 -37.50 3.46 1.63
CA ARG B 78 -38.02 4.79 1.32
C ARG B 78 -38.87 5.33 2.46
N MET B 79 -39.60 4.46 3.15
CA MET B 79 -40.39 4.89 4.29
C MET B 79 -39.51 5.39 5.42
N ALA B 80 -38.37 4.73 5.66
CA ALA B 80 -37.49 5.13 6.74
C ALA B 80 -36.81 6.46 6.45
N ALA B 81 -36.50 6.73 5.19
CA ALA B 81 -35.88 8.01 4.84
C ALA B 81 -36.89 9.15 4.93
N CYS B 82 -38.16 8.88 4.61
CA CYS B 82 -39.19 9.90 4.76
C CYS B 82 -39.38 10.31 6.21
N LEU B 83 -39.36 9.34 7.12
CA LEU B 83 -39.48 9.66 8.54
C LEU B 83 -38.26 10.41 9.04
N ARG B 84 -37.08 10.08 8.51
CA ARG B 84 -35.86 10.74 8.96
C ARG B 84 -35.80 12.18 8.46
N ASP B 85 -36.37 12.44 7.28
CA ASP B 85 -36.44 13.81 6.78
C ASP B 85 -37.41 14.65 7.60
N GLY B 86 -38.52 14.05 8.03
CA GLY B 86 -39.47 14.78 8.86
C GLY B 86 -38.88 15.20 10.19
N GLU B 87 -37.95 14.40 10.72
CA GLU B 87 -37.35 14.73 12.00
C GLU B 87 -36.32 15.84 11.86
N ILE B 88 -35.56 15.84 10.76
CA ILE B 88 -34.55 16.87 10.55
C ILE B 88 -35.19 18.23 10.35
N ILE B 89 -36.28 18.29 9.57
CA ILE B 89 -36.98 19.55 9.37
C ILE B 89 -37.54 20.07 10.68
N LEU B 90 -38.12 19.19 11.49
CA LEU B 90 -38.63 19.62 12.79
C LEU B 90 -37.51 20.01 13.74
N ARG B 91 -36.37 19.32 13.64
CA ARG B 91 -35.25 19.65 14.52
C ARG B 91 -34.73 21.05 14.26
N TYR B 92 -34.67 21.46 12.99
CA TYR B 92 -34.16 22.78 12.66
C TYR B 92 -35.15 23.88 12.96
N THR B 93 -36.46 23.57 12.92
CA THR B 93 -37.45 24.55 13.34
C THR B 93 -37.32 24.85 14.84
N SER B 94 -37.08 23.83 15.66
CA SER B 94 -36.91 24.06 17.08
C SER B 94 -35.58 24.74 17.39
N TYR B 95 -34.64 24.72 16.44
CA TYR B 95 -33.44 25.56 16.59
C TYR B 95 -33.79 27.03 16.42
N ALA B 96 -34.53 27.35 15.36
CA ALA B 96 -34.89 28.75 15.11
C ALA B 96 -35.81 29.28 16.19
N LEU B 97 -36.71 28.45 16.71
CA LEU B 97 -37.58 28.89 17.80
C LEU B 97 -36.78 29.22 19.05
N LEU B 98 -35.75 28.42 19.34
CA LEU B 98 -34.88 28.71 20.48
C LEU B 98 -34.07 29.98 20.25
N ALA B 99 -33.40 30.07 19.09
CA ALA B 99 -32.52 31.20 18.83
C ALA B 99 -33.31 32.49 18.60
N GLY B 100 -34.56 32.38 18.17
CA GLY B 100 -35.35 33.54 17.87
C GLY B 100 -35.14 34.14 16.50
N ASP B 101 -34.36 33.48 15.65
CA ASP B 101 -34.10 33.95 14.30
C ASP B 101 -34.10 32.77 13.35
N SER B 102 -34.40 33.06 12.08
CA SER B 102 -34.53 32.03 11.06
C SER B 102 -33.22 31.76 10.32
N SER B 103 -32.11 32.36 10.74
CA SER B 103 -30.86 32.21 10.02
C SER B 103 -30.36 30.77 10.04
N VAL B 104 -30.45 30.12 11.20
CA VAL B 104 -29.94 28.75 11.32
C VAL B 104 -30.74 27.81 10.43
N LEU B 105 -32.06 27.98 10.39
CA LEU B 105 -32.90 27.14 9.55
C LEU B 105 -32.59 27.34 8.07
N GLU B 106 -32.40 28.59 7.66
CA GLU B 106 -32.28 28.89 6.23
C GLU B 106 -30.93 28.46 5.68
N ASP B 107 -29.85 28.65 6.44
CA ASP B 107 -28.51 28.48 5.90
C ASP B 107 -27.99 27.06 6.02
N ARG B 108 -28.48 26.27 6.97
CA ARG B 108 -27.97 24.92 7.14
C ARG B 108 -28.88 23.83 6.62
N CYS B 109 -30.17 24.10 6.46
CA CYS B 109 -31.11 23.05 6.06
C CYS B 109 -31.77 23.32 4.72
N LEU B 110 -32.34 24.50 4.53
CA LEU B 110 -33.10 24.78 3.31
C LEU B 110 -32.24 25.31 2.18
N ASN B 111 -30.94 25.43 2.36
CA ASN B 111 -30.05 25.86 1.28
C ASN B 111 -29.87 24.70 0.30
N GLY B 112 -30.42 24.86 -0.89
CA GLY B 112 -30.29 23.84 -1.92
C GLY B 112 -31.21 22.65 -1.77
N LEU B 113 -32.21 22.73 -0.88
CA LEU B 113 -33.12 21.60 -0.69
C LEU B 113 -33.99 21.37 -1.91
N LYS B 114 -34.40 22.44 -2.60
CA LYS B 114 -35.28 22.30 -3.74
C LYS B 114 -34.59 21.52 -4.86
N GLU B 115 -33.32 21.83 -5.14
CA GLU B 115 -32.61 21.13 -6.21
C GLU B 115 -32.43 19.65 -5.88
N THR B 116 -32.14 19.32 -4.62
CA THR B 116 -31.92 17.93 -4.26
C THR B 116 -33.18 17.10 -4.46
N TYR B 117 -34.33 17.64 -4.04
CA TYR B 117 -35.57 16.88 -4.19
C TYR B 117 -35.95 16.72 -5.65
N ILE B 118 -35.55 17.66 -6.52
CA ILE B 118 -35.84 17.54 -7.94
C ILE B 118 -35.06 16.38 -8.55
N ALA B 119 -33.77 16.27 -8.21
CA ALA B 119 -32.95 15.21 -8.76
C ALA B 119 -33.41 13.84 -8.29
N LEU B 120 -33.79 13.73 -7.03
CA LEU B 120 -34.22 12.44 -6.46
C LEU B 120 -35.59 12.02 -6.93
N GLY B 121 -36.36 12.91 -7.54
CA GLY B 121 -37.73 12.59 -7.93
C GLY B 121 -38.74 12.67 -6.82
N VAL B 122 -38.39 13.29 -5.70
CA VAL B 122 -39.31 13.44 -4.57
C VAL B 122 -40.46 14.35 -4.98
N PRO B 123 -41.71 13.99 -4.72
CA PRO B 123 -42.83 14.88 -5.07
C PRO B 123 -42.79 16.16 -4.23
N THR B 124 -42.90 17.30 -4.92
CA THR B 124 -42.83 18.57 -4.22
C THR B 124 -44.14 18.89 -3.50
N ASN B 125 -45.28 18.56 -4.11
CA ASN B 125 -46.55 18.91 -3.49
C ASN B 125 -46.82 18.06 -2.25
N SER B 126 -46.37 16.81 -2.23
CA SER B 126 -46.60 15.97 -1.06
C SER B 126 -45.68 16.37 0.09
N THR B 127 -44.49 16.89 -0.21
CA THR B 127 -43.63 17.38 0.86
C THR B 127 -44.27 18.58 1.56
N VAL B 128 -45.01 19.39 0.82
CA VAL B 128 -45.73 20.51 1.41
C VAL B 128 -46.81 20.01 2.37
N ARG B 129 -47.53 18.95 1.96
CA ARG B 129 -48.61 18.44 2.80
C ARG B 129 -48.07 17.88 4.11
N ALA B 130 -46.91 17.22 4.07
CA ALA B 130 -46.33 16.68 5.29
C ALA B 130 -45.97 17.79 6.27
N VAL B 131 -45.34 18.85 5.78
CA VAL B 131 -44.90 19.94 6.66
C VAL B 131 -46.10 20.70 7.20
N SER B 132 -47.12 20.91 6.38
CA SER B 132 -48.30 21.65 6.84
C SER B 132 -49.02 20.91 7.96
N ILE B 133 -48.96 19.57 7.95
CA ILE B 133 -49.49 18.81 9.08
C ILE B 133 -48.59 18.98 10.30
N MET B 134 -47.27 18.99 10.09
CA MET B 134 -46.35 19.24 11.20
C MET B 134 -46.54 20.64 11.77
N LYS B 135 -46.87 21.60 10.92
CA LYS B 135 -47.07 22.97 11.39
C LYS B 135 -48.28 23.06 12.30
N SER B 136 -49.36 22.36 11.96
CA SER B 136 -50.54 22.37 12.81
C SER B 136 -50.32 21.56 14.08
N SER B 137 -49.57 20.46 13.99
CA SER B 137 -49.29 19.65 15.16
C SER B 137 -48.42 20.41 16.16
N ALA B 138 -47.36 21.07 15.68
CA ALA B 138 -46.48 21.80 16.59
C ALA B 138 -47.19 22.96 17.25
N VAL B 139 -48.01 23.69 16.50
CA VAL B 139 -48.70 24.85 17.07
C VAL B 139 -49.68 24.41 18.15
N ALA B 140 -50.33 23.27 17.96
CA ALA B 140 -51.26 22.78 18.97
C ALA B 140 -50.54 22.46 20.28
N PHE B 141 -49.32 21.93 20.20
CA PHE B 141 -48.56 21.64 21.40
C PHE B 141 -48.04 22.90 22.06
N ILE B 142 -47.75 23.94 21.28
CA ILE B 142 -47.25 25.20 21.84
C ILE B 142 -48.29 25.81 22.75
N SER B 143 -49.53 25.90 22.27
CA SER B 143 -50.62 26.51 23.04
C SER B 143 -51.29 25.53 23.99
N ASN B 144 -50.73 24.33 24.17
CA ASN B 144 -51.27 23.34 25.09
C ASN B 144 -52.71 22.98 24.74
N THR B 145 -52.94 22.67 23.46
CA THR B 145 -54.27 22.40 22.93
C THR B 145 -54.50 20.93 22.61
N ALA B 146 -53.43 20.16 22.41
CA ALA B 146 -53.56 18.78 21.95
C ALA B 146 -54.47 17.98 22.89
N SER B 147 -55.40 17.24 22.30
CA SER B 147 -56.51 16.69 23.07
C SER B 147 -56.05 15.59 24.01
N GLN B 148 -55.18 14.67 23.55
CA GLN B 148 -54.77 13.54 24.35
C GLN B 148 -53.70 13.89 25.39
N ARG B 149 -52.72 14.70 25.03
CA ARG B 149 -51.61 15.03 25.91
C ARG B 149 -51.70 16.49 26.33
N LYS B 150 -51.70 16.73 27.63
CA LYS B 150 -51.72 18.08 28.19
C LYS B 150 -50.56 18.22 29.17
N MET B 151 -49.75 19.26 28.98
CA MET B 151 -48.60 19.54 29.82
C MET B 151 -48.98 20.62 30.82
N ALA B 152 -48.77 20.34 32.10
CA ALA B 152 -49.11 21.29 33.16
C ALA B 152 -48.18 22.49 33.09
N THR B 153 -48.75 23.69 32.98
CA THR B 153 -47.98 24.92 32.93
C THR B 153 -48.84 26.08 33.41
N ALA B 154 -48.18 27.16 33.80
CA ALA B 154 -48.89 28.35 34.25
C ALA B 154 -49.54 29.07 33.09
N ASP B 155 -50.68 29.70 33.36
CA ASP B 155 -51.44 30.36 32.30
C ASP B 155 -50.66 31.56 31.74
N GLY B 156 -50.86 31.82 30.46
CA GLY B 156 -50.17 32.93 29.82
C GLY B 156 -50.68 33.12 28.41
N ASP B 157 -50.02 34.04 27.70
CA ASP B 157 -50.36 34.37 26.32
C ASP B 157 -49.32 33.72 25.41
N CYS B 158 -49.80 33.08 24.35
CA CYS B 158 -48.95 32.29 23.47
C CYS B 158 -49.00 32.76 22.03
N SER B 159 -49.57 33.95 21.79
CA SER B 159 -49.75 34.40 20.42
C SER B 159 -48.43 34.71 19.73
N ALA B 160 -47.48 35.31 20.46
CA ALA B 160 -46.23 35.72 19.84
C ALA B 160 -45.39 34.53 19.38
N LEU B 161 -45.37 33.45 20.18
CA LEU B 161 -44.50 32.32 19.86
C LEU B 161 -45.19 31.36 18.89
N SER B 162 -46.50 31.15 19.05
CA SER B 162 -47.21 30.25 18.14
C SER B 162 -47.22 30.79 16.73
N SER B 163 -47.35 32.11 16.57
CA SER B 163 -47.28 32.71 15.25
C SER B 163 -45.89 32.56 14.64
N GLU B 164 -44.85 32.61 15.47
CA GLU B 164 -43.49 32.43 14.98
C GLU B 164 -43.28 31.01 14.46
N VAL B 165 -43.85 30.01 15.13
CA VAL B 165 -43.70 28.63 14.67
C VAL B 165 -44.34 28.47 13.30
N ALA B 166 -45.50 29.09 13.08
CA ALA B 166 -46.14 29.03 11.77
C ALA B 166 -45.28 29.68 10.69
N SER B 167 -44.58 30.76 11.04
CA SER B 167 -43.75 31.45 10.06
C SER B 167 -42.56 30.59 9.65
N TYR B 168 -41.97 29.86 10.59
CA TYR B 168 -40.83 29.00 10.26
C TYR B 168 -41.25 27.85 9.37
N CYS B 169 -42.43 27.27 9.63
CA CYS B 169 -42.90 26.17 8.79
C CYS B 169 -43.28 26.64 7.39
N ASP B 170 -43.77 27.87 7.26
CA ASP B 170 -44.11 28.40 5.94
C ASP B 170 -42.87 28.66 5.11
N LYS B 171 -41.75 29.00 5.76
CA LYS B 171 -40.50 29.18 5.02
C LYS B 171 -40.05 27.88 4.39
N VAL B 172 -40.23 26.75 5.09
CA VAL B 172 -39.87 25.46 4.52
C VAL B 172 -40.73 25.15 3.30
N SER B 173 -42.04 25.37 3.42
CA SER B 173 -42.94 25.07 2.30
C SER B 173 -42.67 25.98 1.11
N ALA B 174 -42.39 27.26 1.37
CA ALA B 174 -42.16 28.19 0.27
C ALA B 174 -40.85 27.89 -0.46
N ALA B 175 -39.84 27.42 0.25
CA ALA B 175 -38.56 27.13 -0.40
C ALA B 175 -38.63 25.90 -1.30
N ILE B 176 -39.31 24.86 -0.86
CA ILE B 176 -39.42 23.63 -1.65
C ILE B 176 -40.76 23.59 -2.38
N MET C 1 -28.53 -5.88 -5.12
CA MET C 1 -29.16 -7.17 -5.38
C MET C 1 -28.12 -8.28 -5.38
N LYS C 2 -27.79 -8.77 -4.20
CA LYS C 2 -26.81 -9.84 -4.07
C LYS C 2 -27.30 -11.10 -4.77
N SER C 3 -26.43 -11.72 -5.55
CA SER C 3 -26.71 -12.98 -6.21
C SER C 3 -25.38 -13.67 -6.45
N VAL C 4 -25.46 -14.89 -6.99
CA VAL C 4 -24.25 -15.62 -7.35
C VAL C 4 -23.52 -14.91 -8.47
N ILE C 5 -24.27 -14.43 -9.47
CA ILE C 5 -23.65 -13.81 -10.63
C ILE C 5 -23.06 -12.45 -10.28
N THR C 6 -23.82 -11.62 -9.56
CA THR C 6 -23.38 -10.26 -9.32
C THR C 6 -22.23 -10.19 -8.33
N THR C 7 -22.21 -11.08 -7.35
CA THR C 7 -21.08 -11.12 -6.42
C THR C 7 -19.79 -11.48 -7.15
N THR C 8 -19.87 -12.44 -8.07
CA THR C 8 -18.70 -12.82 -8.86
C THR C 8 -18.26 -11.68 -9.77
N ILE C 9 -19.21 -11.04 -10.44
CA ILE C 9 -18.87 -9.98 -11.38
C ILE C 9 -18.30 -8.77 -10.65
N SER C 10 -18.91 -8.38 -9.53
CA SER C 10 -18.41 -7.23 -8.79
C SER C 10 -17.02 -7.49 -8.24
N ALA C 11 -16.73 -8.74 -7.87
CA ALA C 11 -15.40 -9.07 -7.37
C ALA C 11 -14.34 -8.90 -8.44
N ALA C 12 -14.64 -9.31 -9.67
CA ALA C 12 -13.67 -9.19 -10.75
C ALA C 12 -13.56 -7.75 -11.23
N ASP C 13 -14.66 -7.00 -11.21
CA ASP C 13 -14.64 -5.62 -11.65
C ASP C 13 -13.76 -4.77 -10.73
N ALA C 14 -13.87 -4.97 -9.41
CA ALA C 14 -13.11 -4.18 -8.47
C ALA C 14 -11.61 -4.37 -8.65
N ALA C 15 -11.19 -5.57 -9.06
CA ALA C 15 -9.78 -5.84 -9.33
C ALA C 15 -9.41 -5.63 -10.78
N GLY C 16 -10.35 -5.26 -11.63
CA GLY C 16 -10.05 -5.04 -13.04
C GLY C 16 -9.61 -6.27 -13.79
N ARG C 17 -10.32 -7.38 -13.61
CA ARG C 17 -9.97 -8.65 -14.22
C ARG C 17 -11.08 -9.14 -15.13
N PHE C 18 -10.70 -9.88 -16.18
CA PHE C 18 -11.66 -10.55 -17.01
C PHE C 18 -12.29 -11.70 -16.22
N PRO C 19 -13.51 -12.12 -16.57
CA PRO C 19 -14.08 -13.30 -15.94
C PRO C 19 -13.19 -14.52 -16.17
N SER C 20 -12.68 -15.08 -15.09
CA SER C 20 -11.66 -16.10 -15.13
C SER C 20 -12.28 -17.47 -14.87
N SER C 21 -11.42 -18.49 -14.72
CA SER C 21 -11.91 -19.85 -14.52
C SER C 21 -12.69 -19.96 -13.23
N SER C 22 -12.21 -19.30 -12.17
CA SER C 22 -12.94 -19.33 -10.90
C SER C 22 -14.26 -18.58 -11.00
N ASP C 23 -14.34 -17.58 -11.88
CA ASP C 23 -15.57 -16.81 -12.02
C ASP C 23 -16.66 -17.62 -12.69
N LEU C 24 -16.29 -18.44 -13.68
CA LEU C 24 -17.29 -19.21 -14.42
C LEU C 24 -17.69 -20.48 -13.68
N GLU C 25 -16.92 -20.89 -12.68
CA GLU C 25 -17.34 -22.04 -11.87
C GLU C 25 -18.47 -21.67 -10.93
N SER C 26 -18.51 -20.43 -10.48
CA SER C 26 -19.59 -19.98 -9.61
C SER C 26 -20.93 -20.01 -10.32
N VAL C 27 -20.97 -19.55 -11.57
CA VAL C 27 -22.20 -19.53 -12.33
C VAL C 27 -22.72 -20.94 -12.58
N GLN C 28 -21.82 -21.92 -12.67
CA GLN C 28 -22.25 -23.29 -12.79
C GLN C 28 -23.02 -23.75 -11.55
N GLY C 29 -22.74 -23.13 -10.41
CA GLY C 29 -23.49 -23.46 -9.20
C GLY C 29 -24.96 -23.06 -9.30
N ASN C 30 -25.24 -21.92 -9.92
CA ASN C 30 -26.62 -21.51 -10.13
C ASN C 30 -27.34 -22.46 -11.07
N ILE C 31 -26.64 -22.92 -12.12
CA ILE C 31 -27.25 -23.80 -13.11
C ILE C 31 -27.69 -25.11 -12.46
N GLN C 32 -26.84 -25.68 -11.62
CA GLN C 32 -27.17 -26.94 -10.97
C GLN C 32 -28.31 -26.75 -9.96
N ARG C 33 -28.30 -25.65 -9.23
CA ARG C 33 -29.26 -25.42 -8.17
C ARG C 33 -30.55 -24.75 -8.65
N ALA C 34 -30.58 -24.26 -9.89
CA ALA C 34 -31.78 -23.56 -10.37
C ALA C 34 -32.97 -24.50 -10.51
N ALA C 35 -32.70 -25.81 -10.62
CA ALA C 35 -33.79 -26.75 -10.83
C ALA C 35 -34.71 -26.82 -9.62
N SER C 36 -34.14 -26.98 -8.43
CA SER C 36 -34.97 -27.07 -7.22
C SER C 36 -35.44 -25.69 -6.79
N ARG C 37 -34.61 -24.67 -7.00
CA ARG C 37 -34.95 -23.33 -6.54
C ARG C 37 -36.12 -22.74 -7.31
N LEU C 38 -36.24 -23.07 -8.60
CA LEU C 38 -37.35 -22.56 -9.40
C LEU C 38 -38.59 -23.43 -9.27
N GLU C 39 -38.50 -24.56 -8.59
CA GLU C 39 -39.69 -25.36 -8.31
C GLU C 39 -40.44 -24.81 -7.11
N ALA C 40 -39.70 -24.36 -6.09
CA ALA C 40 -40.34 -23.79 -4.91
C ALA C 40 -40.96 -22.43 -5.20
N ALA C 41 -40.41 -21.70 -6.17
CA ALA C 41 -40.99 -20.42 -6.54
C ALA C 41 -42.34 -20.59 -7.21
N GLU C 42 -42.55 -21.71 -7.90
CA GLU C 42 -43.83 -21.95 -8.55
C GLU C 42 -44.94 -22.20 -7.52
N LYS C 43 -44.66 -23.05 -6.53
CA LYS C 43 -45.70 -23.40 -5.56
C LYS C 43 -46.15 -22.18 -4.77
N LEU C 44 -45.20 -21.35 -4.32
CA LEU C 44 -45.56 -20.15 -3.58
C LEU C 44 -46.36 -19.19 -4.45
N ALA C 45 -46.00 -19.07 -5.73
CA ALA C 45 -46.74 -18.19 -6.64
C ALA C 45 -48.13 -18.75 -6.89
N GLY C 46 -48.29 -20.06 -6.91
CA GLY C 46 -49.58 -20.67 -7.16
C GLY C 46 -50.49 -20.80 -5.98
N ASN C 47 -50.02 -20.53 -4.76
CA ASN C 47 -50.87 -20.65 -3.58
C ASN C 47 -50.63 -19.53 -2.58
N HIS C 48 -50.28 -18.33 -3.03
CA HIS C 48 -49.98 -17.25 -2.08
C HIS C 48 -51.22 -16.80 -1.33
N GLU C 49 -52.41 -16.97 -1.91
CA GLU C 49 -53.63 -16.52 -1.25
C GLU C 49 -53.94 -17.38 -0.02
N ALA C 50 -53.72 -18.69 -0.12
CA ALA C 50 -54.01 -19.57 1.01
C ALA C 50 -52.92 -19.49 2.07
N VAL C 51 -51.66 -19.34 1.66
CA VAL C 51 -50.56 -19.31 2.61
C VAL C 51 -50.62 -18.07 3.48
N VAL C 52 -50.89 -16.92 2.86
CA VAL C 52 -50.92 -15.66 3.60
C VAL C 52 -52.04 -15.66 4.63
N LYS C 53 -53.23 -16.14 4.25
CA LYS C 53 -54.36 -16.15 5.17
C LYS C 53 -54.09 -17.05 6.37
N GLU C 54 -53.47 -18.21 6.15
CA GLU C 54 -53.15 -19.11 7.26
C GLU C 54 -52.12 -18.48 8.19
N ALA C 55 -51.07 -17.88 7.63
CA ALA C 55 -50.02 -17.30 8.46
C ALA C 55 -50.53 -16.10 9.25
N GLY C 56 -51.30 -15.23 8.61
CA GLY C 56 -51.80 -14.06 9.30
C GLY C 56 -52.75 -14.39 10.44
N ASP C 57 -53.56 -15.45 10.26
CA ASP C 57 -54.49 -15.84 11.30
C ASP C 57 -53.76 -16.27 12.57
N ALA C 58 -52.67 -17.02 12.41
CA ALA C 58 -51.93 -17.49 13.58
C ALA C 58 -51.15 -16.36 14.25
N CYS C 59 -50.85 -15.30 13.50
CA CYS C 59 -50.13 -14.18 14.09
C CYS C 59 -50.97 -13.48 15.15
N PHE C 60 -52.26 -13.26 14.88
CA PHE C 60 -53.11 -12.57 15.83
C PHE C 60 -53.54 -13.46 16.98
N ALA C 61 -53.71 -14.77 16.73
CA ALA C 61 -54.10 -15.67 17.81
C ALA C 61 -53.00 -15.79 18.85
N LYS C 62 -51.74 -15.75 18.42
CA LYS C 62 -50.64 -15.89 19.36
C LYS C 62 -50.53 -14.67 20.27
N TYR C 63 -50.83 -13.48 19.73
CA TYR C 63 -50.84 -12.23 20.51
C TYR C 63 -52.19 -11.57 20.34
N PRO C 64 -53.22 -12.05 21.04
CA PRO C 64 -54.55 -11.43 20.91
C PRO C 64 -54.62 -10.01 21.42
N TYR C 65 -53.65 -9.57 22.23
CA TYR C 65 -53.68 -8.21 22.76
C TYR C 65 -53.59 -7.17 21.67
N LEU C 66 -53.12 -7.54 20.47
CA LEU C 66 -53.02 -6.58 19.37
C LEU C 66 -54.40 -6.08 18.96
N LYS C 67 -55.45 -6.82 19.30
CA LYS C 67 -56.81 -6.39 19.01
C LYS C 67 -57.28 -5.28 19.94
N ASN C 68 -56.56 -5.04 21.05
CA ASN C 68 -57.01 -4.11 22.06
C ASN C 68 -56.85 -2.67 21.60
N PRO C 69 -57.66 -1.76 22.12
CA PRO C 69 -57.51 -0.34 21.74
C PRO C 69 -56.14 0.19 22.11
N GLY C 70 -55.62 1.09 21.26
CA GLY C 70 -54.33 1.68 21.47
C GLY C 70 -53.17 0.88 20.90
N GLU C 71 -53.41 -0.32 20.41
CA GLU C 71 -52.38 -1.17 19.83
C GLU C 71 -52.50 -1.17 18.31
N ALA C 72 -51.57 -1.86 17.67
CA ALA C 72 -51.58 -1.99 16.21
C ALA C 72 -52.62 -3.02 15.81
N GLY C 73 -53.77 -2.56 15.34
CA GLY C 73 -54.84 -3.45 14.94
C GLY C 73 -56.15 -3.28 15.69
N ASP C 74 -56.47 -2.08 16.15
CA ASP C 74 -57.72 -1.84 16.88
C ASP C 74 -58.89 -1.48 15.98
N SER C 75 -58.72 -1.53 14.66
CA SER C 75 -59.80 -1.27 13.73
C SER C 75 -59.68 -2.19 12.52
N GLN C 76 -60.74 -2.23 11.73
CA GLN C 76 -60.73 -3.06 10.53
C GLN C 76 -59.71 -2.56 9.51
N GLU C 77 -59.56 -1.23 9.39
CA GLU C 77 -58.62 -0.68 8.44
C GLU C 77 -57.18 -1.06 8.79
N LYS C 78 -56.88 -1.12 10.08
CA LYS C 78 -55.52 -1.48 10.51
C LYS C 78 -55.26 -2.97 10.35
N ILE C 79 -56.29 -3.80 10.52
CA ILE C 79 -56.10 -5.24 10.41
C ILE C 79 -55.79 -5.63 8.97
N ASN C 80 -56.56 -5.09 8.02
CA ASN C 80 -56.33 -5.43 6.62
C ASN C 80 -55.00 -4.88 6.13
N LYS C 81 -54.39 -3.98 6.88
CA LYS C 81 -53.03 -3.58 6.58
C LYS C 81 -52.02 -4.63 7.04
N CYS C 82 -52.33 -5.33 8.14
CA CYS C 82 -51.43 -6.37 8.63
C CYS C 82 -51.33 -7.52 7.63
N TYR C 83 -52.47 -7.93 7.07
CA TYR C 83 -52.45 -8.98 6.06
C TYR C 83 -51.75 -8.54 4.79
N ARG C 84 -51.91 -7.28 4.41
CA ARG C 84 -51.21 -6.76 3.23
C ARG C 84 -49.70 -6.82 3.41
N ASP C 85 -49.21 -6.48 4.60
CA ASP C 85 -47.78 -6.51 4.85
C ASP C 85 -47.23 -7.92 4.77
N ILE C 86 -47.97 -8.91 5.28
CA ILE C 86 -47.53 -10.29 5.18
C ILE C 86 -47.50 -10.74 3.72
N ASP C 87 -48.49 -10.28 2.93
CA ASP C 87 -48.48 -10.58 1.51
C ASP C 87 -47.27 -9.96 0.82
N HIS C 88 -46.83 -8.80 1.29
CA HIS C 88 -45.60 -8.21 0.77
C HIS C 88 -44.40 -9.10 1.07
N TYR C 89 -44.31 -9.59 2.31
CA TYR C 89 -43.17 -10.41 2.69
C TYR C 89 -43.14 -11.72 1.92
N MET C 90 -44.31 -12.36 1.76
CA MET C 90 -44.36 -13.61 1.02
C MET C 90 -44.04 -13.39 -0.45
N ARG C 91 -44.32 -12.19 -0.95
CA ARG C 91 -43.99 -11.88 -2.34
C ARG C 91 -42.49 -11.77 -2.55
N LEU C 92 -41.80 -11.10 -1.62
CA LEU C 92 -40.36 -10.90 -1.77
C LEU C 92 -39.57 -12.15 -1.42
N ILE C 93 -40.14 -13.05 -0.61
CA ILE C 93 -39.54 -14.37 -0.47
C ILE C 93 -39.63 -15.13 -1.78
N ASN C 94 -40.73 -14.96 -2.51
CA ASN C 94 -40.85 -15.57 -3.83
C ASN C 94 -39.82 -15.01 -4.80
N TYR C 95 -39.53 -13.70 -4.71
CA TYR C 95 -38.51 -13.12 -5.57
C TYR C 95 -37.13 -13.66 -5.21
N SER C 96 -36.86 -13.85 -3.91
CA SER C 96 -35.55 -14.35 -3.48
C SER C 96 -35.25 -15.71 -4.08
N LEU C 97 -36.28 -16.53 -4.28
CA LEU C 97 -36.06 -17.85 -4.85
C LEU C 97 -35.70 -17.76 -6.32
N VAL C 98 -36.40 -16.91 -7.08
CA VAL C 98 -36.11 -16.77 -8.51
C VAL C 98 -34.74 -16.13 -8.72
N VAL C 99 -34.46 -15.05 -8.00
CA VAL C 99 -33.21 -14.33 -8.18
C VAL C 99 -32.03 -15.18 -7.72
N GLY C 100 -32.21 -15.94 -6.64
CA GLY C 100 -31.17 -16.82 -6.17
C GLY C 100 -30.33 -16.30 -5.04
N GLY C 101 -30.82 -15.31 -4.31
CA GLY C 101 -30.05 -14.74 -3.22
C GLY C 101 -30.91 -13.82 -2.40
N THR C 102 -30.30 -13.22 -1.39
CA THR C 102 -31.00 -12.32 -0.49
C THR C 102 -31.09 -10.90 -1.04
N GLY C 103 -30.95 -10.73 -2.35
CA GLY C 103 -31.01 -9.43 -2.96
C GLY C 103 -32.31 -8.70 -2.71
N PRO C 104 -33.42 -9.23 -3.24
CA PRO C 104 -34.71 -8.56 -3.05
C PRO C 104 -35.13 -8.42 -1.60
N LEU C 105 -34.73 -9.35 -0.73
CA LEU C 105 -35.11 -9.24 0.67
C LEU C 105 -34.37 -8.09 1.37
N ASP C 106 -33.08 -7.94 1.09
CA ASP C 106 -32.29 -6.95 1.81
C ASP C 106 -32.63 -5.53 1.39
N GLU C 107 -33.09 -5.35 0.16
CA GLU C 107 -33.30 -4.00 -0.35
C GLU C 107 -34.72 -3.50 -0.15
N TRP C 108 -35.72 -4.38 -0.15
CA TRP C 108 -37.10 -3.97 -0.10
C TRP C 108 -37.84 -4.41 1.16
N CYS C 109 -37.18 -5.16 2.04
CA CYS C 109 -37.79 -5.64 3.27
C CYS C 109 -36.99 -5.28 4.51
N ILE C 110 -35.68 -5.40 4.47
CA ILE C 110 -34.87 -5.32 5.68
C ILE C 110 -34.05 -4.04 5.70
N ALA C 111 -34.11 -3.25 4.63
CA ALA C 111 -33.24 -2.09 4.50
C ALA C 111 -33.47 -1.09 5.62
N GLY C 112 -34.72 -0.84 5.97
CA GLY C 112 -35.04 0.08 7.05
C GLY C 112 -36.16 -0.34 7.98
N ALA C 113 -36.42 -1.65 8.12
CA ALA C 113 -37.54 -2.09 8.93
C ALA C 113 -37.33 -1.75 10.41
N ARG C 114 -36.08 -1.56 10.82
CA ARG C 114 -35.81 -1.22 12.22
C ARG C 114 -36.35 0.15 12.57
N GLU C 115 -36.17 1.13 11.68
CA GLU C 115 -36.67 2.47 11.95
C GLU C 115 -38.17 2.58 11.73
N VAL C 116 -38.69 1.91 10.70
CA VAL C 116 -40.10 2.07 10.35
C VAL C 116 -41.00 1.43 11.40
N TYR C 117 -40.64 0.22 11.85
CA TYR C 117 -41.47 -0.47 12.82
C TYR C 117 -41.39 0.17 14.20
N ARG C 118 -40.31 0.88 14.48
CA ARG C 118 -40.24 1.64 15.73
C ARG C 118 -41.10 2.89 15.66
N ALA C 119 -41.04 3.61 14.54
CA ALA C 119 -41.75 4.89 14.44
C ALA C 119 -43.26 4.69 14.39
N LEU C 120 -43.75 3.81 13.52
CA LEU C 120 -45.16 3.49 13.47
C LEU C 120 -45.58 2.60 14.63
N ASN C 121 -44.62 2.04 15.35
CA ASN C 121 -44.87 1.25 16.56
C ASN C 121 -45.78 0.07 16.20
N LEU C 122 -45.25 -0.84 15.40
CA LEU C 122 -45.86 -2.16 15.33
C LEU C 122 -44.82 -3.18 15.75
N PRO C 123 -45.11 -4.01 16.75
CA PRO C 123 -44.07 -4.91 17.27
C PRO C 123 -43.58 -5.89 16.20
N GLY C 124 -42.27 -6.18 16.25
CA GLY C 124 -41.69 -7.10 15.29
C GLY C 124 -41.81 -8.56 15.70
N SER C 125 -42.14 -8.83 16.96
CA SER C 125 -42.32 -10.21 17.37
C SER C 125 -43.55 -10.82 16.73
N SER C 126 -44.53 -10.00 16.35
CA SER C 126 -45.73 -10.51 15.70
C SER C 126 -45.44 -10.99 14.29
N TYR C 127 -44.51 -10.32 13.60
CA TYR C 127 -44.12 -10.79 12.27
C TYR C 127 -43.43 -12.14 12.34
N ILE C 128 -42.60 -12.36 13.35
CA ILE C 128 -41.91 -13.63 13.50
C ILE C 128 -42.91 -14.75 13.73
N ALA C 129 -43.98 -14.48 14.48
CA ALA C 129 -45.00 -15.50 14.71
C ALA C 129 -45.66 -15.92 13.41
N ALA C 130 -45.74 -15.02 12.43
CA ALA C 130 -46.35 -15.36 11.15
C ALA C 130 -45.43 -16.29 10.34
N PHE C 131 -44.13 -16.01 10.32
CA PHE C 131 -43.22 -16.79 9.50
C PHE C 131 -42.81 -18.08 10.18
N VAL C 132 -42.75 -18.09 11.51
CA VAL C 132 -42.43 -19.32 12.23
C VAL C 132 -43.51 -20.35 11.97
N PHE C 133 -44.78 -19.95 11.99
CA PHE C 133 -45.86 -20.87 11.69
C PHE C 133 -45.77 -21.40 10.27
N THR C 134 -45.45 -20.52 9.31
CA THR C 134 -45.33 -20.95 7.92
C THR C 134 -44.20 -21.96 7.76
N ARG C 135 -43.09 -21.75 8.45
CA ARG C 135 -41.95 -22.65 8.35
C ARG C 135 -42.29 -24.02 8.94
N ASP C 136 -43.06 -24.04 10.03
CA ASP C 136 -43.40 -25.29 10.69
C ASP C 136 -44.51 -26.07 9.99
N ARG C 137 -45.39 -25.39 9.26
CA ARG C 137 -46.44 -26.08 8.52
C ARG C 137 -45.92 -26.68 7.23
N LEU C 138 -44.72 -26.33 6.79
CA LEU C 138 -44.16 -26.89 5.57
C LEU C 138 -43.99 -28.40 5.71
N CYS C 139 -44.52 -29.13 4.73
CA CYS C 139 -44.50 -30.59 4.75
C CYS C 139 -43.87 -31.11 3.48
N VAL C 140 -43.11 -32.19 3.61
CA VAL C 140 -42.40 -32.82 2.51
C VAL C 140 -42.86 -34.26 2.41
N PRO C 141 -43.12 -34.80 1.21
CA PRO C 141 -43.08 -34.14 -0.11
C PRO C 141 -44.45 -33.85 -0.69
N ARG C 142 -45.49 -33.63 0.12
CA ARG C 142 -46.80 -33.33 -0.44
C ARG C 142 -46.86 -31.90 -0.98
N ASP C 143 -46.04 -31.00 -0.44
CA ASP C 143 -46.05 -29.61 -0.86
C ASP C 143 -45.06 -29.33 -1.99
N MET C 144 -43.81 -29.75 -1.80
CA MET C 144 -42.79 -29.61 -2.83
C MET C 144 -41.71 -30.66 -2.62
N SER C 145 -40.75 -30.68 -3.52
CA SER C 145 -39.69 -31.68 -3.47
C SER C 145 -38.81 -31.48 -2.24
N ALA C 146 -38.00 -32.49 -1.94
CA ALA C 146 -37.15 -32.43 -0.76
C ALA C 146 -36.14 -31.29 -0.84
N GLN C 147 -35.52 -31.11 -2.00
CA GLN C 147 -34.57 -30.02 -2.17
C GLN C 147 -35.25 -28.66 -2.24
N ALA C 148 -36.46 -28.60 -2.81
CA ALA C 148 -37.17 -27.33 -2.86
C ALA C 148 -37.53 -26.84 -1.47
N ALA C 149 -37.92 -27.76 -0.58
CA ALA C 149 -38.31 -27.37 0.77
C ALA C 149 -37.12 -26.79 1.53
N VAL C 150 -35.93 -27.34 1.31
CA VAL C 150 -34.74 -26.82 1.99
C VAL C 150 -34.47 -25.39 1.56
N GLU C 151 -34.65 -25.11 0.27
CA GLU C 151 -34.47 -23.73 -0.22
C GLU C 151 -35.51 -22.80 0.38
N PHE C 152 -36.76 -23.24 0.46
CA PHE C 152 -37.81 -22.40 1.01
C PHE C 152 -37.57 -22.12 2.49
N SER C 153 -37.15 -23.14 3.23
CA SER C 153 -36.79 -22.91 4.64
C SER C 153 -35.56 -22.03 4.76
N GLY C 154 -34.71 -22.01 3.73
CA GLY C 154 -33.57 -21.11 3.75
C GLY C 154 -33.96 -19.65 3.65
N ALA C 155 -34.98 -19.35 2.84
CA ALA C 155 -35.43 -17.96 2.70
C ALA C 155 -36.20 -17.50 3.94
N LEU C 156 -37.05 -18.37 4.48
CA LEU C 156 -37.81 -18.00 5.67
C LEU C 156 -36.88 -17.76 6.86
N ASP C 157 -35.86 -18.60 7.02
CA ASP C 157 -34.97 -18.47 8.16
C ASP C 157 -34.15 -17.19 8.10
N TYR C 158 -34.00 -16.61 6.90
CA TYR C 158 -33.33 -15.32 6.81
C TYR C 158 -34.25 -14.19 7.26
N VAL C 159 -35.54 -14.27 6.89
CA VAL C 159 -36.48 -13.22 7.27
C VAL C 159 -36.65 -13.17 8.79
N ILE C 160 -36.78 -14.35 9.41
CA ILE C 160 -36.92 -14.42 10.86
C ILE C 160 -35.66 -13.91 11.54
N ASN C 161 -34.49 -14.25 11.00
CA ASN C 161 -33.24 -13.83 11.60
C ASN C 161 -33.06 -12.31 11.51
N SER C 162 -33.73 -11.66 10.57
CA SER C 162 -33.64 -10.22 10.46
C SER C 162 -34.29 -9.52 11.65
N LEU C 163 -35.47 -9.98 12.06
CA LEU C 163 -36.19 -9.37 13.17
C LEU C 163 -35.70 -9.84 14.53
N CYS C 164 -34.94 -10.92 14.59
CA CYS C 164 -34.32 -11.38 15.82
C CYS C 164 -32.89 -10.86 15.94
N MET D 1 -6.65 -15.87 2.59
CA MET D 1 -6.68 -17.04 3.47
C MET D 1 -6.41 -18.32 2.70
N LEU D 2 -6.46 -19.45 3.39
CA LEU D 2 -6.23 -20.75 2.79
C LEU D 2 -7.41 -21.67 3.09
N ASP D 3 -7.88 -22.36 2.06
CA ASP D 3 -8.94 -23.34 2.19
C ASP D 3 -8.33 -24.74 2.23
N ALA D 4 -9.18 -25.77 2.15
CA ALA D 4 -8.69 -27.14 2.22
C ALA D 4 -7.80 -27.46 1.03
N PHE D 5 -8.20 -27.04 -0.18
CA PHE D 5 -7.39 -27.30 -1.37
C PHE D 5 -6.07 -26.56 -1.29
N SER D 6 -6.09 -25.30 -0.86
CA SER D 6 -4.89 -24.48 -0.88
C SER D 6 -3.90 -24.91 0.20
N ARG D 7 -4.37 -25.53 1.28
CA ARG D 7 -3.46 -26.02 2.30
C ARG D 7 -2.60 -27.16 1.75
N VAL D 8 -3.18 -28.00 0.91
CA VAL D 8 -2.41 -29.10 0.30
C VAL D 8 -1.31 -28.54 -0.59
N VAL D 9 -1.62 -27.50 -1.37
CA VAL D 9 -0.65 -26.91 -2.28
C VAL D 9 0.50 -26.29 -1.52
N VAL D 10 0.20 -25.56 -0.45
CA VAL D 10 1.26 -24.88 0.31
C VAL D 10 2.22 -25.88 0.91
N ASN D 11 1.69 -27.01 1.39
CA ASN D 11 2.55 -28.07 1.93
C ASN D 11 3.47 -28.65 0.85
N SER D 12 2.93 -28.84 -0.36
CA SER D 12 3.74 -29.43 -1.43
C SER D 12 4.73 -28.43 -2.00
N ASP D 13 4.50 -27.13 -1.77
CA ASP D 13 5.46 -26.13 -2.24
C ASP D 13 6.73 -26.16 -1.41
N SER D 14 6.62 -26.41 -0.10
CA SER D 14 7.79 -26.38 0.77
C SER D 14 8.82 -27.43 0.36
N LYS D 15 8.40 -28.48 -0.33
CA LYS D 15 9.31 -29.50 -0.84
C LYS D 15 9.54 -29.37 -2.34
N ALA D 16 8.93 -28.38 -2.99
CA ALA D 16 9.06 -28.17 -4.43
C ALA D 16 8.67 -29.42 -5.21
N ALA D 17 7.56 -30.04 -4.83
CA ALA D 17 7.10 -31.26 -5.47
C ALA D 17 5.67 -31.09 -5.96
N TYR D 18 5.33 -31.80 -7.03
CA TYR D 18 3.97 -31.79 -7.52
C TYR D 18 3.03 -32.43 -6.51
N VAL D 19 1.74 -32.10 -6.62
CA VAL D 19 0.75 -32.71 -5.75
C VAL D 19 0.65 -34.19 -6.10
N SER D 20 1.04 -35.04 -5.16
CA SER D 20 1.15 -36.48 -5.43
C SER D 20 -0.23 -37.12 -5.44
N GLY D 21 -0.25 -38.41 -5.78
CA GLY D 21 -1.51 -39.14 -5.77
C GLY D 21 -2.08 -39.32 -4.37
N SER D 22 -1.20 -39.49 -3.38
CA SER D 22 -1.67 -39.71 -2.01
C SER D 22 -2.41 -38.49 -1.46
N ASP D 23 -1.89 -37.30 -1.72
CA ASP D 23 -2.56 -36.08 -1.26
C ASP D 23 -3.82 -35.82 -2.06
N LEU D 24 -3.80 -36.11 -3.36
CA LEU D 24 -4.98 -35.88 -4.19
C LEU D 24 -6.15 -36.73 -3.73
N GLN D 25 -5.88 -37.97 -3.32
CA GLN D 25 -6.96 -38.84 -2.85
C GLN D 25 -7.59 -38.27 -1.58
N ALA D 26 -6.80 -37.61 -0.73
CA ALA D 26 -7.36 -36.98 0.46
C ALA D 26 -8.33 -35.87 0.07
N LEU D 27 -8.01 -35.11 -0.98
CA LEU D 27 -8.93 -34.08 -1.46
C LEU D 27 -10.20 -34.68 -2.04
N LYS D 28 -10.09 -35.84 -2.71
CA LYS D 28 -11.26 -36.45 -3.32
C LYS D 28 -12.29 -36.84 -2.26
N THR D 29 -11.83 -37.26 -1.07
CA THR D 29 -12.74 -37.52 0.02
C THR D 29 -13.41 -36.24 0.49
N PHE D 30 -12.67 -35.13 0.50
CA PHE D 30 -13.24 -33.85 0.89
C PHE D 30 -14.35 -33.43 -0.06
N ILE D 31 -14.14 -33.63 -1.36
CA ILE D 31 -15.15 -33.26 -2.34
C ILE D 31 -16.35 -34.18 -2.27
N ALA D 32 -16.12 -35.48 -2.09
CA ALA D 32 -17.22 -36.45 -2.09
C ALA D 32 -18.22 -36.15 -0.98
N ASP D 33 -17.73 -35.82 0.21
CA ASP D 33 -18.59 -35.41 1.32
C ASP D 33 -18.77 -33.90 1.36
N GLY D 34 -18.67 -33.21 0.23
CA GLY D 34 -18.84 -31.78 0.21
C GLY D 34 -20.29 -31.36 0.45
N ASN D 35 -21.24 -32.22 0.07
CA ASN D 35 -22.65 -31.91 0.33
C ASN D 35 -22.94 -31.92 1.83
N LYS D 36 -22.29 -32.80 2.58
CA LYS D 36 -22.45 -32.81 4.02
C LYS D 36 -21.92 -31.54 4.64
N ARG D 37 -20.81 -31.01 4.11
CA ARG D 37 -20.19 -29.83 4.70
C ARG D 37 -21.10 -28.61 4.57
N LEU D 38 -21.74 -28.43 3.42
CA LEU D 38 -22.71 -27.35 3.28
C LEU D 38 -23.97 -27.65 4.09
N ASP D 39 -24.31 -28.93 4.21
CA ASP D 39 -25.46 -29.36 4.98
C ASP D 39 -25.25 -29.10 6.47
N ALA D 40 -24.03 -29.33 6.96
CA ALA D 40 -23.61 -28.90 8.30
C ALA D 40 -23.69 -27.39 8.46
N VAL D 41 -23.05 -26.64 7.56
CA VAL D 41 -22.87 -25.20 7.76
C VAL D 41 -24.20 -24.48 7.81
N ASN D 42 -25.13 -24.84 6.93
CA ASN D 42 -26.44 -24.21 6.90
C ASN D 42 -27.14 -24.32 8.25
N SER D 43 -26.93 -25.43 8.95
CA SER D 43 -27.55 -25.61 10.26
C SER D 43 -27.03 -24.60 11.27
N ILE D 44 -25.73 -24.30 11.22
CA ILE D 44 -25.14 -23.35 12.16
C ILE D 44 -25.64 -21.93 11.87
N VAL D 45 -25.61 -21.54 10.59
CA VAL D 45 -25.96 -20.17 10.23
C VAL D 45 -27.43 -19.89 10.50
N SER D 46 -28.32 -20.82 10.19
CA SER D 46 -29.75 -20.61 10.36
C SER D 46 -30.15 -20.36 11.81
N ASN D 47 -29.34 -20.80 12.77
CA ASN D 47 -29.64 -20.60 14.18
C ASN D 47 -28.60 -19.72 14.87
N ALA D 48 -27.91 -18.86 14.13
CA ALA D 48 -26.82 -18.09 14.71
C ALA D 48 -27.31 -17.10 15.76
N SER D 49 -28.54 -16.58 15.59
CA SER D 49 -29.06 -15.59 16.51
C SER D 49 -29.30 -16.20 17.90
N CYS D 50 -29.85 -17.41 17.94
CA CYS D 50 -30.18 -18.01 19.24
C CYS D 50 -28.97 -18.66 19.88
N ILE D 51 -27.94 -19.01 19.10
CA ILE D 51 -26.75 -19.62 19.68
C ILE D 51 -26.01 -18.62 20.55
N VAL D 52 -25.87 -17.38 20.07
CA VAL D 52 -25.09 -16.38 20.82
C VAL D 52 -25.80 -16.03 22.12
N SER D 53 -27.12 -15.86 22.08
CA SER D 53 -27.86 -15.50 23.29
C SER D 53 -27.89 -16.67 24.28
N ASP D 54 -27.78 -17.90 23.77
CA ASP D 54 -27.49 -19.05 24.63
C ASP D 54 -26.18 -18.84 25.39
N ALA D 55 -25.13 -18.43 24.69
CA ALA D 55 -23.82 -18.33 25.32
C ALA D 55 -23.77 -17.19 26.33
N VAL D 56 -24.17 -15.99 25.91
CA VAL D 56 -23.96 -14.81 26.74
C VAL D 56 -24.82 -14.86 28.00
N SER D 57 -26.10 -15.24 27.85
CA SER D 57 -26.96 -15.36 29.02
C SER D 57 -26.52 -16.52 29.90
N GLY D 58 -26.02 -17.60 29.28
CA GLY D 58 -25.54 -18.73 30.06
C GLY D 58 -24.29 -18.41 30.86
N MET D 59 -23.39 -17.62 30.26
CA MET D 59 -22.17 -17.24 30.97
C MET D 59 -22.47 -16.33 32.15
N ILE D 60 -23.47 -15.46 32.01
CA ILE D 60 -23.81 -14.54 33.08
C ILE D 60 -24.45 -15.27 34.25
N CYS D 61 -25.35 -16.22 33.97
CA CYS D 61 -26.09 -16.87 35.03
C CYS D 61 -25.18 -17.65 35.97
N GLU D 62 -24.16 -18.32 35.43
CA GLU D 62 -23.23 -19.05 36.28
C GLU D 62 -22.23 -18.14 36.98
N ASN D 63 -22.03 -16.93 36.48
CA ASN D 63 -21.09 -15.96 37.07
C ASN D 63 -21.80 -14.63 37.22
N PRO D 64 -22.64 -14.48 38.25
CA PRO D 64 -23.41 -13.23 38.39
C PRO D 64 -22.56 -12.00 38.61
N GLY D 65 -21.27 -12.16 38.92
CA GLY D 65 -20.41 -11.01 39.15
C GLY D 65 -20.15 -10.17 37.92
N LEU D 66 -20.54 -10.65 36.74
CA LEU D 66 -20.34 -9.88 35.52
C LEU D 66 -21.27 -8.66 35.47
N ILE D 67 -22.52 -8.82 35.91
CA ILE D 67 -23.49 -7.74 35.84
C ILE D 67 -23.57 -6.90 37.11
N ALA D 68 -22.80 -7.24 38.13
CA ALA D 68 -22.73 -6.40 39.32
C ALA D 68 -22.02 -5.09 38.98
N PRO D 69 -22.27 -4.04 39.75
CA PRO D 69 -21.57 -2.77 39.50
C PRO D 69 -20.05 -2.98 39.54
N GLY D 70 -19.38 -2.39 38.55
CA GLY D 70 -17.97 -2.61 38.34
C GLY D 70 -17.63 -3.82 37.50
N GLY D 71 -18.63 -4.62 37.13
CA GLY D 71 -18.39 -5.74 36.24
C GLY D 71 -18.15 -5.29 34.81
N ASN D 72 -17.70 -6.23 33.98
CA ASN D 72 -17.39 -5.89 32.60
C ASN D 72 -18.57 -6.05 31.66
N CYS D 73 -19.73 -6.50 32.15
CA CYS D 73 -20.97 -6.53 31.39
C CYS D 73 -22.07 -5.78 32.12
N TYR D 74 -21.73 -4.65 32.73
CA TYR D 74 -22.67 -3.97 33.62
C TYR D 74 -23.72 -3.20 32.84
N THR D 75 -23.30 -2.19 32.09
CA THR D 75 -24.26 -1.30 31.44
C THR D 75 -24.79 -1.92 30.15
N ASN D 76 -25.55 -1.12 29.41
CA ASN D 76 -26.02 -1.56 28.10
C ASN D 76 -24.93 -1.45 27.05
N ARG D 77 -24.00 -0.51 27.21
CA ARG D 77 -22.91 -0.37 26.25
C ARG D 77 -22.00 -1.59 26.26
N ARG D 78 -21.70 -2.13 27.45
CA ARG D 78 -20.85 -3.32 27.52
C ARG D 78 -21.62 -4.57 27.13
N MET D 79 -22.89 -4.68 27.52
CA MET D 79 -23.69 -5.83 27.15
C MET D 79 -23.87 -5.93 25.65
N ALA D 80 -24.09 -4.80 24.98
CA ALA D 80 -24.21 -4.82 23.53
C ALA D 80 -22.91 -5.23 22.87
N ALA D 81 -21.78 -4.76 23.40
CA ALA D 81 -20.49 -5.13 22.83
C ALA D 81 -20.19 -6.61 23.06
N CYS D 82 -20.62 -7.15 24.19
CA CYS D 82 -20.44 -8.58 24.45
C CYS D 82 -21.20 -9.42 23.44
N LEU D 83 -22.43 -9.01 23.10
CA LEU D 83 -23.18 -9.73 22.08
C LEU D 83 -22.57 -9.53 20.70
N ARG D 84 -22.08 -8.33 20.42
CA ARG D 84 -21.58 -8.05 19.08
C ARG D 84 -20.34 -8.87 18.76
N ASP D 85 -19.34 -8.85 19.64
CA ASP D 85 -18.11 -9.57 19.37
C ASP D 85 -18.25 -11.08 19.56
N GLY D 86 -19.16 -11.51 20.44
CA GLY D 86 -19.41 -12.94 20.56
C GLY D 86 -19.99 -13.53 19.29
N GLU D 87 -20.79 -12.74 18.58
CA GLU D 87 -21.33 -13.19 17.29
C GLU D 87 -20.24 -13.19 16.22
N ILE D 88 -19.27 -12.29 16.34
CA ILE D 88 -18.16 -12.27 15.39
C ILE D 88 -17.35 -13.56 15.48
N ILE D 89 -17.13 -14.06 16.69
CA ILE D 89 -16.41 -15.32 16.86
C ILE D 89 -17.15 -16.45 16.18
N LEU D 90 -18.48 -16.49 16.33
CA LEU D 90 -19.26 -17.53 15.67
C LEU D 90 -19.24 -17.36 14.16
N ARG D 91 -19.21 -16.11 13.69
CA ARG D 91 -19.17 -15.88 12.25
C ARG D 91 -17.91 -16.46 11.62
N TYR D 92 -16.76 -16.27 12.27
CA TYR D 92 -15.51 -16.76 11.71
C TYR D 92 -15.38 -18.26 11.84
N THR D 93 -16.10 -18.87 12.79
CA THR D 93 -16.08 -20.33 12.88
C THR D 93 -16.80 -20.95 11.70
N SER D 94 -17.89 -20.35 11.24
CA SER D 94 -18.58 -20.87 10.06
C SER D 94 -17.74 -20.69 8.80
N TYR D 95 -16.91 -19.64 8.75
CA TYR D 95 -15.96 -19.52 7.65
C TYR D 95 -14.96 -20.66 7.67
N ALA D 96 -14.47 -21.02 8.85
CA ALA D 96 -13.52 -22.12 8.96
C ALA D 96 -14.17 -23.44 8.61
N LEU D 97 -15.42 -23.65 9.03
CA LEU D 97 -16.12 -24.87 8.68
C LEU D 97 -16.41 -24.93 7.18
N LEU D 98 -16.80 -23.80 6.59
CA LEU D 98 -17.07 -23.76 5.16
C LEU D 98 -15.80 -23.98 4.34
N ALA D 99 -14.73 -23.28 4.69
CA ALA D 99 -13.49 -23.38 3.93
C ALA D 99 -12.76 -24.69 4.20
N GLY D 100 -12.98 -25.29 5.36
CA GLY D 100 -12.30 -26.53 5.69
C GLY D 100 -10.93 -26.34 6.30
N ASP D 101 -10.52 -25.11 6.60
CA ASP D 101 -9.24 -24.85 7.23
C ASP D 101 -9.42 -23.76 8.27
N SER D 102 -8.60 -23.82 9.32
CA SER D 102 -8.69 -22.87 10.41
C SER D 102 -7.82 -21.63 10.21
N SER D 103 -7.20 -21.48 9.04
CA SER D 103 -6.32 -20.33 8.81
C SER D 103 -7.11 -19.02 8.84
N VAL D 104 -8.33 -19.02 8.30
CA VAL D 104 -9.12 -17.79 8.28
C VAL D 104 -9.46 -17.36 9.69
N LEU D 105 -9.74 -18.31 10.57
CA LEU D 105 -10.05 -17.97 11.95
C LEU D 105 -8.84 -17.39 12.67
N GLU D 106 -7.66 -17.92 12.40
CA GLU D 106 -6.45 -17.48 13.11
C GLU D 106 -5.99 -16.12 12.62
N ASP D 107 -6.03 -15.89 11.30
CA ASP D 107 -5.40 -14.72 10.73
C ASP D 107 -6.23 -13.45 10.98
N ARG D 108 -7.55 -13.50 10.78
CA ARG D 108 -8.35 -12.29 10.71
C ARG D 108 -9.08 -11.95 12.00
N CYS D 109 -9.28 -12.92 12.89
CA CYS D 109 -9.95 -12.67 14.17
C CYS D 109 -9.07 -12.99 15.36
N LEU D 110 -8.37 -14.12 15.34
CA LEU D 110 -7.62 -14.58 16.49
C LEU D 110 -6.25 -13.95 16.59
N ASN D 111 -5.83 -13.18 15.60
CA ASN D 111 -4.51 -12.56 15.61
C ASN D 111 -4.55 -11.30 16.46
N GLY D 112 -3.88 -11.33 17.61
CA GLY D 112 -3.81 -10.16 18.47
C GLY D 112 -5.02 -9.93 19.34
N LEU D 113 -5.95 -10.89 19.41
CA LEU D 113 -7.13 -10.70 20.25
C LEU D 113 -6.76 -10.78 21.73
N LYS D 114 -5.85 -11.67 22.10
CA LYS D 114 -5.52 -11.87 23.50
C LYS D 114 -4.91 -10.61 24.11
N GLU D 115 -4.00 -9.96 23.38
CA GLU D 115 -3.36 -8.77 23.91
C GLU D 115 -4.34 -7.60 24.01
N THR D 116 -5.38 -7.59 23.17
CA THR D 116 -6.38 -6.54 23.25
C THR D 116 -7.29 -6.73 24.45
N TYR D 117 -7.71 -7.97 24.70
CA TYR D 117 -8.60 -8.25 25.83
C TYR D 117 -7.94 -7.89 27.16
N ILE D 118 -6.61 -7.99 27.22
CA ILE D 118 -5.90 -7.60 28.44
C ILE D 118 -5.98 -6.08 28.63
N ALA D 119 -5.81 -5.32 27.54
CA ALA D 119 -5.83 -3.86 27.65
C ALA D 119 -7.18 -3.36 28.12
N LEU D 120 -8.27 -3.91 27.58
CA LEU D 120 -9.61 -3.49 27.97
C LEU D 120 -10.04 -3.99 29.33
N GLY D 121 -9.29 -4.90 29.93
CA GLY D 121 -9.67 -5.46 31.21
C GLY D 121 -10.69 -6.58 31.14
N VAL D 122 -10.96 -7.11 29.96
CA VAL D 122 -11.92 -8.21 29.80
C VAL D 122 -11.38 -9.45 30.49
N PRO D 123 -12.16 -10.10 31.36
CA PRO D 123 -11.68 -11.32 32.01
C PRO D 123 -11.57 -12.45 31.00
N THR D 124 -10.48 -13.22 31.10
CA THR D 124 -10.30 -14.37 30.22
C THR D 124 -11.08 -15.58 30.71
N ASN D 125 -11.30 -15.68 32.02
CA ASN D 125 -12.06 -16.81 32.56
C ASN D 125 -13.49 -16.79 32.05
N SER D 126 -14.10 -15.61 32.01
CA SER D 126 -15.50 -15.52 31.58
C SER D 126 -15.63 -15.64 30.07
N THR D 127 -14.66 -15.11 29.31
CA THR D 127 -14.76 -15.16 27.85
C THR D 127 -14.72 -16.59 27.34
N VAL D 128 -13.80 -17.41 27.87
CA VAL D 128 -13.70 -18.79 27.40
C VAL D 128 -14.92 -19.59 27.82
N ARG D 129 -15.58 -19.21 28.91
CA ARG D 129 -16.82 -19.88 29.29
C ARG D 129 -17.90 -19.63 28.25
N ALA D 130 -18.01 -18.39 27.75
CA ALA D 130 -19.00 -18.09 26.74
C ALA D 130 -18.72 -18.83 25.44
N VAL D 131 -17.45 -18.93 25.05
CA VAL D 131 -17.09 -19.64 23.83
C VAL D 131 -17.41 -21.12 23.96
N SER D 132 -17.08 -21.72 25.10
CA SER D 132 -17.29 -23.15 25.28
C SER D 132 -18.77 -23.50 25.24
N ILE D 133 -19.65 -22.57 25.58
CA ILE D 133 -21.08 -22.79 25.41
C ILE D 133 -21.45 -22.77 23.92
N MET D 134 -20.83 -21.87 23.16
CA MET D 134 -21.12 -21.79 21.73
C MET D 134 -20.73 -23.08 21.02
N LYS D 135 -19.61 -23.68 21.41
CA LYS D 135 -19.20 -24.94 20.80
C LYS D 135 -20.20 -26.04 21.07
N SER D 136 -20.73 -26.09 22.30
CA SER D 136 -21.70 -27.11 22.66
C SER D 136 -23.01 -26.91 21.91
N SER D 137 -23.40 -25.65 21.70
CA SER D 137 -24.61 -25.38 20.95
C SER D 137 -24.46 -25.73 19.47
N ALA D 138 -23.32 -25.34 18.87
CA ALA D 138 -23.12 -25.59 17.45
C ALA D 138 -23.04 -27.08 17.16
N VAL D 139 -22.36 -27.84 18.01
CA VAL D 139 -22.23 -29.29 17.79
C VAL D 139 -23.59 -29.96 17.88
N ALA D 140 -24.41 -29.56 18.86
CA ALA D 140 -25.74 -30.14 18.98
C ALA D 140 -26.61 -29.78 17.78
N PHE D 141 -26.43 -28.58 17.24
CA PHE D 141 -27.14 -28.20 16.01
C PHE D 141 -26.59 -28.95 14.80
N ILE D 142 -25.27 -29.20 14.79
CA ILE D 142 -24.66 -29.85 13.63
C ILE D 142 -25.13 -31.29 13.52
N SER D 143 -25.11 -32.02 14.62
CA SER D 143 -25.56 -33.41 14.65
C SER D 143 -27.07 -33.54 14.62
N ASN D 144 -27.78 -32.42 14.61
CA ASN D 144 -29.24 -32.40 14.66
C ASN D 144 -29.75 -33.09 15.91
N THR D 145 -29.35 -32.58 17.08
CA THR D 145 -29.83 -33.05 18.37
C THR D 145 -30.41 -31.94 19.22
N ALA D 146 -30.71 -30.78 18.64
CA ALA D 146 -31.29 -29.68 19.40
C ALA D 146 -32.65 -30.09 19.95
N SER D 147 -32.91 -29.71 21.20
CA SER D 147 -34.11 -30.20 21.88
C SER D 147 -35.37 -29.66 21.23
N GLN D 148 -35.42 -28.36 20.94
CA GLN D 148 -36.65 -27.70 20.53
C GLN D 148 -36.67 -27.30 19.07
N ARG D 149 -35.62 -27.57 18.30
CA ARG D 149 -35.59 -27.16 16.89
C ARG D 149 -35.07 -28.30 16.04
N LYS D 150 -35.93 -28.80 15.13
CA LYS D 150 -35.60 -29.89 14.23
C LYS D 150 -35.53 -29.38 12.81
N MET D 151 -34.59 -29.91 12.03
CA MET D 151 -34.52 -29.66 10.60
C MET D 151 -34.53 -30.99 9.86
N ALA D 152 -35.30 -31.07 8.78
CA ALA D 152 -35.41 -32.30 8.01
C ALA D 152 -34.18 -32.49 7.15
N THR D 153 -33.51 -33.63 7.30
CA THR D 153 -32.27 -33.91 6.59
C THR D 153 -32.13 -35.42 6.43
N ALA D 154 -31.62 -35.83 5.27
CA ALA D 154 -31.47 -37.25 4.97
C ALA D 154 -30.57 -37.93 6.00
N ASP D 155 -30.91 -39.17 6.33
CA ASP D 155 -30.22 -39.88 7.39
C ASP D 155 -28.76 -40.13 7.03
N GLY D 156 -27.89 -40.03 8.03
CA GLY D 156 -26.47 -40.20 7.82
C GLY D 156 -25.74 -39.85 9.10
N ASP D 157 -24.41 -39.86 9.00
CA ASP D 157 -23.53 -39.53 10.12
C ASP D 157 -22.82 -38.22 9.86
N CYS D 158 -22.56 -37.46 10.93
CA CYS D 158 -21.79 -36.23 10.86
C CYS D 158 -20.83 -36.11 12.03
N SER D 159 -20.23 -37.23 12.45
CA SER D 159 -19.19 -37.17 13.46
C SER D 159 -17.95 -36.47 12.94
N ALA D 160 -17.70 -36.56 11.64
CA ALA D 160 -16.53 -35.89 11.06
C ALA D 160 -16.64 -34.38 11.16
N LEU D 161 -17.83 -33.83 10.89
CA LEU D 161 -17.99 -32.38 10.92
C LEU D 161 -18.16 -31.87 12.35
N SER D 162 -18.80 -32.64 13.21
CA SER D 162 -18.94 -32.24 14.61
C SER D 162 -17.58 -32.19 15.28
N SER D 163 -16.68 -33.11 14.94
CA SER D 163 -15.31 -33.05 15.44
C SER D 163 -14.57 -31.85 14.87
N GLU D 164 -14.94 -31.43 13.65
CA GLU D 164 -14.31 -30.26 13.06
C GLU D 164 -14.71 -29.00 13.80
N VAL D 165 -15.99 -28.84 14.11
CA VAL D 165 -16.46 -27.64 14.80
C VAL D 165 -15.87 -27.56 16.20
N ALA D 166 -15.82 -28.69 16.90
CA ALA D 166 -15.31 -28.69 18.27
C ALA D 166 -13.87 -28.23 18.33
N SER D 167 -13.04 -28.62 17.35
CA SER D 167 -11.64 -28.25 17.38
C SER D 167 -11.45 -26.76 17.07
N TYR D 168 -12.28 -26.21 16.18
CA TYR D 168 -12.15 -24.78 15.84
C TYR D 168 -12.47 -23.90 17.04
N CYS D 169 -13.52 -24.24 17.80
CA CYS D 169 -13.82 -23.46 19.00
C CYS D 169 -12.76 -23.68 20.07
N ASP D 170 -12.07 -24.81 20.05
CA ASP D 170 -11.00 -25.03 21.02
C ASP D 170 -9.78 -24.17 20.70
N LYS D 171 -9.58 -23.85 19.42
CA LYS D 171 -8.48 -22.96 19.05
C LYS D 171 -8.68 -21.57 19.61
N VAL D 172 -9.92 -21.09 19.62
CA VAL D 172 -10.20 -19.77 20.17
C VAL D 172 -9.92 -19.74 21.67
N SER D 173 -10.36 -20.78 22.38
CA SER D 173 -10.17 -20.83 23.82
C SER D 173 -8.70 -20.99 24.18
N ALA D 174 -7.94 -21.68 23.35
CA ALA D 174 -6.51 -21.87 23.63
C ALA D 174 -5.69 -20.63 23.32
N ALA D 175 -6.14 -19.80 22.37
CA ALA D 175 -5.37 -18.60 22.04
C ALA D 175 -5.42 -17.57 23.15
N ILE D 176 -6.60 -17.33 23.73
CA ILE D 176 -6.73 -16.33 24.78
C ILE D 176 -6.68 -17.00 26.16
N MET E 1 -4.84 -16.37 -2.46
CA MET E 1 -5.26 -17.35 -3.46
C MET E 1 -6.71 -17.11 -3.87
N LYS E 2 -6.92 -16.56 -5.07
CA LYS E 2 -8.26 -16.39 -5.59
C LYS E 2 -8.78 -17.73 -6.09
N SER E 3 -9.98 -18.10 -5.66
CA SER E 3 -10.64 -19.30 -6.12
C SER E 3 -12.14 -19.10 -5.91
N VAL E 4 -12.90 -20.19 -6.09
CA VAL E 4 -14.34 -20.11 -5.88
C VAL E 4 -14.65 -19.82 -4.41
N ILE E 5 -13.93 -20.48 -3.51
CA ILE E 5 -14.27 -20.39 -2.09
C ILE E 5 -13.84 -19.05 -1.51
N THR E 6 -12.61 -18.62 -1.79
CA THR E 6 -12.10 -17.41 -1.17
C THR E 6 -12.79 -16.16 -1.71
N THR E 7 -13.20 -16.19 -2.98
CA THR E 7 -13.86 -15.02 -3.55
C THR E 7 -15.18 -14.73 -2.83
N THR E 8 -15.97 -15.77 -2.55
CA THR E 8 -17.25 -15.57 -1.90
C THR E 8 -17.08 -15.28 -0.41
N ILE E 9 -16.12 -15.95 0.25
CA ILE E 9 -15.88 -15.66 1.65
C ILE E 9 -15.38 -14.23 1.83
N SER E 10 -14.48 -13.78 0.96
CA SER E 10 -14.01 -12.41 1.04
C SER E 10 -15.15 -11.42 0.75
N ALA E 11 -16.02 -11.76 -0.20
CA ALA E 11 -17.17 -10.89 -0.48
C ALA E 11 -18.12 -10.83 0.70
N ALA E 12 -18.35 -11.97 1.36
CA ALA E 12 -19.24 -11.99 2.52
C ALA E 12 -18.58 -11.36 3.73
N ASP E 13 -17.26 -11.52 3.88
CA ASP E 13 -16.57 -10.95 5.02
C ASP E 13 -16.61 -9.42 4.98
N ALA E 14 -16.46 -8.83 3.79
CA ALA E 14 -16.46 -7.37 3.70
C ALA E 14 -17.79 -6.79 4.14
N ALA E 15 -18.89 -7.42 3.77
CA ALA E 15 -20.22 -6.95 4.14
C ALA E 15 -20.63 -7.36 5.55
N GLY E 16 -19.84 -8.18 6.22
CA GLY E 16 -20.19 -8.61 7.57
C GLY E 16 -21.42 -9.48 7.65
N ARG E 17 -21.54 -10.46 6.76
CA ARG E 17 -22.69 -11.34 6.69
C ARG E 17 -22.29 -12.78 6.93
N PHE E 18 -23.21 -13.57 7.47
CA PHE E 18 -23.03 -15.00 7.55
C PHE E 18 -23.13 -15.61 6.16
N PRO E 19 -22.51 -16.76 5.94
CA PRO E 19 -22.62 -17.42 4.63
C PRO E 19 -24.07 -17.79 4.33
N SER E 20 -24.62 -17.16 3.29
CA SER E 20 -26.00 -17.36 2.90
C SER E 20 -26.07 -18.36 1.75
N SER E 21 -27.26 -18.51 1.17
CA SER E 21 -27.45 -19.48 0.10
C SER E 21 -26.64 -19.10 -1.14
N SER E 22 -26.42 -17.80 -1.36
CA SER E 22 -25.64 -17.37 -2.51
C SER E 22 -24.20 -17.86 -2.40
N ASP E 23 -23.65 -17.88 -1.19
CA ASP E 23 -22.28 -18.36 -1.02
C ASP E 23 -22.20 -19.87 -1.11
N LEU E 24 -23.21 -20.57 -0.58
CA LEU E 24 -23.22 -22.04 -0.65
C LEU E 24 -23.51 -22.52 -2.07
N GLU E 25 -24.09 -21.65 -2.90
CA GLU E 25 -24.33 -22.01 -4.29
C GLU E 25 -23.03 -22.00 -5.09
N SER E 26 -22.11 -21.10 -4.73
CA SER E 26 -20.83 -21.02 -5.42
C SER E 26 -19.97 -22.25 -5.13
N VAL E 27 -19.95 -22.70 -3.87
CA VAL E 27 -19.14 -23.86 -3.50
C VAL E 27 -19.70 -25.11 -4.16
N GLN E 28 -21.02 -25.16 -4.37
CA GLN E 28 -21.61 -26.29 -5.07
C GLN E 28 -21.09 -26.40 -6.49
N GLY E 29 -20.81 -25.26 -7.13
CA GLY E 29 -20.22 -25.29 -8.46
C GLY E 29 -18.85 -25.92 -8.46
N ASN E 30 -18.09 -25.75 -7.38
CA ASN E 30 -16.77 -26.35 -7.28
C ASN E 30 -16.84 -27.87 -7.28
N ILE E 31 -17.90 -28.43 -6.67
CA ILE E 31 -18.04 -29.89 -6.61
C ILE E 31 -18.22 -30.47 -8.00
N GLN E 32 -19.03 -29.81 -8.84
CA GLN E 32 -19.25 -30.30 -10.20
C GLN E 32 -17.98 -30.26 -11.02
N ARG E 33 -17.21 -29.17 -10.94
CA ARG E 33 -16.05 -29.01 -11.78
C ARG E 33 -14.81 -29.70 -11.23
N ALA E 34 -14.81 -30.08 -9.95
CA ALA E 34 -13.62 -30.66 -9.35
C ALA E 34 -13.29 -32.02 -9.96
N ALA E 35 -14.29 -32.70 -10.50
CA ALA E 35 -14.05 -34.00 -11.14
C ALA E 35 -13.14 -33.84 -12.35
N SER E 36 -13.41 -32.83 -13.18
CA SER E 36 -12.66 -32.66 -14.41
C SER E 36 -11.26 -32.11 -14.15
N ARG E 37 -11.15 -31.12 -13.27
CA ARG E 37 -9.85 -30.49 -13.03
C ARG E 37 -8.86 -31.47 -12.42
N LEU E 38 -9.32 -32.31 -11.49
CA LEU E 38 -8.40 -33.22 -10.80
C LEU E 38 -7.94 -34.37 -11.69
N GLU E 39 -8.60 -34.58 -12.83
CA GLU E 39 -8.05 -35.51 -13.80
C GLU E 39 -6.91 -34.88 -14.59
N ALA E 40 -7.04 -33.60 -14.92
CA ALA E 40 -5.98 -32.91 -15.66
C ALA E 40 -4.74 -32.72 -14.80
N ALA E 41 -4.92 -32.50 -13.49
CA ALA E 41 -3.78 -32.35 -12.60
C ALA E 41 -3.05 -33.67 -12.43
N GLU E 42 -3.79 -34.78 -12.41
CA GLU E 42 -3.16 -36.10 -12.30
C GLU E 42 -2.36 -36.43 -13.57
N LYS E 43 -2.91 -36.09 -14.74
CA LYS E 43 -2.21 -36.39 -15.99
C LYS E 43 -0.91 -35.59 -16.09
N LEU E 44 -0.96 -34.32 -15.72
CA LEU E 44 0.24 -33.48 -15.82
C LEU E 44 1.30 -33.88 -14.81
N ALA E 45 0.88 -34.32 -13.62
CA ALA E 45 1.84 -34.67 -12.58
C ALA E 45 2.70 -35.86 -12.99
N GLY E 46 2.09 -36.86 -13.63
CA GLY E 46 2.82 -38.03 -14.04
C GLY E 46 3.59 -37.91 -15.32
N ASN E 47 3.46 -36.79 -16.03
CA ASN E 47 4.17 -36.60 -17.29
C ASN E 47 4.76 -35.20 -17.42
N HIS E 48 5.17 -34.59 -16.31
CA HIS E 48 5.70 -33.24 -16.39
C HIS E 48 7.08 -33.20 -17.04
N GLU E 49 7.86 -34.28 -16.91
CA GLU E 49 9.20 -34.28 -17.48
C GLU E 49 9.14 -34.26 -19.01
N ALA E 50 8.18 -34.98 -19.59
CA ALA E 50 8.10 -35.04 -21.05
C ALA E 50 7.51 -33.77 -21.63
N VAL E 51 6.51 -33.18 -20.96
CA VAL E 51 5.89 -31.96 -21.46
C VAL E 51 6.87 -30.81 -21.41
N VAL E 52 7.55 -30.65 -20.27
CA VAL E 52 8.48 -29.54 -20.08
C VAL E 52 9.65 -29.65 -21.04
N LYS E 53 10.18 -30.86 -21.22
CA LYS E 53 11.40 -31.03 -21.99
C LYS E 53 11.17 -30.83 -23.47
N GLU E 54 9.97 -31.18 -23.96
CA GLU E 54 9.65 -30.92 -25.36
C GLU E 54 9.25 -29.46 -25.57
N ALA E 55 8.61 -28.85 -24.56
CA ALA E 55 8.19 -27.46 -24.68
C ALA E 55 9.39 -26.54 -24.85
N GLY E 56 10.44 -26.76 -24.07
CA GLY E 56 11.62 -25.91 -24.20
C GLY E 56 12.29 -26.05 -25.56
N ASP E 57 12.24 -27.24 -26.15
CA ASP E 57 12.85 -27.44 -27.46
C ASP E 57 12.15 -26.64 -28.55
N ALA E 58 10.82 -26.52 -28.45
CA ALA E 58 10.08 -25.74 -29.44
C ALA E 58 10.42 -24.26 -29.35
N CYS E 59 10.67 -23.76 -28.14
CA CYS E 59 11.04 -22.36 -27.98
C CYS E 59 12.36 -22.06 -28.68
N PHE E 60 13.36 -22.93 -28.51
CA PHE E 60 14.66 -22.69 -29.10
C PHE E 60 14.68 -22.95 -30.60
N ALA E 61 13.77 -23.79 -31.10
CA ALA E 61 13.69 -24.00 -32.53
C ALA E 61 13.13 -22.77 -33.24
N LYS E 62 12.19 -22.07 -32.61
CA LYS E 62 11.60 -20.89 -33.21
C LYS E 62 12.55 -19.70 -33.18
N TYR E 63 13.40 -19.62 -32.15
CA TYR E 63 14.30 -18.49 -31.95
C TYR E 63 15.73 -19.01 -31.78
N PRO E 64 16.39 -19.35 -32.88
CA PRO E 64 17.80 -19.79 -32.77
C PRO E 64 18.73 -18.68 -32.31
N TYR E 65 18.33 -17.43 -32.42
CA TYR E 65 19.23 -16.31 -32.11
C TYR E 65 19.58 -16.25 -30.63
N LEU E 66 18.84 -16.95 -29.77
CA LEU E 66 19.17 -16.95 -28.35
C LEU E 66 20.49 -17.66 -28.08
N LYS E 67 20.99 -18.42 -29.04
CA LYS E 67 22.25 -19.13 -28.89
C LYS E 67 23.46 -18.22 -29.04
N ASN E 68 23.28 -17.05 -29.65
CA ASN E 68 24.40 -16.18 -29.95
C ASN E 68 25.01 -15.64 -28.65
N PRO E 69 26.31 -15.33 -28.68
CA PRO E 69 26.94 -14.74 -27.48
C PRO E 69 26.33 -13.39 -27.15
N GLY E 70 26.30 -13.07 -25.86
CA GLY E 70 25.75 -11.82 -25.40
C GLY E 70 24.25 -11.79 -25.22
N GLU E 71 23.56 -12.90 -25.47
CA GLU E 71 22.12 -12.99 -25.30
C GLU E 71 21.79 -14.00 -24.21
N ALA E 72 20.55 -13.95 -23.75
CA ALA E 72 20.07 -14.96 -22.81
C ALA E 72 20.11 -16.33 -23.47
N GLY E 73 20.65 -17.31 -22.76
CA GLY E 73 20.86 -18.63 -23.33
C GLY E 73 22.10 -18.77 -24.17
N ASP E 74 23.17 -18.01 -23.87
CA ASP E 74 24.39 -18.05 -24.65
C ASP E 74 25.38 -19.11 -24.19
N SER E 75 25.11 -19.77 -23.07
CA SER E 75 25.98 -20.81 -22.55
C SER E 75 25.14 -21.98 -22.06
N GLN E 76 25.81 -23.07 -21.68
CA GLN E 76 25.07 -24.27 -21.31
C GLN E 76 24.38 -24.11 -19.96
N GLU E 77 24.99 -23.39 -19.02
CA GLU E 77 24.32 -23.11 -17.76
C GLU E 77 23.06 -22.28 -17.98
N LYS E 78 23.14 -21.30 -18.87
CA LYS E 78 21.98 -20.45 -19.14
C LYS E 78 20.86 -21.24 -19.77
N ILE E 79 21.17 -22.14 -20.72
CA ILE E 79 20.13 -22.88 -21.41
C ILE E 79 19.38 -23.79 -20.46
N ASN E 80 20.11 -24.41 -19.51
CA ASN E 80 19.44 -25.23 -18.51
C ASN E 80 18.47 -24.39 -17.69
N LYS E 81 18.88 -23.18 -17.31
CA LYS E 81 17.99 -22.31 -16.56
C LYS E 81 16.72 -21.96 -17.34
N CYS E 82 16.79 -21.94 -18.66
CA CYS E 82 15.60 -21.69 -19.46
C CYS E 82 14.58 -22.80 -19.30
N TYR E 83 15.04 -24.06 -19.33
CA TYR E 83 14.14 -25.18 -19.12
C TYR E 83 13.62 -25.18 -17.69
N ARG E 84 14.44 -24.74 -16.74
CA ARG E 84 14.02 -24.73 -15.33
C ARG E 84 12.86 -23.77 -15.11
N ASP E 85 12.86 -22.63 -15.81
CA ASP E 85 11.75 -21.68 -15.70
C ASP E 85 10.46 -22.28 -16.27
N ILE E 86 10.56 -22.98 -17.39
CA ILE E 86 9.36 -23.58 -17.97
C ILE E 86 8.80 -24.66 -17.05
N ASP E 87 9.68 -25.36 -16.34
CA ASP E 87 9.20 -26.31 -15.33
C ASP E 87 8.46 -25.59 -14.22
N HIS E 88 8.95 -24.43 -13.79
CA HIS E 88 8.27 -23.66 -12.76
C HIS E 88 6.89 -23.23 -13.23
N TYR E 89 6.77 -22.79 -14.48
CA TYR E 89 5.47 -22.37 -14.99
C TYR E 89 4.54 -23.56 -15.15
N MET E 90 5.05 -24.70 -15.58
CA MET E 90 4.22 -25.89 -15.70
C MET E 90 3.86 -26.44 -14.34
N ARG E 91 4.66 -26.12 -13.32
CA ARG E 91 4.33 -26.55 -11.95
C ARG E 91 3.19 -25.72 -11.39
N LEU E 92 3.20 -24.41 -11.64
CA LEU E 92 2.13 -23.55 -11.14
C LEU E 92 0.81 -23.81 -11.87
N ILE E 93 0.88 -24.21 -13.14
CA ILE E 93 -0.35 -24.58 -13.84
C ILE E 93 -0.96 -25.82 -13.22
N ASN E 94 -0.13 -26.75 -12.74
CA ASN E 94 -0.63 -27.88 -11.97
C ASN E 94 -1.24 -27.43 -10.66
N TYR E 95 -0.68 -26.40 -10.04
CA TYR E 95 -1.27 -25.84 -8.83
C TYR E 95 -2.59 -25.16 -9.13
N SER E 96 -2.68 -24.46 -10.26
CA SER E 96 -3.90 -23.76 -10.61
C SER E 96 -5.05 -24.74 -10.80
N LEU E 97 -4.79 -25.88 -11.43
CA LEU E 97 -5.85 -26.86 -11.64
C LEU E 97 -6.34 -27.46 -10.33
N VAL E 98 -5.41 -27.72 -9.40
CA VAL E 98 -5.80 -28.29 -8.11
C VAL E 98 -6.57 -27.26 -7.29
N VAL E 99 -6.05 -26.04 -7.19
CA VAL E 99 -6.71 -25.00 -6.39
C VAL E 99 -8.06 -24.65 -7.01
N GLY E 100 -8.13 -24.59 -8.33
CA GLY E 100 -9.35 -24.27 -9.01
C GLY E 100 -9.50 -22.84 -9.47
N GLY E 101 -8.45 -22.04 -9.33
CA GLY E 101 -8.50 -20.65 -9.76
C GLY E 101 -7.12 -20.19 -10.17
N THR E 102 -7.04 -18.92 -10.51
CA THR E 102 -5.78 -18.31 -10.92
C THR E 102 -4.95 -17.84 -9.75
N GLY E 103 -5.19 -18.37 -8.56
CA GLY E 103 -4.50 -17.95 -7.36
C GLY E 103 -3.00 -18.17 -7.40
N PRO E 104 -2.58 -19.44 -7.48
CA PRO E 104 -1.13 -19.71 -7.48
C PRO E 104 -0.37 -19.05 -8.61
N LEU E 105 -1.00 -18.89 -9.78
CA LEU E 105 -0.32 -18.24 -10.90
C LEU E 105 -0.06 -16.76 -10.61
N ASP E 106 -1.03 -16.07 -10.01
CA ASP E 106 -0.94 -14.62 -9.89
C ASP E 106 0.13 -14.21 -8.88
N GLU E 107 0.18 -14.87 -7.73
CA GLU E 107 1.04 -14.42 -6.64
C GLU E 107 2.43 -15.05 -6.63
N TRP E 108 2.74 -15.94 -7.58
CA TRP E 108 4.03 -16.60 -7.58
C TRP E 108 4.80 -16.49 -8.88
N CYS E 109 4.14 -16.21 -9.99
CA CYS E 109 4.90 -16.04 -11.24
C CYS E 109 4.54 -14.79 -12.00
N ILE E 110 3.32 -14.30 -11.87
CA ILE E 110 2.86 -13.21 -12.72
C ILE E 110 3.08 -11.84 -12.08
N ALA E 111 3.13 -11.79 -10.74
CA ALA E 111 3.08 -10.51 -10.03
C ALA E 111 4.24 -9.58 -10.42
N GLY E 112 5.47 -10.10 -10.40
CA GLY E 112 6.61 -9.27 -10.69
C GLY E 112 7.35 -9.66 -11.96
N ALA E 113 6.67 -10.37 -12.85
CA ALA E 113 7.34 -10.91 -14.03
C ALA E 113 7.79 -9.80 -14.96
N ARG E 114 7.04 -8.70 -15.02
CA ARG E 114 7.37 -7.63 -15.95
C ARG E 114 8.72 -7.00 -15.61
N GLU E 115 8.96 -6.76 -14.33
CA GLU E 115 10.18 -6.06 -13.93
C GLU E 115 11.39 -6.99 -13.97
N VAL E 116 11.19 -8.27 -13.61
CA VAL E 116 12.32 -9.19 -13.51
C VAL E 116 12.86 -9.51 -14.90
N TYR E 117 11.99 -9.82 -15.84
CA TYR E 117 12.45 -10.18 -17.18
C TYR E 117 13.09 -8.99 -17.89
N ARG E 118 12.54 -7.79 -17.69
CA ARG E 118 13.12 -6.60 -18.29
C ARG E 118 14.51 -6.31 -17.73
N ALA E 119 14.67 -6.46 -16.41
CA ALA E 119 15.97 -6.20 -15.79
C ALA E 119 17.02 -7.22 -16.23
N LEU E 120 16.62 -8.49 -16.37
CA LEU E 120 17.54 -9.55 -16.74
C LEU E 120 17.63 -9.74 -18.25
N ASN E 121 16.93 -8.93 -19.04
CA ASN E 121 16.97 -8.99 -20.50
C ASN E 121 16.53 -10.37 -21.00
N LEU E 122 15.38 -10.82 -20.52
CA LEU E 122 14.78 -12.05 -21.00
C LEU E 122 13.59 -11.70 -21.88
N PRO E 123 13.64 -11.92 -23.19
CA PRO E 123 12.48 -11.60 -24.03
C PRO E 123 11.26 -12.40 -23.61
N GLY E 124 10.10 -11.75 -23.65
CA GLY E 124 8.86 -12.40 -23.26
C GLY E 124 8.33 -13.38 -24.29
N SER E 125 8.67 -13.18 -25.56
CA SER E 125 8.14 -14.05 -26.61
C SER E 125 8.80 -15.42 -26.59
N SER E 126 9.95 -15.56 -25.92
CA SER E 126 10.54 -16.87 -25.77
C SER E 126 9.70 -17.75 -24.85
N TYR E 127 9.12 -17.16 -23.80
CA TYR E 127 8.24 -17.91 -22.92
C TYR E 127 6.88 -18.15 -23.55
N ILE E 128 6.43 -17.23 -24.41
CA ILE E 128 5.16 -17.41 -25.08
C ILE E 128 5.20 -18.59 -26.03
N ALA E 129 6.27 -18.71 -26.81
CA ALA E 129 6.37 -19.79 -27.79
C ALA E 129 6.46 -21.14 -27.11
N ALA E 130 6.88 -21.17 -25.84
CA ALA E 130 6.94 -22.42 -25.11
C ALA E 130 5.54 -22.95 -24.82
N PHE E 131 4.62 -22.06 -24.45
CA PHE E 131 3.28 -22.48 -24.07
C PHE E 131 2.37 -22.68 -25.28
N VAL E 132 2.62 -21.95 -26.37
CA VAL E 132 1.82 -22.14 -27.57
C VAL E 132 2.02 -23.53 -28.14
N PHE E 133 3.27 -24.00 -28.17
CA PHE E 133 3.53 -25.35 -28.68
C PHE E 133 2.90 -26.40 -27.79
N THR E 134 2.97 -26.23 -26.47
CA THR E 134 2.34 -27.17 -25.56
C THR E 134 0.84 -27.21 -25.76
N ARG E 135 0.23 -26.05 -25.99
CA ARG E 135 -1.21 -25.98 -26.17
C ARG E 135 -1.64 -26.56 -27.52
N ASP E 136 -0.70 -26.67 -28.46
CA ASP E 136 -1.02 -27.22 -29.76
C ASP E 136 -0.99 -28.75 -29.78
N ARG E 137 -0.10 -29.39 -29.01
CA ARG E 137 -0.12 -30.85 -28.95
C ARG E 137 -1.40 -31.37 -28.35
N LEU E 138 -2.01 -30.60 -27.45
CA LEU E 138 -3.11 -31.09 -26.64
C LEU E 138 -4.27 -31.53 -27.52
N CYS E 139 -4.60 -32.82 -27.44
CA CYS E 139 -5.61 -33.42 -28.30
C CYS E 139 -6.55 -34.26 -27.45
N VAL E 140 -7.75 -34.48 -27.99
CA VAL E 140 -8.81 -35.19 -27.28
C VAL E 140 -9.22 -36.40 -28.11
N PRO E 141 -9.49 -37.56 -27.51
CA PRO E 141 -9.43 -37.89 -26.08
C PRO E 141 -8.22 -38.73 -25.71
N ARG E 142 -7.18 -38.76 -26.55
CA ARG E 142 -6.03 -39.60 -26.26
C ARG E 142 -5.30 -39.11 -25.00
N ASP E 143 -5.17 -37.80 -24.85
CA ASP E 143 -4.45 -37.22 -23.72
C ASP E 143 -5.31 -37.15 -22.47
N MET E 144 -6.41 -36.40 -22.51
CA MET E 144 -7.39 -36.42 -21.43
C MET E 144 -8.78 -36.32 -22.04
N SER E 145 -9.79 -36.36 -21.19
CA SER E 145 -11.17 -36.32 -21.65
C SER E 145 -11.50 -34.96 -22.25
N ALA E 146 -12.74 -34.82 -22.72
CA ALA E 146 -13.15 -33.58 -23.36
C ALA E 146 -13.14 -32.42 -22.38
N GLN E 147 -13.64 -32.62 -21.17
CA GLN E 147 -13.71 -31.55 -20.19
C GLN E 147 -12.36 -31.24 -19.56
N ALA E 148 -11.49 -32.24 -19.39
CA ALA E 148 -10.19 -31.99 -18.81
C ALA E 148 -9.34 -31.13 -19.73
N ALA E 149 -9.44 -31.34 -21.04
CA ALA E 149 -8.68 -30.54 -21.99
C ALA E 149 -9.09 -29.08 -21.94
N VAL E 150 -10.38 -28.81 -21.76
CA VAL E 150 -10.85 -27.43 -21.64
C VAL E 150 -10.26 -26.78 -20.41
N GLU E 151 -10.23 -27.51 -19.29
CA GLU E 151 -9.70 -26.95 -18.04
C GLU E 151 -8.21 -26.69 -18.15
N PHE E 152 -7.48 -27.60 -18.80
CA PHE E 152 -6.03 -27.41 -18.95
C PHE E 152 -5.72 -26.26 -19.89
N SER E 153 -6.40 -26.22 -21.03
CA SER E 153 -6.15 -25.14 -21.99
C SER E 153 -6.54 -23.79 -21.43
N GLY E 154 -7.49 -23.75 -20.51
CA GLY E 154 -7.86 -22.48 -19.89
C GLY E 154 -6.72 -21.88 -19.09
N ALA E 155 -5.98 -22.71 -18.36
CA ALA E 155 -4.86 -22.20 -17.58
C ALA E 155 -3.72 -21.74 -18.48
N LEU E 156 -3.49 -22.44 -19.60
CA LEU E 156 -2.40 -22.06 -20.48
C LEU E 156 -2.70 -20.76 -21.21
N ASP E 157 -3.95 -20.53 -21.60
CA ASP E 157 -4.30 -19.26 -22.22
C ASP E 157 -4.20 -18.10 -21.23
N TYR E 158 -4.41 -18.38 -19.95
CA TYR E 158 -4.22 -17.34 -18.94
C TYR E 158 -2.76 -16.92 -18.85
N VAL E 159 -1.85 -17.90 -18.88
CA VAL E 159 -0.43 -17.58 -18.75
C VAL E 159 0.06 -16.79 -19.95
N ILE E 160 -0.34 -17.19 -21.16
CA ILE E 160 0.12 -16.53 -22.37
C ILE E 160 -0.34 -15.08 -22.40
N ASN E 161 -1.60 -14.84 -22.00
CA ASN E 161 -2.15 -13.49 -22.08
C ASN E 161 -1.42 -12.53 -21.14
N SER E 162 -0.85 -13.03 -20.06
CA SER E 162 -0.09 -12.15 -19.16
C SER E 162 1.27 -11.80 -19.76
N LEU E 163 1.84 -12.69 -20.55
CA LEU E 163 3.09 -12.40 -21.23
C LEU E 163 2.89 -11.65 -22.54
N CYS E 164 1.66 -11.55 -23.03
CA CYS E 164 1.35 -10.75 -24.21
C CYS E 164 1.25 -9.28 -23.84
N MET F 1 -25.69 -4.12 -12.52
CA MET F 1 -25.88 -4.79 -11.24
C MET F 1 -27.21 -5.55 -11.29
N LEU F 2 -27.72 -5.74 -12.50
CA LEU F 2 -28.87 -6.60 -12.75
C LEU F 2 -28.52 -7.64 -13.80
N ASP F 3 -28.75 -8.89 -13.48
CA ASP F 3 -28.59 -9.99 -14.43
C ASP F 3 -29.93 -10.28 -15.09
N ALA F 4 -30.01 -11.38 -15.84
CA ALA F 4 -31.24 -11.71 -16.54
C ALA F 4 -32.33 -12.13 -15.56
N PHE F 5 -31.96 -12.80 -14.47
CA PHE F 5 -32.95 -13.20 -13.48
C PHE F 5 -33.52 -11.99 -12.74
N SER F 6 -32.64 -11.07 -12.33
CA SER F 6 -33.12 -9.90 -11.59
C SER F 6 -33.92 -8.96 -12.49
N ARG F 7 -33.67 -8.98 -13.79
CA ARG F 7 -34.47 -8.15 -14.69
C ARG F 7 -35.91 -8.62 -14.73
N VAL F 8 -36.14 -9.93 -14.58
CA VAL F 8 -37.50 -10.45 -14.62
C VAL F 8 -38.32 -9.92 -13.45
N VAL F 9 -37.72 -9.90 -12.25
CA VAL F 9 -38.47 -9.48 -11.08
C VAL F 9 -38.60 -7.96 -11.02
N VAL F 10 -37.72 -7.23 -11.69
CA VAL F 10 -37.87 -5.78 -11.74
C VAL F 10 -39.09 -5.40 -12.57
N ASN F 11 -39.30 -6.09 -13.70
CA ASN F 11 -40.48 -5.84 -14.51
C ASN F 11 -41.75 -6.25 -13.76
N SER F 12 -41.69 -7.36 -13.01
CA SER F 12 -42.87 -7.81 -12.27
C SER F 12 -43.19 -6.89 -11.10
N ASP F 13 -42.17 -6.31 -10.47
CA ASP F 13 -42.40 -5.43 -9.33
C ASP F 13 -43.15 -4.18 -9.74
N SER F 14 -43.00 -3.74 -11.00
CA SER F 14 -43.67 -2.52 -11.44
C SER F 14 -45.18 -2.68 -11.45
N LYS F 15 -45.68 -3.91 -11.56
CA LYS F 15 -47.12 -4.17 -11.51
C LYS F 15 -47.52 -4.91 -10.24
N ALA F 16 -46.59 -5.08 -9.29
CA ALA F 16 -46.86 -5.73 -8.00
C ALA F 16 -47.46 -7.12 -8.20
N ALA F 17 -46.87 -7.89 -9.10
CA ALA F 17 -47.38 -9.22 -9.43
C ALA F 17 -46.34 -10.28 -9.14
N TYR F 18 -46.80 -11.44 -8.70
CA TYR F 18 -45.91 -12.58 -8.54
C TYR F 18 -45.37 -13.00 -9.90
N VAL F 19 -44.20 -13.66 -9.89
CA VAL F 19 -43.57 -14.07 -11.13
C VAL F 19 -44.49 -15.06 -11.83
N SER F 20 -44.98 -14.67 -13.01
CA SER F 20 -45.98 -15.44 -13.72
C SER F 20 -45.36 -16.66 -14.40
N GLY F 21 -46.24 -17.50 -14.94
CA GLY F 21 -45.77 -18.72 -15.60
C GLY F 21 -44.98 -18.44 -16.87
N SER F 22 -45.42 -17.45 -17.64
CA SER F 22 -44.73 -17.15 -18.91
C SER F 22 -43.30 -16.70 -18.66
N ASP F 23 -43.07 -15.84 -17.66
CA ASP F 23 -41.72 -15.39 -17.36
C ASP F 23 -40.85 -16.54 -16.88
N LEU F 24 -41.41 -17.40 -16.02
CA LEU F 24 -40.64 -18.55 -15.53
C LEU F 24 -40.31 -19.51 -16.66
N GLN F 25 -41.15 -19.56 -17.69
CA GLN F 25 -40.86 -20.42 -18.84
C GLN F 25 -39.69 -19.89 -19.65
N ALA F 26 -39.58 -18.56 -19.78
CA ALA F 26 -38.44 -17.99 -20.50
C ALA F 26 -37.15 -18.18 -19.73
N LEU F 27 -37.21 -18.11 -18.39
CA LEU F 27 -36.01 -18.30 -17.58
C LEU F 27 -35.50 -19.73 -17.65
N LYS F 28 -36.39 -20.70 -17.83
CA LYS F 28 -35.95 -22.09 -17.92
C LYS F 28 -35.09 -22.32 -19.15
N THR F 29 -35.37 -21.58 -20.24
CA THR F 29 -34.53 -21.68 -21.43
C THR F 29 -33.13 -21.12 -21.18
N PHE F 30 -33.05 -20.00 -20.45
CA PHE F 30 -31.75 -19.45 -20.08
C PHE F 30 -30.91 -20.48 -19.33
N ILE F 31 -31.52 -21.18 -18.38
CA ILE F 31 -30.78 -22.20 -17.65
C ILE F 31 -30.43 -23.37 -18.56
N ALA F 32 -31.34 -23.74 -19.46
CA ALA F 32 -31.05 -24.82 -20.41
C ALA F 32 -29.91 -24.44 -21.34
N ASP F 33 -29.90 -23.20 -21.83
CA ASP F 33 -28.84 -22.72 -22.69
C ASP F 33 -27.70 -22.08 -21.90
N GLY F 34 -27.56 -22.40 -20.61
CA GLY F 34 -26.51 -21.80 -19.82
C GLY F 34 -25.13 -22.23 -20.26
N ASN F 35 -24.96 -23.51 -20.58
CA ASN F 35 -23.65 -24.00 -21.00
C ASN F 35 -23.20 -23.34 -22.30
N LYS F 36 -24.15 -23.09 -23.21
CA LYS F 36 -23.81 -22.38 -24.44
C LYS F 36 -23.31 -20.97 -24.15
N ARG F 37 -23.92 -20.33 -23.15
CA ARG F 37 -23.50 -18.95 -22.76
C ARG F 37 -22.09 -19.01 -22.13
N LEU F 38 -21.87 -19.95 -21.21
CA LEU F 38 -20.54 -20.09 -20.56
C LEU F 38 -19.45 -20.13 -21.63
N ASP F 39 -19.59 -21.03 -22.61
CA ASP F 39 -18.58 -21.17 -23.69
C ASP F 39 -18.28 -19.81 -24.31
N ALA F 40 -19.31 -19.02 -24.64
CA ALA F 40 -19.11 -17.72 -25.31
C ALA F 40 -18.13 -16.86 -24.50
N VAL F 41 -18.44 -16.61 -23.23
CA VAL F 41 -17.56 -15.80 -22.35
C VAL F 41 -16.13 -16.36 -22.45
N ASN F 42 -15.98 -17.67 -22.26
CA ASN F 42 -14.62 -18.29 -22.28
C ASN F 42 -13.85 -17.88 -23.54
N SER F 43 -14.49 -17.95 -24.71
CA SER F 43 -13.78 -17.66 -25.95
C SER F 43 -13.32 -16.20 -26.01
N ILE F 44 -14.13 -15.27 -25.53
CA ILE F 44 -13.77 -13.86 -25.60
C ILE F 44 -12.57 -13.56 -24.71
N VAL F 45 -12.63 -14.00 -23.45
CA VAL F 45 -11.58 -13.60 -22.51
C VAL F 45 -10.26 -14.30 -22.82
N SER F 46 -10.30 -15.43 -23.51
CA SER F 46 -9.07 -16.08 -23.92
C SER F 46 -8.35 -15.29 -25.02
N ASN F 47 -9.09 -14.67 -25.93
CA ASN F 47 -8.51 -13.92 -27.03
C ASN F 47 -8.69 -12.42 -26.86
N ALA F 48 -8.92 -11.94 -25.64
CA ALA F 48 -9.15 -10.52 -25.43
C ALA F 48 -7.89 -9.70 -25.71
N SER F 49 -6.72 -10.32 -25.58
CA SER F 49 -5.47 -9.60 -25.81
C SER F 49 -5.33 -9.20 -27.27
N CYS F 50 -5.71 -10.08 -28.20
CA CYS F 50 -5.50 -9.78 -29.61
C CYS F 50 -6.70 -9.10 -30.25
N ILE F 51 -7.88 -9.20 -29.63
CA ILE F 51 -9.05 -8.50 -30.17
C ILE F 51 -8.85 -7.00 -30.10
N VAL F 52 -8.36 -6.50 -28.96
CA VAL F 52 -8.18 -5.06 -28.79
C VAL F 52 -7.01 -4.57 -29.63
N SER F 53 -6.13 -5.48 -30.05
CA SER F 53 -5.02 -5.08 -30.90
C SER F 53 -5.44 -4.97 -32.36
N ASP F 54 -6.27 -5.90 -32.83
CA ASP F 54 -6.78 -5.81 -34.19
C ASP F 54 -7.64 -4.56 -34.35
N ALA F 55 -8.43 -4.24 -33.33
CA ALA F 55 -9.33 -3.09 -33.42
C ALA F 55 -8.54 -1.79 -33.46
N VAL F 56 -7.63 -1.60 -32.51
CA VAL F 56 -6.92 -0.32 -32.41
C VAL F 56 -5.96 -0.15 -33.59
N SER F 57 -5.21 -1.20 -33.92
CA SER F 57 -4.33 -1.11 -35.09
C SER F 57 -5.13 -0.97 -36.37
N GLY F 58 -6.25 -1.70 -36.48
CA GLY F 58 -7.07 -1.62 -37.67
C GLY F 58 -7.70 -0.26 -37.86
N MET F 59 -8.08 0.39 -36.76
CA MET F 59 -8.67 1.72 -36.84
C MET F 59 -7.64 2.75 -37.31
N ILE F 60 -6.37 2.56 -36.96
CA ILE F 60 -5.34 3.51 -37.33
C ILE F 60 -5.06 3.45 -38.83
N CYS F 61 -5.02 2.25 -39.40
CA CYS F 61 -4.66 2.10 -40.82
C CYS F 61 -5.70 2.75 -41.73
N GLU F 62 -6.98 2.63 -41.41
CA GLU F 62 -8.01 3.24 -42.24
C GLU F 62 -8.12 4.75 -42.04
N ASN F 63 -7.60 5.27 -40.94
CA ASN F 63 -7.62 6.71 -40.64
C ASN F 63 -6.24 7.12 -40.17
N PRO F 64 -5.29 7.29 -41.09
CA PRO F 64 -3.91 7.59 -40.67
C PRO F 64 -3.74 8.96 -40.04
N GLY F 65 -4.77 9.79 -39.99
CA GLY F 65 -4.64 11.11 -39.41
C GLY F 65 -4.52 11.13 -37.90
N LEU F 66 -4.79 9.99 -37.25
CA LEU F 66 -4.69 9.95 -35.80
C LEU F 66 -3.24 9.98 -35.33
N ILE F 67 -2.33 9.32 -36.06
CA ILE F 67 -0.92 9.30 -35.68
C ILE F 67 -0.14 10.48 -36.21
N ALA F 68 -0.75 11.31 -37.06
CA ALA F 68 -0.11 12.53 -37.52
C ALA F 68 -0.01 13.51 -36.35
N PRO F 69 0.96 14.43 -36.40
CA PRO F 69 1.14 15.38 -35.29
C PRO F 69 -0.13 16.16 -35.02
N GLY F 70 -0.46 16.31 -33.74
CA GLY F 70 -1.69 16.92 -33.33
C GLY F 70 -2.87 15.97 -33.25
N GLY F 71 -2.71 14.74 -33.73
CA GLY F 71 -3.78 13.77 -33.61
C GLY F 71 -3.98 13.31 -32.18
N ASN F 72 -5.09 12.61 -31.96
CA ASN F 72 -5.42 12.21 -30.60
C ASN F 72 -4.74 10.91 -30.19
N CYS F 73 -4.02 10.25 -31.11
CA CYS F 73 -3.25 9.06 -30.80
C CYS F 73 -1.79 9.23 -31.22
N TYR F 74 -1.20 10.40 -30.94
CA TYR F 74 0.11 10.70 -31.50
C TYR F 74 1.24 10.07 -30.69
N THR F 75 1.41 10.49 -29.44
CA THR F 75 2.55 10.04 -28.66
C THR F 75 2.30 8.66 -28.08
N ASN F 76 3.29 8.17 -27.32
CA ASN F 76 3.13 6.88 -26.66
C ASN F 76 2.08 6.95 -25.55
N ARG F 77 2.03 8.06 -24.82
CA ARG F 77 1.05 8.19 -23.75
C ARG F 77 -0.37 8.16 -24.29
N ARG F 78 -0.60 8.84 -25.42
CA ARG F 78 -1.92 8.80 -26.06
C ARG F 78 -2.20 7.41 -26.65
N MET F 79 -1.17 6.76 -27.20
CA MET F 79 -1.35 5.42 -27.75
C MET F 79 -1.64 4.42 -26.65
N ALA F 80 -0.99 4.55 -25.50
CA ALA F 80 -1.20 3.63 -24.40
C ALA F 80 -2.61 3.74 -23.84
N ALA F 81 -3.12 4.97 -23.69
CA ALA F 81 -4.44 5.17 -23.13
C ALA F 81 -5.52 4.73 -24.12
N CYS F 82 -5.19 4.69 -25.41
CA CYS F 82 -6.15 4.20 -26.39
C CYS F 82 -6.35 2.69 -26.24
N LEU F 83 -5.27 1.94 -26.01
CA LEU F 83 -5.38 0.50 -25.86
C LEU F 83 -6.06 0.13 -24.54
N ARG F 84 -5.75 0.88 -23.48
CA ARG F 84 -6.42 0.63 -22.20
C ARG F 84 -7.91 0.87 -22.29
N ASP F 85 -8.32 1.96 -22.95
CA ASP F 85 -9.74 2.27 -23.07
C ASP F 85 -10.47 1.23 -23.94
N GLY F 86 -9.82 0.76 -25.00
CA GLY F 86 -10.43 -0.26 -25.82
C GLY F 86 -10.63 -1.57 -25.07
N GLU F 87 -9.69 -1.89 -24.18
CA GLU F 87 -9.80 -3.13 -23.41
C GLU F 87 -10.83 -3.01 -22.30
N ILE F 88 -11.00 -1.81 -21.73
CA ILE F 88 -12.02 -1.62 -20.71
C ILE F 88 -13.40 -1.78 -21.31
N ILE F 89 -13.61 -1.22 -22.51
CA ILE F 89 -14.91 -1.35 -23.18
C ILE F 89 -15.22 -2.81 -23.46
N LEU F 90 -14.23 -3.56 -23.94
CA LEU F 90 -14.43 -4.99 -24.17
C LEU F 90 -14.64 -5.73 -22.86
N ARG F 91 -14.07 -5.22 -21.76
CA ARG F 91 -14.21 -5.92 -20.49
C ARG F 91 -15.66 -5.93 -20.02
N TYR F 92 -16.37 -4.83 -20.19
CA TYR F 92 -17.75 -4.75 -19.72
C TYR F 92 -18.71 -5.51 -20.63
N THR F 93 -18.36 -5.66 -21.91
CA THR F 93 -19.19 -6.46 -22.80
C THR F 93 -19.23 -7.92 -22.34
N SER F 94 -18.08 -8.44 -21.88
CA SER F 94 -18.07 -9.79 -21.32
C SER F 94 -18.89 -9.87 -20.04
N TYR F 95 -18.90 -8.81 -19.23
CA TYR F 95 -19.75 -8.77 -18.05
C TYR F 95 -21.23 -8.82 -18.44
N ALA F 96 -21.61 -8.07 -19.47
CA ALA F 96 -23.00 -8.07 -19.91
C ALA F 96 -23.38 -9.39 -20.55
N LEU F 97 -22.46 -9.99 -21.30
CA LEU F 97 -22.74 -11.28 -21.93
C LEU F 97 -22.87 -12.39 -20.88
N LEU F 98 -22.04 -12.34 -19.84
CA LEU F 98 -22.14 -13.34 -18.77
C LEU F 98 -23.43 -13.17 -17.98
N ALA F 99 -23.76 -11.94 -17.60
CA ALA F 99 -24.95 -11.70 -16.79
C ALA F 99 -26.23 -11.83 -17.59
N GLY F 100 -26.16 -11.66 -18.92
CA GLY F 100 -27.34 -11.72 -19.75
C GLY F 100 -28.12 -10.44 -19.83
N ASP F 101 -27.68 -9.38 -19.15
CA ASP F 101 -28.35 -8.09 -19.18
C ASP F 101 -27.30 -7.01 -19.39
N SER F 102 -27.73 -5.90 -20.01
CA SER F 102 -26.82 -4.85 -20.38
C SER F 102 -26.78 -3.69 -19.37
N SER F 103 -27.42 -3.85 -18.22
CA SER F 103 -27.43 -2.78 -17.23
C SER F 103 -26.03 -2.50 -16.69
N VAL F 104 -25.25 -3.56 -16.46
CA VAL F 104 -23.88 -3.38 -15.96
C VAL F 104 -23.06 -2.59 -16.96
N LEU F 105 -23.28 -2.83 -18.26
CA LEU F 105 -22.57 -2.07 -19.29
C LEU F 105 -22.96 -0.60 -19.28
N GLU F 106 -24.26 -0.32 -19.16
CA GLU F 106 -24.73 1.07 -19.25
C GLU F 106 -24.41 1.86 -17.99
N ASP F 107 -24.61 1.25 -16.83
CA ASP F 107 -24.55 2.02 -15.57
C ASP F 107 -23.11 2.31 -15.15
N ARG F 108 -22.20 1.37 -15.35
CA ARG F 108 -20.84 1.52 -14.83
C ARG F 108 -19.84 2.00 -15.87
N CYS F 109 -20.13 1.88 -17.15
CA CYS F 109 -19.22 2.30 -18.19
C CYS F 109 -19.80 3.42 -19.05
N LEU F 110 -20.99 3.22 -19.60
CA LEU F 110 -21.51 4.15 -20.60
C LEU F 110 -22.11 5.41 -19.98
N ASN F 111 -22.22 5.47 -18.66
CA ASN F 111 -22.81 6.63 -18.00
C ASN F 111 -21.81 7.78 -18.00
N GLY F 112 -22.10 8.82 -18.78
CA GLY F 112 -21.23 9.97 -18.85
C GLY F 112 -20.05 9.84 -19.79
N LEU F 113 -19.98 8.77 -20.57
CA LEU F 113 -18.83 8.58 -21.46
C LEU F 113 -18.80 9.66 -22.54
N LYS F 114 -19.95 10.02 -23.09
CA LYS F 114 -19.98 11.04 -24.14
C LYS F 114 -19.51 12.39 -23.60
N GLU F 115 -19.93 12.76 -22.40
CA GLU F 115 -19.50 14.02 -21.81
C GLU F 115 -17.99 14.04 -21.58
N THR F 116 -17.43 12.92 -21.12
CA THR F 116 -16.00 12.85 -20.88
C THR F 116 -15.20 12.99 -22.19
N TYR F 117 -15.65 12.31 -23.24
CA TYR F 117 -14.90 12.32 -24.49
C TYR F 117 -14.93 13.69 -25.16
N ILE F 118 -16.05 14.39 -25.06
CA ILE F 118 -16.15 15.72 -25.66
C ILE F 118 -15.19 16.69 -24.99
N ALA F 119 -15.08 16.62 -23.66
CA ALA F 119 -14.16 17.50 -22.94
C ALA F 119 -12.72 17.24 -23.34
N LEU F 120 -12.35 15.96 -23.49
CA LEU F 120 -10.98 15.61 -23.83
C LEU F 120 -10.68 15.76 -25.32
N GLY F 121 -11.71 15.88 -26.15
CA GLY F 121 -11.50 16.08 -27.58
C GLY F 121 -11.31 14.81 -28.38
N VAL F 122 -11.67 13.65 -27.84
CA VAL F 122 -11.53 12.38 -28.56
C VAL F 122 -12.51 12.36 -29.72
N PRO F 123 -12.06 12.10 -30.95
CA PRO F 123 -13.00 12.07 -32.08
C PRO F 123 -13.98 10.92 -31.96
N THR F 124 -15.26 11.21 -32.24
CA THR F 124 -16.30 10.20 -32.12
C THR F 124 -16.30 9.25 -33.31
N ASN F 125 -16.04 9.75 -34.51
CA ASN F 125 -16.09 8.91 -35.69
C ASN F 125 -15.00 7.84 -35.65
N SER F 126 -13.86 8.16 -35.05
CA SER F 126 -12.80 7.17 -34.90
C SER F 126 -13.14 6.15 -33.82
N THR F 127 -13.74 6.59 -32.71
CA THR F 127 -14.03 5.69 -31.61
C THR F 127 -15.02 4.61 -32.02
N VAL F 128 -16.06 4.97 -32.76
CA VAL F 128 -17.05 3.98 -33.18
C VAL F 128 -16.48 3.05 -34.23
N ARG F 129 -15.45 3.48 -34.96
CA ARG F 129 -14.79 2.58 -35.90
C ARG F 129 -14.04 1.48 -35.17
N ALA F 130 -13.37 1.81 -34.08
CA ALA F 130 -12.66 0.80 -33.31
C ALA F 130 -13.62 -0.20 -32.70
N VAL F 131 -14.76 0.27 -32.18
CA VAL F 131 -15.72 -0.63 -31.58
C VAL F 131 -16.37 -1.53 -32.63
N SER F 132 -16.66 -0.97 -33.80
CA SER F 132 -17.26 -1.77 -34.87
C SER F 132 -16.30 -2.85 -35.35
N ILE F 133 -14.99 -2.62 -35.20
CA ILE F 133 -14.04 -3.70 -35.49
C ILE F 133 -14.07 -4.73 -34.37
N MET F 134 -14.15 -4.28 -33.12
CA MET F 134 -14.23 -5.22 -31.99
C MET F 134 -15.48 -6.08 -32.10
N LYS F 135 -16.59 -5.51 -32.55
CA LYS F 135 -17.83 -6.28 -32.70
C LYS F 135 -17.64 -7.41 -33.69
N SER F 136 -16.96 -7.13 -34.80
CA SER F 136 -16.70 -8.17 -35.79
C SER F 136 -15.77 -9.24 -35.24
N SER F 137 -14.75 -8.83 -34.49
CA SER F 137 -13.82 -9.79 -33.92
C SER F 137 -14.50 -10.69 -32.88
N ALA F 138 -15.34 -10.10 -32.04
CA ALA F 138 -16.02 -10.89 -31.01
C ALA F 138 -16.97 -11.90 -31.62
N VAL F 139 -17.70 -11.50 -32.66
CA VAL F 139 -18.64 -12.41 -33.31
C VAL F 139 -17.90 -13.55 -33.98
N ALA F 140 -16.73 -13.27 -34.57
CA ALA F 140 -15.95 -14.32 -35.22
C ALA F 140 -15.48 -15.36 -34.22
N PHE F 141 -15.12 -14.93 -33.01
CA PHE F 141 -14.62 -15.87 -32.01
C PHE F 141 -15.74 -16.67 -31.37
N ILE F 142 -16.92 -16.06 -31.20
CA ILE F 142 -18.04 -16.78 -30.62
C ILE F 142 -18.52 -17.88 -31.56
N SER F 143 -18.70 -17.56 -32.83
CA SER F 143 -19.12 -18.54 -33.82
C SER F 143 -18.00 -19.48 -34.23
N ASN F 144 -16.78 -19.26 -33.71
CA ASN F 144 -15.63 -20.11 -34.00
C ASN F 144 -15.27 -20.08 -35.48
N THR F 145 -15.36 -18.89 -36.09
CA THR F 145 -14.97 -18.70 -37.48
C THR F 145 -13.68 -17.92 -37.62
N ALA F 146 -12.90 -17.78 -36.54
CA ALA F 146 -11.62 -17.11 -36.63
C ALA F 146 -10.69 -17.89 -37.55
N SER F 147 -10.01 -17.17 -38.43
CA SER F 147 -9.23 -17.83 -39.48
C SER F 147 -8.03 -18.59 -38.90
N GLN F 148 -7.31 -17.98 -37.96
CA GLN F 148 -6.08 -18.58 -37.46
C GLN F 148 -6.28 -19.50 -36.27
N ARG F 149 -7.15 -19.15 -35.32
CA ARG F 149 -7.26 -19.89 -34.07
C ARG F 149 -8.63 -20.53 -33.96
N LYS F 150 -8.64 -21.82 -33.63
CA LYS F 150 -9.87 -22.59 -33.46
C LYS F 150 -9.87 -23.24 -32.09
N MET F 151 -11.05 -23.33 -31.49
CA MET F 151 -11.25 -24.02 -30.23
C MET F 151 -12.22 -25.17 -30.44
N ALA F 152 -11.84 -26.36 -29.97
CA ALA F 152 -12.64 -27.55 -30.20
C ALA F 152 -13.79 -27.62 -29.20
N THR F 153 -15.02 -27.55 -29.70
CA THR F 153 -16.22 -27.62 -28.88
C THR F 153 -17.24 -28.50 -29.58
N ALA F 154 -18.21 -28.98 -28.80
CA ALA F 154 -19.26 -29.81 -29.37
C ALA F 154 -20.09 -29.01 -30.38
N ASP F 155 -20.55 -29.68 -31.42
CA ASP F 155 -21.27 -29.01 -32.48
C ASP F 155 -22.58 -28.44 -31.96
N GLY F 156 -22.93 -27.25 -32.43
CA GLY F 156 -24.14 -26.59 -31.99
C GLY F 156 -24.32 -25.28 -32.72
N ASP F 157 -25.39 -24.57 -32.35
CA ASP F 157 -25.77 -23.31 -32.96
C ASP F 157 -25.75 -22.21 -31.91
N CYS F 158 -25.04 -21.12 -32.22
CA CYS F 158 -24.96 -19.97 -31.33
C CYS F 158 -25.40 -18.68 -32.02
N SER F 159 -26.40 -18.78 -32.90
CA SER F 159 -26.96 -17.57 -33.50
C SER F 159 -27.57 -16.66 -32.45
N ALA F 160 -28.18 -17.25 -31.42
CA ALA F 160 -28.73 -16.44 -30.33
C ALA F 160 -27.64 -15.73 -29.55
N LEU F 161 -26.53 -16.41 -29.31
CA LEU F 161 -25.45 -15.80 -28.52
C LEU F 161 -24.69 -14.76 -29.33
N SER F 162 -24.38 -15.06 -30.59
CA SER F 162 -23.64 -14.11 -31.42
C SER F 162 -24.46 -12.86 -31.69
N SER F 163 -25.77 -13.03 -31.89
CA SER F 163 -26.63 -11.85 -32.06
C SER F 163 -26.67 -11.03 -30.78
N GLU F 164 -26.65 -11.68 -29.63
CA GLU F 164 -26.67 -10.96 -28.36
C GLU F 164 -25.41 -10.11 -28.19
N VAL F 165 -24.26 -10.61 -28.63
CA VAL F 165 -23.03 -9.84 -28.56
C VAL F 165 -23.15 -8.58 -29.43
N ALA F 166 -23.81 -8.71 -30.57
CA ALA F 166 -23.94 -7.57 -31.48
C ALA F 166 -24.72 -6.43 -30.84
N SER F 167 -25.79 -6.73 -30.11
CA SER F 167 -26.62 -5.68 -29.53
C SER F 167 -25.87 -4.90 -28.46
N TYR F 168 -25.00 -5.57 -27.70
CA TYR F 168 -24.25 -4.87 -26.66
C TYR F 168 -23.27 -3.87 -27.25
N CYS F 169 -22.63 -4.23 -28.36
CA CYS F 169 -21.70 -3.31 -29.00
C CYS F 169 -22.42 -2.15 -29.67
N ASP F 170 -23.62 -2.40 -30.22
CA ASP F 170 -24.39 -1.32 -30.82
C ASP F 170 -24.86 -0.32 -29.77
N LYS F 171 -24.99 -0.76 -28.51
CA LYS F 171 -25.30 0.19 -27.44
C LYS F 171 -24.13 1.12 -27.18
N VAL F 172 -22.89 0.61 -27.31
CA VAL F 172 -21.72 1.45 -27.07
C VAL F 172 -21.58 2.51 -28.16
N SER F 173 -21.83 2.13 -29.41
CA SER F 173 -21.76 3.09 -30.50
C SER F 173 -22.82 4.17 -30.37
N ALA F 174 -24.03 3.78 -29.92
CA ALA F 174 -25.12 4.75 -29.80
C ALA F 174 -24.91 5.69 -28.61
N ALA F 175 -24.27 5.21 -27.55
CA ALA F 175 -24.05 6.06 -26.38
C ALA F 175 -23.15 7.25 -26.69
N ILE F 176 -22.07 7.02 -27.43
CA ILE F 176 -21.13 8.09 -27.76
C ILE F 176 -21.40 8.62 -29.16
N MET G 1 7.15 20.05 -18.23
CA MET G 1 8.46 19.68 -18.72
C MET G 1 9.53 19.95 -17.68
N LYS G 2 10.13 18.89 -17.14
CA LYS G 2 11.17 19.04 -16.15
C LYS G 2 12.42 19.67 -16.78
N SER G 3 12.95 20.69 -16.12
CA SER G 3 14.19 21.34 -16.55
C SER G 3 14.73 22.11 -15.37
N VAL G 4 15.79 22.89 -15.62
CA VAL G 4 16.43 23.65 -14.53
C VAL G 4 15.47 24.72 -14.02
N ILE G 5 14.87 25.48 -14.92
CA ILE G 5 14.00 26.58 -14.52
C ILE G 5 12.72 26.05 -13.88
N THR G 6 12.14 25.03 -14.50
CA THR G 6 10.86 24.52 -14.04
C THR G 6 10.95 23.95 -12.63
N THR G 7 12.03 23.24 -12.32
CA THR G 7 12.17 22.61 -11.02
C THR G 7 12.20 23.63 -9.89
N THR G 8 12.97 24.70 -10.07
CA THR G 8 13.08 25.71 -9.02
C THR G 8 11.77 26.47 -8.82
N ILE G 9 11.10 26.84 -9.91
CA ILE G 9 9.83 27.55 -9.79
C ILE G 9 8.78 26.67 -9.14
N SER G 10 8.70 25.40 -9.54
CA SER G 10 7.72 24.49 -8.95
C SER G 10 7.99 24.27 -7.47
N ALA G 11 9.26 24.15 -7.10
CA ALA G 11 9.62 23.97 -5.69
C ALA G 11 9.27 25.20 -4.87
N ALA G 12 9.51 26.39 -5.41
CA ALA G 12 9.21 27.61 -4.68
C ALA G 12 7.70 27.86 -4.61
N ASP G 13 6.98 27.53 -5.69
CA ASP G 13 5.52 27.70 -5.67
C ASP G 13 4.86 26.79 -4.64
N ALA G 14 5.44 25.62 -4.40
CA ALA G 14 4.87 24.69 -3.43
C ALA G 14 4.88 25.29 -2.04
N ALA G 15 5.94 26.00 -1.68
CA ALA G 15 6.06 26.61 -0.36
C ALA G 15 5.55 28.03 -0.30
N GLY G 16 5.11 28.60 -1.43
CA GLY G 16 4.61 29.96 -1.42
C GLY G 16 5.64 31.01 -1.09
N ARG G 17 6.81 30.94 -1.70
CA ARG G 17 7.88 31.89 -1.47
C ARG G 17 8.23 32.61 -2.77
N PHE G 18 8.78 33.80 -2.64
CA PHE G 18 9.28 34.53 -3.80
C PHE G 18 10.57 33.88 -4.28
N PRO G 19 10.91 34.07 -5.55
CA PRO G 19 12.22 33.60 -6.03
C PRO G 19 13.34 34.33 -5.30
N SER G 20 14.16 33.55 -4.59
CA SER G 20 15.19 34.15 -3.76
C SER G 20 16.56 33.70 -4.24
N SER G 21 17.61 34.05 -3.49
CA SER G 21 18.97 33.82 -3.96
C SER G 21 19.25 32.35 -4.19
N SER G 22 18.54 31.47 -3.47
CA SER G 22 18.69 30.05 -3.74
C SER G 22 18.27 29.70 -5.16
N ASP G 23 17.15 30.29 -5.62
CA ASP G 23 16.59 29.90 -6.91
C ASP G 23 17.35 30.53 -8.07
N LEU G 24 17.92 31.73 -7.87
CA LEU G 24 18.61 32.39 -8.97
C LEU G 24 19.97 31.77 -9.24
N GLU G 25 20.59 31.15 -8.23
CA GLU G 25 21.88 30.50 -8.44
C GLU G 25 21.73 29.29 -9.35
N SER G 26 20.57 28.62 -9.29
CA SER G 26 20.32 27.49 -10.18
C SER G 26 20.25 27.94 -11.63
N VAL G 27 19.55 29.05 -11.89
CA VAL G 27 19.41 29.54 -13.26
C VAL G 27 20.75 29.99 -13.81
N GLN G 28 21.62 30.53 -12.97
CA GLN G 28 22.96 30.89 -13.41
C GLN G 28 23.72 29.67 -13.91
N GLY G 29 23.47 28.51 -13.30
CA GLY G 29 24.09 27.28 -13.78
C GLY G 29 23.63 26.90 -15.17
N ASN G 30 22.37 27.20 -15.48
CA ASN G 30 21.84 26.91 -16.81
C ASN G 30 22.55 27.72 -17.88
N ILE G 31 22.87 28.98 -17.56
CA ILE G 31 23.52 29.86 -18.53
C ILE G 31 24.90 29.31 -18.90
N GLN G 32 25.65 28.84 -17.89
CA GLN G 32 27.00 28.36 -18.14
C GLN G 32 26.99 27.11 -19.00
N ARG G 33 26.08 26.17 -18.73
CA ARG G 33 26.04 24.89 -19.42
C ARG G 33 25.23 24.92 -20.70
N ALA G 34 24.38 25.92 -20.90
CA ALA G 34 23.51 25.90 -22.09
C ALA G 34 24.31 26.14 -23.36
N ALA G 35 25.52 26.69 -23.24
CA ALA G 35 26.36 26.86 -24.41
C ALA G 35 26.76 25.51 -25.01
N SER G 36 27.03 24.53 -24.16
CA SER G 36 27.49 23.23 -24.64
C SER G 36 26.37 22.46 -25.30
N ARG G 37 25.20 22.38 -24.67
CA ARG G 37 24.13 21.55 -25.21
C ARG G 37 23.51 22.15 -26.47
N LEU G 38 23.41 23.47 -26.55
CA LEU G 38 22.87 24.07 -27.76
C LEU G 38 23.80 23.87 -28.95
N GLU G 39 25.09 23.63 -28.70
CA GLU G 39 25.98 23.19 -29.78
C GLU G 39 25.71 21.75 -30.16
N ALA G 40 25.35 20.91 -29.18
CA ALA G 40 25.03 19.52 -29.46
C ALA G 40 23.71 19.40 -30.21
N ALA G 41 22.76 20.28 -29.92
CA ALA G 41 21.47 20.24 -30.61
C ALA G 41 21.60 20.68 -32.07
N GLU G 42 22.49 21.64 -32.33
CA GLU G 42 22.66 22.12 -33.70
C GLU G 42 23.24 21.03 -34.60
N LYS G 43 24.20 20.26 -34.08
CA LYS G 43 24.80 19.20 -34.89
C LYS G 43 23.78 18.13 -35.22
N LEU G 44 22.94 17.75 -34.25
CA LEU G 44 21.99 16.67 -34.47
C LEU G 44 20.91 17.05 -35.47
N ALA G 45 20.48 18.31 -35.45
CA ALA G 45 19.44 18.75 -36.38
C ALA G 45 19.92 18.72 -37.81
N GLY G 46 21.17 19.09 -38.05
CA GLY G 46 21.73 19.14 -39.39
C GLY G 46 22.22 17.82 -39.95
N ASN G 47 22.18 16.75 -39.17
CA ASN G 47 22.67 15.46 -39.64
C ASN G 47 21.76 14.31 -39.21
N HIS G 48 20.47 14.57 -39.02
CA HIS G 48 19.58 13.52 -38.54
C HIS G 48 19.24 12.51 -39.62
N GLU G 49 19.31 12.91 -40.90
CA GLU G 49 18.98 11.99 -41.97
C GLU G 49 19.96 10.82 -42.01
N ALA G 50 21.26 11.12 -41.87
CA ALA G 50 22.27 10.07 -41.93
C ALA G 50 22.33 9.27 -40.64
N VAL G 51 22.09 9.91 -39.49
CA VAL G 51 22.16 9.22 -38.21
C VAL G 51 21.13 8.11 -38.14
N VAL G 52 19.89 8.40 -38.56
CA VAL G 52 18.81 7.44 -38.42
C VAL G 52 19.04 6.23 -39.30
N LYS G 53 19.55 6.45 -40.52
CA LYS G 53 19.72 5.34 -41.46
C LYS G 53 20.73 4.32 -40.94
N GLU G 54 21.86 4.79 -40.38
CA GLU G 54 22.84 3.85 -39.85
C GLU G 54 22.36 3.21 -38.55
N ALA G 55 21.66 3.98 -37.71
CA ALA G 55 21.12 3.41 -36.48
C ALA G 55 20.09 2.34 -36.76
N GLY G 56 19.26 2.54 -37.79
CA GLY G 56 18.28 1.53 -38.15
C GLY G 56 18.91 0.25 -38.66
N ASP G 57 19.99 0.37 -39.42
CA ASP G 57 20.66 -0.82 -39.95
C ASP G 57 21.30 -1.65 -38.85
N ALA G 58 21.73 -1.00 -37.76
CA ALA G 58 22.33 -1.73 -36.66
C ALA G 58 21.29 -2.55 -35.92
N CYS G 59 20.06 -2.05 -35.83
CA CYS G 59 19.01 -2.80 -35.15
C CYS G 59 18.69 -4.11 -35.87
N PHE G 60 18.68 -4.07 -37.21
CA PHE G 60 18.33 -5.25 -37.98
C PHE G 60 19.51 -6.18 -38.26
N ALA G 61 20.73 -5.66 -38.27
CA ALA G 61 21.88 -6.54 -38.46
C ALA G 61 22.12 -7.39 -37.22
N LYS G 62 21.87 -6.83 -36.04
CA LYS G 62 22.03 -7.60 -34.80
C LYS G 62 20.99 -8.69 -34.68
N TYR G 63 19.76 -8.43 -35.10
CA TYR G 63 18.64 -9.36 -34.97
C TYR G 63 18.03 -9.59 -36.33
N PRO G 64 18.67 -10.42 -37.17
CA PRO G 64 18.10 -10.70 -38.50
C PRO G 64 16.82 -11.51 -38.44
N TYR G 65 16.49 -12.09 -37.30
CA TYR G 65 15.28 -12.92 -37.20
C TYR G 65 14.01 -12.10 -37.35
N LEU G 66 14.10 -10.77 -37.29
CA LEU G 66 12.90 -9.94 -37.39
C LEU G 66 12.27 -10.04 -38.77
N LYS G 67 13.06 -10.34 -39.80
CA LYS G 67 12.53 -10.45 -41.15
C LYS G 67 11.75 -11.74 -41.37
N ASN G 68 11.85 -12.70 -40.45
CA ASN G 68 11.17 -13.97 -40.62
C ASN G 68 9.65 -13.78 -40.54
N PRO G 69 8.88 -14.64 -41.21
CA PRO G 69 7.42 -14.49 -41.18
C PRO G 69 6.86 -14.65 -39.78
N GLY G 70 5.79 -13.92 -39.50
CA GLY G 70 5.12 -14.00 -38.22
C GLY G 70 5.67 -13.11 -37.13
N GLU G 71 6.78 -12.42 -37.39
CA GLU G 71 7.38 -11.50 -36.43
C GLU G 71 7.16 -10.06 -36.88
N ALA G 72 7.44 -9.14 -35.97
CA ALA G 72 7.42 -7.73 -36.33
C ALA G 72 8.53 -7.42 -37.32
N GLY G 73 8.24 -6.58 -38.30
CA GLY G 73 9.20 -6.31 -39.35
C GLY G 73 9.25 -7.34 -40.45
N ASP G 74 8.18 -8.09 -40.66
CA ASP G 74 8.16 -9.14 -41.66
C ASP G 74 7.81 -8.66 -43.06
N SER G 75 7.48 -7.38 -43.22
CA SER G 75 7.11 -6.85 -44.53
C SER G 75 7.87 -5.55 -44.76
N GLN G 76 7.61 -4.93 -45.92
CA GLN G 76 8.25 -3.66 -46.21
C GLN G 76 7.59 -2.52 -45.45
N GLU G 77 6.27 -2.58 -45.28
CA GLU G 77 5.59 -1.53 -44.53
C GLU G 77 6.00 -1.53 -43.06
N LYS G 78 6.13 -2.72 -42.46
CA LYS G 78 6.55 -2.79 -41.07
C LYS G 78 7.96 -2.26 -40.87
N ILE G 79 8.87 -2.57 -41.79
CA ILE G 79 10.24 -2.06 -41.68
C ILE G 79 10.25 -0.55 -41.81
N ASN G 80 9.45 0.00 -42.73
CA ASN G 80 9.39 1.45 -42.88
C ASN G 80 8.86 2.11 -41.61
N LYS G 81 8.04 1.39 -40.84
CA LYS G 81 7.61 1.93 -39.56
C LYS G 81 8.71 1.82 -38.50
N CYS G 82 9.60 0.85 -38.63
CA CYS G 82 10.71 0.74 -37.68
C CYS G 82 11.63 1.95 -37.79
N TYR G 83 11.90 2.40 -39.00
CA TYR G 83 12.75 3.57 -39.19
C TYR G 83 12.02 4.83 -38.76
N ARG G 84 10.69 4.81 -38.75
CA ARG G 84 9.93 5.98 -38.31
C ARG G 84 10.01 6.15 -36.80
N ASP G 85 10.21 5.05 -36.06
CA ASP G 85 10.34 5.16 -34.62
C ASP G 85 11.70 5.71 -34.21
N ILE G 86 12.77 5.26 -34.88
CA ILE G 86 14.10 5.76 -34.57
C ILE G 86 14.20 7.25 -34.87
N ASP G 87 13.51 7.69 -35.91
CA ASP G 87 13.41 9.13 -36.18
C ASP G 87 12.69 9.85 -35.05
N HIS G 88 11.61 9.26 -34.55
CA HIS G 88 10.85 9.91 -33.47
C HIS G 88 11.68 9.98 -32.19
N TYR G 89 12.44 8.93 -31.89
CA TYR G 89 13.27 8.94 -30.69
C TYR G 89 14.42 9.91 -30.83
N MET G 90 15.05 9.95 -32.01
CA MET G 90 16.17 10.86 -32.20
C MET G 90 15.71 12.31 -32.27
N ARG G 91 14.43 12.54 -32.58
CA ARG G 91 13.91 13.90 -32.55
C ARG G 91 13.77 14.39 -31.12
N LEU G 92 13.31 13.53 -30.21
CA LEU G 92 13.11 13.95 -28.83
C LEU G 92 14.43 14.12 -28.10
N ILE G 93 15.47 13.40 -28.51
CA ILE G 93 16.79 13.65 -27.95
C ILE G 93 17.27 15.05 -28.34
N ASN G 94 16.92 15.49 -29.54
CA ASN G 94 17.21 16.86 -29.94
C ASN G 94 16.43 17.85 -29.10
N TYR G 95 15.22 17.48 -28.68
CA TYR G 95 14.42 18.39 -27.84
C TYR G 95 15.00 18.48 -26.44
N SER G 96 15.47 17.36 -25.88
CA SER G 96 16.00 17.37 -24.53
C SER G 96 17.24 18.24 -24.42
N LEU G 97 18.09 18.24 -25.46
CA LEU G 97 19.27 19.09 -25.44
C LEU G 97 18.89 20.56 -25.45
N VAL G 98 17.85 20.92 -26.20
CA VAL G 98 17.40 22.31 -26.25
C VAL G 98 16.77 22.71 -24.92
N VAL G 99 15.87 21.88 -24.39
CA VAL G 99 15.16 22.22 -23.17
C VAL G 99 16.11 22.29 -21.98
N GLY G 100 17.07 21.37 -21.91
CA GLY G 100 17.98 21.35 -20.78
C GLY G 100 17.59 20.38 -19.70
N GLY G 101 16.73 19.41 -20.02
CA GLY G 101 16.26 18.48 -19.02
C GLY G 101 15.55 17.32 -19.69
N THR G 102 15.14 16.37 -18.86
CA THR G 102 14.49 15.16 -19.34
C THR G 102 12.97 15.31 -19.49
N GLY G 103 12.49 16.54 -19.66
CA GLY G 103 11.09 16.79 -19.80
C GLY G 103 10.47 16.19 -21.05
N PRO G 104 10.95 16.60 -22.23
CA PRO G 104 10.35 16.09 -23.48
C PRO G 104 10.43 14.58 -23.62
N LEU G 105 11.50 13.96 -23.11
CA LEU G 105 11.61 12.51 -23.21
C LEU G 105 10.57 11.81 -22.35
N ASP G 106 10.30 12.34 -21.15
CA ASP G 106 9.48 11.63 -20.19
C ASP G 106 8.00 11.67 -20.56
N GLU G 107 7.63 12.47 -21.56
CA GLU G 107 6.23 12.67 -21.87
C GLU G 107 5.81 12.11 -23.22
N TRP G 108 6.70 12.05 -24.21
CA TRP G 108 6.31 11.71 -25.58
C TRP G 108 6.95 10.43 -26.10
N CYS G 109 7.85 9.83 -25.34
CA CYS G 109 8.42 8.53 -25.70
C CYS G 109 8.39 7.52 -24.57
N ILE G 110 8.57 7.95 -23.33
CA ILE G 110 8.82 7.02 -22.24
C ILE G 110 7.57 6.76 -21.40
N ALA G 111 6.56 7.64 -21.51
CA ALA G 111 5.43 7.58 -20.58
C ALA G 111 4.69 6.26 -20.67
N GLY G 112 4.30 5.85 -21.86
CA GLY G 112 3.59 4.61 -22.05
C GLY G 112 4.29 3.58 -22.91
N ALA G 113 5.61 3.68 -23.08
CA ALA G 113 6.31 2.78 -23.99
C ALA G 113 6.22 1.34 -23.54
N ARG G 114 6.27 1.11 -22.23
CA ARG G 114 6.26 -0.26 -21.71
C ARG G 114 4.98 -0.99 -22.09
N GLU G 115 3.83 -0.31 -21.97
CA GLU G 115 2.56 -0.96 -22.28
C GLU G 115 2.33 -1.06 -23.78
N VAL G 116 2.75 -0.06 -24.54
CA VAL G 116 2.50 -0.06 -25.97
C VAL G 116 3.30 -1.16 -26.66
N TYR G 117 4.59 -1.27 -26.33
CA TYR G 117 5.42 -2.29 -26.98
C TYR G 117 4.96 -3.69 -26.63
N ARG G 118 4.50 -3.91 -25.39
CA ARG G 118 4.00 -5.22 -25.01
C ARG G 118 2.78 -5.61 -25.84
N ALA G 119 1.84 -4.68 -26.03
CA ALA G 119 0.59 -5.02 -26.71
C ALA G 119 0.82 -5.32 -28.19
N LEU G 120 1.59 -4.49 -28.88
CA LEU G 120 1.82 -4.66 -30.30
C LEU G 120 3.00 -5.57 -30.59
N ASN G 121 3.57 -6.18 -29.56
CA ASN G 121 4.62 -7.20 -29.71
C ASN G 121 5.86 -6.66 -30.41
N LEU G 122 6.33 -5.51 -29.94
CA LEU G 122 7.62 -4.99 -30.36
C LEU G 122 8.67 -5.36 -29.32
N PRO G 123 9.72 -6.10 -29.68
CA PRO G 123 10.78 -6.37 -28.71
C PRO G 123 11.52 -5.09 -28.36
N GLY G 124 11.73 -4.86 -27.06
CA GLY G 124 12.43 -3.67 -26.62
C GLY G 124 13.92 -3.72 -26.87
N SER G 125 14.50 -4.90 -27.02
CA SER G 125 15.93 -4.99 -27.27
C SER G 125 16.30 -4.51 -28.66
N SER G 126 15.32 -4.45 -29.58
CA SER G 126 15.58 -3.86 -30.88
C SER G 126 15.94 -2.39 -30.76
N TYR G 127 15.20 -1.66 -29.92
CA TYR G 127 15.44 -0.24 -29.76
C TYR G 127 16.79 0.03 -29.11
N ILE G 128 17.14 -0.76 -28.09
CA ILE G 128 18.40 -0.56 -27.37
C ILE G 128 19.58 -0.81 -28.31
N ALA G 129 19.44 -1.78 -29.21
CA ALA G 129 20.53 -2.06 -30.15
C ALA G 129 20.81 -0.86 -31.04
N ALA G 130 19.78 -0.07 -31.35
CA ALA G 130 19.98 1.09 -32.22
C ALA G 130 20.71 2.21 -31.50
N PHE G 131 20.34 2.47 -30.24
CA PHE G 131 20.94 3.58 -29.52
C PHE G 131 22.34 3.27 -29.04
N VAL G 132 22.61 2.02 -28.67
CA VAL G 132 23.96 1.65 -28.26
C VAL G 132 24.93 1.84 -29.42
N PHE G 133 24.49 1.52 -30.64
CA PHE G 133 25.34 1.73 -31.81
C PHE G 133 25.64 3.21 -32.02
N THR G 134 24.63 4.07 -31.89
CA THR G 134 24.85 5.50 -32.09
C THR G 134 25.82 6.04 -31.05
N ARG G 135 25.76 5.48 -29.84
CA ARG G 135 26.70 5.91 -28.77
C ARG G 135 28.14 5.59 -29.22
N ASP G 136 28.31 4.52 -30.01
CA ASP G 136 29.67 4.11 -30.45
C ASP G 136 30.24 5.18 -31.40
N ARG G 137 29.49 5.53 -32.45
CA ARG G 137 29.98 6.51 -33.45
C ARG G 137 30.46 7.78 -32.74
N LEU G 138 29.72 8.25 -31.74
CA LEU G 138 30.13 9.45 -30.97
C LEU G 138 31.65 9.41 -30.73
N CYS G 139 32.39 10.36 -31.32
CA CYS G 139 33.88 10.38 -31.18
C CYS G 139 34.35 11.84 -31.18
N VAL G 140 35.26 12.21 -30.28
CA VAL G 140 35.65 13.61 -30.21
C VAL G 140 37.07 13.75 -30.73
N PRO G 141 37.40 14.82 -31.47
CA PRO G 141 36.52 15.86 -32.02
C PRO G 141 36.31 15.77 -33.52
N ARG G 142 35.99 14.60 -34.09
CA ARG G 142 35.93 14.48 -35.55
C ARG G 142 34.90 15.44 -36.14
N ASP G 143 33.73 15.55 -35.51
CA ASP G 143 32.77 16.58 -35.84
C ASP G 143 32.16 17.28 -34.62
N MET G 144 32.13 16.61 -33.47
CA MET G 144 31.56 17.16 -32.25
C MET G 144 32.67 17.81 -31.40
N SER G 145 32.26 18.63 -30.45
CA SER G 145 33.21 19.17 -29.47
C SER G 145 33.31 18.23 -28.27
N ALA G 146 34.19 18.57 -27.35
CA ALA G 146 34.44 17.70 -26.20
C ALA G 146 33.26 17.67 -25.25
N GLN G 147 32.73 18.83 -24.87
CA GLN G 147 31.67 18.88 -23.89
C GLN G 147 30.31 18.51 -24.50
N ALA G 148 30.10 18.84 -25.77
CA ALA G 148 28.81 18.54 -26.40
C ALA G 148 28.55 17.05 -26.43
N ALA G 149 29.61 16.24 -26.56
CA ALA G 149 29.45 14.79 -26.53
C ALA G 149 28.94 14.32 -25.18
N VAL G 150 29.40 14.96 -24.10
CA VAL G 150 28.97 14.56 -22.76
C VAL G 150 27.48 14.77 -22.60
N GLU G 151 26.96 15.90 -23.08
CA GLU G 151 25.53 16.17 -22.98
C GLU G 151 24.74 15.25 -23.90
N PHE G 152 25.27 14.95 -25.09
CA PHE G 152 24.55 14.07 -26.00
C PHE G 152 24.56 12.62 -25.50
N SER G 153 25.72 12.13 -25.08
CA SER G 153 25.79 10.76 -24.59
C SER G 153 25.03 10.60 -23.27
N GLY G 154 24.79 11.71 -22.57
CA GLY G 154 23.92 11.65 -21.40
C GLY G 154 22.48 11.40 -21.78
N ALA G 155 22.02 12.02 -22.87
CA ALA G 155 20.63 11.83 -23.30
C ALA G 155 20.40 10.41 -23.79
N LEU G 156 21.37 9.82 -24.47
CA LEU G 156 21.23 8.46 -24.96
C LEU G 156 21.24 7.46 -23.81
N ASP G 157 22.00 7.75 -22.75
CA ASP G 157 22.07 6.84 -21.62
C ASP G 157 20.77 6.86 -20.82
N TYR G 158 20.02 7.95 -20.91
CA TYR G 158 18.73 8.02 -20.22
C TYR G 158 17.68 7.17 -20.92
N VAL G 159 17.61 7.26 -22.24
CA VAL G 159 16.60 6.51 -22.98
C VAL G 159 16.92 5.01 -22.97
N ILE G 160 18.21 4.67 -23.06
CA ILE G 160 18.59 3.25 -23.00
C ILE G 160 18.18 2.65 -21.66
N ASN G 161 18.39 3.39 -20.58
CA ASN G 161 18.01 2.90 -19.25
C ASN G 161 16.52 2.64 -19.15
N SER G 162 15.70 3.42 -19.85
CA SER G 162 14.26 3.25 -19.77
C SER G 162 13.82 1.93 -20.40
N LEU G 163 14.44 1.54 -21.51
CA LEU G 163 14.10 0.28 -22.15
C LEU G 163 14.81 -0.90 -21.52
N CYS G 164 15.76 -0.64 -20.62
CA CYS G 164 16.46 -1.70 -19.91
C CYS G 164 15.75 -2.03 -18.60
N MET H 1 19.36 16.11 5.85
CA MET H 1 19.02 17.18 4.92
C MET H 1 20.09 18.25 4.90
N LEU H 2 21.34 17.83 5.04
CA LEU H 2 22.47 18.73 5.08
C LEU H 2 23.46 18.38 3.98
N ASP H 3 23.87 19.38 3.21
CA ASP H 3 24.90 19.21 2.21
C ASP H 3 26.26 19.46 2.85
N ALA H 4 27.30 19.54 2.03
CA ALA H 4 28.64 19.75 2.56
C ALA H 4 28.76 21.12 3.23
N PHE H 5 28.15 22.14 2.63
CA PHE H 5 28.22 23.49 3.19
C PHE H 5 27.48 23.56 4.53
N SER H 6 26.28 22.97 4.61
CA SER H 6 25.47 23.12 5.81
C SER H 6 26.04 22.33 6.98
N ARG H 7 26.88 21.34 6.73
CA ARG H 7 27.56 20.67 7.83
C ARG H 7 28.60 21.58 8.48
N VAL H 8 29.14 22.52 7.70
CA VAL H 8 30.12 23.47 8.23
C VAL H 8 29.46 24.41 9.24
N VAL H 9 28.28 24.93 8.90
CA VAL H 9 27.65 25.91 9.77
C VAL H 9 27.01 25.25 10.99
N VAL H 10 26.56 24.00 10.86
CA VAL H 10 25.98 23.31 12.01
C VAL H 10 27.04 23.10 13.09
N ASN H 11 28.24 22.69 12.69
CA ASN H 11 29.32 22.53 13.65
C ASN H 11 29.72 23.87 14.26
N SER H 12 29.73 24.94 13.45
CA SER H 12 30.07 26.25 13.99
C SER H 12 28.96 26.80 14.87
N ASP H 13 27.74 26.31 14.69
CA ASP H 13 26.63 26.75 15.53
C ASP H 13 26.80 26.28 16.96
N SER H 14 27.50 25.16 17.17
CA SER H 14 27.61 24.58 18.51
C SER H 14 28.38 25.48 19.46
N LYS H 15 29.18 26.42 18.94
CA LYS H 15 29.94 27.34 19.77
C LYS H 15 29.63 28.80 19.47
N ALA H 16 28.59 29.07 18.67
CA ALA H 16 28.16 30.43 18.37
C ALA H 16 29.30 31.27 17.78
N ALA H 17 30.00 30.70 16.79
CA ALA H 17 31.11 31.36 16.15
C ALA H 17 30.82 31.56 14.68
N TYR H 18 31.39 32.61 14.10
CA TYR H 18 31.34 32.79 12.66
C TYR H 18 32.20 31.74 11.99
N VAL H 19 31.90 31.46 10.72
CA VAL H 19 32.68 30.48 9.98
C VAL H 19 34.11 30.99 9.86
N SER H 20 35.07 30.20 10.35
CA SER H 20 36.44 30.62 10.48
C SER H 20 37.14 30.67 9.11
N GLY H 21 38.30 31.31 9.09
CA GLY H 21 39.08 31.36 7.87
C GLY H 21 39.62 29.99 7.46
N SER H 22 40.00 29.18 8.45
CA SER H 22 40.44 27.82 8.15
C SER H 22 39.28 26.97 7.64
N ASP H 23 38.10 27.13 8.23
CA ASP H 23 36.93 26.38 7.76
C ASP H 23 36.53 26.83 6.35
N LEU H 24 36.58 28.14 6.09
CA LEU H 24 36.28 28.64 4.76
C LEU H 24 37.29 28.10 3.74
N GLN H 25 38.50 27.79 4.18
CA GLN H 25 39.48 27.20 3.27
C GLN H 25 39.07 25.79 2.88
N ALA H 26 38.43 25.06 3.79
CA ALA H 26 37.98 23.71 3.47
C ALA H 26 36.89 23.74 2.39
N LEU H 27 35.99 24.72 2.46
CA LEU H 27 34.92 24.81 1.47
C LEU H 27 35.46 25.15 0.09
N LYS H 28 36.48 26.01 0.00
CA LYS H 28 37.01 26.39 -1.30
C LYS H 28 37.62 25.19 -2.02
N THR H 29 38.23 24.27 -1.26
CA THR H 29 38.71 23.03 -1.85
C THR H 29 37.54 22.20 -2.38
N PHE H 30 36.42 22.18 -1.65
CA PHE H 30 35.24 21.46 -2.10
C PHE H 30 34.71 22.04 -3.41
N ILE H 31 34.69 23.37 -3.53
CA ILE H 31 34.19 24.01 -4.74
C ILE H 31 35.14 23.81 -5.89
N ALA H 32 36.45 23.87 -5.63
CA ALA H 32 37.44 23.79 -6.71
C ALA H 32 37.35 22.46 -7.46
N ASP H 33 37.21 21.35 -6.74
CA ASP H 33 37.08 20.05 -7.36
C ASP H 33 35.63 19.66 -7.64
N GLY H 34 34.72 20.63 -7.70
CA GLY H 34 33.31 20.30 -7.92
C GLY H 34 33.06 19.78 -9.33
N ASN H 35 33.95 20.08 -10.26
CA ASN H 35 33.82 19.53 -11.60
C ASN H 35 34.14 18.04 -11.62
N LYS H 36 35.04 17.59 -10.75
CA LYS H 36 35.30 16.16 -10.61
C LYS H 36 34.11 15.46 -9.95
N ARG H 37 33.48 16.11 -8.96
CA ARG H 37 32.39 15.47 -8.24
C ARG H 37 31.21 15.20 -9.16
N LEU H 38 30.86 16.16 -10.01
CA LEU H 38 29.81 15.94 -10.99
C LEU H 38 30.26 14.92 -12.04
N ASP H 39 31.56 14.82 -12.26
CA ASP H 39 32.11 13.86 -13.21
C ASP H 39 31.96 12.43 -12.69
N ALA H 40 32.21 12.21 -11.39
CA ALA H 40 31.93 10.91 -10.77
C ALA H 40 30.46 10.53 -10.85
N VAL H 41 29.55 11.42 -10.47
CA VAL H 41 28.14 11.05 -10.33
C VAL H 41 27.54 10.67 -11.68
N ASN H 42 27.96 11.33 -12.75
CA ASN H 42 27.42 10.99 -14.06
C ASN H 42 27.78 9.57 -14.46
N SER H 43 28.87 9.04 -13.92
CA SER H 43 29.24 7.65 -14.21
C SER H 43 28.36 6.67 -13.46
N ILE H 44 28.05 6.95 -12.20
CA ILE H 44 27.22 6.04 -11.41
C ILE H 44 25.79 6.05 -11.91
N VAL H 45 25.25 7.23 -12.21
CA VAL H 45 23.88 7.35 -12.68
C VAL H 45 23.68 6.67 -14.03
N SER H 46 24.61 6.86 -14.96
CA SER H 46 24.46 6.29 -16.30
C SER H 46 24.58 4.78 -16.32
N ASN H 47 25.03 4.16 -15.23
CA ASN H 47 25.18 2.71 -15.16
C ASN H 47 24.42 2.10 -14.00
N ALA H 48 23.29 2.68 -13.60
CA ALA H 48 22.53 2.13 -12.49
C ALA H 48 21.92 0.78 -12.85
N SER H 49 21.72 0.53 -14.14
CA SER H 49 21.17 -0.75 -14.57
C SER H 49 22.17 -1.88 -14.37
N CYS H 50 23.42 -1.69 -14.83
CA CYS H 50 24.42 -2.73 -14.69
C CYS H 50 24.76 -3.00 -13.23
N ILE H 51 24.91 -1.96 -12.42
CA ILE H 51 25.39 -2.13 -11.05
C ILE H 51 24.42 -2.98 -10.24
N VAL H 52 23.12 -2.69 -10.35
CA VAL H 52 22.14 -3.40 -9.55
C VAL H 52 21.99 -4.85 -10.05
N SER H 53 21.92 -5.04 -11.36
CA SER H 53 21.73 -6.38 -11.89
C SER H 53 22.94 -7.27 -11.65
N ASP H 54 24.14 -6.73 -11.89
CA ASP H 54 25.36 -7.51 -11.66
C ASP H 54 25.52 -7.87 -10.19
N ALA H 55 25.03 -7.02 -9.29
CA ALA H 55 25.17 -7.30 -7.86
C ALA H 55 24.24 -8.40 -7.40
N VAL H 56 22.97 -8.34 -7.81
CA VAL H 56 22.00 -9.34 -7.36
C VAL H 56 22.33 -10.72 -7.92
N SER H 57 22.65 -10.80 -9.21
CA SER H 57 23.04 -12.08 -9.79
C SER H 57 24.32 -12.59 -9.15
N GLY H 58 25.27 -11.70 -8.88
CA GLY H 58 26.49 -12.12 -8.22
C GLY H 58 26.26 -12.62 -6.81
N MET H 59 25.22 -12.08 -6.13
CA MET H 59 24.93 -12.53 -4.78
C MET H 59 24.26 -13.91 -4.79
N ILE H 60 23.45 -14.19 -5.81
CA ILE H 60 22.81 -15.49 -5.91
C ILE H 60 23.81 -16.57 -6.25
N CYS H 61 24.71 -16.30 -7.20
CA CYS H 61 25.65 -17.32 -7.64
C CYS H 61 26.57 -17.78 -6.52
N GLU H 62 26.76 -16.95 -5.50
CA GLU H 62 27.55 -17.33 -4.34
C GLU H 62 26.71 -17.88 -3.20
N ASN H 63 25.38 -17.93 -3.34
CA ASN H 63 24.50 -18.49 -2.33
C ASN H 63 23.26 -19.06 -3.01
N PRO H 64 23.33 -20.31 -3.47
CA PRO H 64 22.17 -20.89 -4.16
C PRO H 64 20.95 -21.07 -3.28
N GLY H 65 21.10 -21.02 -1.95
CA GLY H 65 19.97 -21.24 -1.07
C GLY H 65 18.93 -20.14 -1.10
N LEU H 66 19.28 -18.98 -1.65
CA LEU H 66 18.31 -17.90 -1.76
C LEU H 66 17.16 -18.26 -2.69
N ILE H 67 17.48 -18.87 -3.84
CA ILE H 67 16.46 -19.23 -4.81
C ILE H 67 15.84 -20.59 -4.55
N ALA H 68 16.29 -21.31 -3.53
CA ALA H 68 15.66 -22.56 -3.16
C ALA H 68 14.30 -22.30 -2.54
N PRO H 69 13.40 -23.29 -2.56
CA PRO H 69 12.09 -23.11 -1.93
C PRO H 69 12.25 -22.73 -0.46
N GLY H 70 11.45 -21.75 -0.04
CA GLY H 70 11.59 -21.18 1.27
C GLY H 70 12.63 -20.08 1.38
N GLY H 71 13.45 -19.89 0.35
CA GLY H 71 14.41 -18.81 0.36
C GLY H 71 13.74 -17.47 0.20
N ASN H 72 14.52 -16.41 0.42
CA ASN H 72 13.95 -15.07 0.40
C ASN H 72 13.89 -14.44 -0.99
N CYS H 73 14.53 -15.05 -1.99
CA CYS H 73 14.45 -14.57 -3.36
C CYS H 73 13.92 -15.66 -4.28
N TYR H 74 12.94 -16.43 -3.80
CA TYR H 74 12.49 -17.60 -4.55
C TYR H 74 11.53 -17.20 -5.67
N THR H 75 10.38 -16.65 -5.32
CA THR H 75 9.36 -16.38 -6.33
C THR H 75 9.72 -15.16 -7.16
N ASN H 76 8.87 -14.87 -8.14
CA ASN H 76 9.06 -13.66 -8.95
C ASN H 76 8.80 -12.40 -8.13
N ARG H 77 7.78 -12.40 -7.27
CA ARG H 77 7.47 -11.22 -6.49
C ARG H 77 8.61 -10.85 -5.55
N ARG H 78 9.20 -11.84 -4.90
CA ARG H 78 10.33 -11.56 -3.99
C ARG H 78 11.55 -11.10 -4.77
N MET H 79 11.79 -11.67 -5.94
CA MET H 79 12.94 -11.25 -6.74
C MET H 79 12.79 -9.82 -7.23
N ALA H 80 11.59 -9.43 -7.67
CA ALA H 80 11.38 -8.06 -8.11
C ALA H 80 11.57 -7.08 -6.97
N ALA H 81 11.17 -7.45 -5.76
CA ALA H 81 11.39 -6.59 -4.61
C ALA H 81 12.86 -6.50 -4.25
N CYS H 82 13.61 -7.60 -4.46
CA CYS H 82 15.04 -7.57 -4.18
C CYS H 82 15.77 -6.64 -5.14
N LEU H 83 15.31 -6.56 -6.39
CA LEU H 83 15.93 -5.63 -7.34
C LEU H 83 15.55 -4.20 -7.02
N ARG H 84 14.36 -3.96 -6.47
CA ARG H 84 13.98 -2.61 -6.09
C ARG H 84 14.82 -2.10 -4.93
N ASP H 85 15.08 -2.96 -3.93
CA ASP H 85 15.84 -2.52 -2.76
C ASP H 85 17.27 -2.11 -3.15
N GLY H 86 17.92 -2.89 -4.01
CA GLY H 86 19.24 -2.51 -4.45
C GLY H 86 19.24 -1.20 -5.22
N GLU H 87 18.23 -1.00 -6.07
CA GLU H 87 18.13 0.25 -6.82
C GLU H 87 17.87 1.43 -5.91
N ILE H 88 17.05 1.25 -4.87
CA ILE H 88 16.77 2.34 -3.94
C ILE H 88 18.02 2.71 -3.15
N ILE H 89 18.75 1.71 -2.66
CA ILE H 89 19.95 1.99 -1.87
C ILE H 89 21.00 2.67 -2.73
N LEU H 90 21.16 2.23 -3.98
CA LEU H 90 22.12 2.88 -4.87
C LEU H 90 21.70 4.30 -5.21
N ARG H 91 20.39 4.57 -5.21
CA ARG H 91 19.94 5.93 -5.46
C ARG H 91 20.33 6.87 -4.33
N TYR H 92 20.26 6.40 -3.09
CA TYR H 92 20.60 7.27 -1.96
C TYR H 92 22.09 7.42 -1.77
N THR H 93 22.88 6.43 -2.18
CA THR H 93 24.33 6.63 -2.21
C THR H 93 24.71 7.68 -3.23
N SER H 94 24.01 7.70 -4.38
CA SER H 94 24.28 8.70 -5.40
C SER H 94 24.00 10.11 -4.89
N TYR H 95 22.94 10.28 -4.11
CA TYR H 95 22.65 11.59 -3.53
C TYR H 95 23.75 12.02 -2.56
N ALA H 96 24.22 11.08 -1.73
CA ALA H 96 25.27 11.41 -0.78
C ALA H 96 26.55 11.81 -1.48
N LEU H 97 26.86 11.17 -2.60
CA LEU H 97 28.04 11.56 -3.37
C LEU H 97 27.87 12.97 -3.93
N LEU H 98 26.69 13.28 -4.47
CA LEU H 98 26.44 14.61 -5.03
C LEU H 98 26.50 15.69 -3.97
N ALA H 99 25.89 15.44 -2.80
CA ALA H 99 25.85 16.44 -1.75
C ALA H 99 27.19 16.60 -1.04
N GLY H 100 27.99 15.55 -0.98
CA GLY H 100 29.24 15.59 -0.26
C GLY H 100 29.15 15.25 1.21
N ASP H 101 27.95 14.98 1.71
CA ASP H 101 27.76 14.56 3.10
C ASP H 101 26.77 13.41 3.12
N SER H 102 26.93 12.54 4.12
CA SER H 102 26.09 11.36 4.26
C SER H 102 24.81 11.61 5.04
N SER H 103 24.36 12.85 5.12
CA SER H 103 23.16 13.15 5.88
C SER H 103 21.92 12.56 5.23
N VAL H 104 21.81 12.66 3.90
CA VAL H 104 20.61 12.22 3.21
C VAL H 104 20.46 10.71 3.33
N LEU H 105 21.57 9.98 3.30
CA LEU H 105 21.52 8.52 3.35
C LEU H 105 21.01 8.03 4.71
N GLU H 106 21.51 8.62 5.79
CA GLU H 106 21.17 8.13 7.12
C GLU H 106 19.74 8.49 7.52
N ASP H 107 19.32 9.72 7.21
CA ASP H 107 18.02 10.18 7.68
C ASP H 107 16.87 9.59 6.89
N ARG H 108 17.01 9.44 5.57
CA ARG H 108 15.90 9.06 4.72
C ARG H 108 15.90 7.58 4.31
N CYS H 109 17.05 6.91 4.31
CA CYS H 109 17.11 5.52 3.91
C CYS H 109 17.47 4.58 5.06
N LEU H 110 18.59 4.82 5.73
CA LEU H 110 19.10 3.90 6.73
C LEU H 110 18.40 4.02 8.08
N ASN H 111 17.51 4.99 8.23
CA ASN H 111 16.84 5.22 9.51
C ASN H 111 15.82 4.11 9.74
N GLY H 112 16.16 3.16 10.60
CA GLY H 112 15.24 2.10 10.96
C GLY H 112 15.18 0.94 10.01
N LEU H 113 16.13 0.83 9.07
CA LEU H 113 16.09 -0.28 8.11
C LEU H 113 16.29 -1.62 8.79
N LYS H 114 17.21 -1.68 9.76
CA LYS H 114 17.56 -2.96 10.37
C LYS H 114 16.37 -3.60 11.06
N GLU H 115 15.59 -2.80 11.79
CA GLU H 115 14.41 -3.33 12.46
C GLU H 115 13.36 -3.80 11.46
N THR H 116 13.34 -3.19 10.27
CA THR H 116 12.40 -3.62 9.24
C THR H 116 12.82 -4.96 8.65
N TYR H 117 14.10 -5.12 8.35
CA TYR H 117 14.55 -6.35 7.69
C TYR H 117 14.46 -7.55 8.63
N ILE H 118 14.70 -7.35 9.92
CA ILE H 118 14.62 -8.45 10.87
C ILE H 118 13.19 -8.93 11.03
N ALA H 119 12.22 -8.02 10.86
CA ALA H 119 10.82 -8.42 10.99
C ALA H 119 10.38 -9.26 9.82
N LEU H 120 10.73 -8.86 8.60
CA LEU H 120 10.29 -9.57 7.40
C LEU H 120 11.02 -10.88 7.18
N GLY H 121 12.10 -11.15 7.91
CA GLY H 121 12.86 -12.36 7.72
C GLY H 121 13.95 -12.28 6.67
N VAL H 122 14.29 -11.07 6.23
CA VAL H 122 15.34 -10.91 5.22
C VAL H 122 16.68 -11.34 5.82
N PRO H 123 17.48 -12.15 5.12
CA PRO H 123 18.78 -12.56 5.67
C PRO H 123 19.68 -11.35 5.89
N THR H 124 20.43 -11.39 7.00
CA THR H 124 21.30 -10.27 7.33
C THR H 124 22.62 -10.34 6.58
N ASN H 125 23.18 -11.54 6.42
CA ASN H 125 24.48 -11.66 5.77
C ASN H 125 24.37 -11.49 4.26
N SER H 126 23.27 -11.96 3.68
CA SER H 126 23.13 -11.86 2.23
C SER H 126 22.92 -10.42 1.79
N THR H 127 22.28 -9.59 2.62
CA THR H 127 22.02 -8.22 2.24
C THR H 127 23.31 -7.41 2.19
N VAL H 128 24.25 -7.69 3.09
CA VAL H 128 25.52 -6.97 3.06
C VAL H 128 26.40 -7.45 1.92
N ARG H 129 26.18 -8.68 1.46
CA ARG H 129 26.94 -9.16 0.31
C ARG H 129 26.52 -8.45 -0.97
N ALA H 130 25.23 -8.18 -1.12
CA ALA H 130 24.76 -7.44 -2.30
C ALA H 130 25.32 -6.03 -2.31
N VAL H 131 25.37 -5.38 -1.15
CA VAL H 131 25.88 -4.01 -1.08
C VAL H 131 27.37 -3.98 -1.40
N SER H 132 28.13 -4.95 -0.88
CA SER H 132 29.57 -4.96 -1.09
C SER H 132 29.92 -5.20 -2.56
N ILE H 133 29.06 -5.90 -3.30
CA ILE H 133 29.27 -6.01 -4.74
C ILE H 133 28.97 -4.69 -5.43
N MET H 134 27.91 -3.99 -4.99
CA MET H 134 27.65 -2.66 -5.52
C MET H 134 28.77 -1.69 -5.19
N LYS H 135 29.34 -1.82 -3.99
CA LYS H 135 30.42 -0.93 -3.58
C LYS H 135 31.63 -1.07 -4.49
N SER H 136 31.98 -2.32 -4.84
CA SER H 136 33.13 -2.53 -5.71
C SER H 136 32.81 -2.15 -7.15
N SER H 137 31.58 -2.41 -7.60
CA SER H 137 31.21 -2.09 -8.97
C SER H 137 31.18 -0.59 -9.21
N ALA H 138 30.61 0.17 -8.26
CA ALA H 138 30.53 1.61 -8.43
C ALA H 138 31.90 2.27 -8.42
N VAL H 139 32.80 1.79 -7.56
CA VAL H 139 34.14 2.36 -7.50
C VAL H 139 34.87 2.17 -8.82
N ALA H 140 34.65 1.02 -9.48
CA ALA H 140 35.30 0.77 -10.76
C ALA H 140 34.86 1.77 -11.82
N PHE H 141 33.57 2.10 -11.85
CA PHE H 141 33.07 3.05 -12.84
C PHE H 141 33.62 4.45 -12.58
N ILE H 142 33.72 4.84 -11.31
CA ILE H 142 34.20 6.19 -10.98
C ILE H 142 35.64 6.36 -11.45
N SER H 143 36.49 5.39 -11.17
CA SER H 143 37.85 5.43 -11.68
C SER H 143 37.94 5.08 -13.15
N ASN H 144 36.81 4.80 -13.79
CA ASN H 144 36.74 4.50 -15.22
C ASN H 144 37.66 3.34 -15.58
N THR H 145 37.59 2.27 -14.78
CA THR H 145 38.34 1.06 -15.04
C THR H 145 37.44 -0.13 -15.35
N ALA H 146 36.18 0.12 -15.66
CA ALA H 146 35.27 -0.98 -16.03
C ALA H 146 35.76 -1.66 -17.30
N SER H 147 35.74 -2.99 -17.29
CA SER H 147 36.37 -3.75 -18.36
C SER H 147 35.66 -3.53 -19.70
N GLN H 148 34.33 -3.57 -19.68
CA GLN H 148 33.56 -3.62 -20.93
C GLN H 148 33.14 -2.27 -21.48
N ARG H 149 33.00 -1.25 -20.64
CA ARG H 149 32.61 0.06 -21.11
C ARG H 149 33.47 1.14 -20.47
N LYS H 150 33.73 2.20 -21.23
CA LYS H 150 34.57 3.30 -20.80
C LYS H 150 33.86 4.61 -21.11
N MET H 151 34.10 5.63 -20.28
CA MET H 151 33.55 6.95 -20.49
C MET H 151 34.70 7.91 -20.77
N ALA H 152 34.62 8.65 -21.87
CA ALA H 152 35.70 9.52 -22.29
C ALA H 152 35.75 10.76 -21.39
N THR H 153 36.82 10.90 -20.62
CA THR H 153 36.98 12.01 -19.71
C THR H 153 38.43 12.49 -19.73
N ALA H 154 38.63 13.74 -19.33
CA ALA H 154 39.98 14.27 -19.20
C ALA H 154 40.72 13.56 -18.08
N ASP H 155 42.01 13.37 -18.26
CA ASP H 155 42.81 12.63 -17.29
C ASP H 155 42.97 13.42 -16.00
N GLY H 156 42.97 12.70 -14.87
CA GLY H 156 43.07 13.33 -13.57
C GLY H 156 43.04 12.28 -12.48
N ASP H 157 43.05 12.76 -11.24
CA ASP H 157 43.09 11.89 -10.07
C ASP H 157 41.75 11.96 -9.36
N CYS H 158 41.14 10.80 -9.14
CA CYS H 158 39.86 10.70 -8.44
C CYS H 158 39.93 9.71 -7.27
N SER H 159 41.09 9.59 -6.64
CA SER H 159 41.21 8.70 -5.48
C SER H 159 40.36 9.19 -4.32
N ALA H 160 40.22 10.51 -4.17
CA ALA H 160 39.38 11.05 -3.10
C ALA H 160 37.93 10.68 -3.30
N LEU H 161 37.45 10.74 -4.55
CA LEU H 161 36.04 10.46 -4.80
C LEU H 161 35.75 8.96 -4.74
N SER H 162 36.65 8.14 -5.27
CA SER H 162 36.45 6.69 -5.21
C SER H 162 36.43 6.20 -3.77
N SER H 163 37.32 6.75 -2.93
CA SER H 163 37.33 6.37 -1.52
C SER H 163 36.06 6.84 -0.81
N GLU H 164 35.47 7.93 -1.28
CA GLU H 164 34.27 8.45 -0.65
C GLU H 164 33.09 7.49 -0.82
N VAL H 165 32.96 6.88 -2.00
CA VAL H 165 31.87 5.95 -2.23
C VAL H 165 32.01 4.73 -1.34
N ALA H 166 33.23 4.24 -1.14
CA ALA H 166 33.45 3.11 -0.25
C ALA H 166 32.97 3.42 1.16
N SER H 167 33.14 4.66 1.61
CA SER H 167 32.71 5.02 2.95
C SER H 167 31.20 5.01 3.09
N TYR H 168 30.49 5.52 2.08
CA TYR H 168 29.03 5.57 2.16
C TYR H 168 28.42 4.17 2.13
N CYS H 169 28.97 3.29 1.30
CA CYS H 169 28.49 1.90 1.28
C CYS H 169 28.86 1.17 2.57
N ASP H 170 29.93 1.60 3.24
CA ASP H 170 30.30 0.98 4.51
C ASP H 170 29.28 1.30 5.59
N LYS H 171 28.61 2.46 5.49
CA LYS H 171 27.58 2.79 6.45
C LYS H 171 26.34 1.90 6.27
N VAL H 172 26.02 1.56 5.02
CA VAL H 172 24.87 0.71 4.75
C VAL H 172 25.08 -0.69 5.33
N SER H 173 26.29 -1.23 5.13
CA SER H 173 26.61 -2.54 5.71
C SER H 173 26.58 -2.50 7.23
N ALA H 174 27.08 -1.41 7.82
CA ALA H 174 27.12 -1.33 9.28
C ALA H 174 25.74 -1.09 9.87
N ALA H 175 24.85 -0.41 9.15
CA ALA H 175 23.54 -0.10 9.71
C ALA H 175 22.69 -1.34 9.89
N ILE H 176 22.91 -2.37 9.08
CA ILE H 176 22.13 -3.60 9.17
C ILE H 176 23.00 -4.74 9.70
N MET I 1 17.21 22.35 5.49
CA MET I 1 18.06 23.52 5.25
C MET I 1 18.08 23.86 3.77
N LYS I 2 17.41 24.93 3.39
CA LYS I 2 17.29 25.30 1.98
C LYS I 2 18.66 25.64 1.40
N SER I 3 18.88 25.19 0.18
CA SER I 3 20.10 25.46 -0.57
C SER I 3 19.84 25.06 -2.01
N VAL I 4 20.82 25.31 -2.87
CA VAL I 4 20.71 24.88 -4.26
C VAL I 4 20.81 23.36 -4.34
N ILE I 5 21.75 22.77 -3.60
CA ILE I 5 21.94 21.32 -3.63
C ILE I 5 20.75 20.62 -2.99
N THR I 6 20.32 21.09 -1.83
CA THR I 6 19.26 20.42 -1.10
C THR I 6 17.94 20.44 -1.86
N THR I 7 17.60 21.59 -2.46
CA THR I 7 16.35 21.70 -3.22
C THR I 7 16.34 20.72 -4.39
N THR I 8 17.49 20.59 -5.07
CA THR I 8 17.58 19.68 -6.22
C THR I 8 17.40 18.23 -5.80
N ILE I 9 18.04 17.83 -4.70
CA ILE I 9 17.93 16.44 -4.23
C ILE I 9 16.51 16.15 -3.78
N SER I 10 15.89 17.08 -3.05
CA SER I 10 14.53 16.84 -2.56
C SER I 10 13.54 16.68 -3.71
N ALA I 11 13.71 17.46 -4.77
CA ALA I 11 12.83 17.31 -5.93
C ALA I 11 13.02 15.96 -6.60
N ALA I 12 14.27 15.51 -6.72
CA ALA I 12 14.54 14.22 -7.33
C ALA I 12 14.04 13.07 -6.45
N ASP I 13 14.16 13.23 -5.13
CA ASP I 13 13.72 12.17 -4.23
C ASP I 13 12.21 12.00 -4.25
N ALA I 14 11.48 13.10 -4.40
CA ALA I 14 10.02 13.03 -4.38
C ALA I 14 9.50 12.15 -5.51
N ALA I 15 10.12 12.24 -6.69
CA ALA I 15 9.72 11.45 -7.84
C ALA I 15 10.48 10.14 -7.94
N GLY I 16 11.42 9.87 -7.04
CA GLY I 16 12.17 8.64 -7.08
C GLY I 16 13.05 8.49 -8.31
N ARG I 17 13.79 9.54 -8.65
CA ARG I 17 14.60 9.55 -9.85
C ARG I 17 16.07 9.76 -9.50
N PHE I 18 16.95 9.23 -10.33
CA PHE I 18 18.38 9.46 -10.17
C PHE I 18 18.72 10.89 -10.53
N PRO I 19 19.87 11.39 -10.09
CA PRO I 19 20.29 12.74 -10.50
C PRO I 19 20.49 12.81 -12.01
N SER I 20 19.70 13.66 -12.65
CA SER I 20 19.70 13.80 -14.10
C SER I 20 20.58 14.97 -14.51
N SER I 21 20.55 15.31 -15.81
CA SER I 21 21.34 16.43 -16.29
C SER I 21 20.87 17.73 -15.67
N SER I 22 19.55 17.91 -15.51
CA SER I 22 19.04 19.12 -14.89
C SER I 22 19.46 19.21 -13.43
N ASP I 23 19.61 18.06 -12.76
CA ASP I 23 20.03 18.06 -11.36
C ASP I 23 21.49 18.46 -11.24
N LEU I 24 22.30 18.17 -12.26
CA LEU I 24 23.71 18.54 -12.20
C LEU I 24 23.96 19.97 -12.68
N GLU I 25 23.10 20.49 -13.56
CA GLU I 25 23.24 21.90 -13.95
C GLU I 25 22.94 22.82 -12.77
N SER I 26 21.97 22.47 -11.93
CA SER I 26 21.67 23.29 -10.77
C SER I 26 22.85 23.35 -9.81
N VAL I 27 23.50 22.22 -9.56
CA VAL I 27 24.67 22.21 -8.70
C VAL I 27 25.80 23.03 -9.30
N GLN I 28 25.92 23.03 -10.64
CA GLN I 28 26.96 23.82 -11.29
C GLN I 28 26.77 25.31 -11.02
N GLY I 29 25.53 25.74 -10.79
CA GLY I 29 25.29 27.14 -10.45
C GLY I 29 25.94 27.53 -9.14
N ASN I 30 25.95 26.61 -8.17
CA ASN I 30 26.57 26.89 -6.88
C ASN I 30 28.07 27.14 -7.04
N ILE I 31 28.70 26.42 -7.96
CA ILE I 31 30.15 26.55 -8.17
C ILE I 31 30.49 27.94 -8.69
N GLN I 32 29.72 28.42 -9.67
CA GLN I 32 30.03 29.70 -10.31
C GLN I 32 29.86 30.87 -9.34
N ARG I 33 28.79 30.85 -8.54
CA ARG I 33 28.48 31.97 -7.66
C ARG I 33 29.11 31.82 -6.28
N ALA I 34 29.88 30.77 -6.03
CA ALA I 34 30.48 30.58 -4.71
C ALA I 34 31.64 31.54 -4.49
N ALA I 35 32.25 32.02 -5.57
CA ALA I 35 33.38 32.94 -5.44
C ALA I 35 32.93 34.25 -4.80
N SER I 36 31.69 34.66 -5.06
CA SER I 36 31.21 35.94 -4.55
C SER I 36 30.74 35.82 -3.11
N ARG I 37 29.76 34.96 -2.85
CA ARG I 37 29.16 34.92 -1.51
C ARG I 37 30.15 34.44 -0.45
N LEU I 38 31.10 33.59 -0.81
CA LEU I 38 32.12 33.21 0.17
C LEU I 38 33.11 34.34 0.41
N GLU I 39 33.26 35.25 -0.56
CA GLU I 39 34.07 36.43 -0.34
C GLU I 39 33.43 37.37 0.68
N ALA I 40 32.10 37.51 0.62
CA ALA I 40 31.41 38.37 1.56
C ALA I 40 31.40 37.76 2.96
N ALA I 41 31.36 36.43 3.04
CA ALA I 41 31.30 35.77 4.35
C ALA I 41 32.56 36.02 5.16
N GLU I 42 33.73 35.99 4.52
CA GLU I 42 34.96 36.24 5.27
C GLU I 42 35.08 37.71 5.65
N LYS I 43 34.54 38.61 4.83
CA LYS I 43 34.58 40.03 5.16
C LYS I 43 33.72 40.33 6.37
N LEU I 44 32.56 39.68 6.48
CA LEU I 44 31.65 39.95 7.59
C LEU I 44 32.18 39.35 8.89
N ALA I 45 32.82 38.20 8.82
CA ALA I 45 33.33 37.55 10.03
C ALA I 45 34.50 38.32 10.62
N GLY I 46 35.33 38.91 9.78
CA GLY I 46 36.49 39.64 10.25
C GLY I 46 36.22 41.03 10.78
N ASN I 47 35.02 41.57 10.53
CA ASN I 47 34.67 42.90 11.02
C ASN I 47 33.29 42.92 11.67
N HIS I 48 32.87 41.83 12.29
CA HIS I 48 31.52 41.77 12.86
C HIS I 48 31.40 42.64 14.10
N GLU I 49 32.51 42.91 14.79
CA GLU I 49 32.46 43.67 16.02
C GLU I 49 32.02 45.12 15.77
N ALA I 50 32.55 45.73 14.70
CA ALA I 50 32.23 47.12 14.44
C ALA I 50 30.85 47.28 13.81
N VAL I 51 30.45 46.34 12.95
CA VAL I 51 29.16 46.44 12.28
C VAL I 51 28.03 46.36 13.30
N VAL I 52 28.14 45.45 14.26
CA VAL I 52 27.11 45.29 15.27
C VAL I 52 27.00 46.53 16.14
N LYS I 53 28.14 47.09 16.54
CA LYS I 53 28.12 48.28 17.40
C LYS I 53 27.51 49.47 16.68
N GLU I 54 27.82 49.64 15.40
CA GLU I 54 27.29 50.78 14.65
C GLU I 54 25.78 50.69 14.51
N ALA I 55 25.27 49.53 14.14
CA ALA I 55 23.83 49.37 13.93
C ALA I 55 23.06 49.52 15.24
N GLY I 56 23.62 49.02 16.33
CA GLY I 56 22.93 49.10 17.61
C GLY I 56 22.72 50.54 18.08
N ASP I 57 23.70 51.41 17.83
CA ASP I 57 23.54 52.81 18.20
C ASP I 57 22.58 53.52 17.26
N ALA I 58 22.53 53.08 15.99
CA ALA I 58 21.59 53.69 15.05
C ALA I 58 20.16 53.35 15.39
N CYS I 59 19.92 52.14 15.91
CA CYS I 59 18.56 51.74 16.28
C CYS I 59 18.02 52.62 17.41
N PHE I 60 18.87 52.94 18.39
CA PHE I 60 18.41 53.71 19.54
C PHE I 60 18.38 55.21 19.25
N ALA I 61 19.19 55.68 18.29
CA ALA I 61 19.10 57.08 17.88
C ALA I 61 17.81 57.36 17.13
N LYS I 62 17.30 56.35 16.41
CA LYS I 62 16.08 56.54 15.64
C LYS I 62 14.84 56.50 16.54
N TYR I 63 14.88 55.68 17.60
CA TYR I 63 13.76 55.52 18.52
C TYR I 63 14.25 55.76 19.95
N PRO I 64 14.39 57.02 20.35
CA PRO I 64 14.87 57.30 21.71
C PRO I 64 13.87 56.95 22.79
N TYR I 65 12.61 56.71 22.44
CA TYR I 65 11.59 56.42 23.45
C TYR I 65 11.77 55.05 24.10
N LEU I 66 12.64 54.21 23.54
CA LEU I 66 12.91 52.91 24.16
C LEU I 66 13.58 53.05 25.52
N LYS I 67 14.24 54.18 25.78
CA LYS I 67 14.92 54.38 27.06
C LYS I 67 13.96 54.66 28.20
N ASN I 68 12.74 55.09 27.91
CA ASN I 68 11.80 55.44 28.95
C ASN I 68 11.36 54.20 29.72
N PRO I 69 11.05 54.33 31.01
CA PRO I 69 10.59 53.18 31.78
C PRO I 69 9.25 52.67 31.25
N GLY I 70 9.07 51.35 31.35
CA GLY I 70 7.89 50.71 30.82
C GLY I 70 8.02 50.20 29.40
N GLU I 71 9.10 50.53 28.71
CA GLU I 71 9.33 50.06 27.35
C GLU I 71 10.54 49.13 27.32
N ALA I 72 10.68 48.42 26.21
CA ALA I 72 11.78 47.46 26.04
C ALA I 72 13.10 48.21 25.93
N GLY I 73 14.01 47.96 26.85
CA GLY I 73 15.28 48.65 26.89
C GLY I 73 15.38 49.74 27.92
N ASP I 74 14.67 49.63 29.04
CA ASP I 74 14.62 50.66 30.05
C ASP I 74 15.64 50.46 31.17
N SER I 75 16.55 49.49 31.03
CA SER I 75 17.61 49.27 32.01
C SER I 75 18.91 49.02 31.27
N GLN I 76 20.02 49.19 32.01
CA GLN I 76 21.34 49.00 31.41
C GLN I 76 21.56 47.55 30.98
N GLU I 77 20.97 46.60 31.71
CA GLU I 77 21.14 45.21 31.34
C GLU I 77 20.33 44.87 30.10
N LYS I 78 19.08 45.36 30.04
CA LYS I 78 18.24 45.12 28.87
C LYS I 78 18.86 45.68 27.59
N ILE I 79 19.61 46.77 27.72
CA ILE I 79 20.28 47.34 26.56
C ILE I 79 21.31 46.36 26.01
N ASN I 80 22.05 45.71 26.90
CA ASN I 80 23.10 44.78 26.47
C ASN I 80 22.50 43.56 25.79
N LYS I 81 21.25 43.21 26.11
CA LYS I 81 20.56 42.19 25.35
C LYS I 81 20.23 42.65 23.94
N CYS I 82 19.92 43.94 23.77
CA CYS I 82 19.58 44.46 22.45
C CYS I 82 20.74 44.33 21.48
N TYR I 83 21.96 44.62 21.95
CA TYR I 83 23.12 44.50 21.08
C TYR I 83 23.42 43.03 20.80
N ARG I 84 23.15 42.15 21.77
CA ARG I 84 23.40 40.73 21.58
C ARG I 84 22.45 40.15 20.54
N ASP I 85 21.20 40.60 20.51
CA ASP I 85 20.26 40.13 19.50
C ASP I 85 20.71 40.49 18.10
N ILE I 86 21.26 41.69 17.92
CA ILE I 86 21.71 42.11 16.60
C ILE I 86 22.82 41.19 16.11
N ASP I 87 23.74 40.82 17.00
CA ASP I 87 24.84 39.93 16.60
C ASP I 87 24.32 38.56 16.19
N HIS I 88 23.28 38.07 16.87
CA HIS I 88 22.67 36.81 16.46
C HIS I 88 22.10 36.93 15.05
N TYR I 89 21.56 38.11 14.72
CA TYR I 89 21.02 38.33 13.39
C TYR I 89 22.13 38.51 12.37
N MET I 90 23.21 39.20 12.75
CA MET I 90 24.35 39.34 11.85
C MET I 90 25.04 38.01 11.63
N ARG I 91 25.11 37.18 12.67
CA ARG I 91 25.79 35.89 12.54
C ARG I 91 25.08 34.98 11.56
N LEU I 92 23.75 34.96 11.59
CA LEU I 92 23.01 34.08 10.70
C LEU I 92 22.96 34.62 9.28
N ILE I 93 23.23 35.91 9.09
CA ILE I 93 23.44 36.43 7.74
C ILE I 93 24.75 35.91 7.17
N ASN I 94 25.78 35.82 8.00
CA ASN I 94 27.04 35.23 7.57
C ASN I 94 26.88 33.75 7.25
N TYR I 95 25.99 33.06 7.98
CA TYR I 95 25.75 31.66 7.70
C TYR I 95 25.04 31.49 6.36
N SER I 96 24.14 32.41 6.02
CA SER I 96 23.43 32.33 4.74
C SER I 96 24.37 32.48 3.56
N LEU I 97 25.36 33.36 3.67
CA LEU I 97 26.32 33.52 2.59
C LEU I 97 27.15 32.26 2.39
N VAL I 98 27.55 31.61 3.48
CA VAL I 98 28.33 30.38 3.39
C VAL I 98 27.47 29.26 2.80
N VAL I 99 26.26 29.10 3.31
CA VAL I 99 25.40 27.99 2.87
C VAL I 99 24.96 28.20 1.43
N GLY I 100 24.66 29.45 1.06
CA GLY I 100 24.18 29.72 -0.27
C GLY I 100 22.67 29.74 -0.41
N GLY I 101 21.96 29.96 0.68
CA GLY I 101 20.51 29.98 0.65
C GLY I 101 19.98 30.55 1.94
N THR I 102 18.66 30.61 2.03
CA THR I 102 18.00 31.16 3.21
C THR I 102 17.76 30.11 4.29
N GLY I 103 18.55 29.05 4.31
CA GLY I 103 18.38 27.99 5.28
C GLY I 103 18.51 28.43 6.71
N PRO I 104 19.71 28.88 7.10
CA PRO I 104 19.91 29.28 8.50
C PRO I 104 18.99 30.39 8.98
N LEU I 105 18.66 31.35 8.13
CA LEU I 105 17.74 32.41 8.53
C LEU I 105 16.34 31.85 8.78
N ASP I 106 15.90 30.92 7.93
CA ASP I 106 14.53 30.41 8.05
C ASP I 106 14.31 29.66 9.35
N GLU I 107 15.35 29.05 9.91
CA GLU I 107 15.16 28.15 11.03
C GLU I 107 15.56 28.75 12.37
N TRP I 108 16.60 29.57 12.42
CA TRP I 108 17.15 30.03 13.68
C TRP I 108 16.86 31.49 13.99
N CYS I 109 16.15 32.20 13.12
CA CYS I 109 15.62 33.52 13.45
C CYS I 109 14.16 33.70 13.09
N ILE I 110 13.70 33.14 11.98
CA ILE I 110 12.47 33.61 11.36
C ILE I 110 11.28 32.76 11.74
N ALA I 111 11.51 31.51 12.14
CA ALA I 111 10.42 30.54 12.31
C ALA I 111 9.37 31.03 13.31
N GLY I 112 9.82 31.48 14.48
CA GLY I 112 8.91 31.92 15.51
C GLY I 112 9.09 33.37 15.95
N ALA I 113 9.75 34.21 15.16
CA ALA I 113 10.03 35.56 15.59
C ALA I 113 8.75 36.37 15.77
N ARG I 114 7.75 36.10 14.94
CA ARG I 114 6.50 36.85 15.00
C ARG I 114 5.80 36.66 16.34
N GLU I 115 5.80 35.42 16.85
CA GLU I 115 5.12 35.14 18.10
C GLU I 115 5.97 35.53 19.32
N VAL I 116 7.29 35.44 19.20
CA VAL I 116 8.15 35.72 20.35
C VAL I 116 8.16 37.21 20.67
N TYR I 117 8.34 38.04 19.65
CA TYR I 117 8.43 39.48 19.89
C TYR I 117 7.11 40.05 20.40
N ARG I 118 5.99 39.46 19.99
CA ARG I 118 4.70 39.90 20.49
C ARG I 118 4.57 39.67 21.99
N ALA I 119 4.99 38.50 22.47
CA ALA I 119 4.81 38.17 23.88
C ALA I 119 5.78 38.94 24.76
N LEU I 120 6.98 39.21 24.26
CA LEU I 120 8.00 39.93 25.02
C LEU I 120 7.95 41.43 24.80
N ASN I 121 6.96 41.92 24.06
CA ASN I 121 6.79 43.35 23.78
C ASN I 121 8.08 43.93 23.19
N LEU I 122 8.54 43.32 22.10
CA LEU I 122 9.68 43.85 21.36
C LEU I 122 9.17 44.47 20.08
N PRO I 123 9.27 45.78 19.90
CA PRO I 123 8.86 46.37 18.63
C PRO I 123 9.71 45.84 17.48
N GLY I 124 9.05 45.26 16.48
CA GLY I 124 9.75 44.75 15.33
C GLY I 124 10.29 45.83 14.42
N SER I 125 9.83 47.07 14.59
CA SER I 125 10.36 48.17 13.81
C SER I 125 11.78 48.52 14.25
N SER I 126 12.14 48.24 15.49
CA SER I 126 13.49 48.54 15.96
C SER I 126 14.53 47.71 15.21
N TYR I 127 14.24 46.42 15.01
CA TYR I 127 15.18 45.57 14.28
C TYR I 127 15.32 46.02 12.84
N ILE I 128 14.22 46.50 12.24
CA ILE I 128 14.29 47.00 10.87
C ILE I 128 15.22 48.20 10.78
N ALA I 129 15.16 49.08 11.78
CA ALA I 129 16.03 50.25 11.78
C ALA I 129 17.50 49.86 11.89
N ALA I 130 17.77 48.72 12.52
CA ALA I 130 19.15 48.26 12.67
C ALA I 130 19.70 47.73 11.35
N PHE I 131 18.91 46.92 10.65
CA PHE I 131 19.38 46.32 9.40
C PHE I 131 19.36 47.33 8.25
N VAL I 132 18.39 48.24 8.25
CA VAL I 132 18.33 49.25 7.20
C VAL I 132 19.57 50.13 7.23
N PHE I 133 20.00 50.53 8.44
CA PHE I 133 21.17 51.39 8.56
C PHE I 133 22.42 50.72 7.99
N THR I 134 22.60 49.43 8.29
CA THR I 134 23.76 48.71 7.78
C THR I 134 23.71 48.58 6.26
N ARG I 135 22.52 48.37 5.71
CA ARG I 135 22.42 48.11 4.27
C ARG I 135 22.87 49.30 3.44
N ASP I 136 22.47 50.52 3.82
CA ASP I 136 22.90 51.68 3.07
C ASP I 136 24.30 52.17 3.46
N ARG I 137 24.85 51.68 4.56
CA ARG I 137 26.23 52.02 4.92
C ARG I 137 27.24 51.26 4.08
N LEU I 138 26.82 50.21 3.39
CA LEU I 138 27.74 49.42 2.58
C LEU I 138 28.15 50.18 1.33
N CYS I 139 29.45 50.20 1.04
CA CYS I 139 30.00 50.93 -0.09
C CYS I 139 30.90 50.01 -0.91
N VAL I 140 30.93 50.24 -2.21
CA VAL I 140 31.73 49.48 -3.16
C VAL I 140 32.69 50.45 -3.85
N PRO I 141 33.97 50.08 -4.05
CA PRO I 141 34.64 48.83 -3.68
C PRO I 141 35.46 48.95 -2.40
N ARG I 142 35.19 49.94 -1.57
CA ARG I 142 35.96 50.11 -0.34
C ARG I 142 35.77 48.92 0.59
N ASP I 143 34.54 48.41 0.67
CA ASP I 143 34.21 47.34 1.61
C ASP I 143 34.31 45.96 1.00
N MET I 144 33.75 45.78 -0.21
CA MET I 144 33.77 44.49 -0.89
C MET I 144 33.60 44.74 -2.38
N SER I 145 33.73 43.67 -3.16
CA SER I 145 33.63 43.79 -4.60
C SER I 145 32.18 44.08 -5.01
N ALA I 146 31.99 44.25 -6.33
CA ALA I 146 30.67 44.56 -6.84
C ALA I 146 29.70 43.40 -6.66
N GLN I 147 30.15 42.18 -7.00
CA GLN I 147 29.28 41.01 -6.88
C GLN I 147 29.06 40.61 -5.42
N ALA I 148 30.09 40.71 -4.58
CA ALA I 148 29.91 40.35 -3.18
C ALA I 148 28.90 41.26 -2.49
N ALA I 149 28.95 42.56 -2.80
CA ALA I 149 28.00 43.50 -2.20
C ALA I 149 26.58 43.25 -2.69
N VAL I 150 26.44 42.72 -3.90
CA VAL I 150 25.12 42.33 -4.39
C VAL I 150 24.54 41.22 -3.53
N GLU I 151 25.36 40.23 -3.19
CA GLU I 151 24.88 39.10 -2.41
C GLU I 151 24.66 39.48 -0.96
N PHE I 152 25.51 40.36 -0.42
CA PHE I 152 25.35 40.77 0.97
C PHE I 152 24.05 41.55 1.17
N SER I 153 23.72 42.45 0.25
CA SER I 153 22.46 43.18 0.34
C SER I 153 21.27 42.27 0.08
N GLY I 154 21.48 41.16 -0.64
CA GLY I 154 20.42 40.20 -0.82
C GLY I 154 20.03 39.51 0.47
N ALA I 155 21.02 39.23 1.33
CA ALA I 155 20.72 38.60 2.62
C ALA I 155 20.00 39.56 3.55
N LEU I 156 20.40 40.84 3.56
CA LEU I 156 19.78 41.81 4.46
C LEU I 156 18.34 42.10 4.06
N ASP I 157 18.07 42.16 2.76
CA ASP I 157 16.71 42.44 2.31
C ASP I 157 15.74 41.34 2.72
N TYR I 158 16.20 40.10 2.75
CA TYR I 158 15.35 39.01 3.21
C TYR I 158 14.98 39.18 4.68
N VAL I 159 15.92 39.61 5.51
CA VAL I 159 15.64 39.81 6.92
C VAL I 159 14.66 40.96 7.12
N ILE I 160 14.86 42.06 6.41
CA ILE I 160 13.97 43.20 6.54
C ILE I 160 12.57 42.85 6.05
N ASN I 161 12.48 42.19 4.89
CA ASN I 161 11.17 41.85 4.34
C ASN I 161 10.39 40.91 5.26
N SER I 162 11.09 40.06 6.01
CA SER I 162 10.40 39.18 6.93
C SER I 162 9.72 39.96 8.05
N LEU I 163 10.39 40.98 8.58
CA LEU I 163 9.83 41.79 9.65
C LEU I 163 8.88 42.86 9.16
N CYS I 164 8.87 43.16 7.87
CA CYS I 164 7.91 44.10 7.29
C CYS I 164 6.66 43.37 6.82
N MET J 1 4.34 23.26 -16.76
CA MET J 1 4.45 24.63 -17.25
C MET J 1 5.45 24.70 -18.39
N LEU J 2 5.59 25.89 -18.97
CA LEU J 2 6.52 26.12 -20.07
C LEU J 2 7.33 27.38 -19.80
N ASP J 3 8.64 27.30 -20.04
CA ASP J 3 9.55 28.41 -19.97
C ASP J 3 9.84 28.92 -21.38
N ALA J 4 10.82 29.82 -21.50
CA ALA J 4 11.16 30.36 -22.81
C ALA J 4 11.71 29.28 -23.74
N PHE J 5 12.55 28.39 -23.21
CA PHE J 5 13.10 27.31 -24.02
C PHE J 5 12.03 26.32 -24.45
N SER J 6 11.13 25.96 -23.54
CA SER J 6 10.14 24.93 -23.85
C SER J 6 9.09 25.43 -24.83
N ARG J 7 8.91 26.75 -24.95
CA ARG J 7 7.96 27.28 -25.92
C ARG J 7 8.44 27.03 -27.34
N VAL J 8 9.75 27.16 -27.57
CA VAL J 8 10.30 26.90 -28.90
C VAL J 8 10.12 25.44 -29.29
N VAL J 9 10.33 24.54 -28.32
CA VAL J 9 10.17 23.11 -28.59
C VAL J 9 8.72 22.77 -28.91
N VAL J 10 7.77 23.29 -28.14
CA VAL J 10 6.37 22.94 -28.34
C VAL J 10 5.87 23.43 -29.69
N ASN J 11 6.25 24.64 -30.07
CA ASN J 11 5.84 25.17 -31.38
C ASN J 11 6.44 24.36 -32.52
N SER J 12 7.70 23.94 -32.37
CA SER J 12 8.33 23.15 -33.43
C SER J 12 7.76 21.75 -33.49
N ASP J 13 7.18 21.27 -32.39
CA ASP J 13 6.60 19.93 -32.39
C ASP J 13 5.34 19.85 -33.23
N SER J 14 4.60 20.97 -33.35
CA SER J 14 3.39 20.96 -34.14
C SER J 14 3.67 20.72 -35.62
N LYS J 15 4.83 21.16 -36.11
CA LYS J 15 5.24 20.88 -37.47
C LYS J 15 6.10 19.63 -37.58
N ALA J 16 6.40 18.98 -36.46
CA ALA J 16 7.19 17.75 -36.42
C ALA J 16 8.53 17.93 -37.12
N ALA J 17 9.19 19.05 -36.84
CA ALA J 17 10.48 19.35 -37.43
C ALA J 17 11.49 19.66 -36.32
N TYR J 18 12.76 19.45 -36.62
CA TYR J 18 13.81 19.74 -35.67
C TYR J 18 13.92 21.24 -35.45
N VAL J 19 14.48 21.63 -34.31
CA VAL J 19 14.64 23.05 -34.02
C VAL J 19 15.64 23.64 -35.01
N SER J 20 15.18 24.59 -35.81
CA SER J 20 16.00 25.13 -36.89
C SER J 20 16.95 26.21 -36.36
N GLY J 21 17.84 26.65 -37.25
CA GLY J 21 18.81 27.67 -36.87
C GLY J 21 18.15 29.01 -36.55
N SER J 22 17.05 29.32 -37.23
CA SER J 22 16.33 30.56 -36.94
C SER J 22 15.78 30.56 -35.53
N ASP J 23 15.19 29.44 -35.10
CA ASP J 23 14.67 29.35 -33.74
C ASP J 23 15.79 29.27 -32.72
N LEU J 24 16.87 28.54 -33.05
CA LEU J 24 18.02 28.47 -32.14
C LEU J 24 18.68 29.83 -31.98
N GLN J 25 18.65 30.65 -33.02
CA GLN J 25 19.22 31.99 -32.92
C GLN J 25 18.44 32.84 -31.92
N ALA J 26 17.11 32.77 -31.99
CA ALA J 26 16.28 33.55 -31.08
C ALA J 26 16.49 33.13 -29.64
N LEU J 27 16.86 31.87 -29.41
CA LEU J 27 17.11 31.41 -28.05
C LEU J 27 18.44 31.93 -27.52
N LYS J 28 19.42 32.13 -28.39
CA LYS J 28 20.73 32.61 -27.94
C LYS J 28 20.66 34.05 -27.48
N THR J 29 19.75 34.83 -28.05
CA THR J 29 19.51 36.19 -27.54
C THR J 29 18.99 36.15 -26.12
N PHE J 30 18.09 35.20 -25.83
CA PHE J 30 17.59 35.02 -24.47
C PHE J 30 18.73 34.71 -23.51
N ILE J 31 19.67 33.87 -23.95
CA ILE J 31 20.77 33.46 -23.08
C ILE J 31 21.73 34.62 -22.83
N ALA J 32 22.05 35.37 -23.88
CA ALA J 32 22.99 36.49 -23.73
C ALA J 32 22.41 37.56 -22.80
N ASP J 33 21.12 37.81 -22.87
CA ASP J 33 20.44 38.71 -21.97
C ASP J 33 20.01 38.05 -20.67
N GLY J 34 20.60 36.90 -20.33
CA GLY J 34 20.23 36.23 -19.10
C GLY J 34 20.65 37.00 -17.87
N ASN J 35 21.81 37.66 -17.92
CA ASN J 35 22.28 38.42 -16.77
C ASN J 35 21.40 39.65 -16.52
N LYS J 36 20.94 40.31 -17.59
CA LYS J 36 20.02 41.42 -17.42
C LYS J 36 18.69 40.95 -16.83
N ARG J 37 18.20 39.81 -17.29
CA ARG J 37 16.96 39.25 -16.76
C ARG J 37 17.10 38.92 -15.29
N LEU J 38 18.34 38.73 -14.82
CA LEU J 38 18.56 38.41 -13.42
C LEU J 38 18.82 39.67 -12.59
N ASP J 39 19.19 40.79 -13.22
CA ASP J 39 19.17 42.03 -12.46
C ASP J 39 17.75 42.31 -11.97
N ALA J 40 16.77 42.05 -12.84
CA ALA J 40 15.42 42.60 -12.65
C ALA J 40 14.63 41.84 -11.61
N VAL J 41 14.58 40.51 -11.73
CA VAL J 41 13.80 39.70 -10.79
C VAL J 41 14.29 39.93 -9.37
N ASN J 42 15.58 40.22 -9.22
CA ASN J 42 16.11 40.56 -7.90
C ASN J 42 15.54 41.88 -7.41
N SER J 43 15.32 42.83 -8.31
CA SER J 43 14.80 44.13 -7.92
C SER J 43 13.33 44.04 -7.50
N ILE J 44 12.54 43.21 -8.18
CA ILE J 44 11.13 43.07 -7.84
C ILE J 44 10.96 42.37 -6.50
N VAL J 45 11.68 41.25 -6.31
CA VAL J 45 11.46 40.46 -5.10
C VAL J 45 11.99 41.17 -3.87
N SER J 46 13.03 42.00 -4.02
CA SER J 46 13.54 42.73 -2.88
C SER J 46 12.56 43.76 -2.35
N ASN J 47 11.77 44.39 -3.21
CA ASN J 47 10.79 45.39 -2.81
C ASN J 47 9.37 44.90 -2.97
N ALA J 48 9.11 43.60 -2.79
CA ALA J 48 7.77 43.07 -3.03
C ALA J 48 6.77 43.62 -2.03
N SER J 49 7.19 43.80 -0.78
CA SER J 49 6.27 44.29 0.25
C SER J 49 5.84 45.72 -0.04
N CYS J 50 6.77 46.56 -0.48
CA CYS J 50 6.43 47.96 -0.69
C CYS J 50 5.66 48.17 -1.99
N ILE J 51 5.83 47.27 -2.96
CA ILE J 51 5.07 47.36 -4.20
C ILE J 51 3.59 47.17 -3.92
N VAL J 52 3.26 46.15 -3.13
CA VAL J 52 1.87 45.82 -2.85
C VAL J 52 1.22 46.91 -2.01
N SER J 53 1.97 47.46 -1.06
CA SER J 53 1.41 48.46 -0.15
C SER J 53 0.96 49.71 -0.90
N ASP J 54 1.78 50.21 -1.83
CA ASP J 54 1.40 51.41 -2.56
C ASP J 54 0.23 51.13 -3.50
N ALA J 55 0.02 49.87 -3.84
CA ALA J 55 -1.10 49.52 -4.72
C ALA J 55 -2.42 49.56 -3.97
N VAL J 56 -2.52 48.82 -2.87
CA VAL J 56 -3.77 48.76 -2.13
C VAL J 56 -4.08 50.12 -1.49
N SER J 57 -3.08 50.79 -0.95
CA SER J 57 -3.30 52.15 -0.45
C SER J 57 -3.67 53.09 -1.59
N GLY J 58 -3.03 52.94 -2.74
CA GLY J 58 -3.35 53.79 -3.88
C GLY J 58 -4.74 53.54 -4.43
N MET J 59 -5.13 52.27 -4.51
CA MET J 59 -6.46 51.93 -5.02
C MET J 59 -7.55 52.51 -4.14
N ILE J 60 -7.35 52.50 -2.82
CA ILE J 60 -8.37 52.99 -1.89
C ILE J 60 -8.51 54.50 -1.99
N CYS J 61 -7.40 55.21 -2.11
CA CYS J 61 -7.45 56.67 -2.10
C CYS J 61 -8.22 57.23 -3.29
N GLU J 62 -8.24 56.50 -4.41
CA GLU J 62 -9.03 56.93 -5.57
C GLU J 62 -10.46 56.43 -5.53
N ASN J 63 -10.75 55.40 -4.74
CA ASN J 63 -12.09 54.81 -4.64
C ASN J 63 -12.44 54.64 -3.17
N PRO J 64 -12.72 55.73 -2.46
CA PRO J 64 -12.93 55.64 -1.01
C PRO J 64 -14.14 54.80 -0.62
N GLY J 65 -15.03 54.48 -1.55
CA GLY J 65 -16.16 53.65 -1.23
C GLY J 65 -15.81 52.22 -0.85
N LEU J 66 -14.56 51.81 -1.11
CA LEU J 66 -14.13 50.46 -0.77
C LEU J 66 -14.09 50.25 0.73
N ILE J 67 -13.60 51.25 1.48
CA ILE J 67 -13.49 51.12 2.93
C ILE J 67 -14.75 51.51 3.66
N ALA J 68 -15.71 52.13 2.98
CA ALA J 68 -16.99 52.43 3.58
C ALA J 68 -17.77 51.13 3.79
N PRO J 69 -18.71 51.12 4.75
CA PRO J 69 -19.48 49.89 5.00
C PRO J 69 -20.19 49.43 3.74
N GLY J 70 -20.19 48.12 3.52
CA GLY J 70 -20.66 47.55 2.29
C GLY J 70 -19.62 47.43 1.21
N GLY J 71 -18.51 48.13 1.32
CA GLY J 71 -17.42 47.95 0.39
C GLY J 71 -16.70 46.64 0.61
N ASN J 72 -15.90 46.25 -0.38
CA ASN J 72 -15.30 44.93 -0.34
C ASN J 72 -13.97 44.89 0.39
N CYS J 73 -13.57 45.99 1.04
CA CYS J 73 -12.37 46.01 1.87
C CYS J 73 -12.65 46.68 3.21
N TYR J 74 -13.82 46.41 3.79
CA TYR J 74 -14.25 47.16 4.97
C TYR J 74 -13.54 46.67 6.23
N THR J 75 -13.77 45.42 6.62
CA THR J 75 -13.25 44.92 7.88
C THR J 75 -11.74 44.65 7.77
N ASN J 76 -11.18 44.13 8.86
CA ASN J 76 -9.79 43.69 8.83
C ASN J 76 -9.66 42.36 8.11
N ARG J 77 -10.66 41.49 8.22
CA ARG J 77 -10.61 40.20 7.54
C ARG J 77 -10.56 40.38 6.03
N ARG J 78 -11.35 41.30 5.49
CA ARG J 78 -11.36 41.53 4.06
C ARG J 78 -10.10 42.24 3.60
N MET J 79 -9.59 43.16 4.41
CA MET J 79 -8.37 43.88 4.03
C MET J 79 -7.16 42.97 4.06
N ALA J 80 -7.13 42.03 5.00
CA ALA J 80 -6.04 41.05 5.02
C ALA J 80 -6.05 40.19 3.77
N ALA J 81 -7.23 39.79 3.31
CA ALA J 81 -7.33 39.02 2.08
C ALA J 81 -6.98 39.87 0.87
N CYS J 82 -7.26 41.17 0.94
CA CYS J 82 -6.92 42.06 -0.17
C CYS J 82 -5.42 42.12 -0.39
N LEU J 83 -4.64 42.18 0.68
CA LEU J 83 -3.19 42.26 0.53
C LEU J 83 -2.59 40.93 0.11
N ARG J 84 -3.16 39.81 0.59
CA ARG J 84 -2.65 38.50 0.19
C ARG J 84 -2.89 38.24 -1.29
N ASP J 85 -4.04 38.66 -1.81
CA ASP J 85 -4.29 38.51 -3.23
C ASP J 85 -3.33 39.35 -4.05
N GLY J 86 -3.03 40.56 -3.62
CA GLY J 86 -2.07 41.39 -4.33
C GLY J 86 -0.69 40.78 -4.36
N GLU J 87 -0.26 40.21 -3.24
CA GLU J 87 1.05 39.55 -3.20
C GLU J 87 1.07 38.32 -4.08
N ILE J 88 -0.01 37.54 -4.10
CA ILE J 88 -0.04 36.33 -4.90
C ILE J 88 0.04 36.66 -6.39
N ILE J 89 -0.70 37.68 -6.83
CA ILE J 89 -0.66 38.06 -8.24
C ILE J 89 0.73 38.56 -8.62
N LEU J 90 1.36 39.35 -7.76
CA LEU J 90 2.73 39.79 -8.03
C LEU J 90 3.69 38.62 -8.01
N ARG J 91 3.48 37.64 -7.13
CA ARG J 91 4.38 36.51 -7.03
C ARG J 91 4.42 35.72 -8.33
N TYR J 92 3.27 35.53 -8.96
CA TYR J 92 3.23 34.77 -10.20
C TYR J 92 3.78 35.58 -11.37
N THR J 93 3.82 36.91 -11.25
CA THR J 93 4.42 37.72 -12.30
C THR J 93 5.94 37.59 -12.28
N SER J 94 6.55 37.67 -11.11
CA SER J 94 8.00 37.49 -11.02
C SER J 94 8.41 36.07 -11.36
N TYR J 95 7.52 35.10 -11.17
CA TYR J 95 7.74 33.76 -11.73
C TYR J 95 7.81 33.83 -13.25
N ALA J 96 6.91 34.60 -13.86
CA ALA J 96 6.88 34.69 -15.31
C ALA J 96 8.09 35.44 -15.84
N LEU J 97 8.52 36.50 -15.16
CA LEU J 97 9.68 37.25 -15.62
C LEU J 97 10.94 36.40 -15.57
N LEU J 98 11.11 35.61 -14.51
CA LEU J 98 12.25 34.70 -14.43
C LEU J 98 12.19 33.63 -15.51
N ALA J 99 11.01 33.08 -15.76
CA ALA J 99 10.85 32.03 -16.76
C ALA J 99 10.98 32.55 -18.18
N GLY J 100 10.44 33.73 -18.47
CA GLY J 100 10.41 34.23 -19.82
C GLY J 100 9.20 33.85 -20.62
N ASP J 101 8.22 33.20 -20.00
CA ASP J 101 6.99 32.81 -20.68
C ASP J 101 5.82 33.02 -19.73
N SER J 102 4.64 33.21 -20.30
CA SER J 102 3.44 33.50 -19.52
C SER J 102 2.62 32.26 -19.20
N SER J 103 3.12 31.06 -19.49
CA SER J 103 2.33 29.86 -19.25
C SER J 103 2.09 29.64 -17.76
N VAL J 104 3.10 29.94 -16.93
CA VAL J 104 2.94 29.73 -15.49
C VAL J 104 1.88 30.66 -14.93
N LEU J 105 1.82 31.90 -15.43
CA LEU J 105 0.87 32.87 -14.90
C LEU J 105 -0.56 32.53 -15.29
N GLU J 106 -0.77 32.15 -16.55
CA GLU J 106 -2.13 31.87 -17.02
C GLU J 106 -2.70 30.60 -16.38
N ASP J 107 -1.94 29.51 -16.39
CA ASP J 107 -2.50 28.22 -16.02
C ASP J 107 -2.70 28.06 -14.52
N ARG J 108 -1.80 28.62 -13.70
CA ARG J 108 -1.88 28.41 -12.26
C ARG J 108 -2.53 29.56 -11.50
N CYS J 109 -2.58 30.76 -12.07
CA CYS J 109 -3.13 31.92 -11.38
C CYS J 109 -4.35 32.50 -12.07
N LEU J 110 -4.28 32.70 -13.39
CA LEU J 110 -5.37 33.36 -14.10
C LEU J 110 -6.44 32.38 -14.58
N ASN J 111 -6.24 31.08 -14.38
CA ASN J 111 -7.21 30.09 -14.85
C ASN J 111 -8.40 30.06 -13.89
N GLY J 112 -9.56 30.52 -14.36
CA GLY J 112 -10.76 30.51 -13.55
C GLY J 112 -10.84 31.62 -12.52
N LEU J 113 -9.92 32.59 -12.56
CA LEU J 113 -9.96 33.67 -11.58
C LEU J 113 -11.17 34.56 -11.78
N LYS J 114 -11.54 34.83 -13.03
CA LYS J 114 -12.67 35.70 -13.30
C LYS J 114 -13.97 35.09 -12.76
N GLU J 115 -14.12 33.77 -12.93
CA GLU J 115 -15.32 33.10 -12.43
C GLU J 115 -15.37 33.14 -10.90
N THR J 116 -14.21 33.08 -10.26
CA THR J 116 -14.17 33.13 -8.80
C THR J 116 -14.56 34.50 -8.27
N TYR J 117 -14.01 35.57 -8.86
CA TYR J 117 -14.24 36.91 -8.34
C TYR J 117 -15.70 37.32 -8.48
N ILE J 118 -16.35 36.93 -9.58
CA ILE J 118 -17.75 37.30 -9.78
C ILE J 118 -18.64 36.58 -8.78
N ALA J 119 -18.23 35.37 -8.35
CA ALA J 119 -19.00 34.65 -7.35
C ALA J 119 -18.90 35.30 -5.98
N LEU J 120 -17.71 35.83 -5.65
CA LEU J 120 -17.49 36.45 -4.35
C LEU J 120 -17.96 37.89 -4.29
N GLY J 121 -18.31 38.50 -5.41
CA GLY J 121 -18.73 39.88 -5.42
C GLY J 121 -17.61 40.90 -5.40
N VAL J 122 -16.38 40.48 -5.67
CA VAL J 122 -15.24 41.39 -5.69
C VAL J 122 -15.40 42.35 -6.86
N PRO J 123 -15.27 43.66 -6.65
CA PRO J 123 -15.42 44.59 -7.77
C PRO J 123 -14.29 44.44 -8.78
N THR J 124 -14.66 44.31 -10.05
CA THR J 124 -13.66 44.14 -11.10
C THR J 124 -12.98 45.45 -11.45
N ASN J 125 -13.70 46.57 -11.33
CA ASN J 125 -13.14 47.86 -11.71
C ASN J 125 -11.98 48.24 -10.79
N SER J 126 -12.14 48.00 -9.49
CA SER J 126 -11.11 48.39 -8.54
C SER J 126 -9.93 47.42 -8.56
N THR J 127 -10.18 46.15 -8.87
CA THR J 127 -9.09 45.19 -8.91
C THR J 127 -8.08 45.52 -10.01
N VAL J 128 -8.56 45.90 -11.19
CA VAL J 128 -7.63 46.26 -12.26
C VAL J 128 -6.91 47.55 -11.92
N ARG J 129 -7.49 48.39 -11.07
CA ARG J 129 -6.80 49.59 -10.63
C ARG J 129 -5.62 49.23 -9.72
N ALA J 130 -5.81 48.22 -8.86
CA ALA J 130 -4.72 47.77 -8.02
C ALA J 130 -3.60 47.15 -8.83
N VAL J 131 -3.95 46.36 -9.86
CA VAL J 131 -2.94 45.71 -10.69
C VAL J 131 -2.20 46.73 -11.53
N SER J 132 -2.93 47.68 -12.13
CA SER J 132 -2.29 48.68 -12.98
C SER J 132 -1.33 49.56 -12.18
N ILE J 133 -1.61 49.79 -10.89
CA ILE J 133 -0.66 50.50 -10.05
C ILE J 133 0.54 49.62 -9.75
N MET J 134 0.32 48.33 -9.50
CA MET J 134 1.43 47.42 -9.24
C MET J 134 2.34 47.32 -10.45
N LYS J 135 1.78 47.36 -11.66
CA LYS J 135 2.59 47.36 -12.86
C LYS J 135 3.47 48.60 -12.93
N SER J 136 2.91 49.76 -12.58
CA SER J 136 3.67 51.01 -12.66
C SER J 136 4.82 51.04 -11.66
N SER J 137 4.58 50.54 -10.45
CA SER J 137 5.64 50.53 -9.45
C SER J 137 6.71 49.50 -9.80
N ALA J 138 6.30 48.34 -10.32
CA ALA J 138 7.28 47.32 -10.68
C ALA J 138 8.19 47.79 -11.80
N VAL J 139 7.63 48.47 -12.80
CA VAL J 139 8.43 48.94 -13.93
C VAL J 139 9.44 49.98 -13.46
N ALA J 140 9.02 50.89 -12.56
CA ALA J 140 9.94 51.90 -12.05
C ALA J 140 11.08 51.26 -11.26
N PHE J 141 10.83 50.10 -10.66
CA PHE J 141 11.90 49.41 -9.93
C PHE J 141 12.86 48.70 -10.87
N ILE J 142 12.36 48.16 -11.97
CA ILE J 142 13.24 47.50 -12.93
C ILE J 142 14.23 48.49 -13.51
N SER J 143 13.74 49.63 -13.99
CA SER J 143 14.59 50.64 -14.62
C SER J 143 15.40 51.44 -13.60
N ASN J 144 15.36 51.06 -12.32
CA ASN J 144 16.10 51.76 -11.27
C ASN J 144 15.73 53.24 -11.21
N THR J 145 14.44 53.54 -11.39
CA THR J 145 13.94 54.90 -11.39
C THR J 145 13.10 55.21 -10.16
N ALA J 146 13.15 54.38 -9.12
CA ALA J 146 12.43 54.67 -7.90
C ALA J 146 12.99 55.92 -7.24
N SER J 147 12.08 56.83 -6.85
CA SER J 147 12.51 58.12 -6.34
C SER J 147 13.30 57.98 -5.04
N GLN J 148 12.86 57.08 -4.15
CA GLN J 148 13.43 56.99 -2.82
C GLN J 148 14.39 55.83 -2.61
N ARG J 149 14.34 54.80 -3.46
CA ARG J 149 15.17 53.62 -3.30
C ARG J 149 15.98 53.40 -4.56
N LYS J 150 17.30 53.50 -4.43
CA LYS J 150 18.22 53.30 -5.55
C LYS J 150 19.15 52.13 -5.22
N MET J 151 19.27 51.21 -6.16
CA MET J 151 20.18 50.08 -6.04
C MET J 151 21.29 50.23 -7.06
N ALA J 152 22.52 49.98 -6.64
CA ALA J 152 23.68 50.14 -7.52
C ALA J 152 23.81 48.92 -8.43
N THR J 153 23.91 49.16 -9.73
CA THR J 153 24.08 48.09 -10.70
C THR J 153 24.97 48.59 -11.84
N ALA J 154 25.51 47.65 -12.59
CA ALA J 154 26.33 48.00 -13.74
C ALA J 154 25.48 48.73 -14.79
N ASP J 155 26.09 49.73 -15.43
CA ASP J 155 25.35 50.57 -16.36
C ASP J 155 24.90 49.75 -17.56
N GLY J 156 23.68 50.01 -18.01
CA GLY J 156 23.14 49.31 -19.16
C GLY J 156 21.75 49.82 -19.48
N ASP J 157 21.19 49.27 -20.55
CA ASP J 157 19.84 49.61 -20.99
C ASP J 157 18.97 48.36 -20.92
N CYS J 158 17.84 48.47 -20.22
CA CYS J 158 16.98 47.32 -19.95
C CYS J 158 15.53 47.58 -20.37
N SER J 159 15.32 48.48 -21.33
CA SER J 159 13.97 48.80 -21.76
C SER J 159 13.25 47.60 -22.33
N ALA J 160 14.00 46.58 -22.77
CA ALA J 160 13.37 45.35 -23.24
C ALA J 160 12.65 44.63 -22.11
N LEU J 161 13.24 44.64 -20.91
CA LEU J 161 12.65 43.94 -19.78
C LEU J 161 11.47 44.72 -19.19
N SER J 162 11.54 46.04 -19.23
CA SER J 162 10.44 46.85 -18.69
C SER J 162 9.15 46.59 -19.45
N SER J 163 9.21 46.54 -20.78
CA SER J 163 8.01 46.28 -21.57
C SER J 163 7.50 44.86 -21.36
N GLU J 164 8.41 43.91 -21.14
CA GLU J 164 7.99 42.53 -20.88
C GLU J 164 7.27 42.42 -19.54
N VAL J 165 7.68 43.23 -18.55
CA VAL J 165 6.97 43.25 -17.28
C VAL J 165 5.57 43.80 -17.46
N ALA J 166 5.43 44.89 -18.20
CA ALA J 166 4.13 45.51 -18.40
C ALA J 166 3.19 44.59 -19.17
N SER J 167 3.75 43.74 -20.04
CA SER J 167 2.92 42.83 -20.82
C SER J 167 2.27 41.77 -19.94
N TYR J 168 3.01 41.22 -18.99
CA TYR J 168 2.46 40.18 -18.12
C TYR J 168 1.37 40.73 -17.23
N CYS J 169 1.57 41.93 -16.68
CA CYS J 169 0.52 42.53 -15.86
C CYS J 169 -0.70 42.84 -16.70
N ASP J 170 -0.51 43.17 -17.98
CA ASP J 170 -1.65 43.40 -18.86
C ASP J 170 -2.45 42.11 -19.07
N LYS J 171 -1.76 40.97 -19.09
CA LYS J 171 -2.47 39.69 -19.18
C LYS J 171 -3.37 39.46 -17.98
N VAL J 172 -2.93 39.90 -16.79
CA VAL J 172 -3.75 39.76 -15.59
C VAL J 172 -4.97 40.67 -15.67
N SER J 173 -4.74 41.91 -16.11
CA SER J 173 -5.85 42.87 -16.15
C SER J 173 -6.90 42.48 -17.17
N ALA J 174 -6.48 41.85 -18.28
CA ALA J 174 -7.44 41.39 -19.28
C ALA J 174 -8.25 40.21 -18.78
N ALA J 175 -7.64 39.33 -17.96
CA ALA J 175 -8.38 38.18 -17.44
C ALA J 175 -9.51 38.60 -16.51
N ILE J 176 -9.26 39.58 -15.65
CA ILE J 176 -10.27 40.01 -14.69
C ILE J 176 -11.11 41.16 -15.26
N MET K 1 -21.48 33.93 14.58
CA MET K 1 -20.99 34.69 15.71
C MET K 1 -21.06 33.87 16.98
N LYS K 2 -19.96 33.84 17.72
CA LYS K 2 -19.94 33.10 18.98
C LYS K 2 -20.77 33.81 20.03
N SER K 3 -21.64 33.06 20.70
CA SER K 3 -22.44 33.57 21.79
C SER K 3 -22.94 32.38 22.59
N VAL K 4 -23.69 32.65 23.64
CA VAL K 4 -24.23 31.57 24.46
C VAL K 4 -25.22 30.74 23.65
N ILE K 5 -26.05 31.41 22.85
CA ILE K 5 -27.08 30.71 22.09
C ILE K 5 -26.45 29.93 20.93
N THR K 6 -25.57 30.58 20.17
CA THR K 6 -25.05 29.94 18.96
C THR K 6 -24.11 28.80 19.28
N THR K 7 -23.27 28.94 20.32
CA THR K 7 -22.39 27.84 20.70
C THR K 7 -23.19 26.66 21.20
N THR K 8 -24.24 26.91 21.98
CA THR K 8 -25.07 25.84 22.50
C THR K 8 -25.78 25.08 21.37
N ILE K 9 -26.36 25.82 20.41
CA ILE K 9 -27.07 25.17 19.32
C ILE K 9 -26.12 24.40 18.43
N SER K 10 -24.95 24.99 18.14
CA SER K 10 -24.01 24.35 17.22
C SER K 10 -23.52 23.01 17.77
N ALA K 11 -23.34 22.91 19.08
CA ALA K 11 -22.97 21.63 19.68
C ALA K 11 -24.08 20.61 19.54
N ALA K 12 -25.33 21.04 19.72
CA ALA K 12 -26.46 20.12 19.54
C ALA K 12 -26.61 19.74 18.07
N ASP K 13 -26.39 20.68 17.16
CA ASP K 13 -26.51 20.39 15.73
C ASP K 13 -25.50 19.36 15.30
N ALA K 14 -24.26 19.47 15.80
CA ALA K 14 -23.20 18.56 15.36
C ALA K 14 -23.57 17.11 15.66
N ALA K 15 -24.13 16.84 16.83
CA ALA K 15 -24.51 15.49 17.21
C ALA K 15 -25.89 15.08 16.71
N GLY K 16 -26.60 15.99 16.03
CA GLY K 16 -27.96 15.67 15.61
C GLY K 16 -28.91 15.46 16.76
N ARG K 17 -28.89 16.36 17.73
CA ARG K 17 -29.71 16.24 18.93
C ARG K 17 -30.72 17.38 19.01
N PHE K 18 -31.90 17.08 19.51
CA PHE K 18 -32.88 18.10 19.85
C PHE K 18 -32.34 18.92 21.02
N PRO K 19 -32.76 20.18 21.15
CA PRO K 19 -32.37 20.96 22.32
C PRO K 19 -32.93 20.33 23.60
N SER K 20 -32.04 20.01 24.52
CA SER K 20 -32.41 19.32 25.74
C SER K 20 -32.13 20.22 26.95
N SER K 21 -32.27 19.64 28.14
CA SER K 21 -32.13 20.44 29.37
C SER K 21 -30.76 21.09 29.47
N SER K 22 -29.73 20.44 28.92
CA SER K 22 -28.41 21.06 28.90
C SER K 22 -28.42 22.31 28.05
N ASP K 23 -29.12 22.28 26.90
CA ASP K 23 -29.11 23.40 25.99
C ASP K 23 -29.96 24.56 26.50
N LEU K 24 -31.11 24.24 27.11
CA LEU K 24 -31.99 25.30 27.60
C LEU K 24 -31.45 25.94 28.87
N GLU K 25 -30.62 25.22 29.63
CA GLU K 25 -30.02 25.80 30.83
C GLU K 25 -28.98 26.85 30.48
N SER K 26 -28.27 26.66 29.37
CA SER K 26 -27.28 27.63 28.94
C SER K 26 -27.94 28.96 28.55
N VAL K 27 -29.08 28.88 27.84
CA VAL K 27 -29.78 30.09 27.44
C VAL K 27 -30.30 30.84 28.67
N GLN K 28 -30.61 30.11 29.73
CA GLN K 28 -31.06 30.74 30.97
C GLN K 28 -29.97 31.63 31.56
N GLY K 29 -28.70 31.31 31.30
CA GLY K 29 -27.62 32.16 31.77
C GLY K 29 -27.61 33.52 31.09
N ASN K 30 -27.97 33.56 29.81
CA ASN K 30 -28.00 34.82 29.08
C ASN K 30 -29.09 35.74 29.61
N ILE K 31 -30.23 35.16 30.01
CA ILE K 31 -31.33 35.95 30.55
C ILE K 31 -30.90 36.65 31.84
N GLN K 32 -30.21 35.93 32.72
CA GLN K 32 -29.78 36.52 33.98
C GLN K 32 -28.80 37.65 33.77
N ARG K 33 -27.83 37.46 32.88
CA ARG K 33 -26.76 38.43 32.68
C ARG K 33 -27.12 39.51 31.67
N ALA K 34 -28.22 39.38 30.95
CA ALA K 34 -28.59 40.39 29.96
C ALA K 34 -28.88 41.73 30.62
N ALA K 35 -29.32 41.70 31.88
CA ALA K 35 -29.59 42.95 32.58
C ALA K 35 -28.31 43.77 32.76
N SER K 36 -27.22 43.12 33.14
CA SER K 36 -25.99 43.84 33.44
C SER K 36 -25.29 44.31 32.17
N ARG K 37 -25.20 43.43 31.16
CA ARG K 37 -24.53 43.80 29.93
C ARG K 37 -25.25 44.93 29.20
N LEU K 38 -26.59 44.87 29.14
CA LEU K 38 -27.33 45.84 28.35
C LEU K 38 -27.21 47.25 28.91
N GLU K 39 -26.97 47.37 30.22
CA GLU K 39 -26.72 48.69 30.80
C GLU K 39 -25.42 49.30 30.28
N ALA K 40 -24.38 48.47 30.14
CA ALA K 40 -23.09 48.97 29.67
C ALA K 40 -23.17 49.44 28.22
N ALA K 41 -23.83 48.65 27.37
CA ALA K 41 -23.91 49.00 25.95
C ALA K 41 -24.71 50.28 25.74
N GLU K 42 -25.78 50.47 26.52
CA GLU K 42 -26.58 51.68 26.41
C GLU K 42 -25.83 52.89 26.94
N LYS K 43 -24.93 52.67 27.90
CA LYS K 43 -24.14 53.78 28.44
C LYS K 43 -23.07 54.22 27.45
N LEU K 44 -22.36 53.27 26.84
CA LEU K 44 -21.30 53.61 25.90
C LEU K 44 -21.86 54.24 24.62
N ALA K 45 -23.08 53.83 24.22
CA ALA K 45 -23.65 54.35 22.99
C ALA K 45 -23.92 55.84 23.08
N GLY K 46 -24.38 56.31 24.24
CA GLY K 46 -24.65 57.71 24.42
C GLY K 46 -23.46 58.57 24.76
N ASN K 47 -22.30 57.97 25.04
CA ASN K 47 -21.12 58.72 25.40
C ASN K 47 -19.89 58.24 24.63
N HIS K 48 -20.04 57.92 23.35
CA HIS K 48 -18.91 57.39 22.59
C HIS K 48 -17.98 58.49 22.11
N GLU K 49 -18.49 59.72 21.96
CA GLU K 49 -17.66 60.81 21.46
C GLU K 49 -16.58 61.19 22.47
N ALA K 50 -16.93 61.21 23.76
CA ALA K 50 -15.97 61.60 24.79
C ALA K 50 -14.92 60.51 25.00
N VAL K 51 -15.34 59.24 24.98
CA VAL K 51 -14.40 58.14 25.21
C VAL K 51 -13.35 58.09 24.11
N VAL K 52 -13.76 58.24 22.86
CA VAL K 52 -12.83 58.12 21.74
C VAL K 52 -11.81 59.24 21.79
N LYS K 53 -12.24 60.48 22.06
CA LYS K 53 -11.31 61.59 22.09
C LYS K 53 -10.31 61.45 23.23
N GLU K 54 -10.78 61.05 24.41
CA GLU K 54 -9.90 60.89 25.55
C GLU K 54 -8.92 59.74 25.34
N ALA K 55 -9.40 58.63 24.79
CA ALA K 55 -8.51 57.50 24.53
C ALA K 55 -7.49 57.83 23.47
N GLY K 56 -7.90 58.53 22.42
CA GLY K 56 -6.98 58.85 21.33
C GLY K 56 -5.84 59.76 21.77
N ASP K 57 -6.14 60.74 22.62
CA ASP K 57 -5.10 61.66 23.09
C ASP K 57 -4.07 60.93 23.94
N ALA K 58 -4.52 59.98 24.76
CA ALA K 58 -3.59 59.24 25.62
C ALA K 58 -2.58 58.45 24.79
N CYS K 59 -2.97 58.01 23.60
CA CYS K 59 -2.05 57.26 22.75
C CYS K 59 -0.89 58.13 22.30
N PHE K 60 -1.16 59.37 21.92
CA PHE K 60 -0.11 60.22 21.36
C PHE K 60 0.70 60.94 22.42
N ALA K 61 0.14 61.16 23.61
CA ALA K 61 0.91 61.75 24.69
C ALA K 61 1.97 60.78 25.18
N LYS K 62 1.66 59.48 25.22
CA LYS K 62 2.63 58.49 25.67
C LYS K 62 3.71 58.23 24.62
N TYR K 63 3.36 58.32 23.33
CA TYR K 63 4.29 58.07 22.23
C TYR K 63 4.31 59.28 21.31
N PRO K 64 5.04 60.33 21.69
CA PRO K 64 5.13 61.50 20.81
C PRO K 64 5.89 61.25 19.53
N TYR K 65 6.65 60.16 19.44
CA TYR K 65 7.47 59.90 18.26
C TYR K 65 6.64 59.57 17.04
N LEU K 66 5.34 59.32 17.20
CA LEU K 66 4.49 59.03 16.05
C LEU K 66 4.25 60.29 15.22
N LYS K 67 4.51 61.47 15.78
CA LYS K 67 4.34 62.71 15.04
C LYS K 67 5.44 62.94 14.02
N ASN K 68 6.63 62.39 14.23
CA ASN K 68 7.78 62.74 13.41
C ASN K 68 7.61 62.24 11.98
N PRO K 69 8.21 62.93 11.00
CA PRO K 69 8.06 62.53 9.61
C PRO K 69 8.61 61.13 9.35
N GLY K 70 7.93 60.41 8.46
CA GLY K 70 8.29 59.04 8.13
C GLY K 70 7.60 57.99 8.96
N GLU K 71 7.02 58.36 10.10
CA GLU K 71 6.29 57.43 10.94
C GLU K 71 4.80 57.50 10.63
N ALA K 72 4.07 56.50 11.13
CA ALA K 72 2.63 56.53 11.04
C ALA K 72 2.10 57.68 11.88
N GLY K 73 1.14 58.42 11.32
CA GLY K 73 0.64 59.60 12.00
C GLY K 73 1.50 60.82 11.85
N ASP K 74 2.25 60.94 10.75
CA ASP K 74 3.10 62.10 10.52
C ASP K 74 2.36 63.26 9.86
N SER K 75 1.11 63.08 9.48
CA SER K 75 0.33 64.12 8.81
C SER K 75 -1.05 64.23 9.44
N GLN K 76 -1.76 65.29 9.07
CA GLN K 76 -3.10 65.52 9.60
C GLN K 76 -4.07 64.46 9.09
N GLU K 77 -3.93 64.04 7.84
CA GLU K 77 -4.80 62.98 7.32
C GLU K 77 -4.58 61.67 8.07
N LYS K 78 -3.33 61.34 8.38
CA LYS K 78 -3.05 60.11 9.10
C LYS K 78 -3.44 60.22 10.56
N ILE K 79 -3.42 61.43 11.12
CA ILE K 79 -3.78 61.60 12.52
C ILE K 79 -5.26 61.35 12.74
N ASN K 80 -6.10 61.90 11.85
CA ASN K 80 -7.55 61.70 11.97
C ASN K 80 -7.92 60.25 11.72
N LYS K 81 -7.11 59.54 10.95
CA LYS K 81 -7.36 58.11 10.74
C LYS K 81 -7.17 57.33 12.03
N CYS K 82 -6.24 57.76 12.88
CA CYS K 82 -6.01 57.08 14.14
C CYS K 82 -7.24 57.13 15.03
N TYR K 83 -7.89 58.30 15.11
CA TYR K 83 -9.09 58.42 15.92
C TYR K 83 -10.24 57.64 15.30
N ARG K 84 -10.26 57.53 13.97
CA ARG K 84 -11.30 56.77 13.30
C ARG K 84 -11.16 55.27 13.59
N ASP K 85 -9.93 54.77 13.69
CA ASP K 85 -9.72 53.36 13.98
C ASP K 85 -10.07 53.03 15.42
N ILE K 86 -9.82 53.97 16.35
CA ILE K 86 -10.23 53.76 17.73
C ILE K 86 -11.75 53.73 17.85
N ASP K 87 -12.42 54.55 17.04
CA ASP K 87 -13.88 54.55 17.05
C ASP K 87 -14.42 53.19 16.64
N HIS K 88 -13.81 52.56 15.64
CA HIS K 88 -14.27 51.24 15.22
C HIS K 88 -14.14 50.23 16.35
N TYR K 89 -13.02 50.26 17.06
CA TYR K 89 -12.82 49.30 18.15
C TYR K 89 -13.81 49.53 19.27
N MET K 90 -14.06 50.80 19.62
CA MET K 90 -15.04 51.08 20.66
C MET K 90 -16.45 50.75 20.18
N ARG K 91 -16.68 50.78 18.87
CA ARG K 91 -17.99 50.39 18.34
C ARG K 91 -18.20 48.89 18.46
N LEU K 92 -17.18 48.09 18.17
CA LEU K 92 -17.32 46.65 18.24
C LEU K 92 -17.28 46.13 19.66
N ILE K 93 -16.63 46.83 20.59
CA ILE K 93 -16.81 46.50 22.00
C ILE K 93 -18.26 46.68 22.40
N ASN K 94 -18.90 47.75 21.90
CA ASN K 94 -20.31 47.96 22.16
C ASN K 94 -21.16 46.86 21.55
N TYR K 95 -20.75 46.33 20.40
CA TYR K 95 -21.47 45.19 19.82
C TYR K 95 -21.27 43.93 20.65
N SER K 96 -20.07 43.75 21.22
CA SER K 96 -19.79 42.55 21.98
C SER K 96 -20.58 42.52 23.29
N LEU K 97 -20.99 43.68 23.79
CA LEU K 97 -21.83 43.71 24.97
C LEU K 97 -23.28 43.35 24.65
N VAL K 98 -23.78 43.82 23.51
CA VAL K 98 -25.16 43.51 23.13
C VAL K 98 -25.29 42.04 22.75
N VAL K 99 -24.35 41.52 21.95
CA VAL K 99 -24.45 40.15 21.48
C VAL K 99 -24.35 39.18 22.65
N GLY K 100 -23.44 39.43 23.59
CA GLY K 100 -23.23 38.54 24.70
C GLY K 100 -22.05 37.62 24.57
N GLY K 101 -21.21 37.81 23.54
CA GLY K 101 -20.04 37.00 23.34
C GLY K 101 -19.01 37.78 22.56
N THR K 102 -17.88 37.13 22.29
CA THR K 102 -16.80 37.75 21.54
C THR K 102 -16.97 37.59 20.04
N GLY K 103 -18.19 37.42 19.55
CA GLY K 103 -18.44 37.22 18.15
C GLY K 103 -17.93 38.34 17.26
N PRO K 104 -18.48 39.55 17.42
CA PRO K 104 -18.06 40.66 16.56
C PRO K 104 -16.57 40.99 16.64
N LEU K 105 -15.96 40.83 17.81
CA LEU K 105 -14.55 41.20 17.94
C LEU K 105 -13.65 40.26 17.14
N ASP K 106 -13.88 38.95 17.24
CA ASP K 106 -13.07 38.01 16.46
C ASP K 106 -13.38 38.11 14.97
N GLU K 107 -14.66 38.26 14.64
CA GLU K 107 -15.07 38.26 13.24
C GLU K 107 -14.62 39.51 12.50
N TRP K 108 -14.55 40.66 13.18
CA TRP K 108 -14.44 41.92 12.47
C TRP K 108 -13.16 42.72 12.76
N CYS K 109 -12.44 42.44 13.84
CA CYS K 109 -11.12 43.06 14.00
C CYS K 109 -9.99 42.08 14.24
N ILE K 110 -10.20 41.06 15.08
CA ILE K 110 -9.07 40.21 15.45
C ILE K 110 -8.77 39.19 14.36
N ALA K 111 -9.68 39.01 13.40
CA ALA K 111 -9.55 37.96 12.41
C ALA K 111 -8.24 38.08 11.63
N GLY K 112 -7.97 39.26 11.08
CA GLY K 112 -6.79 39.43 10.26
C GLY K 112 -6.01 40.68 10.59
N ALA K 113 -6.09 41.13 11.84
CA ALA K 113 -5.44 42.38 12.23
C ALA K 113 -3.92 42.25 12.16
N ARG K 114 -3.39 41.09 12.50
CA ARG K 114 -1.94 40.96 12.66
C ARG K 114 -1.21 41.15 11.34
N GLU K 115 -1.80 40.64 10.25
CA GLU K 115 -1.19 40.83 8.94
C GLU K 115 -1.35 42.26 8.46
N VAL K 116 -2.51 42.87 8.73
CA VAL K 116 -2.79 44.21 8.22
C VAL K 116 -1.90 45.24 8.88
N TYR K 117 -1.75 45.15 10.21
CA TYR K 117 -0.94 46.13 10.92
C TYR K 117 0.53 46.02 10.56
N ARG K 118 0.97 44.87 10.09
CA ARG K 118 2.37 44.72 9.69
C ARG K 118 2.63 45.38 8.34
N ALA K 119 1.67 45.27 7.41
CA ALA K 119 1.88 45.82 6.08
C ALA K 119 1.89 47.35 6.10
N LEU K 120 0.93 47.96 6.80
CA LEU K 120 0.86 49.41 6.90
C LEU K 120 1.80 49.97 7.95
N ASN K 121 2.49 49.11 8.70
CA ASN K 121 3.42 49.52 9.75
C ASN K 121 2.67 50.41 10.76
N LEU K 122 1.77 49.78 11.50
CA LEU K 122 1.09 50.44 12.61
C LEU K 122 1.46 49.69 13.88
N PRO K 123 2.19 50.28 14.80
CA PRO K 123 2.56 49.55 16.03
C PRO K 123 1.31 49.13 16.79
N GLY K 124 1.35 47.90 17.31
CA GLY K 124 0.26 47.44 18.14
C GLY K 124 0.28 48.03 19.52
N SER K 125 1.41 48.60 19.94
CA SER K 125 1.47 49.25 21.24
C SER K 125 0.63 50.51 21.31
N SER K 126 0.51 51.22 20.19
CA SER K 126 -0.28 52.45 20.19
C SER K 126 -1.75 52.17 20.45
N TYR K 127 -2.30 51.14 19.81
CA TYR K 127 -3.67 50.76 20.10
C TYR K 127 -3.80 50.20 21.51
N ILE K 128 -2.76 49.53 21.99
CA ILE K 128 -2.77 49.00 23.35
C ILE K 128 -2.82 50.14 24.36
N ALA K 129 -2.04 51.19 24.11
CA ALA K 129 -1.96 52.30 25.06
C ALA K 129 -3.29 53.04 25.17
N ALA K 130 -4.07 53.09 24.09
CA ALA K 130 -5.35 53.77 24.12
C ALA K 130 -6.35 53.02 24.98
N PHE K 131 -6.37 51.69 24.89
CA PHE K 131 -7.36 50.91 25.62
C PHE K 131 -6.97 50.78 27.09
N VAL K 132 -5.68 50.71 27.39
CA VAL K 132 -5.25 50.65 28.78
C VAL K 132 -5.69 51.90 29.52
N PHE K 133 -5.59 53.05 28.88
CA PHE K 133 -6.03 54.30 29.50
C PHE K 133 -7.52 54.28 29.79
N THR K 134 -8.33 53.81 28.82
CA THR K 134 -9.77 53.74 29.05
C THR K 134 -10.12 52.75 30.14
N ARG K 135 -9.47 51.58 30.14
CA ARG K 135 -9.80 50.55 31.11
C ARG K 135 -9.53 51.02 32.54
N ASP K 136 -8.41 51.70 32.76
CA ASP K 136 -8.06 52.16 34.09
C ASP K 136 -8.86 53.37 34.53
N ARG K 137 -9.34 54.19 33.58
CA ARG K 137 -10.04 55.41 33.96
C ARG K 137 -11.47 55.13 34.41
N LEU K 138 -12.12 54.14 33.82
CA LEU K 138 -13.49 53.81 34.20
C LEU K 138 -13.56 53.46 35.69
N CYS K 139 -14.48 54.11 36.40
CA CYS K 139 -14.62 53.91 37.84
C CYS K 139 -16.10 53.88 38.20
N VAL K 140 -16.39 53.21 39.31
CA VAL K 140 -17.76 53.00 39.77
C VAL K 140 -17.97 53.76 41.07
N PRO K 141 -19.21 54.08 41.46
CA PRO K 141 -20.44 53.91 40.66
C PRO K 141 -20.78 55.12 39.80
N ARG K 142 -19.91 56.12 39.70
CA ARG K 142 -20.29 57.36 39.03
C ARG K 142 -20.48 57.15 37.53
N ASP K 143 -19.83 56.15 36.95
CA ASP K 143 -19.92 55.87 35.52
C ASP K 143 -21.01 54.86 35.19
N MET K 144 -21.01 53.73 35.88
CA MET K 144 -21.97 52.67 35.62
C MET K 144 -22.08 51.81 36.86
N SER K 145 -22.98 50.83 36.80
CA SER K 145 -23.20 49.94 37.93
C SER K 145 -21.96 49.08 38.18
N ALA K 146 -21.90 48.49 39.38
CA ALA K 146 -20.74 47.68 39.74
C ALA K 146 -20.61 46.47 38.82
N GLN K 147 -21.72 45.79 38.54
CA GLN K 147 -21.66 44.60 37.70
C GLN K 147 -21.52 44.95 36.22
N ALA K 148 -22.10 46.06 35.78
CA ALA K 148 -21.97 46.45 34.38
C ALA K 148 -20.53 46.79 34.03
N ALA K 149 -19.79 47.38 34.97
CA ALA K 149 -18.40 47.73 34.71
C ALA K 149 -17.52 46.48 34.64
N VAL K 150 -17.93 45.41 35.31
CA VAL K 150 -17.20 44.15 35.20
C VAL K 150 -17.27 43.61 33.77
N GLU K 151 -18.45 43.68 33.17
CA GLU K 151 -18.61 43.21 31.80
C GLU K 151 -17.86 44.09 30.82
N PHE K 152 -17.83 45.40 31.08
CA PHE K 152 -17.12 46.31 30.19
C PHE K 152 -15.62 46.05 30.23
N SER K 153 -15.05 45.87 31.43
CA SER K 153 -13.62 45.60 31.52
C SER K 153 -13.27 44.22 30.99
N GLY K 154 -14.24 43.32 30.93
CA GLY K 154 -14.00 42.04 30.28
C GLY K 154 -13.82 42.19 28.78
N ALA K 155 -14.55 43.12 28.16
CA ALA K 155 -14.42 43.33 26.73
C ALA K 155 -13.12 44.04 26.39
N LEU K 156 -12.70 45.00 27.23
CA LEU K 156 -11.46 45.72 26.98
C LEU K 156 -10.24 44.83 27.18
N ASP K 157 -10.31 43.93 28.16
CA ASP K 157 -9.18 43.03 28.40
C ASP K 157 -9.04 42.03 27.27
N TYR K 158 -10.14 41.69 26.60
CA TYR K 158 -10.07 40.72 25.52
C TYR K 158 -9.33 41.28 24.31
N VAL K 159 -9.66 42.51 23.91
CA VAL K 159 -9.01 43.10 22.76
C VAL K 159 -7.55 43.42 23.06
N ILE K 160 -7.26 43.83 24.30
CA ILE K 160 -5.88 44.15 24.67
C ILE K 160 -5.00 42.89 24.58
N ASN K 161 -5.51 41.77 25.06
CA ASN K 161 -4.74 40.53 24.97
C ASN K 161 -4.56 40.08 23.52
N SER K 162 -5.41 40.53 22.62
CA SER K 162 -5.30 40.13 21.22
C SER K 162 -4.16 40.88 20.53
N LEU K 163 -3.91 42.13 20.92
CA LEU K 163 -2.88 42.94 20.27
C LEU K 163 -1.48 42.70 20.83
N CYS K 164 -1.36 42.01 21.95
CA CYS K 164 -0.06 41.64 22.51
C CYS K 164 -0.18 40.40 23.38
N MET L 1 -14.90 14.07 29.94
CA MET L 1 -14.35 14.66 31.16
C MET L 1 -15.39 14.68 32.26
N LEU L 2 -14.95 14.97 33.48
CA LEU L 2 -15.81 14.98 34.65
C LEU L 2 -15.68 16.30 35.41
N ASP L 3 -16.80 16.93 35.71
CA ASP L 3 -16.84 18.11 36.53
C ASP L 3 -17.07 17.70 37.98
N ALA L 4 -17.35 18.67 38.84
CA ALA L 4 -17.57 18.36 40.26
C ALA L 4 -18.82 17.51 40.44
N PHE L 5 -19.88 17.79 39.68
CA PHE L 5 -21.11 17.02 39.80
C PHE L 5 -20.95 15.60 39.33
N SER L 6 -20.24 15.39 38.22
CA SER L 6 -20.09 14.03 37.69
C SER L 6 -19.16 13.19 38.57
N ARG L 7 -18.26 13.83 39.31
CA ARG L 7 -17.41 13.09 40.22
C ARG L 7 -18.23 12.49 41.36
N VAL L 8 -19.26 13.20 41.80
CA VAL L 8 -20.11 12.70 42.89
C VAL L 8 -20.86 11.45 42.46
N VAL L 9 -21.39 11.45 41.23
CA VAL L 9 -22.20 10.32 40.80
C VAL L 9 -21.34 9.15 40.36
N VAL L 10 -20.10 9.39 39.94
CA VAL L 10 -19.22 8.28 39.58
C VAL L 10 -18.82 7.50 40.82
N ASN L 11 -18.48 8.21 41.91
CA ASN L 11 -18.16 7.53 43.15
C ASN L 11 -19.37 6.79 43.71
N SER L 12 -20.55 7.42 43.63
CA SER L 12 -21.76 6.77 44.14
C SER L 12 -22.22 5.64 43.25
N ASP L 13 -21.74 5.59 42.00
CA ASP L 13 -22.10 4.48 41.13
C ASP L 13 -21.31 3.22 41.47
N SER L 14 -20.09 3.39 42.01
CA SER L 14 -19.25 2.23 42.30
C SER L 14 -19.82 1.37 43.43
N LYS L 15 -20.78 1.90 44.18
CA LYS L 15 -21.49 1.11 45.21
C LYS L 15 -22.98 0.96 44.86
N ALA L 16 -23.39 1.46 43.69
CA ALA L 16 -24.78 1.36 43.23
C ALA L 16 -25.76 1.92 44.25
N ALA L 17 -25.44 3.08 44.80
CA ALA L 17 -26.28 3.74 45.77
C ALA L 17 -26.75 5.08 45.22
N TYR L 18 -27.92 5.52 45.68
CA TYR L 18 -28.42 6.84 45.31
C TYR L 18 -27.59 7.91 45.99
N VAL L 19 -27.60 9.10 45.40
CA VAL L 19 -26.76 10.18 45.90
C VAL L 19 -27.22 10.56 47.31
N SER L 20 -26.32 10.45 48.27
CA SER L 20 -26.65 10.54 49.68
C SER L 20 -26.88 11.99 50.10
N GLY L 21 -27.43 12.16 51.31
CA GLY L 21 -27.64 13.49 51.84
C GLY L 21 -26.34 14.21 52.15
N SER L 22 -25.34 13.48 52.64
CA SER L 22 -24.06 14.09 52.94
C SER L 22 -23.36 14.56 51.67
N ASP L 23 -23.35 13.71 50.63
CA ASP L 23 -22.73 14.10 49.38
C ASP L 23 -23.50 15.21 48.69
N LEU L 24 -24.84 15.18 48.81
CA LEU L 24 -25.65 16.27 48.27
C LEU L 24 -25.32 17.59 48.95
N GLN L 25 -25.08 17.55 50.26
CA GLN L 25 -24.77 18.76 51.01
C GLN L 25 -23.47 19.39 50.51
N ALA L 26 -22.44 18.57 50.29
CA ALA L 26 -21.17 19.09 49.81
C ALA L 26 -21.31 19.70 48.41
N LEU L 27 -22.30 19.25 47.65
CA LEU L 27 -22.55 19.84 46.34
C LEU L 27 -23.15 21.24 46.45
N LYS L 28 -24.01 21.45 47.44
CA LYS L 28 -24.67 22.74 47.58
C LYS L 28 -23.67 23.82 47.97
N THR L 29 -22.61 23.46 48.69
CA THR L 29 -21.53 24.40 48.95
C THR L 29 -20.84 24.81 47.65
N PHE L 30 -20.62 23.85 46.76
CA PHE L 30 -20.04 24.16 45.45
C PHE L 30 -20.92 25.12 44.67
N ILE L 31 -22.24 24.91 44.73
CA ILE L 31 -23.17 25.80 44.04
C ILE L 31 -23.26 27.16 44.73
N ALA L 32 -23.31 27.16 46.06
CA ALA L 32 -23.45 28.41 46.80
C ALA L 32 -22.25 29.33 46.58
N ASP L 33 -21.05 28.77 46.58
CA ASP L 33 -19.84 29.54 46.30
C ASP L 33 -19.52 29.60 44.81
N GLY L 34 -20.52 29.40 43.95
CA GLY L 34 -20.26 29.36 42.53
C GLY L 34 -19.98 30.72 41.93
N ASN L 35 -20.43 31.78 42.59
CA ASN L 35 -20.13 33.12 42.10
C ASN L 35 -18.66 33.46 42.25
N LYS L 36 -18.06 33.06 43.38
CA LYS L 36 -16.63 33.28 43.58
C LYS L 36 -15.80 32.49 42.59
N ARG L 37 -16.22 31.25 42.29
CA ARG L 37 -15.45 30.42 41.37
C ARG L 37 -15.39 31.03 39.98
N LEU L 38 -16.51 31.55 39.49
CA LEU L 38 -16.48 32.32 38.24
C LEU L 38 -15.69 33.60 38.42
N ASP L 39 -15.81 34.23 39.58
CA ASP L 39 -15.09 35.46 39.87
C ASP L 39 -13.59 35.22 39.83
N ALA L 40 -13.16 33.99 40.13
CA ALA L 40 -11.73 33.67 40.15
C ALA L 40 -11.19 33.39 38.75
N VAL L 41 -11.91 32.58 37.97
CA VAL L 41 -11.42 32.21 36.63
C VAL L 41 -11.30 33.44 35.75
N ASN L 42 -12.21 34.40 35.91
CA ASN L 42 -12.16 35.62 35.10
C ASN L 42 -10.88 36.39 35.35
N SER L 43 -10.28 36.24 36.54
CA SER L 43 -9.04 36.93 36.84
C SER L 43 -7.86 36.30 36.12
N ILE L 44 -7.84 34.96 36.02
CA ILE L 44 -6.72 34.27 35.39
C ILE L 44 -6.72 34.51 33.89
N VAL L 45 -7.89 34.40 33.25
CA VAL L 45 -7.92 34.50 31.80
C VAL L 45 -7.67 35.92 31.31
N SER L 46 -7.95 36.93 32.14
CA SER L 46 -7.68 38.30 31.73
C SER L 46 -6.20 38.63 31.74
N ASN L 47 -5.38 37.85 32.43
CA ASN L 47 -3.95 38.07 32.49
C ASN L 47 -3.14 36.87 32.01
N ALA L 48 -3.70 36.05 31.13
CA ALA L 48 -3.00 34.85 30.70
C ALA L 48 -1.73 35.17 29.93
N SER L 49 -1.77 36.23 29.10
CA SER L 49 -0.60 36.61 28.34
C SER L 49 0.49 37.15 29.25
N CYS L 50 0.11 37.91 30.28
CA CYS L 50 1.08 38.45 31.22
C CYS L 50 1.68 37.36 32.09
N ILE L 51 0.88 36.38 32.51
CA ILE L 51 1.35 35.35 33.43
C ILE L 51 2.41 34.49 32.74
N VAL L 52 2.11 34.02 31.53
CA VAL L 52 3.02 33.12 30.85
C VAL L 52 4.31 33.83 30.45
N SER L 53 4.27 35.17 30.36
CA SER L 53 5.48 35.90 30.05
C SER L 53 6.40 35.99 31.26
N ASP L 54 5.85 36.10 32.46
CA ASP L 54 6.70 36.07 33.66
C ASP L 54 7.40 34.72 33.79
N ALA L 55 6.68 33.62 33.56
CA ALA L 55 7.24 32.31 33.84
C ALA L 55 8.45 32.03 32.96
N VAL L 56 8.35 32.30 31.67
CA VAL L 56 9.48 32.04 30.77
C VAL L 56 10.59 33.05 31.01
N SER L 57 10.23 34.31 31.29
CA SER L 57 11.23 35.29 31.71
C SER L 57 11.98 34.83 32.96
N GLY L 58 11.25 34.40 33.99
CA GLY L 58 11.91 33.96 35.20
C GLY L 58 12.71 32.69 34.99
N MET L 59 12.15 31.72 34.27
CA MET L 59 12.82 30.44 34.09
C MET L 59 14.16 30.62 33.40
N ILE L 60 14.23 31.47 32.38
CA ILE L 60 15.47 31.68 31.66
C ILE L 60 16.48 32.45 32.51
N CYS L 61 16.01 33.43 33.29
CA CYS L 61 16.92 34.29 34.04
C CYS L 61 17.70 33.52 35.11
N GLU L 62 17.04 32.61 35.83
CA GLU L 62 17.76 31.85 36.86
C GLU L 62 18.62 30.74 36.26
N ASN L 63 18.34 30.32 35.04
CA ASN L 63 19.10 29.26 34.37
C ASN L 63 19.57 29.79 33.02
N PRO L 64 20.65 30.59 33.03
CA PRO L 64 21.08 31.25 31.78
C PRO L 64 21.59 30.29 30.72
N GLY L 65 21.81 29.02 31.06
CA GLY L 65 22.32 28.08 30.08
C GLY L 65 21.30 27.69 29.02
N LEU L 66 20.02 27.93 29.28
CA LEU L 66 18.99 27.52 28.32
C LEU L 66 19.10 28.29 27.02
N ILE L 67 19.35 29.60 27.09
CA ILE L 67 19.46 30.42 25.89
C ILE L 67 20.83 30.31 25.23
N ALA L 68 21.82 29.72 25.89
CA ALA L 68 23.12 29.51 25.29
C ALA L 68 23.03 28.44 24.21
N PRO L 69 23.95 28.43 23.25
CA PRO L 69 23.91 27.40 22.20
C PRO L 69 23.96 26.01 22.79
N GLY L 70 23.17 25.11 22.21
CA GLY L 70 22.97 23.79 22.75
C GLY L 70 21.83 23.69 23.75
N GLY L 71 21.29 24.82 24.20
CA GLY L 71 20.16 24.79 25.11
C GLY L 71 18.88 24.40 24.39
N ASN L 72 17.84 24.18 25.19
CA ASN L 72 16.56 23.75 24.63
C ASN L 72 15.61 24.91 24.36
N CYS L 73 16.05 26.14 24.54
CA CYS L 73 15.28 27.32 24.15
C CYS L 73 16.14 28.29 23.36
N TYR L 74 17.03 27.76 22.52
CA TYR L 74 18.06 28.60 21.91
C TYR L 74 17.50 29.45 20.78
N THR L 75 17.06 28.81 19.70
CA THR L 75 16.60 29.57 18.55
C THR L 75 15.22 30.16 18.81
N ASN L 76 14.73 30.93 17.85
CA ASN L 76 13.38 31.48 17.97
C ASN L 76 12.33 30.38 17.91
N ARG L 77 12.57 29.35 17.10
CA ARG L 77 11.59 28.28 16.94
C ARG L 77 11.36 27.53 18.25
N ARG L 78 12.43 27.27 18.99
CA ARG L 78 12.26 26.62 20.29
C ARG L 78 11.71 27.58 21.33
N MET L 79 12.05 28.87 21.20
CA MET L 79 11.51 29.88 22.11
C MET L 79 10.01 30.02 21.94
N ALA L 80 9.53 29.99 20.70
CA ALA L 80 8.10 30.11 20.45
C ALA L 80 7.34 28.91 21.02
N ALA L 81 7.89 27.70 20.83
CA ALA L 81 7.21 26.51 21.34
C ALA L 81 7.19 26.48 22.86
N CYS L 82 8.19 27.10 23.49
CA CYS L 82 8.19 27.23 24.94
C CYS L 82 7.01 28.08 25.42
N LEU L 83 6.74 29.19 24.72
CA LEU L 83 5.61 30.03 25.10
C LEU L 83 4.29 29.34 24.79
N ARG L 84 4.24 28.58 23.70
CA ARG L 84 3.00 27.90 23.32
C ARG L 84 2.65 26.80 24.33
N ASP L 85 3.67 26.12 24.86
CA ASP L 85 3.42 25.10 25.87
C ASP L 85 3.07 25.73 27.21
N GLY L 86 3.67 26.87 27.53
CA GLY L 86 3.34 27.54 28.78
C GLY L 86 1.89 28.00 28.82
N GLU L 87 1.38 28.51 27.70
CA GLU L 87 -0.01 28.96 27.66
C GLU L 87 -0.98 27.78 27.64
N ILE L 88 -0.58 26.68 26.99
CA ILE L 88 -1.45 25.51 26.94
C ILE L 88 -1.67 24.93 28.33
N ILE L 89 -0.60 24.83 29.12
CA ILE L 89 -0.74 24.33 30.49
C ILE L 89 -1.61 25.27 31.32
N LEU L 90 -1.38 26.58 31.22
CA LEU L 90 -2.20 27.53 31.97
C LEU L 90 -3.63 27.53 31.47
N ARG L 91 -3.83 27.17 30.21
CA ARG L 91 -5.18 27.09 29.67
C ARG L 91 -5.97 25.95 30.31
N TYR L 92 -5.32 24.81 30.51
CA TYR L 92 -6.01 23.64 31.05
C TYR L 92 -6.25 23.77 32.55
N THR L 93 -5.40 24.52 33.26
CA THR L 93 -5.67 24.77 34.67
C THR L 93 -6.94 25.59 34.85
N SER L 94 -7.16 26.58 33.99
CA SER L 94 -8.40 27.34 34.06
C SER L 94 -9.62 26.50 33.72
N TYR L 95 -9.46 25.50 32.86
CA TYR L 95 -10.56 24.55 32.62
C TYR L 95 -10.89 23.78 33.88
N ALA L 96 -9.86 23.30 34.58
CA ALA L 96 -10.09 22.54 35.80
C ALA L 96 -10.65 23.43 36.90
N LEU L 97 -10.20 24.67 36.99
CA LEU L 97 -10.72 25.59 37.99
C LEU L 97 -12.20 25.89 37.76
N LEU L 98 -12.57 26.08 36.49
CA LEU L 98 -13.98 26.30 36.16
C LEU L 98 -14.83 25.08 36.48
N ALA L 99 -14.32 23.88 36.15
CA ALA L 99 -15.09 22.67 36.33
C ALA L 99 -15.17 22.26 37.79
N GLY L 100 -14.13 22.52 38.58
CA GLY L 100 -14.08 22.07 39.95
C GLY L 100 -13.46 20.72 40.16
N ASP L 101 -13.02 20.05 39.10
CA ASP L 101 -12.33 18.77 39.20
C ASP L 101 -11.17 18.75 38.23
N SER L 102 -10.18 17.92 38.54
CA SER L 102 -8.95 17.84 37.76
C SER L 102 -8.98 16.76 36.69
N SER L 103 -10.14 16.16 36.44
CA SER L 103 -10.22 15.08 35.45
C SER L 103 -9.88 15.59 34.06
N VAL L 104 -10.32 16.80 33.73
CA VAL L 104 -10.03 17.35 32.40
C VAL L 104 -8.54 17.58 32.22
N LEU L 105 -7.87 18.05 33.28
CA LEU L 105 -6.45 18.36 33.18
C LEU L 105 -5.62 17.09 32.98
N GLU L 106 -5.99 16.00 33.64
CA GLU L 106 -5.20 14.79 33.57
C GLU L 106 -5.38 14.07 32.23
N ASP L 107 -6.63 13.97 31.77
CA ASP L 107 -6.93 13.10 30.64
C ASP L 107 -6.49 13.65 29.29
N ARG L 108 -6.54 14.97 29.10
CA ARG L 108 -6.28 15.55 27.79
C ARG L 108 -4.90 16.18 27.64
N CYS L 109 -4.26 16.56 28.73
CA CYS L 109 -2.96 17.21 28.67
C CYS L 109 -1.86 16.40 29.35
N LEU L 110 -2.15 15.85 30.53
CA LEU L 110 -1.12 15.22 31.34
C LEU L 110 -0.90 13.76 30.97
N ASN L 111 -1.67 13.20 30.05
CA ASN L 111 -1.55 11.79 29.70
C ASN L 111 -0.46 11.63 28.65
N GLY L 112 0.64 10.97 29.03
CA GLY L 112 1.72 10.73 28.11
C GLY L 112 2.66 11.89 27.89
N LEU L 113 2.54 12.96 28.68
CA LEU L 113 3.42 14.11 28.52
C LEU L 113 4.86 13.76 28.88
N LYS L 114 5.04 12.93 29.91
CA LYS L 114 6.39 12.60 30.37
C LYS L 114 7.17 11.83 29.31
N GLU L 115 6.50 10.90 28.63
CA GLU L 115 7.16 10.16 27.56
C GLU L 115 7.56 11.09 26.41
N THR L 116 6.68 12.03 26.05
CA THR L 116 6.97 12.94 24.94
C THR L 116 8.16 13.83 25.26
N TYR L 117 8.21 14.37 26.47
CA TYR L 117 9.30 15.27 26.82
C TYR L 117 10.64 14.55 26.88
N ILE L 118 10.64 13.29 27.31
CA ILE L 118 11.88 12.52 27.33
C ILE L 118 12.41 12.30 25.92
N ALA L 119 11.52 11.94 24.99
CA ALA L 119 11.95 11.70 23.61
C ALA L 119 12.43 12.98 22.95
N LEU L 120 11.77 14.10 23.22
CA LEU L 120 12.15 15.37 22.63
C LEU L 120 13.36 16.01 23.30
N GLY L 121 13.81 15.45 24.42
CA GLY L 121 14.98 15.97 25.11
C GLY L 121 14.71 17.15 26.01
N VAL L 122 13.45 17.48 26.27
CA VAL L 122 13.09 18.66 27.06
C VAL L 122 13.54 18.46 28.51
N PRO L 123 14.28 19.39 29.09
CA PRO L 123 14.72 19.23 30.48
C PRO L 123 13.55 19.42 31.45
N THR L 124 13.29 18.40 32.26
CA THR L 124 12.18 18.47 33.20
C THR L 124 12.54 19.26 34.45
N ASN L 125 13.84 19.53 34.67
CA ASN L 125 14.23 20.36 35.80
C ASN L 125 13.76 21.79 35.60
N SER L 126 13.90 22.33 34.39
CA SER L 126 13.51 23.71 34.13
C SER L 126 12.01 23.83 33.90
N THR L 127 11.37 22.77 33.39
CA THR L 127 9.94 22.84 33.13
C THR L 127 9.15 23.05 34.42
N VAL L 128 9.50 22.32 35.48
CA VAL L 128 8.78 22.48 36.74
C VAL L 128 9.06 23.84 37.35
N ARG L 129 10.22 24.43 37.08
CA ARG L 129 10.47 25.80 37.52
C ARG L 129 9.52 26.76 36.82
N ALA L 130 9.27 26.54 35.53
CA ALA L 130 8.35 27.41 34.80
C ALA L 130 6.94 27.29 35.34
N VAL L 131 6.51 26.07 35.67
CA VAL L 131 5.16 25.87 36.20
C VAL L 131 5.04 26.49 37.59
N SER L 132 6.10 26.36 38.41
CA SER L 132 6.04 26.90 39.76
C SER L 132 5.94 28.42 39.74
N ILE L 133 6.53 29.07 38.76
CA ILE L 133 6.38 30.52 38.63
C ILE L 133 4.95 30.87 38.21
N MET L 134 4.37 30.09 37.31
CA MET L 134 2.97 30.31 36.93
C MET L 134 2.05 30.09 38.11
N LYS L 135 2.35 29.09 38.94
CA LYS L 135 1.52 28.80 40.10
C LYS L 135 1.52 29.96 41.08
N SER L 136 2.67 30.60 41.28
CA SER L 136 2.75 31.73 42.20
C SER L 136 1.99 32.94 41.65
N SER L 137 2.18 33.25 40.37
CA SER L 137 1.51 34.41 39.80
C SER L 137 0.00 34.21 39.71
N ALA L 138 -0.43 33.00 39.36
CA ALA L 138 -1.87 32.74 39.26
C ALA L 138 -2.56 32.88 40.62
N VAL L 139 -1.91 32.40 41.68
CA VAL L 139 -2.49 32.54 43.02
C VAL L 139 -2.58 34.00 43.43
N ALA L 140 -1.58 34.79 43.04
CA ALA L 140 -1.61 36.22 43.37
C ALA L 140 -2.77 36.92 42.67
N PHE L 141 -3.05 36.55 41.42
CA PHE L 141 -4.11 37.23 40.68
C PHE L 141 -5.49 36.87 41.22
N ILE L 142 -5.67 35.65 41.72
CA ILE L 142 -6.95 35.27 42.31
C ILE L 142 -7.18 36.01 43.62
N SER L 143 -6.19 36.04 44.49
CA SER L 143 -6.31 36.77 45.75
C SER L 143 -6.12 38.28 45.60
N ASN L 144 -5.97 38.75 44.36
CA ASN L 144 -5.86 40.19 44.07
C ASN L 144 -4.70 40.84 44.81
N THR L 145 -3.58 40.12 44.90
CA THR L 145 -2.37 40.66 45.48
C THR L 145 -1.33 41.02 44.42
N ALA L 146 -1.73 41.11 43.15
CA ALA L 146 -0.82 41.53 42.10
C ALA L 146 -0.35 42.95 42.38
N SER L 147 0.94 43.19 42.15
CA SER L 147 1.51 44.49 42.50
C SER L 147 0.95 45.61 41.64
N GLN L 148 0.78 45.38 40.34
CA GLN L 148 0.46 46.45 39.41
C GLN L 148 -0.96 46.40 38.85
N ARG L 149 -1.59 45.22 38.81
CA ARG L 149 -2.94 45.09 38.28
C ARG L 149 -3.91 44.78 39.41
N LYS L 150 -4.83 45.72 39.67
CA LYS L 150 -5.87 45.56 40.68
C LYS L 150 -7.23 45.70 40.03
N MET L 151 -8.11 44.75 40.29
CA MET L 151 -9.48 44.78 39.77
C MET L 151 -10.44 44.98 40.94
N ALA L 152 -11.29 46.00 40.82
CA ALA L 152 -12.24 46.29 41.89
C ALA L 152 -13.31 45.22 41.97
N THR L 153 -13.41 44.55 43.12
CA THR L 153 -14.36 43.48 43.31
C THR L 153 -14.86 43.49 44.76
N ALA L 154 -15.98 42.84 44.99
CA ALA L 154 -16.54 42.74 46.34
C ALA L 154 -15.57 42.04 47.27
N ASP L 155 -15.48 42.54 48.49
CA ASP L 155 -14.54 41.99 49.46
C ASP L 155 -15.04 40.65 50.00
N GLY L 156 -14.10 39.76 50.26
CA GLY L 156 -14.45 38.44 50.78
C GLY L 156 -13.21 37.59 50.94
N ASP L 157 -13.43 36.34 51.35
CA ASP L 157 -12.37 35.39 51.56
C ASP L 157 -12.41 34.35 50.45
N CYS L 158 -11.30 34.21 49.72
CA CYS L 158 -11.19 33.28 48.62
C CYS L 158 -9.94 32.42 48.73
N SER L 159 -9.55 32.09 49.96
CA SER L 159 -8.41 31.18 50.15
C SER L 159 -8.76 29.77 49.73
N ALA L 160 -10.05 29.43 49.65
CA ALA L 160 -10.45 28.12 49.17
C ALA L 160 -10.07 27.91 47.71
N LEU L 161 -10.24 28.95 46.89
CA LEU L 161 -9.87 28.85 45.48
C LEU L 161 -8.37 28.96 45.29
N SER L 162 -7.70 29.76 46.13
CA SER L 162 -6.25 29.90 46.01
C SER L 162 -5.54 28.58 46.32
N SER L 163 -6.01 27.85 47.33
CA SER L 163 -5.43 26.55 47.62
C SER L 163 -5.76 25.55 46.53
N GLU L 164 -6.90 25.73 45.86
CA GLU L 164 -7.31 24.77 44.84
C GLU L 164 -6.42 24.85 43.60
N VAL L 165 -6.16 26.06 43.12
CA VAL L 165 -5.34 26.21 41.92
C VAL L 165 -3.90 25.75 42.17
N ALA L 166 -3.40 25.98 43.38
CA ALA L 166 -2.06 25.51 43.72
C ALA L 166 -1.99 23.99 43.68
N SER L 167 -3.11 23.31 43.95
CA SER L 167 -3.12 21.85 43.90
C SER L 167 -3.15 21.34 42.47
N TYR L 168 -3.83 22.05 41.58
CA TYR L 168 -3.88 21.63 40.18
C TYR L 168 -2.51 21.73 39.53
N CYS L 169 -1.82 22.86 39.75
CA CYS L 169 -0.47 23.00 39.20
C CYS L 169 0.51 22.03 39.87
N ASP L 170 0.21 21.60 41.09
CA ASP L 170 1.02 20.58 41.73
C ASP L 170 0.95 19.27 40.97
N LYS L 171 -0.23 18.95 40.43
CA LYS L 171 -0.36 17.72 39.64
C LYS L 171 0.48 17.80 38.37
N VAL L 172 0.66 19.00 37.82
CA VAL L 172 1.47 19.15 36.61
C VAL L 172 2.93 18.80 36.91
N SER L 173 3.45 19.31 38.02
CA SER L 173 4.84 19.02 38.37
C SER L 173 5.02 17.55 38.74
N ALA L 174 4.02 16.95 39.39
CA ALA L 174 4.12 15.54 39.77
C ALA L 174 4.06 14.62 38.55
N ALA L 175 3.31 15.00 37.51
CA ALA L 175 3.17 14.14 36.35
C ALA L 175 4.43 14.14 35.49
N ILE L 176 5.16 15.25 35.45
CA ILE L 176 6.35 15.33 34.62
C ILE L 176 7.61 15.21 35.47
N GLN M 1 15.22 -52.69 -25.05
CA GLN M 1 14.42 -52.20 -26.17
C GLN M 1 15.31 -51.85 -27.36
N VAL M 2 16.50 -52.44 -27.40
CA VAL M 2 17.47 -52.20 -28.46
C VAL M 2 17.90 -53.55 -29.02
N GLU M 3 17.76 -53.72 -30.34
CA GLU M 3 18.20 -54.93 -31.03
C GLU M 3 19.39 -54.58 -31.91
N GLN M 4 20.47 -55.35 -31.78
CA GLN M 4 21.70 -55.12 -32.52
C GLN M 4 22.08 -56.37 -33.29
N SER M 5 22.28 -56.23 -34.59
CA SER M 5 22.71 -57.30 -35.46
C SER M 5 23.69 -56.77 -36.49
N PRO M 6 24.83 -57.46 -36.68
CA PRO M 6 25.30 -58.64 -35.95
C PRO M 6 25.93 -58.27 -34.61
N SER M 7 26.10 -59.25 -33.71
CA SER M 7 26.66 -58.95 -32.40
C SER M 7 28.11 -58.47 -32.49
N ALA M 8 28.92 -59.11 -33.32
CA ALA M 8 30.32 -58.71 -33.49
C ALA M 8 30.65 -58.66 -34.97
N LEU M 9 31.55 -57.74 -35.31
CA LEU M 9 31.97 -57.57 -36.69
C LEU M 9 33.45 -57.21 -36.72
N SER M 10 34.28 -58.13 -37.20
CA SER M 10 35.72 -57.92 -37.33
C SER M 10 36.01 -57.69 -38.80
N LEU M 11 36.43 -56.46 -39.13
CA LEU M 11 36.63 -56.03 -40.49
C LEU M 11 38.11 -55.78 -40.76
N HIS M 12 38.59 -56.25 -41.91
CA HIS M 12 39.94 -55.96 -42.35
C HIS M 12 40.03 -54.51 -42.82
N GLU M 13 41.24 -53.98 -42.83
CA GLU M 13 41.45 -52.59 -43.21
C GLU M 13 41.14 -52.40 -44.69
N GLY M 14 40.24 -51.45 -44.98
CA GLY M 14 39.82 -51.14 -46.33
C GLY M 14 38.46 -51.68 -46.69
N THR M 15 38.01 -52.75 -46.04
CA THR M 15 36.69 -53.30 -46.30
C THR M 15 35.62 -52.38 -45.68
N SER M 16 34.52 -52.23 -46.40
CA SER M 16 33.49 -51.27 -46.05
C SER M 16 32.27 -51.97 -45.44
N SER M 17 31.81 -51.43 -44.30
CA SER M 17 30.62 -51.92 -43.64
C SER M 17 30.10 -50.82 -42.72
N ALA M 18 29.02 -51.13 -42.01
CA ALA M 18 28.39 -50.16 -41.13
C ALA M 18 27.91 -50.84 -39.85
N LEU M 19 27.74 -50.03 -38.81
CA LEU M 19 27.24 -50.50 -37.52
C LEU M 19 25.92 -49.79 -37.23
N ARG M 20 24.93 -50.55 -36.79
CA ARG M 20 23.57 -50.06 -36.63
C ARG M 20 23.06 -50.34 -35.21
N CYS M 21 22.29 -49.40 -34.68
CA CYS M 21 21.64 -49.55 -33.39
C CYS M 21 20.20 -49.10 -33.53
N ASN M 22 19.26 -50.01 -33.28
CA ASN M 22 17.84 -49.79 -33.58
C ASN M 22 17.07 -49.56 -32.29
N PHE M 23 16.01 -48.74 -32.39
CA PHE M 23 15.17 -48.36 -31.27
C PHE M 23 13.71 -48.53 -31.63
N THR M 24 12.89 -48.75 -30.60
CA THR M 24 11.46 -48.98 -30.79
C THR M 24 10.61 -47.72 -30.59
N THR M 25 11.05 -46.78 -29.77
CA THR M 25 10.31 -45.57 -29.50
C THR M 25 11.13 -44.35 -29.89
N THR M 26 10.46 -43.19 -29.89
CA THR M 26 11.13 -41.94 -30.25
C THR M 26 12.24 -41.63 -29.26
N THR M 27 13.39 -41.23 -29.79
CA THR M 27 14.57 -40.93 -29.00
C THR M 27 15.05 -39.53 -29.33
N ARG M 28 15.36 -38.75 -28.30
CA ARG M 28 15.88 -37.40 -28.55
C ARG M 28 17.33 -37.44 -29.02
N SER M 29 18.18 -38.22 -28.34
CA SER M 29 19.60 -38.22 -28.63
C SER M 29 20.20 -39.57 -28.27
N VAL M 30 21.35 -39.86 -28.87
CA VAL M 30 22.07 -41.11 -28.66
C VAL M 30 23.51 -40.79 -28.30
N GLN M 31 24.03 -41.47 -27.29
CA GLN M 31 25.42 -41.35 -26.88
C GLN M 31 26.16 -42.63 -27.23
N TRP M 32 27.27 -42.49 -27.94
CA TRP M 32 28.12 -43.62 -28.32
C TRP M 32 29.28 -43.69 -27.35
N PHE M 33 29.64 -44.90 -26.92
CA PHE M 33 30.64 -45.08 -25.89
C PHE M 33 31.73 -46.03 -26.35
N ARG M 34 32.93 -45.83 -25.82
CA ARG M 34 34.09 -46.67 -26.11
C ARG M 34 34.64 -47.21 -24.80
N GLN M 35 34.75 -48.53 -24.70
CA GLN M 35 35.29 -49.16 -23.51
C GLN M 35 36.69 -49.67 -23.82
N ASN M 36 37.68 -49.20 -23.05
CA ASN M 36 39.05 -49.60 -23.26
C ASN M 36 39.33 -50.95 -22.60
N SER M 37 40.59 -51.38 -22.67
CA SER M 37 40.96 -52.66 -22.10
C SER M 37 40.82 -52.64 -20.57
N ARG M 38 41.06 -51.48 -19.94
CA ARG M 38 40.84 -51.37 -18.51
C ARG M 38 39.36 -51.40 -18.14
N GLY M 39 38.47 -51.20 -19.10
CA GLY M 39 37.04 -51.22 -18.84
C GLY M 39 36.41 -49.86 -18.63
N SER M 40 37.14 -48.77 -18.87
CA SER M 40 36.60 -47.44 -18.67
C SER M 40 35.91 -46.95 -19.94
N LEU M 41 34.75 -46.34 -19.77
CA LEU M 41 33.95 -45.86 -20.91
C LEU M 41 34.34 -44.41 -21.20
N ILE M 42 34.86 -44.18 -22.40
CA ILE M 42 35.20 -42.84 -22.86
C ILE M 42 34.13 -42.39 -23.85
N ASN M 43 33.61 -41.19 -23.64
CA ASN M 43 32.57 -40.66 -24.52
C ASN M 43 33.11 -40.50 -25.92
N LEU M 44 32.38 -41.04 -26.91
CA LEU M 44 32.80 -40.92 -28.30
C LEU M 44 31.96 -39.92 -29.08
N PHE M 45 30.65 -40.15 -29.18
CA PHE M 45 29.76 -39.24 -29.87
C PHE M 45 28.68 -38.77 -28.91
N TYR M 46 28.14 -37.58 -29.19
CA TYR M 46 26.96 -37.08 -28.50
C TYR M 46 26.22 -36.16 -29.47
N LEU M 47 25.19 -36.69 -30.12
CA LEU M 47 24.46 -35.94 -31.12
C LEU M 47 22.97 -36.08 -30.88
N ALA M 48 22.21 -35.09 -31.35
CA ALA M 48 20.75 -35.09 -31.24
C ALA M 48 20.18 -34.75 -32.60
N SER M 49 19.78 -35.77 -33.35
CA SER M 49 19.19 -35.62 -34.67
C SER M 49 20.10 -34.81 -35.60
N GLY M 50 21.32 -35.31 -35.75
CA GLY M 50 22.32 -34.66 -36.57
C GLY M 50 23.45 -35.57 -36.99
N THR M 51 24.47 -35.01 -37.63
CA THR M 51 25.63 -35.75 -38.08
C THR M 51 26.89 -35.13 -37.51
N LYS M 52 27.75 -35.98 -36.93
CA LYS M 52 29.03 -35.54 -36.38
C LYS M 52 30.12 -36.48 -36.82
N GLU M 53 31.25 -35.91 -37.22
CA GLU M 53 32.42 -36.67 -37.65
C GLU M 53 33.57 -36.43 -36.68
N ASN M 54 34.33 -37.50 -36.41
CA ASN M 54 35.48 -37.41 -35.52
C ASN M 54 36.50 -38.44 -35.99
N GLY M 55 37.52 -37.98 -36.69
CA GLY M 55 38.53 -38.89 -37.21
C GLY M 55 38.03 -39.61 -38.45
N ARG M 56 37.85 -40.93 -38.33
CA ARG M 56 37.43 -41.75 -39.46
C ARG M 56 36.02 -42.33 -39.29
N LEU M 57 35.21 -41.78 -38.39
CA LEU M 57 33.87 -42.27 -38.16
C LEU M 57 32.82 -41.21 -38.52
N LYS M 58 31.57 -41.64 -38.58
CA LYS M 58 30.45 -40.75 -38.85
C LYS M 58 29.18 -41.38 -38.29
N SER M 59 28.31 -40.55 -37.72
CA SER M 59 27.05 -41.03 -37.14
C SER M 59 25.89 -40.21 -37.67
N ALA M 60 24.69 -40.76 -37.52
CA ALA M 60 23.47 -40.11 -37.98
C ALA M 60 22.30 -40.57 -37.11
N PHE M 61 21.20 -39.84 -37.18
CA PHE M 61 20.00 -40.18 -36.42
C PHE M 61 18.80 -39.58 -37.17
N ASP M 62 17.79 -40.41 -37.40
CA ASP M 62 16.50 -39.98 -37.92
C ASP M 62 15.44 -40.30 -36.88
N SER M 63 14.77 -39.25 -36.38
CA SER M 63 13.73 -39.45 -35.38
C SER M 63 12.50 -40.14 -35.96
N LYS M 64 12.16 -39.83 -37.21
CA LYS M 64 10.98 -40.44 -37.83
C LYS M 64 11.18 -41.92 -38.12
N GLU M 65 12.40 -42.33 -38.44
CA GLU M 65 12.69 -43.72 -38.75
C GLU M 65 13.19 -44.52 -37.55
N LEU M 66 13.54 -43.84 -36.45
CA LEU M 66 13.96 -44.50 -35.21
C LEU M 66 15.13 -45.46 -35.43
N TYR M 67 16.24 -44.96 -35.95
CA TYR M 67 17.45 -45.77 -36.08
C TYR M 67 18.67 -44.86 -36.03
N SER M 68 19.83 -45.47 -35.76
CA SER M 68 21.09 -44.77 -35.81
C SER M 68 22.13 -45.67 -36.46
N THR M 69 23.08 -45.06 -37.16
CA THR M 69 24.11 -45.79 -37.88
C THR M 69 25.48 -45.27 -37.49
N LEU M 70 26.48 -46.14 -37.63
CA LEU M 70 27.87 -45.80 -37.39
C LEU M 70 28.71 -46.48 -38.46
N HIS M 71 29.58 -45.71 -39.12
CA HIS M 71 30.41 -46.21 -40.20
C HIS M 71 31.88 -46.11 -39.80
N ILE M 72 32.64 -47.15 -40.10
CA ILE M 72 34.07 -47.21 -39.79
C ILE M 72 34.84 -47.39 -41.09
N ARG M 73 35.95 -46.69 -41.21
CA ARG M 73 36.79 -46.73 -42.40
C ARG M 73 38.26 -46.68 -42.01
N ASP M 74 39.07 -47.53 -42.64
CA ASP M 74 40.51 -47.58 -42.42
C ASP M 74 40.84 -47.70 -40.93
N ALA M 75 40.44 -48.84 -40.35
CA ALA M 75 40.65 -49.08 -38.93
C ALA M 75 42.13 -49.07 -38.60
N GLN M 76 42.48 -48.36 -37.52
CA GLN M 76 43.85 -48.31 -37.02
C GLN M 76 43.99 -49.18 -35.78
N LEU M 77 45.25 -49.41 -35.39
CA LEU M 77 45.52 -50.23 -34.23
C LEU M 77 44.99 -49.61 -32.94
N GLU M 78 45.13 -48.28 -32.80
CA GLU M 78 44.72 -47.58 -31.60
C GLU M 78 43.20 -47.54 -31.40
N ASP M 79 42.42 -47.91 -32.42
CA ASP M 79 40.97 -47.84 -32.35
C ASP M 79 40.33 -49.10 -31.79
N SER M 80 41.11 -49.98 -31.19
CA SER M 80 40.54 -51.17 -30.55
C SER M 80 39.72 -50.77 -29.33
N GLY M 81 38.57 -51.40 -29.17
CA GLY M 81 37.68 -51.10 -28.07
C GLY M 81 36.33 -51.74 -28.26
N THR M 82 35.44 -51.45 -27.33
CA THR M 82 34.08 -51.97 -27.35
C THR M 82 33.10 -50.84 -27.69
N TYR M 83 32.21 -51.11 -28.64
CA TYR M 83 31.26 -50.12 -29.13
C TYR M 83 29.96 -50.28 -28.39
N PHE M 84 29.44 -49.16 -27.86
CA PHE M 84 28.19 -49.16 -27.12
C PHE M 84 27.31 -48.02 -27.60
N CYS M 85 26.04 -48.33 -27.85
CA CYS M 85 25.05 -47.34 -28.22
C CYS M 85 24.02 -47.19 -27.11
N ALA M 86 23.85 -45.97 -26.64
CA ALA M 86 22.90 -45.64 -25.58
C ALA M 86 21.89 -44.65 -26.12
N ALA M 87 20.61 -44.91 -25.87
CA ALA M 87 19.52 -44.06 -26.34
C ALA M 87 18.72 -43.54 -25.16
N GLU M 88 18.22 -42.32 -25.29
CA GLU M 88 17.38 -41.74 -24.24
C GLU M 88 15.90 -41.96 -24.56
N ALA M 89 15.59 -43.08 -25.22
CA ALA M 89 14.21 -43.40 -25.57
C ALA M 89 13.38 -43.71 -24.33
N GLY M 90 12.09 -43.88 -24.52
CA GLY M 90 11.18 -44.16 -23.41
C GLY M 90 10.50 -42.90 -22.91
N SER M 91 10.61 -42.63 -21.61
CA SER M 91 10.06 -41.43 -21.01
C SER M 91 11.05 -40.27 -21.00
N PHE M 92 12.07 -40.34 -21.86
CA PHE M 92 13.12 -39.31 -21.93
C PHE M 92 13.74 -39.04 -20.57
N ASN M 93 13.96 -40.10 -19.80
CA ASN M 93 14.46 -39.99 -18.44
C ASN M 93 15.70 -40.85 -18.21
N LYS M 94 15.75 -42.06 -18.73
CA LYS M 94 16.83 -43.00 -18.42
C LYS M 94 17.56 -43.38 -19.68
N LEU M 95 18.82 -43.78 -19.52
CA LEU M 95 19.64 -44.24 -20.63
C LEU M 95 19.57 -45.76 -20.75
N THR M 96 19.26 -46.23 -21.94
CA THR M 96 19.22 -47.67 -22.23
C THR M 96 20.37 -48.02 -23.17
N PHE M 97 21.06 -49.11 -22.87
CA PHE M 97 22.25 -49.52 -23.61
C PHE M 97 21.96 -50.72 -24.50
N GLY M 98 22.83 -50.94 -25.48
CA GLY M 98 22.74 -52.09 -26.34
C GLY M 98 23.58 -53.25 -25.84
N ALA M 99 23.74 -54.25 -26.72
CA ALA M 99 24.54 -55.42 -26.38
C ALA M 99 26.04 -55.12 -26.44
N GLY M 100 26.50 -54.38 -27.44
CA GLY M 100 27.90 -54.08 -27.57
C GLY M 100 28.56 -54.81 -28.73
N THR M 101 29.68 -54.26 -29.20
CA THR M 101 30.43 -54.81 -30.32
C THR M 101 31.92 -54.70 -30.01
N ARG M 102 32.65 -55.79 -30.21
CA ARG M 102 34.09 -55.81 -29.94
C ARG M 102 34.85 -55.90 -31.26
N LEU M 103 35.84 -55.04 -31.43
CA LEU M 103 36.65 -55.00 -32.65
C LEU M 103 38.13 -54.95 -32.24
N ALA M 104 38.94 -55.79 -32.89
CA ALA M 104 40.38 -55.85 -32.66
C ALA M 104 41.09 -55.76 -34.00
N VAL M 105 42.23 -55.06 -34.02
CA VAL M 105 42.98 -54.84 -35.25
C VAL M 105 44.36 -55.47 -35.10
N SER M 106 44.77 -56.23 -36.11
CA SER M 106 46.06 -56.91 -36.15
C SER M 106 47.05 -56.12 -37.00
N PRO M 107 48.34 -56.14 -36.65
CA PRO M 107 49.32 -55.37 -37.40
C PRO M 107 49.83 -56.12 -38.62
N TYR M 108 50.46 -55.37 -39.52
CA TYR M 108 51.06 -55.94 -40.72
C TYR M 108 52.52 -56.28 -40.45
N ILE M 109 52.91 -57.50 -40.74
CA ILE M 109 54.28 -57.97 -40.50
C ILE M 109 55.05 -57.88 -41.81
N GLN M 110 56.12 -57.10 -41.83
CA GLN M 110 56.90 -56.92 -43.06
C GLN M 110 57.68 -58.19 -43.41
N ASN M 111 58.25 -58.85 -42.42
CA ASN M 111 59.16 -59.96 -42.60
C ASN M 111 58.96 -61.01 -41.52
N PRO M 112 58.18 -62.05 -41.76
CA PRO M 112 57.93 -63.05 -40.72
C PRO M 112 59.11 -64.00 -40.59
N ASP M 113 59.48 -64.28 -39.34
CA ASP M 113 60.59 -65.17 -39.02
C ASP M 113 60.12 -66.14 -37.93
N PRO M 114 59.30 -67.12 -38.30
CA PRO M 114 58.80 -68.06 -37.29
C PRO M 114 59.91 -68.94 -36.74
N ALA M 115 60.10 -68.85 -35.43
CA ALA M 115 61.12 -69.63 -34.74
C ALA M 115 60.82 -69.60 -33.24
N VAL M 116 61.15 -70.70 -32.57
CA VAL M 116 60.93 -70.84 -31.13
C VAL M 116 62.26 -71.20 -30.48
N TYR M 117 62.69 -70.39 -29.53
CA TYR M 117 63.88 -70.67 -28.73
C TYR M 117 63.48 -71.17 -27.35
N GLN M 118 64.39 -71.91 -26.73
CA GLN M 118 64.19 -72.46 -25.40
C GLN M 118 64.92 -71.61 -24.37
N LEU M 119 64.16 -71.08 -23.42
CA LEU M 119 64.71 -70.25 -22.35
C LEU M 119 64.75 -71.06 -21.07
N ARG M 120 65.89 -71.05 -20.39
CA ARG M 120 66.08 -71.81 -19.17
C ARG M 120 65.18 -71.27 -18.06
N ASP M 121 64.57 -72.16 -17.30
CA ASP M 121 63.68 -71.76 -16.21
C ASP M 121 64.43 -71.90 -14.90
N SER M 122 64.61 -70.78 -14.19
CA SER M 122 65.31 -70.79 -12.92
C SER M 122 64.43 -71.40 -11.84
N LYS M 123 64.94 -72.44 -11.18
CA LYS M 123 64.23 -73.14 -10.10
C LYS M 123 62.85 -73.61 -10.53
N CYS M 130 60.49 -69.82 -25.74
CA CYS M 130 59.09 -69.95 -25.37
C CYS M 130 58.30 -68.67 -25.70
N LEU M 131 58.71 -68.01 -26.78
CA LEU M 131 58.05 -66.80 -27.26
C LEU M 131 57.64 -67.04 -28.71
N PHE M 132 56.37 -67.37 -28.92
CA PHE M 132 55.85 -67.68 -30.26
C PHE M 132 55.48 -66.38 -30.96
N THR M 133 56.51 -65.70 -31.49
CA THR M 133 56.34 -64.45 -32.20
C THR M 133 56.55 -64.66 -33.70
N ASP M 134 56.25 -63.61 -34.46
CA ASP M 134 56.45 -63.60 -35.92
C ASP M 134 55.68 -64.72 -36.60
N PHE M 135 54.40 -64.88 -36.25
CA PHE M 135 53.58 -65.94 -36.82
C PHE M 135 52.45 -65.34 -37.67
N ASP M 136 51.65 -66.22 -38.27
CA ASP M 136 50.57 -65.80 -39.16
C ASP M 136 49.30 -65.56 -38.37
N SER M 137 48.65 -64.43 -38.66
CA SER M 137 47.43 -64.04 -37.96
C SER M 137 46.19 -64.76 -38.46
N GLN M 138 46.30 -65.53 -39.55
CA GLN M 138 45.15 -66.26 -40.08
C GLN M 138 44.81 -67.50 -39.27
N THR M 139 45.67 -67.91 -38.35
CA THR M 139 45.43 -69.10 -37.53
C THR M 139 44.80 -68.69 -36.20
N ASN M 140 43.74 -69.39 -35.82
CA ASN M 140 43.02 -69.11 -34.60
C ASN M 140 43.34 -70.15 -33.53
N VAL M 141 43.10 -69.77 -32.28
CA VAL M 141 43.31 -70.64 -31.13
C VAL M 141 42.01 -70.72 -30.34
N SER M 142 41.74 -71.92 -29.82
CA SER M 142 40.53 -72.17 -29.05
C SER M 142 40.43 -71.26 -27.82
N SER M 147 41.01 -76.27 -24.45
CA SER M 147 40.37 -76.86 -23.28
C SER M 147 41.41 -77.23 -22.23
N ASP M 148 42.30 -78.16 -22.57
CA ASP M 148 43.37 -78.60 -21.69
C ASP M 148 44.69 -77.90 -21.98
N VAL M 149 44.69 -76.94 -22.90
CA VAL M 149 45.90 -76.22 -23.30
C VAL M 149 45.89 -74.86 -22.62
N TYR M 150 47.02 -74.48 -22.04
CA TYR M 150 47.16 -73.22 -21.31
C TYR M 150 47.82 -72.20 -22.23
N ILE M 151 47.00 -71.52 -23.03
CA ILE M 151 47.48 -70.52 -23.98
C ILE M 151 46.77 -69.20 -23.66
N THR M 152 47.56 -68.16 -23.45
CA THR M 152 47.01 -66.84 -23.16
C THR M 152 46.74 -66.07 -24.44
N ASP M 153 45.95 -65.01 -24.31
CA ASP M 153 45.58 -64.18 -25.45
C ASP M 153 46.80 -63.44 -25.98
N LYS M 154 46.74 -63.09 -27.27
CA LYS M 154 47.83 -62.35 -27.89
C LYS M 154 47.94 -60.96 -27.29
N CYS M 155 49.13 -60.62 -26.79
CA CYS M 155 49.37 -59.37 -26.09
C CYS M 155 50.17 -58.47 -27.01
N VAL M 156 49.68 -57.25 -27.24
CA VAL M 156 50.18 -56.38 -28.29
C VAL M 156 51.32 -55.53 -27.73
N LEU M 157 52.37 -55.39 -28.52
CA LEU M 157 53.49 -54.50 -28.22
C LEU M 157 53.71 -53.55 -29.38
N ASP M 158 54.29 -52.38 -29.07
CA ASP M 158 54.54 -51.38 -30.10
C ASP M 158 55.69 -50.50 -29.66
N MET M 159 56.75 -50.45 -30.47
CA MET M 159 57.88 -49.56 -30.25
C MET M 159 57.59 -48.26 -30.99
N ARG M 160 57.18 -47.23 -30.23
CA ARG M 160 56.74 -45.98 -30.85
C ARG M 160 57.89 -45.21 -31.50
N SER M 161 59.14 -45.58 -31.21
CA SER M 161 60.28 -44.91 -31.84
C SER M 161 60.54 -45.48 -33.23
N MET M 162 60.71 -46.80 -33.33
CA MET M 162 61.00 -47.45 -34.59
C MET M 162 59.76 -47.83 -35.37
N ASP M 163 58.57 -47.69 -34.78
CA ASP M 163 57.30 -48.03 -35.43
C ASP M 163 57.30 -49.48 -35.90
N PHE M 164 57.72 -50.38 -35.01
CA PHE M 164 57.72 -51.82 -35.26
C PHE M 164 56.64 -52.47 -34.42
N LYS M 165 55.75 -53.20 -35.06
CA LYS M 165 54.66 -53.89 -34.38
C LYS M 165 54.75 -55.40 -34.59
N SER M 166 54.30 -56.15 -33.60
CA SER M 166 54.34 -57.61 -33.64
C SER M 166 53.33 -58.15 -32.64
N ASN M 167 52.75 -59.31 -32.95
CA ASN M 167 51.87 -60.01 -32.02
C ASN M 167 52.61 -61.21 -31.45
N SER M 168 52.71 -61.26 -30.12
CA SER M 168 53.48 -62.29 -29.43
C SER M 168 52.62 -62.92 -28.34
N ALA M 169 52.87 -64.19 -28.06
CA ALA M 169 52.12 -64.95 -27.08
C ALA M 169 53.06 -65.80 -26.23
N VAL M 170 52.56 -66.20 -25.06
CA VAL M 170 53.31 -67.02 -24.13
C VAL M 170 52.57 -68.33 -23.95
N ALA M 171 53.32 -69.42 -23.75
CA ALA M 171 52.73 -70.74 -23.57
C ALA M 171 53.53 -71.50 -22.54
N TRP M 172 52.90 -71.80 -21.41
CA TRP M 172 53.54 -72.56 -20.33
C TRP M 172 52.59 -73.64 -19.86
N SER M 173 53.09 -74.52 -19.01
CA SER M 173 52.29 -75.60 -18.43
C SER M 173 52.92 -76.01 -17.12
N ASN M 174 52.18 -76.81 -16.35
CA ASN M 174 52.68 -77.34 -15.09
C ASN M 174 53.34 -78.70 -15.21
N LYS M 175 52.92 -79.52 -16.18
CA LYS M 175 53.55 -80.82 -16.37
C LYS M 175 54.93 -80.66 -16.99
N SER M 176 55.91 -81.35 -16.44
CA SER M 176 57.29 -81.28 -16.94
C SER M 176 57.49 -82.08 -18.22
N ASP M 177 56.52 -82.92 -18.60
CA ASP M 177 56.66 -83.73 -19.80
C ASP M 177 56.42 -82.95 -21.08
N PHE M 178 55.95 -81.71 -20.97
CA PHE M 178 55.67 -80.86 -22.13
C PHE M 178 56.73 -79.78 -22.23
N ALA M 179 57.20 -79.53 -23.44
CA ALA M 179 58.21 -78.52 -23.70
C ALA M 179 57.64 -77.47 -24.66
N CYS M 180 58.34 -76.33 -24.73
CA CYS M 180 57.89 -75.21 -25.55
C CYS M 180 57.97 -75.50 -27.04
N ALA M 181 58.64 -76.57 -27.46
CA ALA M 181 58.74 -76.90 -28.87
C ALA M 181 57.38 -77.26 -29.46
N ASN M 182 56.55 -77.97 -28.70
CA ASN M 182 55.26 -78.44 -29.18
C ASN M 182 54.11 -77.76 -28.45
N ALA M 183 54.24 -76.46 -28.18
CA ALA M 183 53.17 -75.72 -27.53
C ALA M 183 51.91 -75.68 -28.41
N PHE M 184 52.09 -75.47 -29.71
CA PHE M 184 50.98 -75.45 -30.66
C PHE M 184 50.82 -76.84 -31.28
N ASN M 185 50.46 -77.79 -30.41
CA ASN M 185 50.27 -79.19 -30.81
C ASN M 185 48.81 -79.54 -31.07
N ASN M 186 47.90 -79.05 -30.23
CA ASN M 186 46.48 -79.33 -30.43
C ASN M 186 45.93 -78.66 -31.67
N SER M 187 46.54 -77.55 -32.10
CA SER M 187 46.09 -76.85 -33.30
C SER M 187 46.86 -77.33 -34.51
N ILE M 188 46.61 -76.68 -35.65
CA ILE M 188 47.28 -77.02 -36.90
C ILE M 188 48.45 -76.08 -37.12
N ILE M 189 49.65 -76.53 -36.78
CA ILE M 189 50.86 -75.73 -36.92
C ILE M 189 51.21 -75.58 -38.39
N PRO M 190 51.73 -74.44 -38.83
CA PRO M 190 52.10 -74.29 -40.23
C PRO M 190 53.31 -75.14 -40.59
N GLU M 191 53.45 -75.43 -41.89
CA GLU M 191 54.60 -76.20 -42.35
C GLU M 191 55.88 -75.37 -42.32
N ASP M 192 55.76 -74.06 -42.08
CA ASP M 192 56.92 -73.17 -42.03
C ASP M 192 57.77 -73.35 -40.78
N THR M 193 57.45 -74.34 -39.93
CA THR M 193 58.24 -74.58 -38.73
C THR M 193 59.66 -74.96 -39.10
N PHE M 194 60.63 -74.38 -38.39
CA PHE M 194 62.04 -74.60 -38.63
C PHE M 194 62.61 -75.41 -37.48
N PHE M 195 63.33 -76.49 -37.80
CA PHE M 195 63.95 -77.33 -36.78
C PHE M 195 65.43 -77.00 -36.70
N PRO M 196 66.08 -77.15 -35.53
CA PRO M 196 67.51 -76.88 -35.39
C PRO M 196 68.37 -77.84 -36.21
N THR N 1 37.49 -31.92 -15.67
CA THR N 1 38.11 -32.83 -16.64
C THR N 1 37.52 -34.23 -16.52
N ALA N 2 37.50 -34.77 -15.30
CA ALA N 2 37.00 -36.10 -15.04
C ALA N 2 36.42 -36.16 -13.63
N VAL N 3 35.82 -37.30 -13.31
CA VAL N 3 35.21 -37.52 -12.00
C VAL N 3 36.03 -38.59 -11.26
N PHE N 4 36.45 -38.27 -10.05
CA PHE N 4 37.27 -39.16 -9.23
C PHE N 4 36.54 -39.50 -7.94
N GLN N 5 36.57 -40.77 -7.56
CA GLN N 5 35.90 -41.24 -6.36
C GLN N 5 36.85 -42.13 -5.56
N THR N 6 36.65 -42.18 -4.25
CA THR N 6 37.43 -42.99 -3.33
C THR N 6 36.50 -43.76 -2.41
N PRO N 7 36.94 -44.93 -1.90
CA PRO N 7 38.21 -45.63 -2.18
C PRO N 7 38.24 -46.29 -3.56
N ASN N 8 39.44 -46.62 -4.05
CA ASN N 8 39.57 -47.21 -5.38
C ASN N 8 39.04 -48.63 -5.41
N TYR N 9 39.39 -49.43 -4.41
CA TYR N 9 38.96 -50.82 -4.33
C TYR N 9 38.50 -51.14 -2.92
N HIS N 10 37.62 -52.13 -2.82
CA HIS N 10 37.08 -52.54 -1.53
C HIS N 10 36.53 -53.95 -1.66
N VAL N 11 37.08 -54.88 -0.87
CA VAL N 11 36.60 -56.25 -0.81
C VAL N 11 36.20 -56.58 0.62
N THR N 12 35.07 -57.25 0.78
CA THR N 12 34.53 -57.55 2.11
C THR N 12 33.92 -58.94 2.10
N GLN N 13 33.52 -59.39 3.28
CA GLN N 13 32.88 -60.69 3.45
C GLN N 13 31.38 -60.52 3.64
N VAL N 14 30.67 -61.65 3.69
CA VAL N 14 29.23 -61.65 3.92
C VAL N 14 28.93 -61.15 5.33
N GLY N 15 27.97 -60.24 5.45
CA GLY N 15 27.61 -59.64 6.71
C GLY N 15 28.21 -58.27 6.95
N ASN N 16 29.26 -57.92 6.22
CA ASN N 16 29.88 -56.62 6.37
C ASN N 16 29.04 -55.52 5.72
N GLU N 17 29.40 -54.26 5.97
CA GLU N 17 28.74 -53.12 5.36
C GLU N 17 29.77 -52.34 4.55
N VAL N 18 29.41 -52.02 3.31
CA VAL N 18 30.30 -51.32 2.40
C VAL N 18 29.70 -49.95 2.08
N SER N 19 30.58 -49.05 1.65
CA SER N 19 30.15 -47.69 1.30
C SER N 19 31.20 -47.07 0.39
N PHE N 20 30.80 -46.77 -0.84
CA PHE N 20 31.63 -46.02 -1.76
C PHE N 20 31.15 -44.59 -1.89
N ASN N 21 32.09 -43.66 -1.85
CA ASN N 21 31.81 -42.24 -1.93
C ASN N 21 32.34 -41.68 -3.24
N CYS N 22 31.51 -40.88 -3.92
CA CYS N 22 31.90 -40.29 -5.19
C CYS N 22 31.83 -38.77 -5.07
N LYS N 23 32.82 -38.11 -5.65
CA LYS N 23 32.87 -36.66 -5.68
C LYS N 23 33.17 -36.21 -7.10
N GLN N 24 32.58 -35.08 -7.50
CA GLN N 24 32.73 -34.57 -8.85
C GLN N 24 33.00 -33.07 -8.76
N THR N 25 33.91 -32.59 -9.61
CA THR N 25 34.44 -31.23 -9.51
C THR N 25 33.88 -30.29 -10.56
N LEU N 26 33.04 -30.77 -11.47
CA LEU N 26 32.46 -29.90 -12.48
C LEU N 26 31.29 -29.12 -11.90
N GLY N 27 30.65 -28.33 -12.77
CA GLY N 27 29.48 -27.58 -12.35
C GLY N 27 28.20 -28.34 -12.51
N HIS N 28 28.26 -29.66 -12.32
CA HIS N 28 27.12 -30.52 -12.50
C HIS N 28 26.32 -30.64 -11.20
N ASP N 29 25.09 -31.15 -11.31
CA ASP N 29 24.18 -31.18 -10.18
C ASP N 29 23.46 -32.50 -9.99
N THR N 30 23.51 -33.41 -10.96
CA THR N 30 22.81 -34.69 -10.86
C THR N 30 23.83 -35.82 -10.96
N MET N 31 23.78 -36.74 -9.99
CA MET N 31 24.67 -37.89 -9.97
C MET N 31 23.87 -39.17 -10.01
N TYR N 32 24.49 -40.20 -10.57
CA TYR N 32 23.89 -41.53 -10.64
C TYR N 32 24.87 -42.56 -10.11
N TRP N 33 24.33 -43.65 -9.59
CA TRP N 33 25.10 -44.83 -9.22
C TRP N 33 24.63 -45.99 -10.08
N TYR N 34 25.41 -46.34 -11.10
CA TYR N 34 25.08 -47.43 -12.01
C TYR N 34 25.63 -48.74 -11.48
N LYS N 35 24.76 -49.74 -11.39
CA LYS N 35 25.14 -51.06 -10.93
C LYS N 35 25.27 -51.97 -12.14
N GLN N 36 26.48 -52.12 -12.67
CA GLN N 36 26.74 -53.05 -13.76
C GLN N 36 27.07 -54.41 -13.14
N ASP N 37 26.30 -55.42 -13.53
CA ASP N 37 26.47 -56.74 -12.95
C ASP N 37 27.65 -57.47 -13.60
N SER N 38 27.81 -58.74 -13.23
CA SER N 38 28.86 -59.58 -13.78
C SER N 38 28.74 -59.78 -15.29
N LYS N 39 27.56 -59.54 -15.86
CA LYS N 39 27.33 -59.64 -17.29
C LYS N 39 27.63 -58.34 -18.03
N LYS N 40 28.25 -57.38 -17.35
CA LYS N 40 28.59 -56.08 -17.93
C LYS N 40 27.36 -55.33 -18.43
N LEU N 41 26.20 -55.59 -17.83
CA LEU N 41 24.96 -54.92 -18.17
C LEU N 41 24.71 -53.79 -17.19
N LEU N 42 24.56 -52.58 -17.71
CA LEU N 42 24.42 -51.40 -16.88
C LEU N 42 22.94 -51.11 -16.64
N LYS N 43 22.54 -51.17 -15.37
CA LYS N 43 21.19 -50.82 -14.95
C LYS N 43 21.27 -49.76 -13.86
N ILE N 44 20.48 -48.71 -14.01
CA ILE N 44 20.52 -47.59 -13.09
C ILE N 44 20.00 -48.02 -11.73
N MET N 45 20.76 -47.69 -10.67
CA MET N 45 20.41 -48.09 -9.31
C MET N 45 19.89 -46.92 -8.48
N PHE N 46 20.57 -45.78 -8.52
CA PHE N 46 20.05 -44.57 -7.90
C PHE N 46 20.42 -43.35 -8.74
N SER N 47 19.55 -42.35 -8.67
CA SER N 47 19.78 -41.04 -9.27
C SER N 47 19.33 -39.98 -8.28
N TYR N 48 20.16 -38.95 -8.10
CA TYR N 48 19.85 -37.90 -7.14
C TYR N 48 20.11 -36.54 -7.75
N ASN N 49 19.06 -35.72 -7.79
CA ASN N 49 19.15 -34.32 -8.18
C ASN N 49 19.13 -33.47 -6.92
N ASN N 50 20.23 -32.76 -6.68
CA ASN N 50 20.38 -31.94 -5.48
C ASN N 50 20.19 -32.80 -4.24
N LYS N 51 19.03 -32.67 -3.58
CA LYS N 51 18.73 -33.43 -2.38
C LYS N 51 17.54 -34.38 -2.53
N GLN N 52 16.93 -34.45 -3.70
CA GLN N 52 15.72 -35.24 -3.91
C GLN N 52 16.00 -36.39 -4.86
N LEU N 53 15.62 -37.60 -4.44
CA LEU N 53 15.66 -38.76 -5.31
C LEU N 53 14.70 -38.56 -6.48
N ILE N 54 15.17 -38.84 -7.69
CA ILE N 54 14.35 -38.69 -8.89
C ILE N 54 14.14 -40.00 -9.64
N VAL N 55 14.89 -41.05 -9.32
CA VAL N 55 14.77 -42.33 -10.00
C VAL N 55 14.81 -43.45 -8.97
N ASN N 56 13.83 -44.35 -9.03
CA ASN N 56 13.77 -45.52 -8.17
C ASN N 56 13.39 -46.70 -9.04
N GLU N 57 14.39 -47.48 -9.47
CA GLU N 57 14.16 -48.60 -10.38
C GLU N 57 13.93 -49.87 -9.56
N THR N 58 12.85 -49.85 -8.80
CA THR N 58 12.41 -50.98 -7.99
C THR N 58 13.56 -51.51 -7.12
N VAL N 59 14.30 -50.57 -6.53
CA VAL N 59 15.47 -50.88 -5.71
C VAL N 59 14.98 -51.43 -4.37
N PRO N 60 15.55 -52.54 -3.88
CA PRO N 60 15.15 -53.06 -2.57
C PRO N 60 15.56 -52.09 -1.46
N ARG N 61 14.80 -52.15 -0.36
CA ARG N 61 14.96 -51.19 0.72
C ARG N 61 16.31 -51.31 1.41
N ARG N 62 17.03 -52.41 1.23
CA ARG N 62 18.32 -52.57 1.89
C ARG N 62 19.33 -51.52 1.42
N PHE N 63 19.30 -51.18 0.13
CA PHE N 63 20.18 -50.15 -0.41
C PHE N 63 19.65 -48.78 0.01
N SER N 64 20.50 -47.99 0.66
CA SER N 64 20.08 -46.67 1.14
C SER N 64 21.08 -45.61 0.72
N PRO N 65 20.68 -44.65 -0.11
CA PRO N 65 21.61 -43.58 -0.51
C PRO N 65 21.63 -42.45 0.51
N GLN N 66 22.83 -41.98 0.85
CA GLN N 66 23.02 -40.87 1.78
C GLN N 66 23.81 -39.78 1.08
N SER N 67 23.17 -38.64 0.86
CA SER N 67 23.78 -37.52 0.16
C SER N 67 23.84 -36.31 1.10
N SER N 68 25.03 -35.74 1.26
CA SER N 68 25.22 -34.55 2.08
C SER N 68 25.18 -33.28 1.23
N ASP N 69 26.08 -33.17 0.26
CA ASP N 69 26.16 -32.00 -0.60
C ASP N 69 25.94 -32.40 -2.05
N LYS N 70 25.70 -31.40 -2.89
CA LYS N 70 25.47 -31.65 -4.31
C LYS N 70 26.70 -32.23 -4.99
N ALA N 71 27.88 -32.11 -4.38
CA ALA N 71 29.10 -32.72 -4.88
C ALA N 71 29.40 -34.06 -4.22
N HIS N 72 28.51 -34.55 -3.35
CA HIS N 72 28.72 -35.78 -2.60
C HIS N 72 27.53 -36.71 -2.78
N LEU N 73 27.81 -38.00 -2.91
CA LEU N 73 26.75 -39.01 -2.95
C LEU N 73 27.33 -40.33 -2.46
N ASN N 74 26.85 -40.78 -1.31
CA ASN N 74 27.31 -42.02 -0.70
C ASN N 74 26.24 -43.09 -0.82
N LEU N 75 26.62 -44.32 -0.50
CA LEU N 75 25.71 -45.46 -0.52
C LEU N 75 26.06 -46.38 0.64
N ARG N 76 25.10 -46.63 1.52
CA ARG N 76 25.25 -47.59 2.61
C ARG N 76 24.37 -48.79 2.33
N ILE N 77 24.99 -49.97 2.26
CA ILE N 77 24.29 -51.21 1.94
C ILE N 77 24.31 -52.11 3.17
N LYS N 78 23.13 -52.46 3.66
CA LYS N 78 22.97 -53.34 4.80
C LYS N 78 22.47 -54.70 4.35
N SER N 79 22.69 -55.71 5.20
CA SER N 79 22.33 -57.09 4.92
C SER N 79 22.92 -57.54 3.58
N VAL N 80 24.21 -57.25 3.40
CA VAL N 80 24.86 -57.53 2.13
C VAL N 80 24.91 -59.03 1.88
N GLU N 81 24.52 -59.43 0.68
CA GLU N 81 24.48 -60.82 0.25
C GLU N 81 25.61 -61.08 -0.73
N PRO N 82 26.08 -62.34 -0.82
CA PRO N 82 27.10 -62.66 -1.82
C PRO N 82 26.64 -62.42 -3.25
N GLU N 83 25.35 -62.58 -3.54
CA GLU N 83 24.83 -62.40 -4.89
C GLU N 83 24.85 -60.95 -5.36
N ASP N 84 25.10 -59.99 -4.45
CA ASP N 84 25.20 -58.58 -4.81
C ASP N 84 26.60 -58.18 -5.25
N SER N 85 27.43 -59.13 -5.67
CA SER N 85 28.78 -58.83 -6.12
C SER N 85 28.72 -58.25 -7.52
N ALA N 86 29.14 -57.00 -7.66
CA ALA N 86 29.10 -56.33 -8.96
C ALA N 86 30.03 -55.12 -8.98
N VAL N 87 30.19 -54.51 -10.15
CA VAL N 87 31.02 -53.34 -10.35
C VAL N 87 30.10 -52.12 -10.32
N TYR N 88 30.46 -51.12 -9.53
CA TYR N 88 29.62 -49.94 -9.32
C TYR N 88 30.26 -48.72 -9.97
N LEU N 89 29.44 -47.94 -10.66
CA LEU N 89 29.89 -46.86 -11.53
C LEU N 89 29.23 -45.56 -11.10
N CYS N 90 30.00 -44.49 -10.99
CA CYS N 90 29.49 -43.17 -10.61
C CYS N 90 29.43 -42.28 -11.84
N ALA N 91 28.29 -41.61 -12.02
CA ALA N 91 28.05 -40.75 -13.16
C ALA N 91 27.63 -39.36 -12.69
N SER N 92 27.83 -38.38 -13.58
CA SER N 92 27.43 -37.01 -13.28
C SER N 92 27.11 -36.29 -14.57
N SER N 93 26.01 -35.53 -14.55
CA SER N 93 25.56 -34.78 -15.72
C SER N 93 24.56 -33.74 -15.25
N PHE N 94 24.27 -32.79 -16.14
CA PHE N 94 23.18 -31.86 -15.93
C PHE N 94 21.86 -32.60 -16.04
N ARG N 95 20.86 -32.14 -15.29
CA ARG N 95 19.60 -32.89 -15.22
C ARG N 95 18.88 -32.91 -16.56
N TRP N 96 18.86 -31.78 -17.27
CA TRP N 96 18.03 -31.65 -18.46
C TRP N 96 18.80 -31.81 -19.77
N VAL N 97 19.91 -31.10 -19.94
CA VAL N 97 20.67 -31.12 -21.18
C VAL N 97 22.14 -31.36 -20.85
N GLY N 98 22.79 -32.19 -21.64
CA GLY N 98 24.21 -32.43 -21.50
C GLY N 98 24.52 -33.90 -21.47
N GLU N 99 25.79 -34.22 -21.74
CA GLU N 99 26.27 -35.59 -21.77
C GLU N 99 26.74 -36.00 -20.38
N GLN N 100 26.70 -37.32 -20.13
CA GLN N 100 27.09 -37.85 -18.84
C GLN N 100 28.59 -38.15 -18.82
N TYR N 101 29.27 -37.64 -17.79
CA TYR N 101 30.69 -37.87 -17.60
C TYR N 101 30.89 -38.95 -16.56
N PHE N 102 31.60 -40.01 -16.93
CA PHE N 102 31.76 -41.18 -16.09
C PHE N 102 33.10 -41.14 -15.35
N GLY N 103 33.18 -41.95 -14.30
CA GLY N 103 34.40 -42.12 -13.54
C GLY N 103 35.01 -43.49 -13.74
N PRO N 104 36.16 -43.73 -13.13
CA PRO N 104 36.83 -45.03 -13.32
C PRO N 104 36.01 -46.22 -12.87
N GLY N 105 35.25 -46.10 -11.78
CA GLY N 105 34.45 -47.19 -11.28
C GLY N 105 35.15 -47.95 -10.17
N THR N 106 34.34 -48.71 -9.42
CA THR N 106 34.83 -49.48 -8.27
C THR N 106 34.37 -50.92 -8.43
N ARG N 107 35.26 -51.87 -8.12
CA ARG N 107 34.91 -53.28 -8.16
C ARG N 107 34.74 -53.81 -6.74
N LEU N 108 33.66 -54.56 -6.51
CA LEU N 108 33.36 -55.14 -5.21
C LEU N 108 33.37 -56.66 -5.33
N THR N 109 34.11 -57.31 -4.44
CA THR N 109 34.23 -58.77 -4.42
C THR N 109 33.77 -59.31 -3.08
N VAL N 110 32.89 -60.30 -3.11
CA VAL N 110 32.38 -60.95 -1.91
C VAL N 110 32.92 -62.38 -1.92
N LEU N 111 33.47 -62.81 -0.78
CA LEU N 111 34.12 -64.11 -0.68
C LEU N 111 33.17 -65.12 -0.06
N GLU N 112 33.06 -66.29 -0.69
CA GLU N 112 32.33 -67.40 -0.09
C GLU N 112 33.01 -67.87 1.18
N ASP N 113 34.32 -68.09 1.10
CA ASP N 113 35.14 -68.46 2.25
C ASP N 113 36.31 -67.50 2.33
N LEU N 114 36.53 -66.93 3.51
CA LEU N 114 37.59 -65.93 3.67
C LEU N 114 38.98 -66.57 3.75
N LYS N 115 39.06 -67.89 3.83
CA LYS N 115 40.33 -68.59 3.91
C LYS N 115 40.88 -68.98 2.54
N ASN N 116 40.23 -68.58 1.46
CA ASN N 116 40.67 -68.93 0.11
C ASN N 116 41.60 -67.90 -0.50
N VAL N 117 42.02 -66.88 0.26
CA VAL N 117 42.93 -65.86 -0.23
C VAL N 117 44.34 -66.22 0.24
N PHE N 118 45.29 -66.23 -0.70
CA PHE N 118 46.66 -66.61 -0.39
C PHE N 118 47.64 -65.60 -0.96
N PRO N 119 48.81 -65.45 -0.35
CA PRO N 119 49.82 -64.52 -0.89
C PRO N 119 50.33 -64.97 -2.24
N PRO N 120 50.70 -64.04 -3.11
CA PRO N 120 51.22 -64.43 -4.42
C PRO N 120 52.71 -64.77 -4.37
N GLU N 121 53.14 -65.53 -5.37
CA GLU N 121 54.56 -65.81 -5.60
C GLU N 121 54.95 -65.19 -6.93
N VAL N 122 55.99 -64.35 -6.90
CA VAL N 122 56.43 -63.60 -8.07
C VAL N 122 57.83 -64.07 -8.47
N ALA N 123 58.00 -64.41 -9.74
CA ALA N 123 59.30 -64.85 -10.26
C ALA N 123 59.55 -64.14 -11.58
N VAL N 124 60.77 -63.62 -11.74
CA VAL N 124 61.16 -62.91 -12.95
C VAL N 124 62.30 -63.67 -13.61
N PHE N 125 62.15 -63.97 -14.90
CA PHE N 125 63.17 -64.69 -15.64
C PHE N 125 64.23 -63.75 -16.19
N GLU N 126 65.33 -64.34 -16.64
CA GLU N 126 66.44 -63.60 -17.22
C GLU N 126 66.39 -63.67 -18.75
N PRO N 127 66.86 -62.62 -19.44
CA PRO N 127 66.85 -62.67 -20.90
C PRO N 127 67.76 -63.76 -21.44
N SER N 128 67.34 -64.36 -22.55
CA SER N 128 68.14 -65.40 -23.17
C SER N 128 69.28 -64.79 -23.97
N ALA N 129 70.48 -65.35 -23.81
CA ALA N 129 71.63 -64.84 -24.55
C ALA N 129 71.53 -65.17 -26.04
N ALA N 130 71.08 -66.38 -26.37
CA ALA N 130 70.96 -66.77 -27.76
C ALA N 130 69.92 -65.92 -28.49
N ALA N 131 68.79 -65.65 -27.83
CA ALA N 131 67.76 -64.81 -28.44
C ALA N 131 68.27 -63.40 -28.68
N ALA N 132 68.99 -62.84 -27.71
CA ALA N 132 69.50 -61.48 -27.86
C ALA N 132 70.59 -61.41 -28.93
N SER N 133 71.38 -62.47 -29.06
CA SER N 133 72.44 -62.51 -30.06
C SER N 133 71.94 -62.85 -31.46
N HIS N 134 70.75 -63.45 -31.59
CA HIS N 134 70.22 -63.82 -32.88
C HIS N 134 69.25 -62.77 -33.43
N THR N 135 68.41 -62.23 -32.56
CA THR N 135 67.36 -61.30 -32.97
C THR N 135 67.63 -59.86 -32.56
N GLN N 136 68.74 -59.60 -31.85
CA GLN N 136 69.08 -58.26 -31.38
C GLN N 136 67.95 -57.64 -30.57
N LYS N 137 67.29 -58.46 -29.74
CA LYS N 137 66.20 -57.99 -28.90
C LYS N 137 66.08 -58.91 -27.69
N ALA N 138 65.79 -58.32 -26.54
CA ALA N 138 65.58 -59.06 -25.30
C ALA N 138 64.23 -58.68 -24.71
N THR N 139 63.51 -59.66 -24.19
CA THR N 139 62.20 -59.45 -23.59
C THR N 139 62.17 -60.10 -22.21
N LEU N 140 61.73 -59.33 -21.22
CA LEU N 140 61.63 -59.81 -19.85
C LEU N 140 60.20 -60.25 -19.54
N VAL N 141 60.09 -61.23 -18.65
CA VAL N 141 58.79 -61.82 -18.32
C VAL N 141 58.65 -61.85 -16.80
N CYS N 142 57.50 -61.40 -16.31
CA CYS N 142 57.15 -61.50 -14.90
C CYS N 142 55.86 -62.29 -14.76
N LEU N 143 55.82 -63.15 -13.74
CA LEU N 143 54.68 -64.03 -13.52
C LEU N 143 54.26 -63.95 -12.06
N ALA N 144 52.95 -63.82 -11.83
CA ALA N 144 52.37 -63.83 -10.49
C ALA N 144 51.29 -64.91 -10.44
N THR N 145 51.37 -65.77 -9.42
CA THR N 145 50.41 -66.86 -9.26
C THR N 145 49.97 -66.92 -7.81
N GLY N 146 48.82 -67.54 -7.57
CA GLY N 146 48.29 -67.71 -6.23
C GLY N 146 47.93 -66.42 -5.54
N PHE N 147 47.22 -65.54 -6.26
CA PHE N 147 46.80 -64.26 -5.72
C PHE N 147 45.29 -64.12 -5.85
N TYR N 148 44.72 -63.24 -5.03
CA TYR N 148 43.29 -62.97 -5.07
C TYR N 148 42.98 -61.69 -4.28
N PRO N 149 42.14 -60.80 -4.82
CA PRO N 149 41.51 -60.83 -6.16
C PRO N 149 42.37 -60.18 -7.23
N ASP N 150 41.77 -59.89 -8.39
CA ASP N 150 42.44 -59.22 -9.49
C ASP N 150 42.38 -57.70 -9.25
N HIS N 151 43.25 -57.23 -8.37
CA HIS N 151 43.33 -55.82 -8.00
C HIS N 151 44.78 -55.36 -8.17
N VAL N 152 45.38 -55.73 -9.31
CA VAL N 152 46.80 -55.52 -9.55
C VAL N 152 47.02 -54.46 -10.62
N GLU N 153 48.10 -53.70 -10.45
CA GLU N 153 48.59 -52.77 -11.46
C GLU N 153 50.10 -52.91 -11.52
N LEU N 154 50.63 -53.32 -12.66
CA LEU N 154 52.04 -53.54 -12.83
C LEU N 154 52.70 -52.32 -13.46
N SER N 155 53.78 -51.86 -12.84
CA SER N 155 54.58 -50.77 -13.38
C SER N 155 56.04 -51.17 -13.32
N TRP N 156 56.81 -50.72 -14.33
CA TRP N 156 58.23 -51.00 -14.41
C TRP N 156 58.99 -49.69 -14.25
N TRP N 157 59.89 -49.65 -13.28
CA TRP N 157 60.71 -48.48 -12.99
C TRP N 157 62.15 -48.81 -13.32
N VAL N 158 62.69 -48.16 -14.35
CA VAL N 158 64.03 -48.43 -14.84
C VAL N 158 64.99 -47.49 -14.13
N ASN N 159 65.63 -47.97 -13.07
CA ASN N 159 66.62 -47.20 -12.30
C ASN N 159 66.05 -45.86 -11.83
N GLY N 160 64.82 -45.90 -11.31
CA GLY N 160 64.18 -44.72 -10.78
C GLY N 160 63.67 -43.74 -11.82
N LYS N 161 63.42 -44.20 -13.05
CA LYS N 161 62.92 -43.34 -14.12
C LYS N 161 61.53 -43.82 -14.49
N GLU N 162 60.54 -42.94 -14.38
CA GLU N 162 59.16 -43.31 -14.71
C GLU N 162 59.00 -43.38 -16.23
N VAL N 163 58.46 -44.50 -16.70
CA VAL N 163 58.27 -44.76 -18.13
C VAL N 163 56.82 -45.18 -18.34
N HIS N 164 56.22 -44.67 -19.42
CA HIS N 164 54.85 -45.03 -19.79
C HIS N 164 54.77 -45.71 -21.15
N SER N 165 55.88 -46.25 -21.64
CA SER N 165 55.92 -46.94 -22.92
C SER N 165 56.33 -48.39 -22.71
N GLY N 166 55.67 -49.30 -23.42
CA GLY N 166 56.03 -50.70 -23.39
C GLY N 166 55.56 -51.45 -22.15
N VAL N 167 54.29 -51.30 -21.81
CA VAL N 167 53.68 -52.01 -20.70
C VAL N 167 52.43 -52.71 -21.20
N CYS N 168 52.28 -53.99 -20.83
CA CYS N 168 51.19 -54.81 -21.34
C CYS N 168 50.75 -55.78 -20.24
N THR N 169 49.55 -55.56 -19.72
CA THR N 169 48.95 -56.44 -18.73
C THR N 169 47.74 -57.15 -19.33
N ASP N 170 47.59 -58.43 -18.99
CA ASP N 170 46.53 -59.24 -19.60
C ASP N 170 45.16 -58.73 -19.15
N PRO N 171 44.22 -58.51 -20.08
CA PRO N 171 42.90 -58.01 -19.66
C PRO N 171 42.09 -59.02 -18.87
N GLN N 172 42.12 -60.30 -19.25
CA GLN N 172 41.29 -61.29 -18.59
C GLN N 172 42.11 -62.53 -18.23
N PRO N 173 41.73 -63.23 -17.16
CA PRO N 173 42.41 -64.47 -16.80
C PRO N 173 41.83 -65.66 -17.56
N LEU N 174 42.41 -66.82 -17.30
CA LEU N 174 41.97 -68.07 -17.90
C LEU N 174 41.72 -69.09 -16.79
N LYS N 175 40.56 -69.75 -16.83
CA LYS N 175 40.21 -70.75 -15.84
C LYS N 175 40.80 -72.10 -16.20
N GLU N 176 41.44 -72.76 -15.22
CA GLU N 176 42.12 -74.01 -15.50
C GLU N 176 41.18 -75.21 -15.35
N GLN N 177 40.39 -75.23 -14.27
CA GLN N 177 39.52 -76.36 -13.95
C GLN N 177 38.09 -75.85 -13.82
N PRO N 178 37.31 -75.87 -14.90
CA PRO N 178 35.90 -75.47 -14.80
C PRO N 178 35.12 -76.41 -13.91
N ALA N 179 34.12 -75.86 -13.24
CA ALA N 179 33.21 -76.54 -12.31
C ALA N 179 33.94 -77.05 -11.07
N LEU N 180 35.22 -76.76 -10.90
CA LEU N 180 35.97 -77.19 -9.72
C LEU N 180 35.99 -76.05 -8.70
N ASN N 181 34.81 -75.76 -8.16
CA ASN N 181 34.59 -74.68 -7.18
C ASN N 181 35.10 -73.39 -7.79
N ASP N 182 35.85 -72.56 -7.06
CA ASP N 182 36.37 -71.29 -7.57
C ASP N 182 37.80 -71.51 -8.03
N SER N 183 37.99 -71.55 -9.35
CA SER N 183 39.31 -71.80 -9.91
C SER N 183 40.22 -70.60 -9.72
N ARG N 184 41.52 -70.87 -9.70
CA ARG N 184 42.53 -69.83 -9.55
C ARG N 184 42.65 -69.01 -10.82
N TYR N 185 42.85 -67.71 -10.66
CA TYR N 185 42.99 -66.79 -11.78
C TYR N 185 44.33 -66.07 -11.71
N ALA N 186 45.04 -66.10 -12.84
CA ALA N 186 46.35 -65.48 -12.95
C ALA N 186 46.48 -64.79 -14.30
N LEU N 187 47.28 -63.72 -14.32
CA LEU N 187 47.53 -62.97 -15.54
C LEU N 187 49.02 -62.69 -15.64
N SER N 188 49.54 -62.74 -16.87
CA SER N 188 50.96 -62.53 -17.12
C SER N 188 51.17 -61.18 -17.80
N SER N 189 52.41 -60.69 -17.74
CA SER N 189 52.76 -59.41 -18.35
C SER N 189 54.12 -59.54 -19.02
N ARG N 190 54.34 -58.69 -20.01
CA ARG N 190 55.54 -58.76 -20.85
C ARG N 190 56.16 -57.38 -20.96
N LEU N 191 57.48 -57.35 -21.13
CA LEU N 191 58.24 -56.10 -21.20
C LEU N 191 59.20 -56.20 -22.38
N ARG N 192 58.87 -55.47 -23.45
CA ARG N 192 59.73 -55.40 -24.63
C ARG N 192 60.61 -54.16 -24.54
N VAL N 193 61.91 -54.36 -24.68
CA VAL N 193 62.89 -53.29 -24.57
C VAL N 193 63.79 -53.31 -25.80
N SER N 194 64.64 -52.30 -25.91
CA SER N 194 65.57 -52.18 -27.03
C SER N 194 66.85 -52.95 -26.75
N ALA N 195 67.59 -53.25 -27.82
CA ALA N 195 68.85 -53.98 -27.67
C ALA N 195 69.88 -53.17 -26.89
N THR N 196 69.95 -51.87 -27.15
CA THR N 196 70.94 -51.04 -26.47
C THR N 196 70.70 -50.95 -24.97
N PHE N 197 69.44 -50.84 -24.56
CA PHE N 197 69.12 -50.73 -23.14
C PHE N 197 69.54 -51.98 -22.38
N TRP N 198 69.29 -53.17 -22.96
CA TRP N 198 69.67 -54.41 -22.30
C TRP N 198 71.17 -54.67 -22.39
N GLN N 199 71.80 -54.30 -23.50
CA GLN N 199 73.23 -54.55 -23.67
C GLN N 199 74.05 -53.72 -22.69
N ASN N 200 73.66 -52.47 -22.47
CA ASN N 200 74.39 -51.58 -21.57
C ASN N 200 73.85 -51.73 -20.15
N PRO N 201 74.66 -52.24 -19.20
CA PRO N 201 74.24 -52.39 -17.80
C PRO N 201 73.89 -51.07 -17.13
N PHE N 205 62.93 -51.99 -14.04
CA PHE N 205 63.70 -53.23 -13.91
C PHE N 205 63.18 -54.09 -12.76
N ARG N 206 62.12 -53.61 -12.11
CA ARG N 206 61.54 -54.31 -10.98
C ARG N 206 60.05 -54.50 -11.21
N CYS N 207 59.60 -55.76 -11.21
CA CYS N 207 58.20 -56.08 -11.43
C CYS N 207 57.45 -55.99 -10.09
N GLN N 208 56.74 -54.89 -9.89
CA GLN N 208 56.01 -54.63 -8.66
C GLN N 208 54.54 -54.97 -8.84
N VAL N 209 54.06 -55.96 -8.08
CA VAL N 209 52.68 -56.43 -8.17
C VAL N 209 51.92 -55.85 -6.97
N GLN N 210 51.04 -54.90 -7.24
CA GLN N 210 50.24 -54.29 -6.18
C GLN N 210 49.19 -55.27 -5.67
N PHE N 211 48.97 -55.26 -4.36
CA PHE N 211 48.02 -56.16 -3.72
C PHE N 211 47.05 -55.35 -2.87
N TYR N 212 45.78 -55.75 -2.89
CA TYR N 212 44.73 -55.11 -2.10
C TYR N 212 43.89 -56.20 -1.46
N GLY N 213 43.62 -56.05 -0.16
CA GLY N 213 42.82 -57.02 0.56
C GLY N 213 41.90 -56.39 1.59
N LEU N 214 41.84 -56.97 2.78
CA LEU N 214 41.01 -56.43 3.84
C LEU N 214 41.66 -55.20 4.46
N SER N 215 40.89 -54.49 5.27
CA SER N 215 41.34 -53.26 5.92
C SER N 215 41.30 -53.45 7.44
N GLU N 216 41.61 -52.37 8.15
CA GLU N 216 41.60 -52.40 9.61
C GLU N 216 40.20 -52.55 10.20
N ASN N 217 39.16 -52.39 9.38
CA ASN N 217 37.78 -52.53 9.84
C ASN N 217 37.31 -53.97 9.90
N ASP N 218 38.14 -54.92 9.47
CA ASP N 218 37.80 -56.33 9.49
C ASP N 218 38.72 -57.05 10.46
N GLU N 219 38.19 -58.06 11.14
CA GLU N 219 38.92 -58.81 12.15
C GLU N 219 39.71 -59.93 11.49
N TRP N 220 41.02 -59.79 11.44
CA TRP N 220 41.92 -60.84 10.98
C TRP N 220 42.62 -61.44 12.20
N THR N 221 41.94 -62.36 12.87
CA THR N 221 42.49 -63.05 14.04
C THR N 221 42.82 -64.50 13.75
N GLN N 222 42.93 -64.87 12.48
CA GLN N 222 43.20 -66.25 12.10
C GLN N 222 44.67 -66.59 12.34
N ASP N 223 44.94 -67.91 12.41
CA ASP N 223 46.30 -68.39 12.66
C ASP N 223 47.22 -68.06 11.48
N ARG N 224 46.70 -68.12 10.26
CA ARG N 224 47.50 -67.85 9.07
C ARG N 224 48.02 -66.42 9.09
N ALA N 225 49.27 -66.23 8.67
CA ALA N 225 49.88 -64.91 8.69
C ALA N 225 49.14 -63.98 7.74
N LYS N 226 49.03 -62.71 8.15
CA LYS N 226 48.32 -61.73 7.34
C LYS N 226 49.14 -61.39 6.10
N PRO N 227 48.60 -61.57 4.89
CA PRO N 227 49.34 -61.23 3.66
C PRO N 227 49.25 -59.75 3.32
N VAL N 228 49.76 -58.92 4.23
CA VAL N 228 49.73 -57.48 4.07
C VAL N 228 50.90 -57.03 3.22
N THR N 229 50.82 -55.82 2.68
CA THR N 229 51.88 -55.28 1.84
C THR N 229 53.17 -55.11 2.64
N GLN N 230 54.27 -55.58 2.07
CA GLN N 230 55.59 -55.48 2.68
C GLN N 230 56.61 -55.19 1.60
N ILE N 231 57.85 -54.99 2.03
CA ILE N 231 58.94 -54.60 1.15
C ILE N 231 59.79 -55.82 0.84
N VAL N 232 59.61 -56.40 -0.34
CA VAL N 232 60.47 -57.44 -0.88
C VAL N 232 61.00 -56.94 -2.21
N SER N 233 62.33 -56.85 -2.33
CA SER N 233 62.97 -56.23 -3.47
C SER N 233 63.83 -57.25 -4.22
N ALA N 234 63.63 -57.31 -5.53
CA ALA N 234 64.40 -58.17 -6.42
C ALA N 234 65.05 -57.33 -7.51
N GLU N 235 66.20 -57.80 -7.98
CA GLU N 235 66.95 -57.11 -9.02
C GLU N 235 67.16 -58.05 -10.19
N ALA N 236 67.18 -57.47 -11.40
CA ALA N 236 67.39 -58.23 -12.61
C ALA N 236 67.91 -57.29 -13.69
N TRP N 237 68.84 -57.79 -14.50
CA TRP N 237 69.43 -57.01 -15.56
C TRP N 237 68.81 -57.35 -16.91
CHC PEB O . -30.70 -4.52 30.94
NC PEB O . -31.81 -6.61 31.75
C1C PEB O . -31.56 -7.95 31.87
C2C PEB O . -30.26 -8.16 31.35
C3C PEB O . -29.77 -6.92 30.95
C4C PEB O . -30.75 -5.99 31.20
CMC PEB O . -28.43 -6.68 30.33
CAC PEB O . -29.55 -9.48 31.28
CBC PEB O . -28.58 -9.70 32.43
CGC PEB O . -29.21 -10.38 33.64
O1C PEB O . -29.90 -9.67 34.40
O2C PEB O . -29.00 -11.59 33.81
ND PEB O . -29.41 -4.09 32.97
C1D PEB O . -30.59 -3.70 32.23
C2D PEB O . -30.27 -2.26 31.94
C3D PEB O . -28.99 -2.02 32.25
C4D PEB O . -28.58 -3.05 33.18
CMD PEB O . -31.32 -1.32 31.41
CAD PEB O . -28.13 -0.94 31.73
CBD PEB O . -27.52 -0.05 32.45
OD PEB O . -27.67 -2.97 34.01
NA PEB O . -39.32 -9.59 31.81
C1A PEB O . -40.49 -9.17 31.23
C2A PEB O . -40.22 -7.93 30.42
C3A PEB O . -38.69 -7.84 30.41
C4A PEB O . -38.30 -8.68 31.60
CMA PEB O . -40.89 -7.95 29.06
CBA PEB O . -39.22 -5.39 30.85
OA PEB O . -41.57 -9.72 31.36
CHA PEB O . -37.14 -8.57 32.37
CAA PEB O . -38.17 -6.41 30.45
NB PEB O . -34.76 -8.28 31.99
C1B PEB O . -35.91 -9.03 31.99
C2B PEB O . -35.58 -10.38 31.57
C3B PEB O . -34.24 -10.52 31.72
C4B PEB O . -33.74 -9.20 32.05
CHB PEB O . -32.43 -8.91 32.40
CMB PEB O . -36.53 -11.44 31.07
CAB PEB O . -33.41 -11.76 31.59
CBB PEB O . -32.59 -11.84 30.30
CGB PEB O . -31.21 -12.46 30.49
O1B PEB O . -30.88 -12.82 31.64
O2B PEB O . -30.48 -12.57 29.49
CHC PEB P . -44.60 8.99 42.70
NC PEB P . -46.85 8.36 43.57
C1C PEB P . -47.43 7.76 44.67
C2C PEB P . -46.36 7.44 45.56
C3C PEB P . -45.19 7.84 44.93
C4C PEB P . -45.51 8.40 43.72
CMC PEB P . -43.82 7.68 45.53
CAC PEB P . -46.49 6.76 46.88
CBC PEB P . -47.10 5.36 46.80
CGC PEB P . -46.19 4.33 46.17
O1C PEB P . -46.10 3.21 46.72
O2C PEB P . -45.60 4.63 45.11
ND PEB P . -44.80 10.93 44.16
C1D PEB P . -44.57 10.51 42.78
C2D PEB P . -43.17 11.04 42.56
C3D PEB P . -42.64 11.41 43.75
C4D PEB P . -43.72 11.53 44.69
CMD PEB P . -42.55 11.11 41.21
CAD PEB P . -41.23 11.66 44.04
CBD PEB P . -40.40 10.73 44.43
OD PEB P . -43.67 12.07 45.81
NA PEB P . -52.69 13.20 43.17
C1A PEB P . -53.80 13.14 42.36
C2A PEB P . -54.06 11.70 42.03
C3A PEB P . -52.74 11.02 42.35
C4A PEB P . -52.14 11.95 43.37
CMA PEB P . -55.28 11.11 42.73
CBA PEB P . -52.57 10.13 39.98
OA PEB P . -54.47 14.09 42.00
CHA PEB P . -51.21 11.63 44.35
CAA PEB P . -51.85 10.78 41.13
NB PEB P . -49.80 9.67 44.25
C1B PEB P . -50.91 10.35 44.69
C2B PEB P . -51.69 9.49 45.57
C3B PEB P . -50.87 8.47 45.92
C4B PEB P . -49.76 8.52 44.99
CHB PEB P . -48.79 7.56 44.87
CMB PEB P . -53.12 9.70 45.98
CAB PEB P . -51.04 7.48 47.03
CBB PEB P . -50.69 8.05 48.41
CGB PEB P . -49.20 8.25 48.63
O1B PEB P . -48.63 9.17 48.02
O2B PEB P . -48.63 7.49 49.44
CHC PUB Q . -53.74 13.79 9.51
NC PUB Q . -53.29 15.34 11.41
C1C PUB Q . -54.18 16.22 12.00
C2C PUB Q . -54.86 16.95 10.96
C3C PUB Q . -54.71 16.16 9.84
C4C PUB Q . -53.92 15.09 10.23
CMC PUB Q . -55.30 16.41 8.48
CAC PUB Q . -55.52 18.29 11.09
CBC PUB Q . -54.52 19.46 11.01
CGC PUB Q . -53.15 19.06 10.50
O1C PUB Q . -52.94 19.11 9.27
O2C PUB Q . -52.29 18.71 11.33
ND PUB Q . -54.70 11.49 9.17
C1D PUB Q . -54.70 12.69 9.99
C2D PUB Q . -54.24 12.06 11.29
C3D PUB Q . -53.48 11.00 10.98
C4D PUB Q . -53.97 10.50 9.72
CMD PUB Q . -54.66 12.56 12.63
CBD PUB Q . -52.68 9.18 12.51
OD PUB Q . -53.77 9.37 9.24
NA PUB Q . -53.91 14.71 18.34
C1A PUB Q . -53.85 15.01 19.64
C2A PUB Q . -52.74 14.27 20.19
C3A PUB Q . -52.51 13.25 19.34
C4A PUB Q . -53.13 13.55 18.00
CMA PUB Q . -51.97 14.55 21.45
CBA PUB Q . -52.67 10.84 20.09
OA PUB Q . -54.60 15.77 20.25
CHA PUB Q . -52.06 13.90 16.95
CAA PUB Q . -51.78 11.98 19.64
CAD PUB Q . -52.32 10.43 11.73
NB PUB Q . -53.37 14.89 15.06
C1B PUB Q . -52.48 15.02 16.07
C2B PUB Q . -52.06 16.34 16.12
C3B PUB Q . -52.74 17.03 15.11
C4B PUB Q . -53.56 16.09 14.44
CHB PUB Q . -54.40 16.34 13.36
CMB PUB Q . -51.09 16.94 17.09
CAB PUB Q . -52.61 18.49 14.76
CBB PUB Q . -53.56 19.37 15.56
CGB PUB Q . -54.85 19.68 14.84
O1B PUB Q . -54.93 20.74 14.18
O2B PUB Q . -55.79 18.87 14.92
CHC PEB R . -32.35 16.26 2.82
NC PEB R . -33.60 14.63 1.40
C1C PEB R . -33.41 13.42 0.76
C2C PEB R . -32.08 13.05 1.03
C3C PEB R . -31.51 14.04 1.82
C4C PEB R . -32.47 15.00 2.04
CMC PEB R . -30.09 14.04 2.34
CAC PEB R . -31.41 11.79 0.54
CBC PEB R . -31.43 10.66 1.56
CGC PEB R . -32.81 10.05 1.77
O1C PEB R . -33.59 10.63 2.56
O2C PEB R . -33.10 9.02 1.15
ND PEB R . -31.69 15.51 5.03
C1D PEB R . -32.79 16.09 4.27
C2D PEB R . -32.89 17.43 4.96
C3D PEB R . -31.68 17.72 5.48
C4D PEB R . -30.96 16.48 5.63
CMD PEB R . -34.17 18.21 5.00
CAD PEB R . -31.16 19.03 5.82
CBD PEB R . -30.16 19.62 5.21
OD PEB R . -29.87 16.32 6.21
NA PEB R . -40.50 11.02 0.86
C1A PEB R . -41.60 11.44 0.17
C2A PEB R . -41.95 12.84 0.65
C3A PEB R . -40.60 13.35 1.17
C4A PEB R . -39.81 12.09 1.41
CMA PEB R . -42.63 13.69 -0.39
CBA PEB R . -41.91 14.01 3.24
OA PEB R . -42.19 10.83 -0.71
CHA PEB R . -38.60 12.00 2.08
CAA PEB R . -40.69 14.27 2.40
NB PEB R . -36.44 12.70 1.27
C1B PEB R . -37.43 11.77 1.44
C2B PEB R . -37.03 10.52 0.79
C3B PEB R . -35.97 10.81 0.01
C4B PEB R . -35.53 12.13 0.42
CHB PEB R . -34.36 12.74 0.01
CMB PEB R . -37.69 9.18 0.97
CAB PEB R . -35.34 9.97 -1.06
CBB PEB R . -36.24 9.70 -2.27
CGB PEB R . -36.41 8.22 -2.57
O1B PEB R . -37.23 7.89 -3.44
O2B PEB R . -35.70 7.41 -1.93
CHC PEB S . -40.59 28.20 32.54
NC PEB S . -41.84 30.26 31.86
C1C PEB S . -42.22 31.48 32.39
C2C PEB S . -41.71 31.52 33.70
C3C PEB S . -41.05 30.31 33.93
C4C PEB S . -41.14 29.56 32.78
CMC PEB S . -40.35 29.94 35.21
CAC PEB S . -41.88 32.66 34.67
CBC PEB S . -43.25 32.69 35.33
CGC PEB S . -44.00 31.37 35.27
O1C PEB S . -43.74 30.51 36.13
O2C PEB S . -44.85 31.20 34.38
ND PEB S . -38.60 29.09 31.47
C1D PEB S . -39.69 28.15 31.30
C2D PEB S . -38.94 26.85 31.24
C3D PEB S . -37.62 27.07 31.44
C4D PEB S . -37.43 28.47 31.75
CMD PEB S . -39.61 25.54 30.99
CAD PEB S . -36.55 26.08 31.39
CBD PEB S . -35.79 25.87 30.34
OD PEB S . -36.41 29.00 32.19
NA PEB S . -49.12 30.06 29.15
C1A PEB S . -49.08 28.93 28.37
C2A PEB S . -47.84 28.99 27.51
C3A PEB S . -47.07 30.19 28.08
C4A PEB S . -47.82 30.51 29.35
CMA PEB S . -47.09 27.67 27.45
CBA PEB S . -46.05 31.02 25.91
OA PEB S . -49.92 28.05 28.37
CHA PEB S . -47.36 31.10 30.52
CAA PEB S . -46.91 31.36 27.10
NB PEB S . -44.98 31.40 30.90
C1B PEB S . -46.24 31.87 30.65
C2B PEB S . -46.20 33.32 30.67
C3B PEB S . -45.18 33.62 31.51
C4B PEB S . -44.29 32.47 31.40
CHB PEB S . -42.95 32.47 31.73
CMB PEB S . -47.07 34.28 29.89
CAB PEB S . -44.99 34.80 32.42
CBB PEB S . -46.20 35.10 33.30
CGB PEB S . -46.61 33.96 34.21
O1B PEB S . -47.27 33.01 33.72
O2B PEB S . -46.28 34.02 35.41
CHC PEB T . -43.72 -2.22 6.00
NC PEB T . -45.55 -1.28 7.43
C1C PEB T . -46.33 -0.14 7.52
C2C PEB T . -45.91 0.71 6.47
C3C PEB T . -44.90 0.06 5.78
C4C PEB T . -44.70 -1.17 6.38
CMC PEB T . -44.17 0.61 4.58
CAC PEB T . -46.47 2.07 6.18
CBC PEB T . -47.68 2.02 5.26
CGC PEB T . -49.01 1.91 5.99
O1C PEB T . -49.45 2.93 6.57
O2C PEB T . -49.59 0.81 5.98
ND PEB T . -45.27 -2.65 4.14
C1D PEB T . -44.29 -3.26 5.03
C2D PEB T . -43.26 -3.69 4.02
C3D PEB T . -43.43 -2.96 2.89
C4D PEB T . -44.76 -2.42 2.91
CMD PEB T . -42.26 -4.77 4.29
CAD PEB T . -42.44 -2.74 1.84
CBD PEB T . -42.60 -3.03 0.57
OD PEB T . -45.34 -1.84 1.98
NA PEB T . -51.26 -3.53 11.97
C1A PEB T . -51.56 -4.66 12.66
C2A PEB T . -50.28 -5.44 12.87
C3A PEB T . -49.32 -4.78 11.87
C4A PEB T . -50.21 -3.84 11.10
CMA PEB T . -49.81 -5.50 14.31
CBA PEB T . -48.22 -7.07 11.71
OA PEB T . -52.67 -4.99 13.04
CHA PEB T . -50.09 -3.43 9.77
CAA PEB T . -48.56 -5.78 10.99
NB PEB T . -48.76 -1.84 8.50
C1B PEB T . -49.78 -2.17 9.36
C2B PEB T . -50.47 -0.94 9.75
C3B PEB T . -49.63 0.08 9.42
C4B PEB T . -48.50 -0.53 8.75
CHB PEB T . -47.31 0.11 8.48
CMB PEB T . -51.83 -0.83 10.37
CAB PEB T . -49.81 1.55 9.70
CBB PEB T . -49.50 1.91 11.15
CGB PEB T . -50.72 2.04 12.04
O1B PEB T . -50.63 1.67 13.22
O2B PEB T . -51.76 2.52 11.54
CHC PEB U . -48.67 -24.23 2.30
NC PEB U . -48.93 -26.39 3.57
C1C PEB U . -49.89 -27.07 4.27
C2C PEB U . -51.07 -26.25 4.26
C3C PEB U . -50.74 -25.10 3.53
C4C PEB U . -49.44 -25.21 3.11
CMC PEB U . -51.69 -23.96 3.25
CAC PEB U . -52.38 -26.55 4.90
CBC PEB U . -53.33 -27.40 4.06
CGC PEB U . -52.99 -27.43 2.58
O1C PEB U . -52.25 -28.34 2.16
O2C PEB U . -53.46 -26.54 1.84
ND PEB U . -47.76 -24.84 0.12
C1D PEB U . -47.50 -24.87 1.54
C2D PEB U . -46.29 -23.96 1.62
C3D PEB U . -46.18 -23.28 0.46
C4D PEB U . -47.13 -23.80 -0.48
CMD PEB U . -45.44 -23.88 2.84
CAD PEB U . -45.26 -22.17 0.19
CBD PEB U . -44.31 -22.20 -0.70
OD PEB U . -47.34 -23.38 -1.63
NA PEB U . -49.61 -33.19 5.46
C1A PEB U . -49.19 -33.82 6.60
C2A PEB U . -50.08 -35.02 6.83
C3A PEB U . -51.31 -34.71 5.97
C4A PEB U . -50.97 -33.38 5.32
CMA PEB U . -49.39 -36.35 6.52
CBA PEB U . -52.45 -34.09 8.15
OA PEB U . -48.26 -33.48 7.32
CHA PEB U . -51.83 -32.49 4.72
CAA PEB U . -52.62 -34.68 6.76
NB PEB U . -50.97 -30.29 4.23
C1B PEB U . -51.73 -31.15 4.94
C2B PEB U . -52.29 -30.44 6.08
C3B PEB U . -51.33 -29.53 6.38
C4B PEB U . -50.62 -29.33 5.12
CHB PEB U . -49.71 -28.30 4.90
CMB PEB U . -53.62 -30.67 6.74
CAB PEB U . -50.99 -28.92 7.71
CBB PEB U . -50.13 -29.83 8.58
CGB PEB U . -48.65 -29.78 8.23
O1B PEB U . -48.27 -30.40 7.22
O2B PEB U . -47.89 -29.12 8.96
CHC PUB V . -26.72 -21.97 28.75
NC PUB V . -27.33 -24.11 27.54
C1C PUB V . -26.53 -25.05 26.92
C2C PUB V . -25.17 -24.92 27.42
C3C PUB V . -25.31 -24.09 28.51
C4C PUB V . -26.45 -23.36 28.28
CMC PUB V . -24.43 -23.99 29.73
CAC PUB V . -23.93 -25.52 26.83
CBC PUB V . -23.22 -26.55 27.70
CGC PUB V . -21.90 -26.05 28.26
O1C PUB V . -21.61 -26.36 29.43
O2C PUB V . -21.16 -25.37 27.52
ND PUB V . -27.73 -22.10 31.04
C1D PUB V . -27.97 -21.90 29.63
C2D PUB V . -28.56 -20.51 29.64
C3D PUB V . -28.58 -20.05 30.90
C4D PUB V . -27.83 -20.96 31.74
CMD PUB V . -29.02 -19.83 28.41
CBD PUB V . -30.43 -19.09 32.28
OD PUB V . -27.38 -20.74 32.87
NA PUB V . -31.34 -25.57 23.30
C1A PUB V . -31.79 -26.32 22.30
C2A PUB V . -32.40 -25.43 21.34
C3A PUB V . -32.12 -24.17 21.72
C4A PUB V . -31.20 -24.18 22.91
CMA PUB V . -33.22 -25.80 20.13
CBA PUB V . -32.86 -21.77 22.08
OA PUB V . -31.69 -27.56 22.20
CHA PUB V . -29.76 -23.90 22.50
CAA PUB V . -32.62 -22.90 21.09
CAD PUB V . -29.22 -18.79 31.41
NB PUB V . -28.43 -24.75 24.45
C1B PUB V . -28.80 -24.84 23.14
C2B PUB V . -28.18 -25.93 22.58
C3B PUB V . -27.39 -26.52 23.57
C4B PUB V . -27.55 -25.77 24.75
CHB PUB V . -26.95 -25.98 25.98
CMB PUB V . -28.32 -26.41 21.16
CAB PUB V . -26.54 -27.75 23.42
CBB PUB V . -27.23 -29.02 23.90
CGB PUB V . -28.72 -29.06 23.60
O1B PUB V . -29.52 -28.65 24.46
O2B PUB V . -29.08 -29.52 22.49
CHC PEB W . -12.83 -7.36 20.31
NC PEB W . -14.44 -6.39 21.97
C1C PEB W . -14.77 -5.17 22.51
C2C PEB W . -13.90 -4.22 21.91
C3C PEB W . -13.08 -4.90 21.03
C4C PEB W . -13.42 -6.23 21.09
CMC PEB W . -12.01 -4.28 20.18
CAC PEB W . -13.90 -2.74 22.20
CBC PEB W . -14.97 -1.97 21.44
CGC PEB W . -16.30 -1.87 22.17
O1C PEB W . -16.28 -1.56 23.38
O2C PEB W . -17.34 -2.11 21.54
ND PEB W . -13.84 -7.17 18.09
C1D PEB W . -13.85 -7.94 19.33
C2D PEB W . -13.44 -9.30 18.80
C3D PEB W . -12.90 -9.13 17.59
C4D PEB W . -13.47 -7.93 17.05
CMD PEB W . -13.66 -10.55 19.59
CAD PEB W . -11.90 -9.97 16.94
CBD PEB W . -10.78 -9.53 16.44
OD PEB W . -13.60 -7.66 15.84
NA PEB W . -16.63 -8.93 28.16
C1A PEB W . -17.13 -9.77 29.12
C2A PEB W . -17.21 -11.16 28.54
C3A PEB W . -16.74 -10.98 27.09
C4A PEB W . -16.84 -9.49 26.91
CMA PEB W . -16.41 -12.17 29.35
CBA PEB W . -16.75 -12.13 24.81
OA PEB W . -17.48 -9.45 30.24
CHA PEB W . -17.09 -8.78 25.74
CAA PEB W . -17.53 -11.80 26.07
NB PEB W . -15.81 -7.02 24.70
C1B PEB W . -16.75 -7.47 25.57
C2B PEB W . -17.36 -6.35 26.28
C3B PEB W . -16.87 -5.22 25.68
C4B PEB W . -16.10 -5.69 24.54
CHB PEB W . -15.76 -4.93 23.45
CMB PEB W . -18.32 -6.40 27.42
CAB PEB W . -17.06 -3.78 26.09
CBB PEB W . -16.09 -3.34 27.20
CGB PEB W . -14.63 -3.51 26.84
O1B PEB W . -13.89 -4.12 27.63
O2B PEB W . -14.24 -3.03 25.76
CHC PEB X . -27.81 -30.00 0.94
NC PEB X . -27.70 -32.32 1.87
C1C PEB X . -27.56 -33.61 1.44
C2C PEB X . -27.44 -33.56 0.03
C3C PEB X . -27.52 -32.21 -0.34
C4C PEB X . -27.67 -31.47 0.82
CMC PEB X . -27.45 -31.70 -1.74
CAC PEB X . -27.27 -34.73 -0.88
CBC PEB X . -28.55 -35.54 -1.08
CGC PEB X . -29.82 -34.72 -0.95
O1C PEB X . -30.16 -34.01 -1.92
O2C PEB X . -30.47 -34.79 0.11
ND PEB X . -25.57 -29.51 0.14
C1D PEB X . -26.48 -29.31 1.25
C2D PEB X . -26.63 -27.81 1.21
C3D PEB X . -26.11 -27.34 0.05
C4D PEB X . -25.61 -28.46 -0.71
CMD PEB X . -27.27 -27.03 2.31
CAD PEB X . -26.05 -25.94 -0.37
CBD PEB X . -26.42 -25.47 -1.52
OD PEB X . -25.28 -28.46 -1.90
NA PEB X . -26.97 -35.70 7.80
C1A PEB X . -27.15 -35.66 9.16
C2A PEB X . -27.13 -34.21 9.60
C3A PEB X . -26.79 -33.44 8.31
C4A PEB X . -26.33 -34.54 7.39
CMA PEB X . -28.43 -33.79 10.29
CBA PEB X . -26.35 -31.14 9.28
OA PEB X . -27.29 -36.62 9.89
CHA PEB X . -25.43 -34.47 6.33
CAA PEB X . -25.79 -32.30 8.49
NB PEB X . -25.84 -34.33 3.95
C1B PEB X . -25.66 -35.02 5.11
C2B PEB X . -25.78 -36.44 4.81
C3B PEB X . -26.40 -36.53 3.61
C4B PEB X . -26.63 -35.16 3.20
CHB PEB X . -27.55 -34.75 2.25
CMB PEB X . -25.28 -37.58 5.65
CAB PEB X . -26.75 -37.75 2.81
CBB PEB X . -25.97 -37.86 1.49
CGB PEB X . -24.61 -37.19 1.52
O1B PEB X . -24.49 -36.09 0.95
O2B PEB X . -23.69 -37.76 2.14
CHC PEB Y . 12.92 -16.38 -13.15
NC PEB Y . 15.04 -17.16 -14.23
C1C PEB Y . 16.40 -16.99 -14.14
C2C PEB Y . 16.61 -16.06 -13.08
C3C PEB Y . 15.34 -15.70 -12.59
C4C PEB Y . 14.41 -16.40 -13.31
CMC PEB Y . 15.09 -14.75 -11.46
CAC PEB Y . 17.94 -15.56 -12.61
CBC PEB Y . 18.52 -16.34 -11.44
CGC PEB Y . 17.73 -17.59 -11.06
O1C PEB Y . 17.96 -18.63 -11.68
O2C PEB Y . 16.88 -17.49 -10.16
ND PEB Y . 13.02 -18.33 -11.70
C1D PEB Y . 12.36 -17.77 -12.86
C2D PEB Y . 10.94 -17.72 -12.37
C3D PEB Y . 10.93 -17.85 -11.03
C4D PEB Y . 12.18 -18.45 -10.65
CMD PEB Y . 9.77 -17.57 -13.31
CAD PEB Y . 9.85 -17.47 -10.12
CBD PEB Y . 9.08 -18.30 -9.48
OD PEB Y . 12.44 -18.98 -9.55
NA PEB Y . 17.71 -17.94 -21.80
C1A PEB Y . 17.06 -18.00 -23.01
C2A PEB Y . 15.71 -17.37 -22.84
C3A PEB Y . 15.47 -17.47 -21.33
C4A PEB Y . 16.77 -18.02 -20.78
CMA PEB Y . 15.59 -15.97 -23.43
CBA PEB Y . 13.31 -18.49 -22.19
OA PEB Y . 17.51 -18.48 -24.03
CHA PEB Y . 16.99 -18.56 -19.51
CAA PEB Y . 14.25 -18.33 -21.01
NB PEB Y . 16.65 -17.74 -17.27
C1B PEB Y . 17.38 -17.86 -18.42
C2B PEB Y . 18.66 -17.19 -18.23
C3B PEB Y . 18.83 -17.07 -16.89
C4B PEB Y . 17.58 -17.49 -16.29
CHB PEB Y . 17.35 -17.61 -14.93
CMB PEB Y . 19.60 -16.73 -19.31
CAB PEB Y . 20.05 -16.60 -16.14
CBB PEB Y . 19.99 -15.14 -15.68
CGB PEB Y . 19.04 -14.26 -16.48
O1B PEB Y . 19.51 -13.57 -17.41
O2B PEB Y . 17.83 -14.28 -16.18
CHC PEB Z . 0.20 -34.90 -24.53
NC PEB Z . 1.10 -35.59 -26.75
C1C PEB Z . 2.27 -36.03 -27.33
C2C PEB Z . 3.22 -36.10 -26.28
C3C PEB Z . 2.60 -35.68 -25.11
C4C PEB Z . 1.29 -35.37 -25.42
CMC PEB Z . 3.26 -35.60 -23.76
CAC PEB Z . 4.66 -36.53 -26.43
CBC PEB Z . 4.93 -37.96 -25.96
CGC PEB Z . 3.68 -38.77 -25.68
O1C PEB Z . 3.38 -38.99 -24.49
O2C PEB Z . 3.02 -39.19 -26.64
ND PEB Z . -0.21 -32.48 -24.30
C1D PEB Z . 0.55 -33.60 -23.79
C2D PEB Z . 0.00 -33.68 -22.38
C3D PEB Z . -0.63 -32.53 -22.10
C4D PEB Z . -0.66 -31.71 -23.29
CMD PEB Z . 0.17 -34.90 -21.53
CAD PEB Z . -1.18 -32.17 -20.79
CBD PEB Z . -0.50 -32.02 -19.69
OD PEB Z . -1.03 -30.53 -23.38
NA PEB Z . -0.68 -37.20 -33.26
C1A PEB Z . -0.91 -35.85 -33.39
C2A PEB Z . -1.90 -35.42 -32.33
C3A PEB Z . -2.39 -36.76 -31.77
C4A PEB Z . -1.21 -37.64 -32.05
CMA PEB Z . -1.32 -34.46 -31.31
CBA PEB Z . -4.32 -38.41 -31.64
OA PEB Z . -0.39 -35.12 -34.22
CHA PEB Z . -0.68 -38.64 -31.26
CAA PEB Z . -3.71 -37.24 -32.38
NB PEB Z . 0.60 -37.72 -29.44
C1B PEB Z . 0.47 -38.47 -30.56
C2B PEB Z . 1.77 -39.03 -30.92
C3B PEB Z . 2.69 -38.25 -30.29
C4B PEB Z . 1.92 -37.38 -29.40
CHB PEB Z . 2.45 -36.34 -28.66
CMB PEB Z . 2.03 -40.19 -31.83
CAB PEB Z . 4.18 -38.24 -30.45
CBB PEB Z . 4.93 -39.08 -29.41
CGB PEB Z . 4.64 -40.57 -29.51
O1B PEB Z . 5.33 -41.24 -30.30
O2B PEB Z . 3.75 -41.04 -28.79
CHC PUB AA . -9.17 -4.65 -39.08
NC PUB AA . -10.28 -6.92 -39.04
C1C PUB AA . -11.62 -7.12 -38.76
C2C PUB AA . -12.40 -6.15 -39.51
C3C PUB AA . -11.47 -5.32 -40.05
C4C PUB AA . -10.29 -5.59 -39.41
CMC PUB AA . -11.70 -4.31 -41.14
CAC PUB AA . -13.90 -6.09 -39.62
CBC PUB AA . -14.51 -5.04 -38.69
CGC PUB AA . -15.22 -3.90 -39.41
O1C PUB AA . -15.06 -3.80 -40.63
O2C PUB AA . -15.90 -3.12 -38.72
ND PUB AA . -8.44 -3.14 -40.95
C1D PUB AA . -8.27 -4.43 -40.32
C2D PUB AA . -6.82 -4.35 -39.94
C3D PUB AA . -6.24 -3.41 -40.72
C4D PUB AA . -7.27 -2.51 -41.15
CMD PUB AA . -6.20 -5.19 -38.89
CBD PUB AA . -4.60 -3.56 -42.60
OD PUB AA . -7.12 -1.36 -41.61
NA PUB AA . -8.24 -12.14 -37.65
C1A PUB AA . -8.11 -13.48 -37.55
C2A PUB AA . -7.53 -13.75 -36.25
C3A PUB AA . -7.00 -12.59 -35.83
C4A PUB AA . -7.73 -11.45 -36.48
CMA PUB AA . -7.53 -15.04 -35.49
CBA PUB AA . -5.19 -11.02 -34.97
OA PUB AA . -8.43 -14.30 -38.40
CHA PUB AA . -8.86 -10.96 -35.58
CAA PUB AA . -5.85 -12.39 -34.88
CAD PUB AA . -4.79 -3.31 -41.11
NB PUB AA . -10.33 -9.28 -36.71
C1B PUB AA . -10.08 -10.56 -36.31
C2B PUB AA . -11.15 -11.35 -36.67
C3B PUB AA . -12.08 -10.54 -37.33
C4B PUB AA . -11.55 -9.22 -37.36
CHB PUB AA . -12.14 -8.08 -37.90
CMB PUB AA . -11.32 -12.82 -36.43
CAB PUB AA . -13.39 -10.97 -37.91
CBB PUB AA . -13.33 -11.20 -39.41
CGB PUB AA . -13.63 -9.96 -40.23
O1B PUB AA . -14.75 -9.45 -40.14
O2B PUB AA . -12.72 -9.51 -40.96
CHC PEB BA . -13.18 6.52 -19.90
NC PEB BA . -11.71 7.88 -21.39
C1C PEB BA . -10.58 8.66 -21.32
C2C PEB BA . -10.20 8.71 -19.97
C3C PEB BA . -11.11 7.91 -19.26
C4C PEB BA . -12.03 7.42 -20.16
CMC PEB BA . -11.09 7.67 -17.77
CAC PEB BA . -9.02 9.45 -19.41
CBC PEB BA . -7.88 8.53 -19.00
CGC PEB BA . -7.04 8.02 -20.16
O1C PEB BA . -5.89 8.48 -20.30
O2C PEB BA . -7.54 7.17 -20.91
ND PEB BA . -12.07 4.56 -19.00
C1D PEB BA . -12.81 5.05 -20.14
C2D PEB BA . -14.01 4.13 -20.09
C3D PEB BA . -14.14 3.74 -18.81
C4D PEB BA . -12.84 3.79 -18.19
CMD PEB BA . -14.79 3.76 -21.30
CAD PEB BA . -15.39 3.34 -18.15
CBD PEB BA . -15.56 2.28 -17.40
OD PEB BA . -12.49 3.24 -17.14
NA PEB BA . -8.73 8.00 -28.15
C1A PEB BA . -8.64 7.76 -29.49
C2A PEB BA . -9.52 6.59 -29.84
C3A PEB BA . -10.10 6.15 -28.48
C4A PEB BA . -9.23 6.89 -27.50
CMA PEB BA . -10.54 6.89 -30.92
CBA PEB BA . -11.30 4.18 -27.41
OA PEB BA . -7.96 8.40 -30.28
CHA PEB BA . -8.97 6.55 -26.18
CAA PEB BA . -10.14 4.64 -28.27
NB PEB BA . -9.85 7.84 -24.34
C1B PEB BA . -8.85 7.47 -25.19
C2B PEB BA . -7.64 8.25 -24.90
C3B PEB BA . -7.92 9.02 -23.82
C4B PEB BA . -9.30 8.73 -23.47
CHB PEB BA . -9.97 9.30 -22.39
CMB PEB BA . -6.35 8.20 -25.66
CAB PEB BA . -7.01 9.98 -23.11
CBB PEB BA . -7.13 11.43 -23.61
CGB PEB BA . -6.33 12.42 -22.80
O1B PEB BA . -6.55 12.49 -21.57
O2B PEB BA . -5.48 13.11 -23.37
CHC PEB CA . -18.70 -25.89 -20.79
NC PEB CA . -20.56 -26.52 -22.37
C1C PEB CA . -21.42 -27.57 -22.59
C2C PEB CA . -21.12 -28.55 -21.60
C3C PEB CA . -20.09 -28.05 -20.82
C4C PEB CA . -19.75 -26.80 -21.30
CMC PEB CA . -19.46 -28.77 -19.67
CAC PEB CA . -21.83 -29.87 -21.47
CBC PEB CA . -21.12 -31.01 -22.19
CGC PEB CA . -20.27 -30.57 -23.38
O1C PEB CA . -20.83 -30.43 -24.48
O2C PEB CA . -19.05 -30.37 -23.20
ND PEB CA . -19.83 -25.52 -18.67
C1D PEB CA . -19.23 -24.85 -19.81
C2D PEB CA . -18.10 -24.11 -19.13
C3D PEB CA . -18.03 -24.50 -17.84
C4D PEB CA . -19.01 -25.54 -17.60
CMD PEB CA . -17.26 -23.12 -19.84
CAD PEB CA . -17.12 -23.97 -16.82
CBD PEB CA . -17.44 -23.70 -15.58
OD PEB CA . -19.07 -26.30 -16.63
NA PEB CA . -20.30 -25.20 -28.88
C1A PEB CA . -19.93 -24.44 -29.95
C2A PEB CA . -19.69 -23.02 -29.47
C3A PEB CA . -20.19 -23.07 -28.01
C4A PEB CA . -20.89 -24.39 -27.93
CMA PEB CA . -18.27 -22.54 -29.67
CBA PEB CA . -20.40 -20.54 -27.72
OA PEB CA . -19.81 -24.83 -31.09
CHA PEB CA . -21.96 -24.73 -27.12
CAA PEB CA . -21.08 -21.88 -27.59
NB PEB CA . -21.47 -26.45 -25.49
C1B PEB CA . -22.14 -25.97 -26.57
C2B PEB CA . -23.12 -26.95 -27.00
C3B PEB CA . -23.33 -27.74 -25.91
C4B PEB CA . -22.37 -27.30 -24.91
CHB PEB CA . -22.40 -27.64 -23.58
CMB PEB CA . -23.75 -27.06 -28.35
CAB PEB CA . -24.36 -28.82 -25.71
CBB PEB CA . -25.54 -28.40 -24.84
CGB PEB CA . -25.91 -26.93 -24.97
O1B PEB CA . -26.63 -26.59 -25.93
O2B PEB CA . -25.47 -26.13 -24.12
CHC PEB DA . 26.51 9.74 -36.26
NC PEB DA . 28.49 8.71 -37.38
C1C PEB DA . 29.06 8.60 -38.62
C2C PEB DA . 28.22 9.32 -39.51
C3C PEB DA . 27.16 9.84 -38.74
C4C PEB DA . 27.35 9.43 -37.44
CMC PEB DA . 26.02 10.68 -39.23
CAC PEB DA . 28.49 9.49 -40.99
CBC PEB DA . 27.32 9.42 -41.95
CGC PEB DA . 26.55 8.11 -41.91
O1C PEB DA . 26.87 7.22 -42.73
O2C PEB DA . 25.63 7.99 -41.08
ND PEB DA . 27.04 12.11 -36.11
C1D PEB DA . 27.14 10.85 -35.41
C2D PEB DA . 26.32 11.15 -34.18
C3D PEB DA . 25.65 12.31 -34.35
C4D PEB DA . 26.07 12.91 -35.60
CMD PEB DA . 26.31 10.22 -33.00
CAD PEB DA . 24.68 12.89 -33.44
CBD PEB DA . 24.76 14.07 -32.89
OD PEB DA . 25.62 13.94 -36.11
NA PEB DA . 33.59 6.69 -34.46
C1A PEB DA . 34.45 6.19 -33.52
C2A PEB DA . 35.85 6.23 -34.08
C3A PEB DA . 35.71 7.16 -35.29
C4A PEB DA . 34.29 7.62 -35.22
CMA PEB DA . 36.91 6.62 -33.06
CBA PEB DA . 37.55 6.55 -36.93
OA PEB DA . 34.14 5.79 -32.40
CHA PEB DA . 33.74 8.75 -35.80
CAA PEB DA . 36.07 6.50 -36.63
NB PEB DA . 31.84 8.03 -37.09
C1B PEB DA . 33.02 8.69 -36.96
C2B PEB DA . 33.41 9.31 -38.22
C3B PEB DA . 32.60 8.75 -39.16
C4B PEB DA . 31.48 8.19 -38.41
CHB PEB DA . 30.23 7.93 -38.93
CMB PEB DA . 34.47 10.35 -38.44
CAB PEB DA . 32.79 8.66 -40.64
CBB PEB DA . 33.41 7.33 -41.08
CGB PEB DA . 34.34 6.70 -40.06
O1B PEB DA . 35.50 7.12 -39.99
O2B PEB DA . 33.88 5.79 -39.33
CHC PEB EA . 6.18 4.50 -31.19
NC PEB EA . 5.48 2.90 -32.99
C1C PEB EA . 4.33 2.32 -33.49
C2C PEB EA . 3.27 2.85 -32.72
C3C PEB EA . 3.81 3.71 -31.77
C4C PEB EA . 5.17 3.72 -31.96
CMC PEB EA . 3.04 4.49 -30.74
CAC PEB EA . 1.81 2.51 -32.91
CBC PEB EA . 1.05 3.56 -33.71
CGC PEB EA . 1.87 4.22 -34.80
O1C PEB EA . 1.94 3.65 -35.92
O2C PEB EA . 2.44 5.30 -34.54
ND PEB EA . 5.54 6.19 -32.85
C1D PEB EA . 6.56 5.82 -31.89
C2D PEB EA . 6.51 7.02 -30.96
C3D PEB EA . 5.53 7.85 -31.33
C4D PEB EA . 4.85 7.29 -32.48
CMD PEB EA . 7.47 7.17 -29.83
CAD PEB EA . 5.22 9.13 -30.70
CBD PEB EA . 5.43 10.31 -31.23
OD PEB EA . 3.83 7.74 -33.02
NA PEB EA . 9.10 -3.02 -36.55
C1A PEB EA . 10.28 -3.67 -36.28
C2A PEB EA . 10.68 -3.36 -34.86
C3A PEB EA . 9.85 -2.11 -34.52
C4A PEB EA . 8.96 -1.92 -35.72
CMA PEB EA . 10.50 -4.55 -33.93
CBA PEB EA . 12.09 -1.24 -33.70
OA PEB EA . 10.89 -4.38 -37.06
CHA PEB EA . 8.14 -0.82 -35.98
CAA PEB EA . 10.70 -0.88 -34.19
NB PEB EA . 6.42 0.32 -34.71
C1B PEB EA . 6.86 -0.69 -35.52
C2B PEB EA . 5.74 -1.56 -35.84
C3B PEB EA . 4.62 -0.82 -35.59
C4B PEB EA . 5.07 0.37 -34.91
CHB PEB EA . 4.25 1.44 -34.56
CMB PEB EA . 5.80 -2.97 -36.35
CAB PEB EA . 3.19 -1.15 -35.94
CBB PEB EA . 2.35 -1.57 -34.74
CGB PEB EA . 2.28 -3.07 -34.52
O1B PEB EA . 1.19 -3.64 -34.66
O2B PEB EA . 3.33 -3.67 -34.19
CHC PEB FA . 13.05 -1.87 2.54
NC PEB FA . 12.38 -4.21 1.96
C1C PEB FA . 11.24 -4.98 1.85
C2C PEB FA . 10.16 -4.13 2.18
C3C PEB FA . 10.69 -2.87 2.48
C4C PEB FA . 12.06 -2.95 2.33
CMC PEB FA . 9.88 -1.67 2.88
CAC PEB FA . 8.71 -4.54 2.19
CBC PEB FA . 7.98 -4.24 0.89
CGC PEB FA . 8.90 -3.93 -0.29
O1C PEB FA . 9.35 -4.88 -0.94
O2C PEB FA . 9.14 -2.74 -0.55
ND PEB FA . 12.40 -0.23 0.85
C1D PEB FA . 13.43 -1.19 1.21
C2D PEB FA . 14.62 -0.27 1.35
C3D PEB FA . 14.19 1.00 1.40
C4D PEB FA . 12.85 1.04 0.90
CMD PEB FA . 16.02 -0.77 1.38
CAD PEB FA . 14.94 2.15 1.90
CBD PEB FA . 14.54 2.95 2.86
OD PEB FA . 12.22 2.05 0.55
NA PEB FA . 16.20 -9.73 0.77
C1A PEB FA . 17.07 -10.62 0.21
C2A PEB FA . 18.30 -9.87 -0.25
C3A PEB FA . 17.92 -8.40 -0.02
C4A PEB FA . 16.43 -8.49 0.19
CMA PEB FA . 19.57 -10.33 0.42
CBA PEB FA . 18.67 -6.07 -0.68
OA PEB FA . 16.89 -11.82 0.11
CHA PEB FA . 15.46 -7.55 -0.12
CAA PEB FA . 18.33 -7.46 -1.15
NB PEB FA . 13.54 -6.90 1.17
C1B PEB FA . 14.16 -7.68 0.23
C2B PEB FA . 13.22 -8.64 -0.32
C3B PEB FA . 12.00 -8.34 0.21
C4B PEB FA . 12.20 -7.13 0.99
CHB PEB FA . 11.19 -6.32 1.48
CMB PEB FA . 13.52 -9.75 -1.28
CAB PEB FA . 10.71 -9.08 0.06
CBB PEB FA . 10.65 -10.38 0.86
CGB PEB FA . 10.69 -10.18 2.37
O1B PEB FA . 10.02 -9.24 2.84
O2B PEB FA . 11.38 -10.94 3.05
CHC PEB GA . 32.21 17.19 -16.46
NC PEB GA . 34.67 16.76 -16.24
C1C PEB GA . 35.85 17.46 -16.20
C2C PEB GA . 35.51 18.83 -16.32
C3C PEB GA . 34.13 18.91 -16.43
C4C PEB GA . 33.63 17.62 -16.37
CMC PEB GA . 33.34 20.17 -16.57
CAC PEB GA . 36.48 19.98 -16.32
CBC PEB GA . 37.26 20.10 -17.62
CGC PEB GA . 36.50 19.61 -18.85
O1C PEB GA . 36.82 18.49 -19.33
O2C PEB GA . 35.61 20.33 -19.32
ND PEB GA . 31.57 18.40 -14.42
C1D PEB GA . 31.49 17.12 -15.10
C2D PEB GA . 30.01 17.04 -15.32
C3D PEB GA . 29.46 18.27 -15.17
C4D PEB GA . 30.48 19.15 -14.65
CMD PEB GA . 29.31 15.75 -15.66
CAD PEB GA . 28.09 18.65 -15.49
CBD PEB GA . 27.29 19.36 -14.74
OD PEB GA . 30.36 20.37 -14.45
NA PEB GA . 40.10 12.14 -14.18
C1A PEB GA . 40.37 10.88 -14.66
C2A PEB GA . 39.09 10.10 -14.65
C3A PEB GA . 38.08 11.23 -14.88
C4A PEB GA . 38.72 12.36 -14.10
CMA PEB GA . 39.05 8.95 -15.65
CBA PEB GA . 36.45 10.25 -13.18
OA PEB GA . 41.44 10.47 -15.06
CHA PEB GA . 38.13 13.39 -13.37
CAA PEB GA . 36.64 10.83 -14.56
NB PEB GA . 37.16 15.50 -14.11
C1B PEB GA . 38.21 14.73 -13.70
C2B PEB GA . 39.39 15.56 -13.72
C3B PEB GA . 39.15 16.52 -14.63
C4B PEB GA . 37.75 16.36 -14.99
CHB PEB GA . 37.12 16.92 -16.09
CMB PEB GA . 40.62 15.41 -12.85
CAB PEB GA . 40.06 17.60 -15.14
CBB PEB GA . 39.74 18.99 -14.58
CGB PEB GA . 39.04 18.96 -13.23
O1B PEB GA . 37.80 19.05 -13.20
O2B PEB GA . 39.74 18.83 -12.20
CHC PUB HA . 30.98 -11.10 -11.05
NC PUB HA . 31.02 -8.61 -10.77
C1C PUB HA . 31.69 -7.74 -9.92
C2C PUB HA . 32.45 -8.53 -8.95
C3C PUB HA . 32.61 -9.72 -9.59
C4C PUB HA . 31.55 -9.84 -10.46
CMC PUB HA . 33.71 -10.72 -9.38
CAC PUB HA . 32.90 -8.09 -7.59
CBC PUB HA . 32.00 -8.55 -6.44
CGC PUB HA . 31.52 -10.00 -6.54
O1C PUB HA . 32.24 -10.88 -6.06
O2C PUB HA . 30.44 -10.22 -7.12
ND PUB HA . 28.52 -10.58 -10.89
C1D PUB HA . 29.60 -11.42 -10.43
C2D PUB HA . 29.12 -12.78 -10.89
C3D PUB HA . 27.87 -12.66 -11.35
C4D PUB HA . 27.57 -11.27 -11.55
CMD PUB HA . 29.97 -13.99 -10.80
CBD PUB HA . 26.75 -14.07 -13.11
OD PUB HA . 26.64 -10.79 -12.20
NA PUB HA . 30.43 -6.61 -16.26
C1A PUB HA . 29.37 -6.42 -17.04
C2A PUB HA . 28.38 -5.70 -16.24
C3A PUB HA . 29.09 -5.07 -15.30
C4A PUB HA . 30.33 -5.89 -14.99
CMA PUB HA . 26.89 -5.67 -16.40
CBA PUB HA . 28.42 -3.86 -13.17
OA PUB HA . 29.25 -6.76 -18.23
CHA PUB HA . 31.55 -5.00 -14.77
CAA PUB HA . 28.81 -3.76 -14.62
CAD PUB HA . 26.89 -13.77 -11.62
NB PUB HA . 31.42 -5.88 -12.43
C1B PUB HA . 31.96 -5.03 -13.34
C2B PUB HA . 32.90 -4.24 -12.71
C3B PUB HA . 32.95 -4.63 -11.37
C4B PUB HA . 31.99 -5.66 -11.20
CHB PUB HA . 31.70 -6.37 -10.03
CMB PUB HA . 33.74 -3.18 -13.35
CAB PUB HA . 33.83 -4.07 -10.30
CBB PUB HA . 35.23 -4.69 -10.29
CGB PUB HA . 35.26 -6.11 -9.72
O1B PUB HA . 35.49 -6.24 -8.50
O2B PUB HA . 35.05 -7.06 -10.49
CHC PEB IA . 15.75 36.31 20.86
NC PEB IA . 16.15 38.00 22.66
C1C PEB IA . 15.93 38.18 24.01
C2C PEB IA . 15.28 37.00 24.45
C3C PEB IA . 15.13 36.16 23.35
C4C PEB IA . 15.67 36.80 22.26
CMC PEB IA . 14.49 34.80 23.37
CAC PEB IA . 14.85 36.73 25.87
CBC PEB IA . 15.82 35.87 26.65
CGC PEB IA . 17.27 36.03 26.24
O1C PEB IA . 17.95 36.93 26.77
O2C PEB IA . 17.72 35.27 25.36
ND PEB IA . 17.96 35.38 21.32
C1D PEB IA . 17.21 36.17 20.37
C2D PEB IA . 17.32 35.32 19.13
C3D PEB IA . 17.92 34.15 19.43
C4D PEB IA . 18.39 34.22 20.79
CMD PEB IA . 16.80 35.78 17.81
CAD PEB IA . 18.09 33.01 18.53
CBD PEB IA . 19.23 32.56 18.09
OD PEB IA . 19.06 33.34 21.38
NA PEB IA . 15.73 46.16 24.08
C1A PEB IA . 15.38 47.24 23.30
C2A PEB IA . 14.60 46.75 22.11
C3A PEB IA . 14.55 45.23 22.30
C4A PEB IA . 15.61 44.99 23.35
CMA PEB IA . 13.25 47.42 21.93
CBA PEB IA . 15.32 45.34 19.91
OA PEB IA . 15.67 48.39 23.54
CHA PEB IA . 16.34 43.82 23.56
CAA PEB IA . 14.76 44.46 21.00
NB PEB IA . 16.04 41.43 23.61
C1B PEB IA . 15.83 42.68 24.11
C2B PEB IA . 15.03 42.58 25.32
C3B PEB IA . 15.16 41.31 25.74
C4B PEB IA . 15.86 40.59 24.68
CHB PEB IA . 16.29 39.28 24.76
CMB PEB IA . 14.23 43.67 25.96
CAB PEB IA . 14.70 40.70 27.03
CBB PEB IA . 13.31 40.06 26.95
CGB PEB IA . 12.18 41.02 27.30
O1B PEB IA . 11.56 41.56 26.37
O2B PEB IA . 11.92 41.20 28.50
CHC PEB JA . 29.20 49.06 6.46
NC PEB JA . 30.98 50.81 6.67
C1C PEB JA . 31.63 51.53 7.65
C2C PEB JA . 31.09 51.11 8.89
C3C PEB JA . 30.13 50.14 8.60
C4C PEB JA . 30.09 49.98 7.25
CMC PEB JA . 29.29 49.42 9.63
CAC PEB JA . 31.50 51.62 10.24
CBC PEB JA . 32.52 50.71 10.95
CGC PEB JA . 33.08 49.61 10.08
O1C PEB JA . 34.04 49.89 9.31
O2C PEB JA . 32.60 48.46 10.18
ND PEB JA . 31.34 47.98 5.81
C1D PEB JA . 29.97 48.26 5.41
C2D PEB JA . 29.42 46.86 5.39
C3D PEB JA . 30.45 45.99 5.29
C4D PEB JA . 31.67 46.69 5.59
CMD PEB JA . 27.95 46.60 5.51
CAD PEB JA . 30.35 44.57 4.96
CBD PEB JA . 30.59 43.58 5.80
OD PEB JA . 32.81 46.21 5.62
NA PEB JA . 31.95 55.73 1.35
C1A PEB JA . 30.94 56.61 1.10
C2A PEB JA . 30.20 56.87 2.40
C3A PEB JA . 30.59 55.66 3.27
C4A PEB JA . 31.73 55.01 2.52
CMA PEB JA . 30.48 58.22 3.01
CBA PEB JA . 28.40 54.63 2.49
OA PEB JA . 30.66 57.10 0.03
CHA PEB JA . 32.44 53.91 2.93
CAA PEB JA . 29.43 54.72 3.60
NB PEB JA . 32.66 52.70 5.01
C1B PEB JA . 32.92 53.76 4.19
C2B PEB JA . 33.75 54.73 4.91
C3B PEB JA . 33.59 54.46 6.22
C4B PEB JA . 32.94 53.15 6.28
CHB PEB JA . 32.62 52.48 7.45
CMB PEB JA . 34.60 55.81 4.29
CAB PEB JA . 33.97 55.30 7.40
CBB PEB JA . 32.86 56.24 7.88
CGB PEB JA . 31.86 56.62 6.79
O1B PEB JA . 32.13 57.59 6.07
O2B PEB JA . 30.82 55.94 6.68
CHC PUB KA . -1.03 55.47 -6.31
NC PUB KA . 1.23 54.99 -7.30
C1C PUB KA . 1.55 54.53 -8.57
C2C PUB KA . 0.57 55.05 -9.51
C3C PUB KA . -0.25 55.85 -8.75
C4C PUB KA . -0.06 55.46 -7.45
CMC PUB KA . -1.15 56.95 -9.22
CAC PUB KA . 0.50 54.74 -10.98
CBC PUB KA . -0.86 54.19 -11.42
CGC PUB KA . -0.86 53.50 -12.77
O1C PUB KA . -1.78 52.72 -13.03
O2C PUB KA . 0.06 53.76 -13.57
ND PUB KA . -2.15 57.02 -4.68
C1D PUB KA . -0.96 56.75 -5.46
C2D PUB KA . 0.04 56.63 -4.33
C3D PUB KA . -0.64 56.25 -3.24
C4D PUB KA . -1.95 56.81 -3.35
CMD PUB KA . 1.48 56.96 -4.47
CBD PUB KA . 0.17 56.20 -0.86
OD PUB KA . -2.76 57.05 -2.44
NA PUB KA . 8.22 53.17 -4.52
C1A PUB KA . 8.41 52.83 -3.23
C2A PUB KA . 7.21 53.22 -2.51
C3A PUB KA . 6.59 54.10 -3.30
C4A PUB KA . 6.95 53.82 -4.73
CMA PUB KA . 6.72 52.74 -1.18
CBA PUB KA . 5.41 56.24 -4.01
OA PUB KA . 9.42 52.30 -2.76
CHA PUB KA . 6.00 52.82 -5.39
CAA PUB KA . 5.70 55.25 -2.90
CAD PUB KA . -0.20 55.38 -2.09
NB PUB KA . 4.11 53.20 -6.97
C1B PUB KA . 5.43 53.27 -6.70
C2B PUB KA . 6.09 53.76 -7.81
C3B PUB KA . 5.12 54.01 -8.79
C4B PUB KA . 3.87 53.65 -8.25
CHB PUB KA . 2.63 53.72 -8.88
CMB PUB KA . 7.56 54.00 -7.98
CAB PUB KA . 5.37 54.57 -10.16
CBB PUB KA . 5.37 56.09 -10.20
CGB PUB KA . 4.07 56.72 -9.71
O1B PUB KA . 3.16 56.90 -10.55
O2B PUB KA . 3.98 57.03 -8.51
CHC PEB LA . -8.03 34.31 -5.52
NC PEB LA . -9.69 35.74 -4.30
C1C PEB LA . -10.51 35.69 -3.21
C2C PEB LA . -10.35 34.39 -2.65
C3C PEB LA . -9.40 33.71 -3.43
C4C PEB LA . -9.01 34.57 -4.44
CMC PEB LA . -8.92 32.32 -3.19
CAC PEB LA . -11.06 33.86 -1.44
CBC PEB LA . -10.23 34.03 -0.17
CGC PEB LA . -9.87 35.47 0.14
O1C PEB LA . -8.79 35.91 -0.27
O2C PEB LA . -10.70 36.14 0.79
ND PEB LA . -5.96 33.64 -4.42
C1D PEB LA . -6.61 34.73 -5.11
C2D PEB LA . -5.70 34.85 -6.31
C3D PEB LA . -5.08 33.67 -6.47
C4D PEB LA . -5.03 33.03 -5.18
CMD PEB LA . -5.58 36.12 -7.09
CAD PEB LA . -4.57 33.13 -7.74
CBD PEB LA . -3.60 32.25 -7.86
OD PEB LA . -4.27 32.11 -4.83
NA PEB LA . -11.29 42.77 -2.94
C1A PEB LA . -11.31 44.11 -3.23
C2A PEB LA . -10.12 44.43 -4.11
C3A PEB LA . -9.48 43.07 -4.35
C4A PEB LA . -10.06 42.22 -3.25
CMA PEB LA . -10.50 45.22 -5.34
CBA PEB LA . -7.35 42.09 -5.34
OA PEB LA . -12.14 44.91 -2.83
CHA PEB LA . -9.50 41.10 -2.65
CAA PEB LA . -7.94 43.09 -4.37
NB PEB LA . -10.25 38.84 -3.06
C1B PEB LA . -10.23 39.99 -2.33
C2B PEB LA . -11.10 39.87 -1.17
C3B PEB LA . -11.77 38.70 -1.31
C4B PEB LA . -11.11 38.00 -2.42
CHB PEB LA . -11.37 36.69 -2.77
CMB PEB LA . -11.24 40.85 -0.05
CAB PEB LA . -12.94 38.18 -0.54
CBB PEB LA . -14.26 38.89 -0.84
CGB PEB LA . -14.94 39.47 0.38
O1B PEB LA . -14.61 39.02 1.50
O2B PEB LA . -15.79 40.35 0.22
CHC PEB MA . 23.83 39.32 -10.31
NC PEB MA . 24.52 41.02 -12.00
C1C PEB MA . 25.44 41.18 -13.03
C2C PEB MA . 26.19 39.97 -13.08
C3C PEB MA . 25.70 39.14 -12.08
C4C PEB MA . 24.68 39.79 -11.43
CMC PEB MA . 26.22 37.76 -11.77
CAC PEB MA . 27.31 39.68 -14.02
CBC PEB MA . 28.69 39.92 -13.42
CGC PEB MA . 29.14 41.37 -13.45
O1C PEB MA . 29.90 41.74 -14.35
O2C PEB MA . 28.72 42.13 -12.56
ND PEB MA . 22.75 37.93 -11.96
C1D PEB MA . 22.50 38.75 -10.80
C2D PEB MA . 21.97 37.69 -9.85
C3D PEB MA . 22.25 36.47 -10.36
C4D PEB MA . 22.90 36.63 -11.63
CMD PEB MA . 21.27 38.04 -8.58
CAD PEB MA . 21.93 35.18 -9.75
CBD PEB MA . 22.81 34.30 -9.33
OD PEB MA . 23.51 35.77 -12.28
NA PEB MA . 22.19 46.50 -16.46
C1A PEB MA . 21.46 47.65 -16.40
C2A PEB MA . 19.99 47.29 -16.47
C3A PEB MA . 19.99 45.85 -15.97
C4A PEB MA . 21.41 45.39 -16.21
CMA PEB MA . 19.11 48.27 -15.71
CBA PEB MA . 17.68 44.81 -15.77
OA PEB MA . 21.90 48.78 -16.27
CHA PEB MA . 21.82 44.07 -16.15
CAA PEB MA . 18.94 44.92 -16.60
NB PEB MA . 23.62 43.49 -14.64
C1B PEB MA . 23.10 43.67 -15.89
C2B PEB MA . 24.10 43.35 -16.89
C3B PEB MA . 25.01 42.56 -16.26
C4B PEB MA . 24.76 42.76 -14.84
CHB PEB MA . 25.58 42.31 -13.83
CMB PEB MA . 24.12 43.78 -18.33
CAB PEB MA . 26.03 41.64 -16.86
CBB PEB MA . 27.41 42.27 -17.13
CGB PEB MA . 27.57 43.68 -16.57
O1B PEB MA . 28.00 43.79 -15.41
O2B PEB MA . 27.28 44.64 -17.30
CHC PEB NA . -8.00 48.93 9.97
NC PEB NA . -6.08 50.52 9.71
C1C PEB NA . -5.48 51.27 8.74
C2C PEB NA . -6.17 50.99 7.52
C3C PEB NA . -7.19 50.10 7.82
C4C PEB NA . -7.12 49.82 9.18
CMC PEB NA . -8.18 49.55 6.84
CAC PEB NA . -5.85 51.59 6.19
CBC PEB NA . -6.29 53.04 6.06
CGC PEB NA . -7.52 53.39 6.88
O1C PEB NA . -7.35 53.86 8.02
O2C PEB NA . -8.64 53.18 6.39
ND PEB NA . -10.09 50.19 9.72
C1D PEB NA . -9.12 49.72 10.69
C2D PEB NA . -9.98 48.84 11.56
C3D PEB NA . -11.20 48.71 10.99
C4D PEB NA . -11.26 49.54 9.81
CMD PEB NA . -9.49 48.25 12.84
CAD PEB NA . -12.30 47.87 11.48
CBD PEB NA . -12.68 46.75 10.93
OD PEB NA . -12.22 49.63 9.03
NA PEB NA . -2.03 56.18 13.65
C1A PEB NA . -0.79 55.98 14.21
C2A PEB NA . -0.72 54.56 14.70
C3A PEB NA . -2.21 54.27 14.92
C4A PEB NA . -2.79 55.03 13.75
CMA PEB NA . 0.00 53.62 13.76
CBA PEB NA . -3.71 53.99 16.97
OA PEB NA . 0.08 56.82 14.30
CHA PEB NA . -3.89 54.70 12.94
CAA PEB NA . -2.58 54.75 16.31
NB PEB NA . -4.42 53.18 11.11
C1B PEB NA . -3.84 54.32 11.61
C2B PEB NA . -3.22 55.07 10.52
C3B PEB NA . -3.49 54.40 9.37
C4B PEB NA . -4.14 53.17 9.77
CHB PEB NA . -4.36 52.10 8.90
CMB PEB NA . -2.43 56.34 10.61
CAB PEB NA . -3.19 54.81 7.96
CBB PEB NA . -1.85 54.24 7.47
CGB PEB NA . -1.89 53.78 6.02
O1B PEB NA . -0.79 53.53 5.46
O2B PEB NA . -2.99 53.69 5.46
CHC PEB OA . -14.83 57.02 30.53
NC PEB OA . -14.52 58.66 32.38
C1C PEB OA . -14.55 60.02 32.60
C2C PEB OA . -14.86 60.62 31.36
C3C PEB OA . -15.01 59.58 30.43
C4C PEB OA . -14.79 58.39 31.08
CMC PEB OA . -15.35 59.77 28.97
CAC PEB OA . -15.02 62.09 31.10
CBC PEB OA . -16.45 62.59 31.28
CGC PEB OA . -17.01 62.35 32.68
O1C PEB OA . -16.64 63.11 33.60
O2C PEB OA . -17.81 61.41 32.83
ND PEB OA . -16.91 56.53 31.73
C1D PEB OA . -15.57 56.05 31.45
C2D PEB OA . -15.88 54.78 30.70
C3D PEB OA . -17.21 54.57 30.68
C4D PEB OA . -17.86 55.63 31.40
CMD PEB OA . -14.79 53.97 30.07
CAD PEB OA . -17.89 53.44 30.04
CBD PEB OA . -18.56 53.52 28.93
OD PEB OA . -19.06 55.71 31.66
NA PEB OA . -9.65 58.94 38.51
C1A PEB OA . -10.12 59.35 39.72
C2A PEB OA . -11.42 58.62 39.99
C3A PEB OA . -11.83 58.11 38.60
C4A PEB OA . -10.72 58.60 37.70
CMA PEB OA . -11.31 57.56 41.07
CBA PEB OA . -13.62 59.91 38.72
OA PEB OA . -9.59 60.16 40.45
CHA PEB OA . -10.74 58.75 36.32
CAA PEB OA . -13.25 58.54 38.21
NB PEB OA . -12.52 59.36 34.80
C1B PEB OA . -11.52 59.66 35.67
C2B PEB OA . -11.45 61.10 35.87
C3B PEB OA . -12.63 61.60 35.41
C4B PEB OA . -13.23 60.53 34.63
CHB PEB OA . -14.32 60.66 33.81
CMB PEB OA . -10.30 61.88 36.44
CAB PEB OA . -13.25 62.95 35.68
CBB PEB OA . -13.19 63.92 34.51
CGB PEB OA . -12.04 63.68 33.55
O1B PEB OA . -10.90 64.06 33.90
O2B PEB OA . -12.27 63.12 32.47
CHC PUB PA . 9.21 36.43 36.92
NC PUB PA . 7.19 36.53 38.38
C1C PUB PA . 6.71 35.77 39.42
C2C PUB PA . 7.81 35.04 40.02
C3C PUB PA . 8.84 35.15 39.12
C4C PUB PA . 8.44 36.03 38.14
CMC PUB PA . 10.17 34.43 39.18
CAC PUB PA . 7.79 34.32 41.34
CBC PUB PA . 7.37 32.86 41.24
CGC PUB PA . 8.46 31.87 41.57
O1C PUB PA . 9.60 32.31 41.81
O2C PUB PA . 8.18 30.65 41.60
ND PUB PA . 11.24 37.37 38.06
C1D PUB PA . 10.11 37.65 37.20
C2D PUB PA . 10.85 38.09 35.96
C3D PUB PA . 12.11 37.65 36.03
C4D PUB PA . 12.35 37.09 37.34
CMD PUB PA . 10.21 38.90 34.89
CBD PUB PA . 14.16 38.84 35.20
OD PUB PA . 13.34 36.48 37.73
NA PUB PA . 1.87 41.61 39.36
C1A PUB PA . 1.19 42.44 38.55
C2A PUB PA . 1.70 42.24 37.20
C3A PUB PA . 2.75 41.42 37.29
C4A PUB PA . 2.80 40.77 38.65
CMA PUB PA . 1.16 42.84 35.94
CBA PUB PA . 5.19 41.57 36.63
OA PUB PA . 0.30 43.22 38.88
CHA PUB PA . 2.26 39.33 38.60
CAA PUB PA . 3.79 41.16 36.23
CAD PUB PA . 13.16 37.71 34.96
NB PUB PA . 3.90 37.47 38.94
C1B PUB PA . 3.04 38.38 39.44
C2B PUB PA . 3.05 38.28 40.82
C3B PUB PA . 3.92 37.25 41.17
C4B PUB PA . 4.47 36.74 39.95
CHB PUB PA . 5.38 35.70 39.82
CMB PUB PA . 2.24 39.10 41.80
CAB PUB PA . 4.26 36.76 42.54
CBB PUB PA . 5.26 37.66 43.27
CGB PUB PA . 6.64 37.70 42.63
O1B PUB PA . 7.55 37.03 43.16
O2B PUB PA . 6.80 38.40 41.61
CHC PEB QA . 3.33 19.12 24.54
NC PEB QA . 5.71 19.67 24.01
C1C PEB QA . 6.55 19.77 22.93
C2C PEB QA . 5.77 19.44 21.78
C3C PEB QA . 4.48 19.15 22.24
C4C PEB QA . 4.47 19.30 23.60
CMC PEB QA . 3.33 18.74 21.36
CAC PEB QA . 6.27 19.40 20.37
CBC PEB QA . 5.82 20.59 19.53
CGC PEB QA . 6.55 21.89 19.85
O1C PEB QA . 7.31 22.36 18.98
O2C PEB QA . 6.34 22.41 20.96
ND PEB QA . 1.80 20.79 23.68
C1D PEB QA . 2.61 20.42 24.84
C2D PEB QA . 1.51 20.26 25.86
C3D PEB QA . 0.39 19.92 25.19
C4D PEB QA . 0.52 20.39 23.83
CMD PEB QA . 1.73 20.48 27.31
CAD PEB QA . -0.76 19.18 25.73
CBD PEB QA . -2.02 19.51 25.60
OD PEB QA . -0.36 20.42 22.97
NA PEB QA . 11.49 23.29 26.60
C1A PEB QA . 12.36 23.95 27.41
C2A PEB QA . 11.67 24.23 28.72
C3A PEB QA . 10.19 23.91 28.44
C4A PEB QA . 10.18 23.55 26.97
CMA PEB QA . 12.27 23.49 29.90
CBA PEB QA . 8.52 24.84 30.10
OA PEB QA . 13.50 24.27 27.14
CHA PEB QA . 9.07 23.49 26.13
CAA PEB QA . 9.23 25.05 28.78
NB PEB QA . 8.42 21.54 24.86
C1B PEB QA . 9.05 22.75 24.99
C2B PEB QA . 9.69 23.12 23.73
C3B PEB QA . 9.33 22.17 22.82
C4B PEB QA . 8.50 21.22 23.54
CHB PEB QA . 7.89 20.13 22.95
CMB PEB QA . 10.58 24.30 23.50
CAB PEB QA . 9.68 22.10 21.36
CBB PEB QA . 11.16 21.84 21.06
CGB PEB QA . 11.64 22.55 19.81
O1B PEB QA . 11.03 23.58 19.45
O2B PEB QA . 12.61 22.07 19.20
CHC PEB RA . -19.28 38.16 39.35
NC PEB RA . -18.78 38.79 41.72
C1C PEB RA . -19.41 38.85 42.95
C2C PEB RA . -20.74 38.41 42.73
C3C PEB RA . -20.86 38.11 41.38
C4C PEB RA . -19.64 38.35 40.78
CMC PEB RA . -22.11 37.61 40.71
CAC PEB RA . -21.81 38.31 43.77
CBC PEB RA . -22.42 39.66 44.15
CGC PEB RA . -22.28 40.73 43.09
O1C PEB RA . -21.38 41.58 43.21
O2C PEB RA . -23.08 40.71 42.12
ND PEB RA . -19.59 35.76 39.38
C1D PEB RA . -18.63 36.81 39.09
C2D PEB RA . -18.41 36.55 37.62
C3D PEB RA . -19.43 35.80 37.15
C4D PEB RA . -20.25 35.40 38.27
CMD PEB RA . -17.21 37.06 36.88
CAD PEB RA . -19.67 35.46 35.75
CBD PEB RA . -20.72 35.82 35.04
OD PEB RA . -21.36 34.86 38.22
NA PEB RA . -13.13 38.57 47.21
C1A PEB RA . -12.20 39.56 47.42
C2A PEB RA . -11.59 39.96 46.10
C3A PEB RA . -12.41 39.18 45.05
C4A PEB RA . -13.46 38.47 45.86
CMA PEB RA . -11.52 41.46 45.90
CBA PEB RA . -12.05 38.21 42.73
OA PEB RA . -11.91 40.03 48.50
CHA PEB RA . -14.55 37.79 45.36
CAA PEB RA . -11.57 38.26 44.17
NB PEB RA . -16.52 39.13 44.90
C1B PEB RA . -15.85 38.15 45.57
C2B PEB RA . -16.79 37.50 46.47
C3B PEB RA . -17.97 37.56 45.78
C4B PEB RA . -17.82 38.70 44.89
CHB PEB RA . -18.85 39.27 44.15
CMB PEB RA . -16.50 36.96 47.83
CAB PEB RA . -19.15 36.63 45.86
CBB PEB RA . -20.15 37.01 46.96
CGB PEB RA . -19.99 36.18 48.22
O1B PEB RA . -19.78 34.97 48.11
O2B PEB RA . -20.08 36.77 49.32
#